data_7XKT
#
_entry.id   7XKT
#
_cell.length_a   1.00
_cell.length_b   1.00
_cell.length_c   1.00
_cell.angle_alpha   90.00
_cell.angle_beta   90.00
_cell.angle_gamma   90.00
#
_symmetry.space_group_name_H-M   'P 1'
#
loop_
_entity.id
_entity.type
_entity.pdbx_description
1 polymer 'Gap junction delta-2 protein,Soluble cytochrome b562'
2 non-polymer 1,2-DIMYRISTOYL-RAC-GLYCERO-3-PHOSPHOCHOLINE
3 non-polymer 'CHOLESTEROL HEMISUCCINATE'
4 non-polymer 1,2-DIPALMITOYL-PHOSPHATIDYL-GLYCEROLE
5 water water
#
_entity_poly.entity_id   1
_entity_poly.type   'polypeptide(L)'
_entity_poly.pdbx_seq_one_letter_code
;MGEWTILERLLEAAVQQHSTMIGRILLTVVVIFRILIVAIVGETVYDDEQTMFVCNTLQPGCNQACYDRAFPISHIRYWV
FQIIMVCTPSLCFITYSVHQSAKQRERRADLEDNWETLNDNLKVIEKADNAAQVKDALTKMRAAALDAQKATPPKLEDKS
PDSPEMKDFRHGFDILVGQIDDALKLANEGKVKEAQAAAEQLKTTRNAYIQKYLKLRRQEGISRFYIIQVVFRNALEIGF
LVGQYFLYGFSVPGLYECNRYPCIKEVECYVSRPTEKTVFLVFMFAVSGICVVLNLAELNHLGWRKIKLAVRGAQAKRKS
IYEIRNKDLPRVSVPNFGRTQSSDSAYVSRDYKDDDDK
;
_entity_poly.pdbx_strand_id   A,B,C,D,E,F,G,H,I,J,K,L
#
loop_
_chem_comp.id
_chem_comp.type
_chem_comp.name
_chem_comp.formula
LHG non-polymer 1,2-DIPALMITOYL-PHOSPHATIDYL-GLYCEROLE 'C38 H75 O10 P'
MC3 non-polymer 1,2-DIMYRISTOYL-RAC-GLYCERO-3-PHOSPHOCHOLINE 'C36 H72 N O8 P'
Y01 non-polymer 'CHOLESTEROL HEMISUCCINATE' 'C31 H50 O4'
#
# COMPACT_ATOMS: atom_id res chain seq x y z
N SER A 19 -67.05 14.68 13.30
CA SER A 19 -65.73 14.80 13.90
C SER A 19 -65.11 13.41 14.15
N THR A 20 -65.91 12.49 14.70
CA THR A 20 -65.47 11.11 14.82
C THR A 20 -65.53 10.35 13.50
N MET A 21 -66.25 10.86 12.52
CA MET A 21 -66.31 10.20 11.22
C MET A 21 -64.99 10.29 10.47
N ILE A 22 -64.42 11.49 10.35
CA ILE A 22 -63.18 11.68 9.61
C ILE A 22 -61.97 11.07 10.32
N GLY A 23 -62.02 10.94 11.65
CA GLY A 23 -60.87 10.43 12.39
C GLY A 23 -60.43 9.07 11.92
N ARG A 24 -61.38 8.19 11.63
CA ARG A 24 -61.05 6.86 11.14
C ARG A 24 -60.38 6.93 9.77
N ILE A 25 -60.87 7.81 8.92
CA ILE A 25 -60.35 7.93 7.56
C ILE A 25 -58.90 8.37 7.61
N LEU A 26 -58.62 9.34 8.47
CA LEU A 26 -57.26 9.85 8.56
C LEU A 26 -56.34 8.88 9.25
N LEU A 27 -56.85 8.11 10.20
CA LEU A 27 -55.99 7.10 10.83
C LEU A 27 -55.53 6.09 9.80
N THR A 28 -56.44 5.64 8.94
CA THR A 28 -56.07 4.70 7.90
C THR A 28 -55.02 5.30 6.96
N VAL A 29 -55.18 6.59 6.66
CA VAL A 29 -54.27 7.26 5.73
C VAL A 29 -52.88 7.44 6.35
N VAL A 30 -52.82 7.78 7.65
CA VAL A 30 -51.55 7.98 8.35
C VAL A 30 -50.77 6.68 8.40
N VAL A 31 -51.47 5.58 8.70
CA VAL A 31 -50.82 4.28 8.79
C VAL A 31 -50.19 3.92 7.44
N ILE A 32 -50.95 4.08 6.37
CA ILE A 32 -50.42 3.71 5.05
C ILE A 32 -49.24 4.60 4.65
N PHE A 33 -49.32 5.90 4.95
CA PHE A 33 -48.23 6.82 4.62
C PHE A 33 -46.93 6.38 5.31
N ARG A 34 -47.01 6.05 6.59
CA ARG A 34 -45.85 5.62 7.34
C ARG A 34 -45.24 4.34 6.74
N ILE A 35 -46.07 3.36 6.42
CA ILE A 35 -45.55 2.13 5.84
C ILE A 35 -44.81 2.44 4.53
N LEU A 36 -45.38 3.27 3.68
CA LEU A 36 -44.75 3.56 2.39
C LEU A 36 -43.39 4.23 2.58
N ILE A 37 -43.30 5.22 3.47
CA ILE A 37 -42.03 5.90 3.68
C ILE A 37 -40.97 4.93 4.20
N VAL A 38 -41.33 4.05 5.13
CA VAL A 38 -40.30 3.16 5.66
C VAL A 38 -39.87 2.17 4.59
N ALA A 39 -40.83 1.63 3.83
CA ALA A 39 -40.51 0.55 2.91
C ALA A 39 -39.73 0.99 1.69
N ILE A 40 -39.97 2.19 1.17
CA ILE A 40 -39.38 2.54 -0.11
C ILE A 40 -38.00 3.18 0.00
N VAL A 41 -37.76 4.07 0.95
CA VAL A 41 -36.50 4.78 0.97
C VAL A 41 -35.57 4.44 2.14
N GLY A 42 -36.07 4.11 3.32
CA GLY A 42 -35.19 3.94 4.47
C GLY A 42 -34.13 2.86 4.39
N GLU A 43 -34.35 1.80 3.62
CA GLU A 43 -33.30 0.81 3.52
C GLU A 43 -32.02 1.32 2.85
N THR A 44 -32.01 2.52 2.29
CA THR A 44 -30.89 2.94 1.47
C THR A 44 -30.22 4.18 2.00
N VAL A 45 -30.80 4.81 3.00
CA VAL A 45 -30.12 5.82 3.80
C VAL A 45 -29.09 5.18 4.72
N TYR A 46 -29.44 4.05 5.32
CA TYR A 46 -28.65 3.27 6.27
C TYR A 46 -27.71 2.20 5.67
N ASP A 47 -27.70 2.00 4.36
CA ASP A 47 -26.89 0.93 3.76
C ASP A 47 -25.38 1.02 4.08
N ASP A 48 -24.78 2.22 4.04
CA ASP A 48 -23.34 2.37 4.32
C ASP A 48 -23.01 2.73 5.78
N GLU A 49 -23.80 2.30 6.76
CA GLU A 49 -23.61 2.82 8.12
C GLU A 49 -22.25 2.44 8.72
N GLN A 50 -21.82 1.19 8.57
CA GLN A 50 -20.57 0.74 9.17
C GLN A 50 -19.38 0.86 8.22
N THR A 51 -19.62 0.75 6.93
CA THR A 51 -18.58 0.84 5.92
C THR A 51 -18.00 2.27 5.82
N MET A 52 -18.78 3.30 6.12
CA MET A 52 -18.30 4.69 6.17
C MET A 52 -18.12 5.26 7.57
N PHE A 53 -18.12 4.43 8.60
CA PHE A 53 -17.77 4.80 9.97
C PHE A 53 -16.27 4.63 10.15
N VAL A 54 -15.60 5.66 10.62
CA VAL A 54 -14.15 5.63 10.72
C VAL A 54 -13.64 6.33 11.97
N CYS A 55 -12.58 5.75 12.54
CA CYS A 55 -11.88 6.21 13.73
C CYS A 55 -10.38 6.45 13.46
N ASN A 56 -9.80 7.38 14.21
CA ASN A 56 -8.38 7.77 14.16
C ASN A 56 -7.57 6.87 15.09
N THR A 57 -7.01 5.81 14.52
CA THR A 57 -6.35 4.74 15.24
C THR A 57 -5.66 3.81 14.26
N LEU A 58 -4.71 3.04 14.78
CA LEU A 58 -4.01 1.98 14.06
C LEU A 58 -4.23 0.61 14.72
N GLN A 59 -5.15 0.52 15.65
CA GLN A 59 -5.40 -0.67 16.44
C GLN A 59 -6.46 -1.57 15.79
N PRO A 60 -6.18 -2.82 15.54
CA PRO A 60 -7.22 -3.71 14.99
C PRO A 60 -8.34 -3.99 15.98
N GLY A 61 -9.56 -3.91 15.48
CA GLY A 61 -10.78 -4.13 16.23
C GLY A 61 -11.48 -2.95 16.87
N CYS A 62 -10.91 -1.74 16.83
CA CYS A 62 -11.51 -0.59 17.51
C CYS A 62 -12.74 -0.06 16.76
N ASN A 63 -12.71 -0.06 15.44
CA ASN A 63 -13.86 0.41 14.66
C ASN A 63 -15.10 -0.42 14.96
N GLN A 64 -14.94 -1.74 15.05
CA GLN A 64 -16.04 -2.66 15.37
C GLN A 64 -16.66 -2.38 16.73
N ALA A 65 -15.83 -2.29 17.77
CA ALA A 65 -16.30 -2.03 19.13
C ALA A 65 -16.99 -0.67 19.24
N CYS A 66 -16.44 0.34 18.60
CA CYS A 66 -16.99 1.68 18.71
C CYS A 66 -18.30 1.82 17.92
N TYR A 67 -18.40 1.20 16.73
CA TYR A 67 -19.68 1.19 16.03
C TYR A 67 -20.76 0.49 16.84
N ASP A 68 -20.44 -0.66 17.46
CA ASP A 68 -21.44 -1.38 18.24
C ASP A 68 -21.91 -0.57 19.46
N ARG A 69 -21.00 0.14 20.12
CA ARG A 69 -21.40 0.95 21.27
C ARG A 69 -22.17 2.22 20.88
N ALA A 70 -21.85 2.84 19.74
CA ALA A 70 -22.57 4.03 19.29
C ALA A 70 -23.96 3.71 18.72
N PHE A 71 -24.10 2.60 18.00
CA PHE A 71 -25.35 2.23 17.34
C PHE A 71 -25.73 0.79 17.66
N PRO A 72 -26.30 0.54 18.84
CA PRO A 72 -26.67 -0.81 19.27
C PRO A 72 -27.77 -1.48 18.46
N ILE A 73 -28.89 -0.79 18.22
CA ILE A 73 -29.92 -1.23 17.30
C ILE A 73 -30.16 -0.09 16.34
N SER A 74 -30.07 -0.39 15.06
CA SER A 74 -30.29 0.59 14.02
C SER A 74 -31.75 1.02 13.98
N HIS A 75 -31.94 2.28 13.59
CA HIS A 75 -33.26 2.89 13.55
C HIS A 75 -34.23 2.10 12.70
N ILE A 76 -33.78 1.65 11.53
CA ILE A 76 -34.65 1.03 10.55
C ILE A 76 -35.20 -0.30 11.05
N ARG A 77 -34.40 -1.05 11.81
CA ARG A 77 -34.86 -2.28 12.43
C ARG A 77 -35.96 -2.02 13.47
N TYR A 78 -35.76 -1.03 14.32
CA TYR A 78 -36.76 -0.65 15.33
C TYR A 78 -38.07 -0.23 14.68
N TRP A 79 -38.01 0.54 13.59
CA TRP A 79 -39.22 1.01 12.93
C TRP A 79 -39.98 -0.13 12.24
N VAL A 80 -39.29 -1.06 11.59
CA VAL A 80 -39.97 -2.21 10.99
C VAL A 80 -40.67 -3.03 12.07
N PHE A 81 -39.97 -3.29 13.17
CA PHE A 81 -40.57 -4.05 14.27
C PHE A 81 -41.82 -3.39 14.82
N GLN A 82 -41.77 -2.09 15.08
CA GLN A 82 -42.92 -1.35 15.59
C GLN A 82 -44.10 -1.43 14.65
N ILE A 83 -43.86 -1.21 13.37
CA ILE A 83 -44.93 -1.27 12.38
C ILE A 83 -45.61 -2.62 12.39
N ILE A 84 -44.84 -3.70 12.43
CA ILE A 84 -45.46 -5.03 12.42
C ILE A 84 -46.24 -5.28 13.71
N MET A 85 -45.71 -4.88 14.86
CA MET A 85 -46.39 -5.19 16.11
C MET A 85 -47.67 -4.39 16.31
N VAL A 86 -47.78 -3.18 15.74
CA VAL A 86 -49.01 -2.42 15.89
C VAL A 86 -50.13 -2.86 14.96
N CYS A 87 -49.91 -3.89 14.14
CA CYS A 87 -50.93 -4.41 13.23
C CYS A 87 -51.43 -5.80 13.64
N THR A 88 -51.03 -6.28 14.80
CA THR A 88 -51.34 -7.62 15.28
C THR A 88 -52.77 -7.73 15.80
N PRO A 89 -53.29 -6.74 16.53
CA PRO A 89 -54.68 -6.81 16.99
C PRO A 89 -55.68 -6.93 15.86
N SER A 90 -55.44 -6.23 14.76
CA SER A 90 -56.29 -6.35 13.59
C SER A 90 -56.26 -7.77 13.03
N LEU A 91 -55.09 -8.38 12.92
CA LEU A 91 -55.03 -9.75 12.40
C LEU A 91 -55.79 -10.71 13.29
N CYS A 92 -55.67 -10.56 14.62
CA CYS A 92 -56.43 -11.43 15.50
C CYS A 92 -57.92 -11.28 15.30
N PHE A 93 -58.39 -10.03 15.25
CA PHE A 93 -59.81 -9.78 15.05
C PHE A 93 -60.28 -10.36 13.71
N ILE A 94 -59.47 -10.24 12.67
CA ILE A 94 -59.82 -10.74 11.35
C ILE A 94 -59.94 -12.26 11.38
N THR A 95 -58.98 -12.94 12.01
CA THR A 95 -59.02 -14.40 12.07
C THR A 95 -60.26 -14.88 12.83
N TYR A 96 -60.60 -14.20 13.92
CA TYR A 96 -61.82 -14.51 14.66
C TYR A 96 -63.06 -14.34 13.79
N SER A 97 -63.18 -13.20 13.14
CA SER A 97 -64.39 -12.95 12.37
C SER A 97 -64.51 -13.94 11.22
N VAL A 98 -63.38 -14.34 10.63
CA VAL A 98 -63.43 -15.36 9.58
C VAL A 98 -63.96 -16.66 10.14
N HIS A 99 -63.54 -17.02 11.36
CA HIS A 99 -64.08 -18.24 11.95
C HIS A 99 -65.57 -18.10 12.24
N GLN A 100 -66.01 -16.90 12.61
CA GLN A 100 -67.41 -16.66 12.93
C GLN A 100 -68.34 -17.00 11.78
N SER A 101 -67.84 -17.04 10.56
CA SER A 101 -68.68 -17.26 9.39
C SER A 101 -68.84 -18.74 9.10
N GLY A 221 -70.00 -11.99 20.77
CA GLY A 221 -69.57 -10.74 21.39
C GLY A 221 -68.49 -10.03 20.59
N ILE A 222 -68.82 -9.68 19.35
CA ILE A 222 -67.85 -9.01 18.48
C ILE A 222 -67.47 -7.64 19.04
N SER A 223 -68.43 -6.94 19.64
CA SER A 223 -68.18 -5.59 20.13
C SER A 223 -67.19 -5.60 21.29
N ARG A 224 -67.25 -6.62 22.14
CA ARG A 224 -66.25 -6.73 23.19
C ARG A 224 -64.85 -6.89 22.63
N PHE A 225 -64.71 -7.70 21.58
CA PHE A 225 -63.42 -7.85 20.92
C PHE A 225 -62.94 -6.52 20.37
N TYR A 226 -63.86 -5.74 19.80
CA TYR A 226 -63.51 -4.43 19.29
C TYR A 226 -62.94 -3.55 20.41
N ILE A 227 -63.63 -3.55 21.55
CA ILE A 227 -63.18 -2.73 22.69
C ILE A 227 -61.77 -3.12 23.11
N ILE A 228 -61.54 -4.43 23.29
CA ILE A 228 -60.26 -4.87 23.82
C ILE A 228 -59.14 -4.56 22.85
N GLN A 229 -59.36 -4.79 21.56
CA GLN A 229 -58.28 -4.55 20.61
C GLN A 229 -57.94 -3.06 20.53
N VAL A 230 -58.94 -2.19 20.69
CA VAL A 230 -58.68 -0.76 20.71
C VAL A 230 -57.77 -0.40 21.88
N VAL A 231 -58.08 -0.97 23.04
CA VAL A 231 -57.27 -0.73 24.24
C VAL A 231 -55.82 -1.13 23.99
N PHE A 232 -55.64 -2.33 23.42
CA PHE A 232 -54.29 -2.84 23.19
C PHE A 232 -53.50 -2.00 22.21
N ARG A 233 -54.12 -1.58 21.11
CA ARG A 233 -53.42 -0.75 20.14
C ARG A 233 -52.96 0.56 20.76
N ASN A 234 -53.83 1.21 21.53
CA ASN A 234 -53.43 2.44 22.21
C ASN A 234 -52.17 2.21 23.05
N ALA A 235 -52.21 1.18 23.89
CA ALA A 235 -51.08 0.92 24.77
C ALA A 235 -49.78 0.68 23.99
N LEU A 236 -49.86 -0.12 22.94
CA LEU A 236 -48.67 -0.47 22.19
C LEU A 236 -48.02 0.75 21.55
N GLU A 237 -48.84 1.68 21.03
CA GLU A 237 -48.25 2.81 20.33
C GLU A 237 -47.63 3.80 21.29
N ILE A 238 -48.21 3.94 22.48
CA ILE A 238 -47.58 4.82 23.45
C ILE A 238 -46.26 4.25 23.92
N GLY A 239 -46.21 2.94 24.17
CA GLY A 239 -44.96 2.32 24.57
C GLY A 239 -43.86 2.51 23.54
N PHE A 240 -44.18 2.35 22.26
CA PHE A 240 -43.14 2.46 21.24
C PHE A 240 -42.62 3.89 21.12
N LEU A 241 -43.50 4.90 21.20
CA LEU A 241 -43.05 6.28 21.16
C LEU A 241 -42.15 6.64 22.35
N VAL A 242 -42.53 6.23 23.55
CA VAL A 242 -41.72 6.48 24.73
C VAL A 242 -40.35 5.82 24.59
N GLY A 243 -40.32 4.58 24.12
CA GLY A 243 -39.05 3.90 23.94
C GLY A 243 -38.15 4.60 22.93
N GLN A 244 -38.71 5.11 21.85
CA GLN A 244 -37.94 5.87 20.87
C GLN A 244 -37.25 7.06 21.53
N TYR A 245 -38.01 7.84 22.30
CA TYR A 245 -37.40 8.98 22.98
C TYR A 245 -36.28 8.56 23.92
N PHE A 246 -36.46 7.46 24.66
CA PHE A 246 -35.42 7.07 25.60
C PHE A 246 -34.21 6.41 24.93
N LEU A 247 -34.38 5.77 23.77
CA LEU A 247 -33.27 5.12 23.11
C LEU A 247 -32.43 6.08 22.26
N TYR A 248 -33.07 7.00 21.51
CA TYR A 248 -32.35 7.75 20.49
C TYR A 248 -32.33 9.25 20.67
N GLY A 249 -33.30 9.84 21.34
CA GLY A 249 -33.42 11.28 21.43
C GLY A 249 -33.94 11.99 20.19
N PHE A 250 -33.39 13.17 19.92
CA PHE A 250 -33.88 14.02 18.83
C PHE A 250 -32.77 14.41 17.85
N SER A 251 -31.57 13.85 17.96
CA SER A 251 -30.51 14.21 17.03
C SER A 251 -29.46 13.10 16.95
N VAL A 252 -28.74 13.11 15.84
CA VAL A 252 -27.60 12.23 15.58
C VAL A 252 -26.35 13.09 15.38
N PRO A 253 -25.39 13.09 16.29
CA PRO A 253 -24.20 13.90 16.11
C PRO A 253 -23.18 13.31 15.14
N GLY A 254 -22.34 14.21 14.62
CA GLY A 254 -21.29 13.87 13.68
C GLY A 254 -20.02 13.29 14.27
N LEU A 255 -19.73 13.55 15.53
CA LEU A 255 -18.58 13.01 16.23
C LEU A 255 -19.03 12.07 17.35
N TYR A 256 -18.20 11.08 17.65
CA TYR A 256 -18.42 10.16 18.75
C TYR A 256 -17.11 9.87 19.49
N GLU A 257 -17.17 9.85 20.82
CA GLU A 257 -16.04 9.62 21.71
C GLU A 257 -16.12 8.24 22.35
N CYS A 258 -15.07 7.42 22.17
CA CYS A 258 -15.10 6.00 22.51
C CYS A 258 -13.97 5.61 23.46
N ASN A 259 -14.28 4.74 24.43
CA ASN A 259 -13.34 4.20 25.40
C ASN A 259 -13.54 2.71 25.67
N ARG A 260 -13.74 1.90 24.64
CA ARG A 260 -13.94 0.46 24.80
C ARG A 260 -12.73 -0.33 24.31
N TYR A 261 -12.40 -1.40 25.04
CA TYR A 261 -11.34 -2.32 24.64
C TYR A 261 -11.64 -2.90 23.26
N PRO A 262 -10.63 -3.01 22.38
CA PRO A 262 -9.18 -2.83 22.48
C PRO A 262 -8.63 -1.44 22.23
N CYS A 263 -9.47 -0.41 22.19
CA CYS A 263 -8.99 0.94 22.02
C CYS A 263 -8.19 1.39 23.24
N ILE A 264 -7.04 1.98 22.97
CA ILE A 264 -6.17 2.59 23.97
C ILE A 264 -6.76 3.95 24.32
N LYS A 265 -6.97 4.17 25.61
CA LYS A 265 -7.63 5.38 26.21
C LYS A 265 -8.87 5.86 25.42
N GLU A 266 -9.10 7.14 25.20
CA GLU A 266 -10.24 7.59 24.44
C GLU A 266 -9.85 8.04 23.04
N VAL A 267 -10.68 7.63 22.08
CA VAL A 267 -10.49 7.90 20.65
C VAL A 267 -11.73 8.62 20.11
N GLU A 268 -11.52 9.28 18.99
CA GLU A 268 -12.54 10.04 18.27
C GLU A 268 -12.89 9.36 16.96
N CYS A 269 -14.19 9.23 16.71
CA CYS A 269 -14.74 8.57 15.54
C CYS A 269 -15.75 9.49 14.84
N TYR A 270 -16.02 9.16 13.57
CA TYR A 270 -16.76 10.01 12.66
C TYR A 270 -17.87 9.23 11.95
N VAL A 271 -19.09 9.82 11.92
CA VAL A 271 -20.35 9.22 11.47
C VAL A 271 -20.68 9.62 10.03
N SER A 272 -21.44 8.76 9.36
CA SER A 272 -21.95 8.99 8.01
C SER A 272 -23.37 9.54 7.99
N ARG A 273 -23.59 10.54 7.15
CA ARG A 273 -24.89 11.14 6.87
C ARG A 273 -25.70 11.55 8.12
N PRO A 274 -25.14 12.36 9.01
CA PRO A 274 -25.87 12.69 10.26
C PRO A 274 -27.11 13.57 10.11
N THR A 275 -27.10 14.54 9.19
CA THR A 275 -28.22 15.48 9.03
C THR A 275 -29.48 14.78 8.51
N GLU A 276 -29.33 13.93 7.49
CA GLU A 276 -30.44 13.16 6.93
C GLU A 276 -31.08 12.23 7.98
N LYS A 277 -30.25 11.60 8.81
CA LYS A 277 -30.75 10.71 9.86
C LYS A 277 -31.52 11.45 10.94
N THR A 278 -31.07 12.65 11.30
CA THR A 278 -31.83 13.51 12.22
C THR A 278 -33.20 13.92 11.65
N VAL A 279 -33.24 14.27 10.37
CA VAL A 279 -34.51 14.64 9.72
C VAL A 279 -35.50 13.46 9.76
N PHE A 280 -35.04 12.26 9.43
CA PHE A 280 -35.88 11.05 9.47
C PHE A 280 -36.42 10.79 10.89
N LEU A 281 -35.57 10.88 11.91
CA LEU A 281 -36.00 10.76 13.30
C LEU A 281 -37.16 11.70 13.65
N VAL A 282 -37.00 12.99 13.34
CA VAL A 282 -38.02 13.98 13.71
C VAL A 282 -39.34 13.71 13.00
N PHE A 283 -39.29 13.38 11.71
CA PHE A 283 -40.49 13.07 10.95
C PHE A 283 -41.25 11.89 11.56
N MET A 284 -40.54 10.82 11.90
CA MET A 284 -41.19 9.65 12.47
C MET A 284 -41.83 9.94 13.83
N PHE A 285 -41.17 10.72 14.69
CA PHE A 285 -41.81 11.07 15.96
C PHE A 285 -43.12 11.82 15.72
N ALA A 286 -43.13 12.74 14.77
CA ALA A 286 -44.35 13.51 14.49
C ALA A 286 -45.51 12.62 14.02
N VAL A 287 -45.26 11.71 13.09
CA VAL A 287 -46.32 10.83 12.59
C VAL A 287 -46.89 9.97 13.72
N SER A 288 -46.02 9.35 14.52
CA SER A 288 -46.51 8.50 15.60
C SER A 288 -47.32 9.29 16.63
N GLY A 289 -46.93 10.54 16.90
CA GLY A 289 -47.74 11.36 17.77
C GLY A 289 -49.14 11.59 17.25
N ILE A 290 -49.26 11.87 15.95
CA ILE A 290 -50.58 12.02 15.35
C ILE A 290 -51.43 10.78 15.60
N CYS A 291 -50.84 9.60 15.37
CA CYS A 291 -51.60 8.36 15.55
C CYS A 291 -52.06 8.18 17.00
N VAL A 292 -51.20 8.51 17.96
CA VAL A 292 -51.58 8.40 19.36
C VAL A 292 -52.78 9.29 19.65
N VAL A 293 -52.73 10.53 19.18
CA VAL A 293 -53.83 11.47 19.43
C VAL A 293 -55.13 10.93 18.88
N LEU A 294 -55.11 10.46 17.64
CA LEU A 294 -56.34 10.00 17.01
C LEU A 294 -56.96 8.81 17.74
N ASN A 295 -56.14 7.83 18.12
CA ASN A 295 -56.70 6.67 18.81
C ASN A 295 -57.24 7.04 20.19
N LEU A 296 -56.58 7.96 20.90
CA LEU A 296 -57.18 8.41 22.16
C LEU A 296 -58.50 9.13 21.91
N ALA A 297 -58.58 9.87 20.81
CA ALA A 297 -59.82 10.53 20.49
C ALA A 297 -60.95 9.52 20.48
N GLU A 298 -60.78 8.44 19.72
CA GLU A 298 -61.89 7.50 19.59
C GLU A 298 -62.17 6.76 20.91
N LEU A 299 -61.12 6.39 21.63
CA LEU A 299 -61.28 5.77 22.94
C LEU A 299 -62.15 6.62 23.86
N ASN A 300 -61.87 7.92 23.93
CA ASN A 300 -62.66 8.78 24.80
C ASN A 300 -64.03 9.07 24.23
N HIS A 301 -64.18 8.96 22.91
CA HIS A 301 -65.49 9.14 22.30
C HIS A 301 -66.47 8.06 22.70
N LEU A 302 -66.04 6.81 22.68
CA LEU A 302 -66.96 5.75 23.12
C LEU A 302 -67.06 5.69 24.65
N GLY A 303 -65.94 5.66 25.35
CA GLY A 303 -65.95 5.77 26.80
C GLY A 303 -66.13 4.48 27.55
N SER B 19 -61.81 22.76 -23.44
CA SER B 19 -60.56 23.26 -22.85
C SER B 19 -60.37 22.71 -21.43
N THR B 20 -61.42 22.74 -20.63
CA THR B 20 -61.38 22.10 -19.32
C THR B 20 -61.51 20.59 -19.39
N MET B 21 -61.97 20.06 -20.52
CA MET B 21 -62.08 18.60 -20.67
C MET B 21 -60.70 17.94 -20.78
N ILE B 22 -59.84 18.45 -21.66
CA ILE B 22 -58.52 17.84 -21.85
C ILE B 22 -57.59 18.06 -20.65
N GLY B 23 -57.81 19.12 -19.88
CA GLY B 23 -56.91 19.42 -18.77
C GLY B 23 -56.79 18.29 -17.78
N ARG B 24 -57.91 17.63 -17.48
CA ARG B 24 -57.90 16.50 -16.56
C ARG B 24 -57.09 15.34 -17.13
N ILE B 25 -57.26 15.09 -18.43
CA ILE B 25 -56.59 13.97 -19.09
C ILE B 25 -55.08 14.17 -19.02
N LEU B 26 -54.64 15.39 -19.29
CA LEU B 26 -53.22 15.66 -19.28
C LEU B 26 -52.65 15.69 -17.88
N LEU B 27 -53.43 16.12 -16.90
CA LEU B 27 -52.94 16.07 -15.54
C LEU B 27 -52.65 14.65 -15.12
N THR B 28 -53.56 13.73 -15.45
CA THR B 28 -53.36 12.34 -15.12
C THR B 28 -52.11 11.79 -15.81
N VAL B 29 -51.89 12.21 -17.05
CA VAL B 29 -50.75 11.73 -17.82
C VAL B 29 -49.43 12.27 -17.26
N VAL B 30 -49.41 13.55 -16.85
CA VAL B 30 -48.21 14.17 -16.31
C VAL B 30 -47.81 13.49 -15.00
N VAL B 31 -48.79 13.22 -14.15
CA VAL B 31 -48.52 12.57 -12.88
C VAL B 31 -47.88 11.21 -13.11
N ILE B 32 -48.46 10.42 -14.00
CA ILE B 32 -47.92 9.08 -14.24
C ILE B 32 -46.52 9.13 -14.85
N PHE B 33 -46.27 10.07 -15.76
CA PHE B 33 -44.96 10.22 -16.37
C PHE B 33 -43.89 10.49 -15.32
N ARG B 34 -44.18 11.42 -14.41
CA ARG B 34 -43.26 11.77 -13.34
C ARG B 34 -42.95 10.56 -12.45
N ILE B 35 -43.98 9.82 -12.04
CA ILE B 35 -43.73 8.64 -11.22
C ILE B 35 -42.82 7.65 -11.93
N LEU B 36 -43.06 7.40 -13.21
CA LEU B 36 -42.26 6.42 -13.92
C LEU B 36 -40.80 6.85 -14.01
N ILE B 37 -40.54 8.12 -14.33
CA ILE B 37 -39.16 8.59 -14.41
C ILE B 37 -38.45 8.46 -13.08
N VAL B 38 -39.11 8.80 -11.98
CA VAL B 38 -38.41 8.74 -10.69
C VAL B 38 -38.16 7.28 -10.32
N ALA B 39 -39.14 6.41 -10.54
CA ALA B 39 -39.03 5.04 -10.05
C ALA B 39 -38.05 4.19 -10.83
N ILE B 40 -37.91 4.40 -12.14
CA ILE B 40 -37.12 3.44 -12.92
C ILE B 40 -35.64 3.80 -13.01
N VAL B 41 -35.27 5.06 -13.17
CA VAL B 41 -33.88 5.38 -13.39
C VAL B 41 -33.19 6.14 -12.25
N GLY B 42 -33.88 7.00 -11.50
CA GLY B 42 -33.19 7.85 -10.54
C GLY B 42 -32.44 7.15 -9.42
N GLU B 43 -32.86 5.96 -9.01
CA GLU B 43 -32.10 5.28 -7.97
C GLU B 43 -30.67 4.91 -8.38
N THR B 44 -30.29 5.08 -9.65
CA THR B 44 -29.02 4.51 -10.10
C THR B 44 -28.10 5.58 -10.65
N VAL B 45 -28.60 6.81 -10.80
CA VAL B 45 -27.75 7.96 -11.02
C VAL B 45 -27.02 8.35 -9.73
N TYR B 46 -27.72 8.30 -8.61
CA TYR B 46 -27.26 8.65 -7.26
C TYR B 46 -26.58 7.54 -6.45
N ASP B 47 -26.49 6.31 -6.96
CA ASP B 47 -25.93 5.19 -6.18
C ASP B 47 -24.50 5.43 -5.69
N ASP B 48 -23.60 6.00 -6.51
CA ASP B 48 -22.21 6.23 -6.09
C ASP B 48 -21.93 7.63 -5.54
N GLU B 49 -22.90 8.30 -4.90
CA GLU B 49 -22.72 9.70 -4.57
C GLU B 49 -21.57 9.94 -3.57
N GLN B 50 -21.47 9.14 -2.51
CA GLN B 50 -20.45 9.34 -1.50
C GLN B 50 -19.19 8.52 -1.76
N THR B 51 -19.32 7.39 -2.42
CA THR B 51 -18.20 6.53 -2.73
C THR B 51 -17.25 7.15 -3.76
N MET B 52 -17.76 7.99 -4.67
CA MET B 52 -16.94 8.72 -5.63
C MET B 52 -16.76 10.21 -5.32
N PHE B 53 -17.07 10.65 -4.11
CA PHE B 53 -16.77 11.98 -3.61
C PHE B 53 -15.40 11.96 -2.97
N VAL B 54 -14.53 12.87 -3.38
CA VAL B 54 -13.16 12.85 -2.91
C VAL B 54 -12.60 14.26 -2.68
N CYS B 55 -11.79 14.37 -1.64
CA CYS B 55 -11.12 15.59 -1.20
C CYS B 55 -9.59 15.40 -1.12
N ASN B 56 -8.86 16.49 -1.33
CA ASN B 56 -7.39 16.57 -1.27
C ASN B 56 -6.94 16.84 0.16
N THR B 57 -6.62 15.77 0.87
CA THR B 57 -6.34 15.80 2.30
C THR B 57 -5.83 14.43 2.73
N LEU B 58 -5.17 14.42 3.88
CA LEU B 58 -4.72 13.21 4.57
C LEU B 58 -5.34 13.07 5.95
N GLN B 59 -6.34 13.87 6.26
CA GLN B 59 -6.97 13.92 7.56
C GLN B 59 -8.15 12.96 7.66
N PRO B 60 -8.19 12.08 8.63
CA PRO B 60 -9.37 11.21 8.78
C PRO B 60 -10.62 11.96 9.22
N GLY B 61 -11.72 11.66 8.55
CA GLY B 61 -13.03 12.25 8.79
C GLY B 61 -13.45 13.45 7.96
N CYS B 62 -12.58 14.01 7.12
CA CYS B 62 -12.92 15.22 6.38
C CYS B 62 -13.88 14.94 5.22
N ASN B 63 -13.73 13.81 4.54
CA ASN B 63 -14.63 13.46 3.45
C ASN B 63 -16.08 13.35 3.94
N GLN B 64 -16.27 12.72 5.10
CA GLN B 64 -17.60 12.58 5.71
C GLN B 64 -18.26 13.93 6.01
N ALA B 65 -17.54 14.82 6.70
CA ALA B 65 -18.05 16.13 7.06
C ALA B 65 -18.37 16.97 5.83
N CYS B 66 -17.52 16.93 4.83
CA CYS B 66 -17.70 17.74 3.64
C CYS B 66 -18.84 17.22 2.77
N TYR B 67 -18.99 15.90 2.63
CA TYR B 67 -20.15 15.36 1.91
C TYR B 67 -21.45 15.75 2.62
N ASP B 68 -21.50 15.65 3.95
CA ASP B 68 -22.73 16.00 4.67
C ASP B 68 -23.08 17.48 4.51
N ARG B 69 -22.09 18.37 4.52
CA ARG B 69 -22.37 19.79 4.35
C ARG B 69 -22.74 20.15 2.90
N ALA B 70 -22.16 19.50 1.90
CA ALA B 70 -22.50 19.78 0.50
C ALA B 70 -23.85 19.20 0.10
N PHE B 71 -24.21 18.01 0.58
CA PHE B 71 -25.45 17.34 0.20
C PHE B 71 -26.22 16.87 1.43
N PRO B 72 -26.95 17.79 2.08
CA PRO B 72 -27.69 17.46 3.30
C PRO B 72 -28.85 16.48 3.12
N ILE B 73 -29.72 16.71 2.14
CA ILE B 73 -30.74 15.76 1.73
C ILE B 73 -30.58 15.54 0.24
N SER B 74 -30.44 14.29 -0.14
CA SER B 74 -30.29 13.94 -1.54
C SER B 74 -31.57 14.21 -2.32
N HIS B 75 -31.39 14.55 -3.60
CA HIS B 75 -32.49 14.91 -4.47
C HIS B 75 -33.55 13.83 -4.53
N ILE B 76 -33.12 12.57 -4.64
CA ILE B 76 -34.03 11.46 -4.90
C ILE B 76 -34.95 11.23 -3.70
N ARG B 77 -34.45 11.43 -2.49
CA ARG B 77 -35.28 11.35 -1.28
C ARG B 77 -36.37 12.42 -1.27
N TYR B 78 -36.00 13.66 -1.58
CA TYR B 78 -36.96 14.77 -1.64
C TYR B 78 -38.04 14.50 -2.67
N TRP B 79 -37.68 13.98 -3.85
CA TRP B 79 -38.65 13.74 -4.90
C TRP B 79 -39.62 12.60 -4.54
N VAL B 80 -39.12 11.51 -3.94
CA VAL B 80 -40.02 10.44 -3.50
C VAL B 80 -41.01 10.97 -2.47
N PHE B 81 -40.53 11.74 -1.49
CA PHE B 81 -41.40 12.30 -0.47
C PHE B 81 -42.49 13.18 -1.06
N GLN B 82 -42.12 14.09 -1.98
CA GLN B 82 -43.08 14.98 -2.62
C GLN B 82 -44.15 14.20 -3.38
N ILE B 83 -43.73 13.21 -4.14
CA ILE B 83 -44.67 12.40 -4.90
C ILE B 83 -45.68 11.74 -3.99
N ILE B 84 -45.23 11.17 -2.88
CA ILE B 84 -46.17 10.49 -1.98
C ILE B 84 -47.12 11.50 -1.33
N MET B 85 -46.61 12.67 -0.91
CA MET B 85 -47.47 13.60 -0.20
C MET B 85 -48.51 14.27 -1.10
N VAL B 86 -48.23 14.42 -2.40
CA VAL B 86 -49.24 15.02 -3.28
C VAL B 86 -50.34 14.05 -3.70
N CYS B 87 -50.32 12.80 -3.23
CA CYS B 87 -51.35 11.82 -3.56
C CYS B 87 -52.23 11.47 -2.37
N THR B 88 -52.09 12.17 -1.26
CA THR B 88 -52.78 11.91 -0.01
C THR B 88 -54.23 12.37 -0.04
N PRO B 89 -54.54 13.54 -0.63
CA PRO B 89 -55.93 13.97 -0.71
C PRO B 89 -56.82 13.00 -1.46
N SER B 90 -56.30 12.42 -2.55
CA SER B 90 -57.03 11.40 -3.28
C SER B 90 -57.32 10.19 -2.41
N LEU B 91 -56.35 9.71 -1.64
CA LEU B 91 -56.60 8.56 -0.79
C LEU B 91 -57.67 8.85 0.25
N CYS B 92 -57.64 10.05 0.84
CA CYS B 92 -58.69 10.40 1.80
C CYS B 92 -60.06 10.38 1.15
N PHE B 93 -60.18 11.01 -0.01
CA PHE B 93 -61.45 11.06 -0.72
C PHE B 93 -61.93 9.65 -1.06
N ILE B 94 -61.01 8.78 -1.47
CA ILE B 94 -61.36 7.42 -1.84
C ILE B 94 -61.88 6.65 -0.63
N THR B 95 -61.19 6.78 0.51
CA THR B 95 -61.62 6.07 1.71
C THR B 95 -63.01 6.53 2.16
N TYR B 96 -63.26 7.83 2.07
CA TYR B 96 -64.59 8.36 2.37
C TYR B 96 -65.65 7.79 1.45
N SER B 97 -65.40 7.84 0.14
CA SER B 97 -66.42 7.37 -0.78
C SER B 97 -66.68 5.89 -0.60
N VAL B 98 -65.66 5.11 -0.27
CA VAL B 98 -65.86 3.69 -0.01
C VAL B 98 -66.77 3.52 1.20
N HIS B 99 -66.58 4.34 2.23
CA HIS B 99 -67.47 4.24 3.37
C HIS B 99 -68.89 4.65 3.00
N GLN B 100 -69.04 5.61 2.10
CA GLN B 100 -70.35 6.08 1.69
C GLN B 100 -71.22 4.99 1.12
N SER B 101 -70.63 3.89 0.66
CA SER B 101 -71.38 2.84 0.00
C SER B 101 -71.90 1.82 1.01
N GLY B 221 -72.38 15.34 1.24
CA GLY B 221 -71.70 16.50 0.67
C GLY B 221 -70.39 16.14 -0.02
N ILE B 222 -70.50 15.28 -1.04
CA ILE B 222 -69.31 14.83 -1.78
C ILE B 222 -68.64 16.00 -2.48
N SER B 223 -69.44 16.94 -3.01
CA SER B 223 -68.88 18.05 -3.78
C SER B 223 -68.06 18.96 -2.91
N ARG B 224 -68.47 19.16 -1.65
CA ARG B 224 -67.64 19.95 -0.75
C ARG B 224 -66.28 19.30 -0.51
N PHE B 225 -66.26 17.97 -0.37
CA PHE B 225 -64.99 17.27 -0.23
C PHE B 225 -64.13 17.45 -1.46
N TYR B 226 -64.75 17.43 -2.63
CA TYR B 226 -64.02 17.68 -3.88
C TYR B 226 -63.35 19.05 -3.84
N ILE B 227 -64.11 20.07 -3.46
CA ILE B 227 -63.59 21.43 -3.40
C ILE B 227 -62.38 21.50 -2.49
N ILE B 228 -62.52 20.97 -1.27
CA ILE B 228 -61.46 21.11 -0.28
C ILE B 228 -60.20 20.38 -0.72
N GLN B 229 -60.35 19.18 -1.27
CA GLN B 229 -59.16 18.44 -1.65
C GLN B 229 -58.44 19.13 -2.81
N VAL B 230 -59.18 19.78 -3.70
CA VAL B 230 -58.56 20.52 -4.79
C VAL B 230 -57.71 21.66 -4.23
N VAL B 231 -58.25 22.37 -3.25
CA VAL B 231 -57.54 23.46 -2.61
C VAL B 231 -56.22 22.95 -2.01
N PHE B 232 -56.30 21.83 -1.29
CA PHE B 232 -55.13 21.30 -0.60
C PHE B 232 -54.05 20.85 -1.58
N ARG B 233 -54.44 20.18 -2.66
CA ARG B 233 -53.45 19.75 -3.65
C ARG B 233 -52.72 20.93 -4.26
N ASN B 234 -53.46 21.98 -4.63
CA ASN B 234 -52.82 23.18 -5.16
C ASN B 234 -51.75 23.70 -4.20
N ALA B 235 -52.13 23.88 -2.95
CA ALA B 235 -51.22 24.43 -1.96
C ALA B 235 -49.96 23.57 -1.82
N LEU B 236 -50.14 22.25 -1.74
CA LEU B 236 -49.01 21.37 -1.51
C LEU B 236 -48.01 21.42 -2.66
N GLU B 237 -48.50 21.52 -3.90
CA GLU B 237 -47.56 21.48 -5.01
C GLU B 237 -46.80 22.78 -5.16
N ILE B 238 -47.43 23.90 -4.81
CA ILE B 238 -46.70 25.15 -4.85
C ILE B 238 -45.62 25.17 -3.77
N GLY B 239 -45.95 24.69 -2.58
CA GLY B 239 -44.95 24.63 -1.53
C GLY B 239 -43.75 23.81 -1.91
N PHE B 240 -43.97 22.65 -2.52
CA PHE B 240 -42.85 21.78 -2.86
C PHE B 240 -41.96 22.40 -3.94
N LEU B 241 -42.55 23.05 -4.95
CA LEU B 241 -41.74 23.70 -5.98
C LEU B 241 -40.90 24.85 -5.41
N VAL B 242 -41.50 25.69 -4.55
CA VAL B 242 -40.76 26.78 -3.92
C VAL B 242 -39.60 26.24 -3.09
N GLY B 243 -39.86 25.19 -2.32
CA GLY B 243 -38.80 24.60 -1.52
C GLY B 243 -37.65 24.05 -2.35
N GLN B 244 -37.96 23.43 -3.48
CA GLN B 244 -36.91 22.96 -4.38
C GLN B 244 -36.01 24.10 -4.81
N TYR B 245 -36.61 25.21 -5.26
CA TYR B 245 -35.79 26.35 -5.68
C TYR B 245 -34.91 26.86 -4.53
N PHE B 246 -35.45 26.92 -3.32
CA PHE B 246 -34.64 27.46 -2.22
C PHE B 246 -33.59 26.48 -1.70
N LEU B 247 -33.82 25.17 -1.82
CA LEU B 247 -32.85 24.20 -1.34
C LEU B 247 -31.72 23.93 -2.33
N TYR B 248 -32.01 23.82 -3.63
CA TYR B 248 -31.03 23.30 -4.56
C TYR B 248 -30.63 24.23 -5.69
N GLY B 249 -31.47 25.17 -6.09
CA GLY B 249 -31.22 26.00 -7.24
C GLY B 249 -31.41 25.35 -8.60
N PHE B 250 -30.55 25.70 -9.55
CA PHE B 250 -30.67 25.26 -10.93
C PHE B 250 -29.42 24.56 -11.45
N SER B 251 -28.42 24.29 -10.62
CA SER B 251 -27.22 23.64 -11.09
C SER B 251 -26.50 22.92 -9.95
N VAL B 252 -25.69 21.94 -10.33
CA VAL B 252 -24.81 21.20 -9.44
C VAL B 252 -23.37 21.41 -9.89
N PRO B 253 -22.54 22.13 -9.16
CA PRO B 253 -21.14 22.33 -9.58
C PRO B 253 -20.24 21.13 -9.32
N GLY B 254 -19.15 21.11 -10.09
CA GLY B 254 -18.13 20.08 -10.01
C GLY B 254 -17.12 20.20 -8.88
N LEU B 255 -16.90 21.41 -8.37
CA LEU B 255 -16.01 21.65 -7.25
C LEU B 255 -16.80 22.14 -6.04
N TYR B 256 -16.29 21.82 -4.86
CA TYR B 256 -16.85 22.29 -3.60
C TYR B 256 -15.74 22.69 -2.63
N GLU B 257 -15.94 23.81 -1.94
CA GLU B 257 -15.00 24.39 -0.98
C GLU B 257 -15.50 24.22 0.45
N CYS B 258 -14.69 23.58 1.31
CA CYS B 258 -15.13 23.13 2.63
C CYS B 258 -14.23 23.66 3.75
N ASN B 259 -14.86 24.05 4.86
CA ASN B 259 -14.18 24.54 6.07
C ASN B 259 -14.79 24.01 7.36
N ARG B 260 -15.10 22.71 7.43
CA ARG B 260 -15.68 22.11 8.62
C ARG B 260 -14.68 21.21 9.35
N TYR B 261 -14.72 21.26 10.68
CA TYR B 261 -13.91 20.38 11.50
C TYR B 261 -14.21 18.91 11.18
N PRO B 262 -13.19 18.05 11.10
CA PRO B 262 -11.76 18.15 11.39
C PRO B 262 -10.83 18.63 10.29
N CYS B 263 -11.37 19.18 9.22
CA CYS B 263 -10.53 19.72 8.15
C CYS B 263 -9.77 20.95 8.65
N ILE B 264 -8.48 20.96 8.34
CA ILE B 264 -7.59 22.09 8.60
C ILE B 264 -7.83 23.13 7.52
N LYS B 265 -8.10 24.35 7.96
CA LYS B 265 -8.48 25.53 7.10
C LYS B 265 -9.47 25.17 5.95
N GLU B 266 -9.32 25.67 4.73
CA GLU B 266 -10.23 25.33 3.67
C GLU B 266 -9.60 24.35 2.69
N VAL B 267 -10.40 23.37 2.29
CA VAL B 267 -10.02 22.28 1.40
C VAL B 267 -10.96 22.27 0.19
N GLU B 268 -10.48 21.64 -0.87
CA GLU B 268 -11.19 21.49 -2.14
C GLU B 268 -11.58 20.04 -2.36
N CYS B 269 -12.84 19.83 -2.74
CA CYS B 269 -13.42 18.53 -2.97
C CYS B 269 -14.08 18.46 -4.35
N TYR B 270 -14.30 17.23 -4.81
CA TYR B 270 -14.70 16.94 -6.18
C TYR B 270 -15.90 15.99 -6.21
N VAL B 271 -16.91 16.34 -7.04
CA VAL B 271 -18.24 15.72 -7.12
C VAL B 271 -18.31 14.72 -8.29
N SER B 272 -19.19 13.74 -8.15
CA SER B 272 -19.48 12.75 -9.18
C SER B 272 -20.71 13.10 -10.01
N ARG B 273 -20.58 12.92 -11.33
CA ARG B 273 -21.64 13.07 -12.31
C ARG B 273 -22.43 14.38 -12.22
N PRO B 274 -21.77 15.54 -12.26
CA PRO B 274 -22.49 16.81 -12.08
C PRO B 274 -23.44 17.21 -13.22
N THR B 275 -23.09 16.95 -14.47
CA THR B 275 -23.90 17.36 -15.62
C THR B 275 -25.25 16.62 -15.68
N GLU B 276 -25.24 15.30 -15.47
CA GLU B 276 -26.45 14.49 -15.44
C GLU B 276 -27.40 14.94 -14.33
N LYS B 277 -26.86 15.26 -13.15
CA LYS B 277 -27.67 15.72 -12.02
C LYS B 277 -28.32 17.07 -12.29
N THR B 278 -27.61 17.97 -12.95
CA THR B 278 -28.20 19.24 -13.37
C THR B 278 -29.35 19.05 -14.37
N VAL B 279 -29.18 18.15 -15.34
CA VAL B 279 -30.23 17.86 -16.32
C VAL B 279 -31.49 17.34 -15.61
N PHE B 280 -31.33 16.40 -14.68
CA PHE B 280 -32.46 15.85 -13.91
C PHE B 280 -33.20 16.94 -13.12
N LEU B 281 -32.45 17.81 -12.43
CA LEU B 281 -33.04 18.96 -11.73
C LEU B 281 -33.93 19.82 -12.63
N VAL B 282 -33.42 20.22 -13.80
CA VAL B 282 -34.17 21.11 -14.69
C VAL B 282 -35.44 20.44 -15.19
N PHE B 283 -35.34 19.17 -15.59
CA PHE B 283 -36.51 18.43 -16.05
C PHE B 283 -37.61 18.37 -14.99
N MET B 284 -37.24 18.06 -13.75
CA MET B 284 -38.23 17.97 -12.68
C MET B 284 -38.90 19.31 -12.39
N PHE B 285 -38.15 20.41 -12.40
CA PHE B 285 -38.78 21.72 -12.21
C PHE B 285 -39.83 21.98 -13.29
N ALA B 286 -39.51 21.66 -14.54
CA ALA B 286 -40.44 21.89 -15.64
C ALA B 286 -41.75 21.09 -15.47
N VAL B 287 -41.64 19.80 -15.15
CA VAL B 287 -42.85 18.98 -14.99
C VAL B 287 -43.74 19.52 -13.87
N SER B 288 -43.14 19.83 -12.71
CA SER B 288 -43.94 20.33 -11.60
C SER B 288 -44.61 21.67 -11.93
N GLY B 289 -43.93 22.52 -12.69
CA GLY B 289 -44.57 23.74 -13.13
C GLY B 289 -45.82 23.49 -13.97
N ILE B 290 -45.73 22.55 -14.90
CA ILE B 290 -46.90 22.18 -15.70
C ILE B 290 -48.06 21.80 -14.79
N CYS B 291 -47.79 20.96 -13.79
CA CYS B 291 -48.86 20.51 -12.91
C CYS B 291 -49.49 21.67 -12.14
N VAL B 292 -48.67 22.60 -11.67
CA VAL B 292 -49.19 23.76 -10.96
C VAL B 292 -50.15 24.55 -11.86
N VAL B 293 -49.72 24.80 -13.11
CA VAL B 293 -50.55 25.56 -14.03
C VAL B 293 -51.90 24.88 -14.24
N LEU B 294 -51.88 23.58 -14.48
CA LEU B 294 -53.12 22.87 -14.79
C LEU B 294 -54.10 22.91 -13.61
N ASN B 295 -53.61 22.67 -12.39
CA ASN B 295 -54.51 22.68 -11.26
C ASN B 295 -55.08 24.08 -10.99
N LEU B 296 -54.28 25.13 -11.18
CA LEU B 296 -54.85 26.47 -11.07
C LEU B 296 -55.89 26.71 -12.14
N ALA B 297 -55.67 26.16 -13.33
CA ALA B 297 -56.67 26.30 -14.38
C ALA B 297 -58.01 25.83 -13.87
N GLU B 298 -58.06 24.61 -13.34
CA GLU B 298 -59.35 24.07 -12.94
C GLU B 298 -59.95 24.82 -11.74
N LEU B 299 -59.10 25.19 -10.78
CA LEU B 299 -59.55 25.98 -9.64
C LEU B 299 -60.25 27.26 -10.09
N ASN B 300 -59.66 27.98 -11.03
CA ASN B 300 -60.27 29.22 -11.51
C ASN B 300 -61.45 28.96 -12.41
N HIS B 301 -61.50 27.79 -13.05
CA HIS B 301 -62.64 27.43 -13.87
C HIS B 301 -63.90 27.26 -13.05
N LEU B 302 -63.83 26.57 -11.93
CA LEU B 302 -65.02 26.45 -11.09
C LEU B 302 -65.30 27.72 -10.29
N GLY B 303 -64.30 28.24 -9.59
CA GLY B 303 -64.42 29.53 -8.93
C GLY B 303 -65.00 29.50 -7.54
N SER C 19 -51.07 -4.53 -47.53
CA SER C 19 -49.81 -3.85 -47.29
C SER C 19 -49.90 -2.93 -46.06
N THR C 20 -50.98 -2.18 -45.96
CA THR C 20 -51.24 -1.40 -44.75
C THR C 20 -51.75 -2.24 -43.60
N MET C 21 -52.22 -3.46 -43.87
CA MET C 21 -52.69 -4.34 -42.81
C MET C 21 -51.54 -4.85 -41.95
N ILE C 22 -50.49 -5.38 -42.57
CA ILE C 22 -49.37 -5.94 -41.82
C ILE C 22 -48.54 -4.86 -41.12
N GLY C 23 -48.53 -3.63 -41.64
CA GLY C 23 -47.70 -2.59 -41.06
C GLY C 23 -47.99 -2.34 -39.60
N ARG C 24 -49.26 -2.37 -39.22
CA ARG C 24 -49.63 -2.18 -37.82
C ARG C 24 -49.12 -3.33 -36.96
N ILE C 25 -49.20 -4.55 -37.47
CA ILE C 25 -48.79 -5.73 -36.72
C ILE C 25 -47.31 -5.66 -36.44
N LEU C 26 -46.53 -5.27 -37.45
CA LEU C 26 -45.10 -5.20 -37.26
C LEU C 26 -44.68 -4.02 -36.42
N LEU C 27 -45.42 -2.92 -36.47
CA LEU C 27 -45.09 -1.81 -35.59
C LEU C 27 -45.23 -2.22 -34.14
N THR C 28 -46.32 -2.93 -33.82
CA THR C 28 -46.51 -3.39 -32.46
C THR C 28 -45.39 -4.33 -32.03
N VAL C 29 -44.95 -5.18 -32.95
CA VAL C 29 -43.90 -6.15 -32.66
C VAL C 29 -42.55 -5.48 -32.44
N VAL C 30 -42.24 -4.45 -33.25
CA VAL C 30 -40.97 -3.73 -33.14
C VAL C 30 -40.89 -3.00 -31.82
N VAL C 31 -41.99 -2.36 -31.42
CA VAL C 31 -42.02 -1.64 -30.16
C VAL C 31 -41.74 -2.57 -29.00
N ILE C 32 -42.41 -3.73 -28.98
CA ILE C 32 -42.23 -4.65 -27.88
C ILE C 32 -40.81 -5.22 -27.85
N PHE C 33 -40.24 -5.52 -29.01
CA PHE C 33 -38.88 -6.04 -29.08
C PHE C 33 -37.88 -5.06 -28.48
N ARG C 34 -38.01 -3.78 -28.83
CA ARG C 34 -37.13 -2.75 -28.31
C ARG C 34 -37.24 -2.65 -26.79
N ILE C 35 -38.46 -2.63 -26.26
CA ILE C 35 -38.63 -2.56 -24.81
C ILE C 35 -37.93 -3.73 -24.12
N LEU C 36 -38.12 -4.94 -24.65
CA LEU C 36 -37.52 -6.10 -24.00
C LEU C 36 -35.99 -6.03 -24.00
N ILE C 37 -35.38 -5.65 -25.12
CA ILE C 37 -33.93 -5.56 -25.16
C ILE C 37 -33.41 -4.53 -24.17
N VAL C 38 -34.06 -3.38 -24.06
CA VAL C 38 -33.54 -2.37 -23.16
C VAL C 38 -33.71 -2.82 -21.71
N ALA C 39 -34.86 -3.40 -21.39
CA ALA C 39 -35.17 -3.72 -20.01
C ALA C 39 -34.36 -4.88 -19.44
N ILE C 40 -34.05 -5.89 -20.24
CA ILE C 40 -33.47 -7.09 -19.67
C ILE C 40 -31.95 -7.06 -19.59
N VAL C 41 -31.25 -6.56 -20.59
CA VAL C 41 -29.80 -6.67 -20.59
C VAL C 41 -29.04 -5.34 -20.43
N GLY C 42 -29.56 -4.21 -20.92
CA GLY C 42 -28.77 -2.99 -20.92
C GLY C 42 -28.35 -2.45 -19.57
N GLU C 43 -29.10 -2.69 -18.51
CA GLU C 43 -28.64 -2.21 -17.22
C GLU C 43 -27.34 -2.84 -16.74
N THR C 44 -26.80 -3.85 -17.41
CA THR C 44 -25.70 -4.59 -16.85
C THR C 44 -24.47 -4.55 -17.76
N VAL C 45 -24.61 -4.02 -18.95
CA VAL C 45 -23.47 -3.65 -19.78
C VAL C 45 -22.79 -2.39 -19.24
N TYR C 46 -23.59 -1.41 -18.79
CA TYR C 46 -23.19 -0.12 -18.26
C TYR C 46 -22.91 -0.05 -16.75
N ASP C 47 -23.09 -1.13 -15.98
CA ASP C 47 -22.92 -1.09 -14.53
C ASP C 47 -21.53 -0.62 -14.07
N ASP C 48 -20.44 -1.07 -14.70
CA ASP C 48 -19.09 -0.67 -14.29
C ASP C 48 -18.51 0.51 -15.08
N GLU C 49 -19.33 1.46 -15.55
CA GLU C 49 -18.81 2.46 -16.47
C GLU C 49 -17.75 3.37 -15.84
N GLN C 50 -17.97 3.84 -14.60
CA GLN C 50 -17.03 4.75 -13.96
C GLN C 50 -16.01 4.04 -13.09
N THR C 51 -16.37 2.90 -12.55
CA THR C 51 -15.49 2.11 -11.70
C THR C 51 -14.32 1.51 -12.48
N MET C 52 -14.49 1.20 -13.77
CA MET C 52 -13.42 0.72 -14.65
C MET C 52 -12.88 1.76 -15.63
N PHE C 53 -13.20 3.03 -15.45
CA PHE C 53 -12.60 4.13 -16.19
C PHE C 53 -11.35 4.60 -15.46
N VAL C 54 -10.24 4.67 -16.17
CA VAL C 54 -8.97 4.98 -15.54
C VAL C 54 -8.10 5.89 -16.41
N CYS C 55 -7.39 6.79 -15.74
CA CYS C 55 -6.46 7.76 -16.31
C CYS C 55 -5.06 7.64 -15.70
N ASN C 56 -4.04 7.99 -16.49
CA ASN C 56 -2.62 8.00 -16.12
C ASN C 56 -2.25 9.33 -15.48
N THR C 57 -2.31 9.36 -14.16
CA THR C 57 -2.17 10.57 -13.37
C THR C 57 -2.07 10.19 -11.90
N LEU C 58 -1.56 11.13 -11.10
CA LEU C 58 -1.50 11.06 -9.66
C LEU C 58 -2.27 12.19 -8.98
N GLN C 59 -3.05 12.92 -9.75
CA GLN C 59 -3.77 14.10 -9.29
C GLN C 59 -5.17 13.75 -8.79
N PRO C 60 -5.54 14.11 -7.59
CA PRO C 60 -6.91 13.85 -7.12
C PRO C 60 -7.95 14.69 -7.85
N GLY C 61 -9.03 14.03 -8.26
CA GLY C 61 -10.15 14.60 -8.97
C GLY C 61 -10.16 14.55 -10.48
N CYS C 62 -9.09 14.08 -11.14
CA CYS C 62 -9.03 14.11 -12.60
C CYS C 62 -9.92 13.03 -13.23
N ASN C 63 -10.00 11.85 -12.62
CA ASN C 63 -10.85 10.79 -13.15
C ASN C 63 -12.31 11.23 -13.21
N GLN C 64 -12.78 11.90 -12.15
CA GLN C 64 -14.15 12.43 -12.08
C GLN C 64 -14.46 13.42 -13.19
N ALA C 65 -13.60 14.42 -13.36
CA ALA C 65 -13.78 15.45 -14.38
C ALA C 65 -13.76 14.87 -15.78
N CYS C 66 -12.85 13.95 -16.04
CA CYS C 66 -12.69 13.38 -17.36
C CYS C 66 -13.84 12.41 -17.70
N TYR C 67 -14.31 11.61 -16.75
CA TYR C 67 -15.50 10.80 -17.00
C TYR C 67 -16.71 11.67 -17.30
N ASP C 68 -16.92 12.75 -16.55
CA ASP C 68 -18.08 13.62 -16.79
C ASP C 68 -18.02 14.27 -18.17
N ARG C 69 -16.82 14.70 -18.62
CA ARG C 69 -16.71 15.32 -19.94
C ARG C 69 -16.83 14.30 -21.08
N ALA C 70 -16.34 13.07 -20.91
CA ALA C 70 -16.46 12.04 -21.94
C ALA C 70 -17.87 11.48 -22.07
N PHE C 71 -18.57 11.29 -20.95
CA PHE C 71 -19.90 10.67 -20.94
C PHE C 71 -20.89 11.52 -20.14
N PRO C 72 -21.41 12.59 -20.75
CA PRO C 72 -22.33 13.50 -20.05
C PRO C 72 -23.67 12.90 -19.67
N ILE C 73 -24.36 12.23 -20.60
CA ILE C 73 -25.54 11.45 -20.31
C ILE C 73 -25.30 10.06 -20.87
N SER C 74 -25.46 9.07 -20.02
CA SER C 74 -25.27 7.69 -20.41
C SER C 74 -26.36 7.23 -21.39
N HIS C 75 -25.97 6.32 -22.27
CA HIS C 75 -26.84 5.83 -23.32
C HIS C 75 -28.14 5.27 -22.76
N ILE C 76 -28.05 4.49 -21.68
CA ILE C 76 -29.18 3.74 -21.16
C ILE C 76 -30.25 4.68 -20.61
N ARG C 77 -29.83 5.80 -20.01
CA ARG C 77 -30.76 6.83 -19.55
C ARG C 77 -31.53 7.47 -20.70
N TYR C 78 -30.82 7.84 -21.77
CA TYR C 78 -31.44 8.41 -22.96
C TYR C 78 -32.46 7.46 -23.57
N TRP C 79 -32.13 6.17 -23.66
CA TRP C 79 -33.02 5.20 -24.28
C TRP C 79 -34.28 4.97 -23.43
N VAL C 80 -34.15 4.87 -22.10
CA VAL C 80 -35.34 4.74 -21.26
C VAL C 80 -36.25 5.95 -21.42
N PHE C 81 -35.68 7.16 -21.41
CA PHE C 81 -36.47 8.37 -21.57
C PHE C 81 -37.22 8.38 -22.90
N GLN C 82 -36.55 8.07 -24.00
CA GLN C 82 -37.17 8.03 -25.32
C GLN C 82 -38.33 7.04 -25.36
N ILE C 83 -38.11 5.85 -24.85
CA ILE C 83 -39.15 4.83 -24.84
C ILE C 83 -40.38 5.32 -24.11
N ILE C 84 -40.21 5.94 -22.94
CA ILE C 84 -41.38 6.41 -22.20
C ILE C 84 -42.09 7.55 -22.94
N MET C 85 -41.34 8.48 -23.52
CA MET C 85 -41.98 9.63 -24.16
C MET C 85 -42.72 9.26 -25.44
N VAL C 86 -42.29 8.22 -26.16
CA VAL C 86 -43.01 7.84 -27.38
C VAL C 86 -44.28 7.04 -27.11
N CYS C 87 -44.63 6.78 -25.85
CA CYS C 87 -45.84 6.05 -25.51
C CYS C 87 -46.90 6.93 -24.85
N THR C 88 -46.68 8.23 -24.81
CA THR C 88 -47.53 9.20 -24.14
C THR C 88 -48.81 9.49 -24.93
N PRO C 89 -48.74 9.62 -26.26
CA PRO C 89 -49.96 9.87 -27.03
C PRO C 89 -51.00 8.76 -26.88
N SER C 90 -50.54 7.51 -26.83
CA SER C 90 -51.44 6.40 -26.58
C SER C 90 -52.12 6.51 -25.23
N LEU C 91 -51.39 6.86 -24.18
CA LEU C 91 -52.02 6.99 -22.86
C LEU C 91 -53.06 8.09 -22.87
N CYS C 92 -52.78 9.21 -23.52
CA CYS C 92 -53.79 10.27 -23.59
C CYS C 92 -55.05 9.80 -24.30
N PHE C 93 -54.88 9.14 -25.44
CA PHE C 93 -56.02 8.64 -26.18
C PHE C 93 -56.81 7.64 -25.35
N ILE C 94 -56.13 6.78 -24.61
CA ILE C 94 -56.78 5.76 -23.79
C ILE C 94 -57.59 6.42 -22.69
N THR C 95 -57.02 7.42 -22.01
CA THR C 95 -57.73 8.10 -20.93
C THR C 95 -58.99 8.81 -21.45
N TYR C 96 -58.88 9.43 -22.63
CA TYR C 96 -60.04 10.03 -23.27
C TYR C 96 -61.11 9.02 -23.57
N SER C 97 -60.74 7.91 -24.21
CA SER C 97 -61.75 6.94 -24.60
C SER C 97 -62.41 6.32 -23.37
N VAL C 98 -61.65 6.14 -22.29
CA VAL C 98 -62.26 5.64 -21.06
C VAL C 98 -63.29 6.62 -20.54
N HIS C 99 -63.00 7.92 -20.62
CA HIS C 99 -63.99 8.88 -20.20
C HIS C 99 -65.21 8.86 -21.10
N GLN C 100 -65.01 8.61 -22.39
CA GLN C 100 -66.10 8.59 -23.35
C GLN C 100 -67.17 7.56 -23.00
N SER C 101 -66.84 6.56 -22.19
CA SER C 101 -67.78 5.50 -21.88
C SER C 101 -68.65 5.86 -20.67
N GLY C 221 -65.58 13.16 -31.64
CA GLY C 221 -64.57 13.24 -32.68
C GLY C 221 -63.35 12.39 -32.39
N ILE C 222 -63.57 11.08 -32.26
CA ILE C 222 -62.47 10.15 -31.95
C ILE C 222 -61.46 10.13 -33.07
N SER C 223 -61.93 10.22 -34.33
CA SER C 223 -61.02 10.11 -35.47
C SER C 223 -60.08 11.30 -35.53
N ARG C 224 -60.54 12.49 -35.16
CA ARG C 224 -59.63 13.62 -35.10
C ARG C 224 -58.51 13.39 -34.08
N PHE C 225 -58.86 12.83 -32.93
CA PHE C 225 -57.84 12.51 -31.93
C PHE C 225 -56.84 11.51 -32.50
N TYR C 226 -57.33 10.53 -33.26
CA TYR C 226 -56.44 9.57 -33.89
C TYR C 226 -55.44 10.27 -34.81
N ILE C 227 -55.95 11.18 -35.63
CA ILE C 227 -55.09 11.91 -36.58
C ILE C 227 -54.00 12.66 -35.82
N ILE C 228 -54.40 13.41 -34.80
CA ILE C 228 -53.44 14.27 -34.12
C ILE C 228 -52.38 13.44 -33.41
N GLN C 229 -52.78 12.36 -32.76
CA GLN C 229 -51.80 11.58 -32.03
C GLN C 229 -50.81 10.92 -32.99
N VAL C 230 -51.26 10.54 -34.18
CA VAL C 230 -50.36 9.97 -35.17
C VAL C 230 -49.31 10.99 -35.57
N VAL C 231 -49.74 12.23 -35.79
CA VAL C 231 -48.83 13.30 -36.15
C VAL C 231 -47.76 13.48 -35.06
N PHE C 232 -48.19 13.50 -33.81
CA PHE C 232 -47.28 13.74 -32.70
C PHE C 232 -46.27 12.62 -32.55
N ARG C 233 -46.70 11.36 -32.66
CA ARG C 233 -45.78 10.25 -32.56
C ARG C 233 -44.71 10.30 -33.63
N ASN C 234 -45.10 10.58 -34.88
CA ASN C 234 -44.13 10.71 -35.95
C ASN C 234 -43.05 11.75 -35.59
N ALA C 235 -43.50 12.93 -35.17
CA ALA C 235 -42.57 14.01 -34.86
C ALA C 235 -41.60 13.61 -33.75
N LEU C 236 -42.12 13.00 -32.70
CA LEU C 236 -41.30 12.66 -31.55
C LEU C 236 -40.21 11.65 -31.92
N GLU C 237 -40.54 10.67 -32.76
CA GLU C 237 -39.54 9.66 -33.05
C GLU C 237 -38.45 10.18 -33.97
N ILE C 238 -38.80 11.08 -34.87
CA ILE C 238 -37.77 11.67 -35.71
C ILE C 238 -36.84 12.53 -34.88
N GLY C 239 -37.39 13.32 -33.95
CA GLY C 239 -36.54 14.13 -33.10
C GLY C 239 -35.57 13.31 -32.28
N PHE C 240 -36.03 12.18 -31.73
CA PHE C 240 -35.14 11.38 -30.89
C PHE C 240 -34.02 10.73 -31.71
N LEU C 241 -34.31 10.25 -32.92
CA LEU C 241 -33.27 9.67 -33.77
C LEU C 241 -32.22 10.71 -34.17
N VAL C 242 -32.66 11.91 -34.57
CA VAL C 242 -31.72 12.98 -34.92
C VAL C 242 -30.84 13.34 -33.73
N GLY C 243 -31.43 13.45 -32.55
CA GLY C 243 -30.65 13.77 -31.37
C GLY C 243 -29.61 12.72 -31.05
N GLN C 244 -29.95 11.44 -31.22
CA GLN C 244 -28.99 10.37 -31.01
C GLN C 244 -27.77 10.55 -31.91
N TYR C 245 -28.02 10.77 -33.20
CA TYR C 245 -26.90 10.98 -34.12
C TYR C 245 -26.03 12.17 -33.70
N PHE C 246 -26.64 13.26 -33.27
CA PHE C 246 -25.85 14.43 -32.91
C PHE C 246 -25.14 14.30 -31.57
N LEU C 247 -25.68 13.52 -30.63
CA LEU C 247 -25.06 13.38 -29.33
C LEU C 247 -23.94 12.33 -29.32
N TYR C 248 -24.13 11.18 -29.98
CA TYR C 248 -23.23 10.06 -29.77
C TYR C 248 -22.49 9.57 -31.00
N GLY C 249 -23.01 9.77 -32.19
CA GLY C 249 -22.44 9.21 -33.38
C GLY C 249 -22.67 7.73 -33.62
N PHE C 250 -21.65 7.05 -34.16
CA PHE C 250 -21.75 5.65 -34.54
C PHE C 250 -20.67 4.77 -33.91
N SER C 251 -19.87 5.29 -32.99
CA SER C 251 -18.84 4.47 -32.36
C SER C 251 -18.45 5.03 -31.01
N VAL C 252 -17.90 4.15 -30.18
CA VAL C 252 -17.33 4.46 -28.88
C VAL C 252 -15.85 4.10 -28.89
N PRO C 253 -14.93 5.06 -28.87
CA PRO C 253 -13.51 4.73 -28.86
C PRO C 253 -12.97 4.27 -27.51
N GLY C 254 -11.85 3.54 -27.60
CA GLY C 254 -11.16 3.01 -26.44
C GLY C 254 -10.27 3.98 -25.68
N LEU C 255 -9.79 5.03 -26.33
CA LEU C 255 -8.98 6.07 -25.70
C LEU C 255 -9.72 7.39 -25.69
N TYR C 256 -9.43 8.21 -24.67
CA TYR C 256 -9.98 9.56 -24.56
C TYR C 256 -8.90 10.53 -24.08
N GLU C 257 -8.86 11.71 -24.68
CA GLU C 257 -7.90 12.77 -24.40
C GLU C 257 -8.56 13.92 -23.65
N CYS C 258 -8.04 14.27 -22.48
CA CYS C 258 -8.71 15.18 -21.55
C CYS C 258 -7.82 16.37 -21.16
N ASN C 259 -8.42 17.56 -21.07
CA ASN C 259 -7.77 18.79 -20.66
C ASN C 259 -8.62 19.65 -19.72
N ARG C 260 -9.26 19.04 -18.72
CA ARG C 260 -10.10 19.77 -17.76
C ARG C 260 -9.45 19.87 -16.39
N TYR C 261 -9.60 21.02 -15.75
CA TYR C 261 -9.13 21.22 -14.39
C TYR C 261 -9.77 20.20 -13.45
N PRO C 262 -9.01 19.62 -12.51
CA PRO C 262 -7.63 19.85 -12.05
C PRO C 262 -6.52 19.10 -12.76
N CYS C 263 -6.78 18.50 -13.91
CA CYS C 263 -5.73 17.84 -14.67
C CYS C 263 -4.72 18.85 -15.20
N ILE C 264 -3.45 18.52 -15.02
CA ILE C 264 -2.34 19.29 -15.55
C ILE C 264 -2.18 18.94 -17.02
N LYS C 265 -2.17 19.96 -17.86
CA LYS C 265 -2.14 19.86 -19.36
C LYS C 265 -3.06 18.76 -19.93
N GLU C 266 -2.68 17.98 -20.93
CA GLU C 266 -3.53 16.94 -21.45
C GLU C 266 -3.09 15.56 -20.99
N VAL C 267 -4.09 14.75 -20.62
CA VAL C 267 -3.91 13.41 -20.10
C VAL C 267 -4.70 12.43 -20.97
N GLU C 268 -4.30 11.17 -20.88
CA GLU C 268 -4.89 10.05 -21.61
C GLU C 268 -5.63 9.13 -20.66
N CYS C 269 -6.85 8.77 -21.03
CA CYS C 269 -7.73 7.93 -20.25
C CYS C 269 -8.24 6.75 -21.08
N TYR C 270 -8.73 5.73 -20.39
CA TYR C 270 -9.06 4.44 -20.97
C TYR C 270 -10.46 3.98 -20.55
N VAL C 271 -11.26 3.52 -21.54
CA VAL C 271 -12.68 3.18 -21.44
C VAL C 271 -12.90 1.69 -21.25
N SER C 272 -14.02 1.34 -20.62
CA SER C 272 -14.47 -0.04 -20.43
C SER C 272 -15.48 -0.50 -21.48
N ARG C 273 -15.25 -1.71 -21.98
CA ARG C 273 -16.14 -2.41 -22.91
C ARG C 273 -16.56 -1.61 -24.14
N PRO C 274 -15.62 -1.07 -24.92
CA PRO C 274 -16.01 -0.22 -26.05
C PRO C 274 -16.70 -0.91 -27.23
N THR C 275 -16.31 -2.14 -27.58
CA THR C 275 -16.87 -2.86 -28.72
C THR C 275 -18.35 -3.21 -28.53
N GLU C 276 -18.70 -3.73 -27.35
CA GLU C 276 -20.08 -4.06 -26.99
C GLU C 276 -20.99 -2.83 -27.04
N LYS C 277 -20.50 -1.68 -26.55
CA LYS C 277 -21.26 -0.44 -26.56
C LYS C 277 -21.50 0.08 -27.97
N THR C 278 -20.52 -0.05 -28.85
CA THR C 278 -20.71 0.29 -30.27
C THR C 278 -21.77 -0.60 -30.94
N VAL C 279 -21.74 -1.90 -30.66
CA VAL C 279 -22.74 -2.82 -31.22
C VAL C 279 -24.16 -2.43 -30.78
N PHE C 280 -24.35 -2.13 -29.49
CA PHE C 280 -25.65 -1.70 -28.96
C PHE C 280 -26.14 -0.42 -29.63
N LEU C 281 -25.26 0.59 -29.78
CA LEU C 281 -25.59 1.81 -30.51
C LEU C 281 -26.14 1.54 -31.91
N VAL C 282 -25.42 0.73 -32.70
CA VAL C 282 -25.82 0.50 -34.09
C VAL C 282 -27.17 -0.22 -34.15
N PHE C 283 -27.38 -1.23 -33.30
CA PHE C 283 -28.65 -1.94 -33.26
C PHE C 283 -29.82 -1.01 -32.97
N MET C 284 -29.66 -0.14 -31.97
CA MET C 284 -30.74 0.77 -31.62
C MET C 284 -31.07 1.76 -32.74
N PHE C 285 -30.05 2.29 -33.43
CA PHE C 285 -30.35 3.17 -34.57
C PHE C 285 -31.17 2.46 -35.63
N ALA C 286 -30.82 1.21 -35.92
CA ALA C 286 -31.55 0.44 -36.93
C ALA C 286 -33.03 0.24 -36.56
N VAL C 287 -33.31 -0.19 -35.32
CA VAL C 287 -34.69 -0.40 -34.90
C VAL C 287 -35.51 0.89 -35.00
N SER C 288 -34.97 2.00 -34.49
CA SER C 288 -35.72 3.25 -34.54
C SER C 288 -35.97 3.71 -35.97
N GLY C 289 -35.03 3.48 -36.88
CA GLY C 289 -35.28 3.77 -38.28
C GLY C 289 -36.45 3.01 -38.84
N ILE C 290 -36.53 1.71 -38.54
CA ILE C 290 -37.67 0.91 -38.98
C ILE C 290 -38.98 1.54 -38.51
N CYS C 291 -39.03 1.93 -37.24
CA CYS C 291 -40.26 2.51 -36.71
C CYS C 291 -40.64 3.81 -37.42
N VAL C 292 -39.65 4.65 -37.71
CA VAL C 292 -39.93 5.89 -38.44
C VAL C 292 -40.55 5.58 -39.79
N VAL C 293 -39.96 4.64 -40.52
CA VAL C 293 -40.46 4.30 -41.85
C VAL C 293 -41.91 3.84 -41.77
N LEU C 294 -42.21 2.95 -40.84
CA LEU C 294 -43.55 2.39 -40.76
C LEU C 294 -44.60 3.47 -40.45
N ASN C 295 -44.30 4.35 -39.49
CA ASN C 295 -45.28 5.38 -39.17
C ASN C 295 -45.48 6.36 -40.31
N LEU C 296 -44.42 6.71 -41.04
CA LEU C 296 -44.63 7.54 -42.23
C LEU C 296 -45.48 6.81 -43.26
N ALA C 297 -45.28 5.51 -43.38
CA ALA C 297 -46.09 4.73 -44.30
C ALA C 297 -47.56 4.99 -44.03
N GLU C 298 -47.98 4.81 -42.78
CA GLU C 298 -49.41 4.95 -42.50
C GLU C 298 -49.89 6.39 -42.64
N LEU C 299 -49.08 7.34 -42.21
CA LEU C 299 -49.42 8.76 -42.38
C LEU C 299 -49.71 9.09 -43.84
N ASN C 300 -48.85 8.62 -44.75
CA ASN C 300 -49.07 8.91 -46.17
C ASN C 300 -50.19 8.07 -46.75
N HIS C 301 -50.47 6.92 -46.14
CA HIS C 301 -51.59 6.10 -46.60
C HIS C 301 -52.93 6.78 -46.38
N LEU C 302 -53.14 7.37 -45.21
CA LEU C 302 -54.40 8.07 -45.01
C LEU C 302 -54.41 9.45 -45.70
N GLY C 303 -53.38 10.25 -45.48
CA GLY C 303 -53.22 11.50 -46.22
C GLY C 303 -53.93 12.70 -45.64
N SER D 19 -45.57 -39.91 -34.90
CA SER D 19 -44.20 -39.43 -34.99
C SER D 19 -44.16 -37.90 -35.11
N THR D 20 -45.02 -37.35 -35.98
CA THR D 20 -45.18 -35.90 -36.05
C THR D 20 -46.01 -35.34 -34.90
N MET D 21 -46.75 -36.17 -34.20
CA MET D 21 -47.53 -35.71 -33.06
C MET D 21 -46.65 -35.30 -31.88
N ILE D 22 -45.72 -36.17 -31.48
CA ILE D 22 -44.86 -35.89 -30.34
C ILE D 22 -43.85 -34.78 -30.62
N GLY D 23 -43.47 -34.58 -31.89
CA GLY D 23 -42.45 -33.58 -32.21
C GLY D 23 -42.81 -32.20 -31.73
N ARG D 24 -44.07 -31.82 -31.86
CA ARG D 24 -44.52 -30.51 -31.40
C ARG D 24 -44.41 -30.41 -29.88
N ILE D 25 -44.76 -31.48 -29.18
CA ILE D 25 -44.75 -31.48 -27.73
C ILE D 25 -43.33 -31.28 -27.22
N LEU D 26 -42.39 -31.98 -27.85
CA LEU D 26 -41.02 -31.87 -27.41
C LEU D 26 -40.39 -30.56 -27.81
N LEU D 27 -40.79 -29.98 -28.93
CA LEU D 27 -40.28 -28.67 -29.30
C LEU D 27 -40.66 -27.64 -28.25
N THR D 28 -41.92 -27.68 -27.81
CA THR D 28 -42.37 -26.76 -26.79
C THR D 28 -41.57 -26.95 -25.50
N VAL D 29 -41.28 -28.20 -25.16
CA VAL D 29 -40.56 -28.51 -23.92
C VAL D 29 -39.10 -28.05 -24.00
N VAL D 30 -38.46 -28.23 -25.16
CA VAL D 30 -37.06 -27.83 -25.35
C VAL D 30 -36.92 -26.33 -25.23
N VAL D 31 -37.86 -25.59 -25.84
CA VAL D 31 -37.82 -24.14 -25.79
C VAL D 31 -37.91 -23.65 -24.34
N ILE D 32 -38.86 -24.20 -23.60
CA ILE D 32 -39.04 -23.76 -22.21
C ILE D 32 -37.82 -24.11 -21.35
N PHE D 33 -37.23 -25.30 -21.56
CA PHE D 33 -36.06 -25.70 -20.80
C PHE D 33 -34.91 -24.72 -21.01
N ARG D 34 -34.66 -24.35 -22.26
CA ARG D 34 -33.60 -23.42 -22.58
C ARG D 34 -33.83 -22.05 -21.91
N ILE D 35 -35.04 -21.54 -21.98
CA ILE D 35 -35.32 -20.25 -21.35
C ILE D 35 -35.04 -20.33 -19.85
N LEU D 36 -35.47 -21.39 -19.19
CA LEU D 36 -35.27 -21.49 -17.74
C LEU D 36 -33.79 -21.52 -17.39
N ILE D 37 -32.99 -22.32 -18.11
CA ILE D 37 -31.57 -22.39 -17.80
C ILE D 37 -30.90 -21.04 -17.99
N VAL D 38 -31.23 -20.31 -19.05
CA VAL D 38 -30.55 -19.04 -19.25
C VAL D 38 -30.98 -18.04 -18.18
N ALA D 39 -32.27 -18.01 -17.86
CA ALA D 39 -32.77 -16.98 -16.97
C ALA D 39 -32.37 -17.15 -15.53
N ILE D 40 -32.25 -18.37 -15.03
CA ILE D 40 -32.07 -18.55 -13.59
C ILE D 40 -30.61 -18.55 -13.16
N VAL D 41 -29.70 -19.18 -13.89
CA VAL D 41 -28.35 -19.31 -13.41
C VAL D 41 -27.29 -18.52 -14.20
N GLY D 42 -27.43 -18.33 -15.51
CA GLY D 42 -26.36 -17.73 -16.27
C GLY D 42 -25.94 -16.32 -15.92
N GLU D 43 -26.83 -15.51 -15.36
CA GLU D 43 -26.39 -14.18 -14.97
C GLU D 43 -25.34 -14.17 -13.86
N THR D 44 -25.03 -15.30 -13.23
CA THR D 44 -24.21 -15.29 -12.04
C THR D 44 -22.95 -16.10 -12.20
N VAL D 45 -22.83 -16.83 -13.29
CA VAL D 45 -21.55 -17.40 -13.71
C VAL D 45 -20.63 -16.32 -14.26
N TYR D 46 -21.18 -15.39 -15.03
CA TYR D 46 -20.50 -14.28 -15.70
C TYR D 46 -20.37 -12.98 -14.90
N ASP D 47 -20.90 -12.89 -13.68
CA ASP D 47 -20.87 -11.63 -12.92
C ASP D 47 -19.46 -11.07 -12.68
N ASP D 48 -18.47 -11.91 -12.34
CA ASP D 48 -17.11 -11.42 -12.08
C ASP D 48 -16.16 -11.51 -13.29
N GLU D 49 -16.64 -11.37 -14.52
CA GLU D 49 -15.80 -11.65 -15.68
C GLU D 49 -14.61 -10.70 -15.79
N GLN D 50 -14.81 -9.40 -15.60
CA GLN D 50 -13.73 -8.42 -15.75
C GLN D 50 -13.03 -8.11 -14.44
N THR D 51 -13.73 -8.23 -13.32
CA THR D 51 -13.16 -7.96 -12.01
C THR D 51 -12.13 -9.02 -11.60
N MET D 52 -12.25 -10.26 -12.07
CA MET D 52 -11.27 -11.31 -11.84
C MET D 52 -10.38 -11.64 -13.04
N PHE D 53 -10.36 -10.81 -14.07
CA PHE D 53 -9.43 -10.89 -15.18
C PHE D 53 -8.17 -10.10 -14.84
N VAL D 54 -7.02 -10.73 -14.96
CA VAL D 54 -5.79 -10.10 -14.54
C VAL D 54 -4.62 -10.42 -15.48
N CYS D 55 -3.77 -9.42 -15.67
CA CYS D 55 -2.57 -9.45 -16.50
C CYS D 55 -1.31 -9.06 -15.70
N ASN D 56 -0.17 -9.61 -16.12
CA ASN D 56 1.16 -9.38 -15.55
C ASN D 56 1.80 -8.16 -16.19
N THR D 57 1.63 -7.01 -15.56
CA THR D 57 2.00 -5.71 -16.08
C THR D 57 1.85 -4.66 -14.99
N LEU D 58 2.51 -3.53 -15.20
CA LEU D 58 2.41 -2.33 -14.37
C LEU D 58 1.90 -1.13 -15.17
N GLN D 59 1.42 -1.35 -16.37
CA GLN D 59 0.99 -0.32 -17.29
C GLN D 59 -0.50 0.01 -17.12
N PRO D 60 -0.87 1.24 -16.89
CA PRO D 60 -2.30 1.58 -16.81
C PRO D 60 -3.01 1.46 -18.16
N GLY D 61 -4.18 0.83 -18.12
CA GLY D 61 -5.03 0.59 -19.26
C GLY D 61 -4.90 -0.72 -20.01
N CYS D 62 -3.94 -1.59 -19.68
CA CYS D 62 -3.73 -2.83 -20.43
C CYS D 62 -4.79 -3.87 -20.14
N ASN D 63 -5.25 -3.97 -18.89
CA ASN D 63 -6.29 -4.92 -18.53
C ASN D 63 -7.58 -4.66 -19.32
N GLN D 64 -7.95 -3.39 -19.44
CA GLN D 64 -9.14 -2.98 -20.20
C GLN D 64 -9.06 -3.39 -21.67
N ALA D 65 -7.96 -3.04 -22.34
CA ALA D 65 -7.77 -3.37 -23.75
C ALA D 65 -7.76 -4.87 -23.99
N CYS D 66 -7.09 -5.62 -23.13
CA CYS D 66 -6.97 -7.05 -23.31
C CYS D 66 -8.30 -7.78 -23.02
N TYR D 67 -9.06 -7.36 -22.00
CA TYR D 67 -10.38 -7.93 -21.80
C TYR D 67 -11.29 -7.67 -22.99
N ASP D 68 -11.28 -6.45 -23.55
CA ASP D 68 -12.14 -6.14 -24.68
C ASP D 68 -11.77 -6.98 -25.92
N ARG D 69 -10.47 -7.20 -26.16
CA ARG D 69 -10.07 -8.00 -27.31
C ARG D 69 -10.34 -9.50 -27.11
N ALA D 70 -10.21 -10.03 -25.89
CA ALA D 70 -10.49 -11.44 -25.63
C ALA D 70 -11.98 -11.76 -25.62
N PHE D 71 -12.82 -10.87 -25.08
CA PHE D 71 -14.25 -11.11 -24.94
C PHE D 71 -15.06 -9.93 -25.48
N PRO D 72 -15.22 -9.85 -26.81
CA PRO D 72 -15.93 -8.74 -27.44
C PRO D 72 -17.42 -8.64 -27.13
N ILE D 73 -18.16 -9.75 -27.25
CA ILE D 73 -19.53 -9.85 -26.79
C ILE D 73 -19.60 -11.06 -25.89
N SER D 74 -20.10 -10.85 -24.69
CA SER D 74 -20.25 -11.92 -23.72
C SER D 74 -21.30 -12.91 -24.16
N HIS D 75 -21.09 -14.16 -23.76
CA HIS D 75 -21.96 -15.26 -24.14
C HIS D 75 -23.40 -15.01 -23.75
N ILE D 76 -23.62 -14.52 -22.54
CA ILE D 76 -24.96 -14.39 -21.99
C ILE D 76 -25.79 -13.37 -22.75
N ARG D 77 -25.16 -12.30 -23.23
CA ARG D 77 -25.83 -11.32 -24.08
C ARG D 77 -26.28 -11.93 -25.41
N TYR D 78 -25.40 -12.67 -26.06
CA TYR D 78 -25.73 -13.36 -27.31
C TYR D 78 -26.89 -14.32 -27.14
N TRP D 79 -26.91 -15.09 -26.04
CA TRP D 79 -27.96 -16.06 -25.82
C TRP D 79 -29.31 -15.40 -25.54
N VAL D 80 -29.34 -14.32 -24.76
CA VAL D 80 -30.60 -13.60 -24.53
C VAL D 80 -31.14 -13.06 -25.85
N PHE D 81 -30.28 -12.45 -26.65
CA PHE D 81 -30.71 -11.92 -27.94
C PHE D 81 -31.29 -12.99 -28.85
N GLN D 82 -30.62 -14.13 -28.96
CA GLN D 82 -31.10 -15.23 -29.79
C GLN D 82 -32.46 -15.72 -29.34
N ILE D 83 -32.62 -15.93 -28.04
CA ILE D 83 -33.89 -16.39 -27.50
C ILE D 83 -35.01 -15.44 -27.86
N ILE D 84 -34.80 -14.14 -27.71
CA ILE D 84 -35.86 -13.19 -28.02
C ILE D 84 -36.18 -13.18 -29.52
N MET D 85 -35.16 -13.24 -30.38
CA MET D 85 -35.42 -13.14 -31.80
C MET D 85 -36.09 -14.38 -32.38
N VAL D 86 -35.88 -15.57 -31.79
CA VAL D 86 -36.55 -16.75 -32.31
C VAL D 86 -38.00 -16.88 -31.87
N CYS D 87 -38.53 -15.93 -31.10
CA CYS D 87 -39.93 -15.95 -30.67
C CYS D 87 -40.77 -14.86 -31.33
N THR D 88 -40.23 -14.17 -32.30
CA THR D 88 -40.85 -13.04 -32.97
C THR D 88 -41.93 -13.49 -33.97
N PRO D 89 -41.70 -14.55 -34.75
CA PRO D 89 -42.73 -15.01 -35.68
C PRO D 89 -44.02 -15.41 -34.99
N SER D 90 -43.92 -16.03 -33.82
CA SER D 90 -45.10 -16.36 -33.04
C SER D 90 -45.86 -15.12 -32.62
N LEU D 91 -45.16 -14.08 -32.15
CA LEU D 91 -45.86 -12.86 -31.76
C LEU D 91 -46.58 -12.23 -32.93
N CYS D 92 -45.95 -12.21 -34.11
CA CYS D 92 -46.63 -11.66 -35.27
C CYS D 92 -47.90 -12.44 -35.60
N PHE D 93 -47.80 -13.76 -35.63
CA PHE D 93 -48.95 -14.59 -35.91
C PHE D 93 -50.06 -14.36 -34.88
N ILE D 94 -49.69 -14.22 -33.61
CA ILE D 94 -50.66 -14.01 -32.55
C ILE D 94 -51.38 -12.68 -32.74
N THR D 95 -50.64 -11.62 -33.05
CA THR D 95 -51.25 -10.31 -33.23
C THR D 95 -52.21 -10.32 -34.41
N TYR D 96 -51.84 -11.00 -35.50
CA TYR D 96 -52.73 -11.16 -36.63
C TYR D 96 -54.00 -11.89 -36.25
N SER D 97 -53.87 -13.03 -35.59
CA SER D 97 -55.05 -13.81 -35.28
C SER D 97 -55.97 -13.05 -34.33
N VAL D 98 -55.39 -12.27 -33.41
CA VAL D 98 -56.22 -11.45 -32.54
C VAL D 98 -57.00 -10.44 -33.35
N HIS D 99 -56.38 -9.85 -34.37
CA HIS D 99 -57.12 -8.92 -35.21
C HIS D 99 -58.21 -9.63 -35.98
N GLN D 100 -57.96 -10.88 -36.39
CA GLN D 100 -58.92 -11.64 -37.16
C GLN D 100 -60.25 -11.81 -36.45
N SER D 101 -60.28 -11.66 -35.14
CA SER D 101 -61.49 -11.91 -34.36
C SER D 101 -62.34 -10.65 -34.27
N GLY D 221 -56.41 -16.33 -45.02
CA GLY D 221 -55.32 -17.24 -45.35
C GLY D 221 -54.39 -17.50 -44.17
N ILE D 222 -54.96 -18.06 -43.09
CA ILE D 222 -54.18 -18.33 -41.89
C ILE D 222 -53.10 -19.37 -42.17
N SER D 223 -53.41 -20.36 -43.02
CA SER D 223 -52.47 -21.44 -43.28
C SER D 223 -51.23 -20.93 -44.01
N ARG D 224 -51.40 -19.97 -44.90
CA ARG D 224 -50.23 -19.37 -45.54
C ARG D 224 -49.32 -18.69 -44.53
N PHE D 225 -49.91 -17.98 -43.57
CA PHE D 225 -49.12 -17.36 -42.51
C PHE D 225 -48.37 -18.42 -41.72
N TYR D 226 -49.02 -19.55 -41.46
CA TYR D 226 -48.36 -20.63 -40.75
C TYR D 226 -47.12 -21.11 -41.52
N ILE D 227 -47.30 -21.31 -42.83
CA ILE D 227 -46.19 -21.77 -43.67
C ILE D 227 -45.01 -20.81 -43.60
N ILE D 228 -45.29 -19.51 -43.79
CA ILE D 228 -44.22 -18.54 -43.87
C ILE D 228 -43.48 -18.44 -42.54
N GLN D 229 -44.22 -18.42 -41.43
CA GLN D 229 -43.55 -18.27 -40.15
C GLN D 229 -42.68 -19.48 -39.84
N VAL D 230 -43.10 -20.67 -40.27
CA VAL D 230 -42.29 -21.86 -40.08
C VAL D 230 -40.97 -21.72 -40.82
N VAL D 231 -41.05 -21.24 -42.06
CA VAL D 231 -39.85 -21.03 -42.87
C VAL D 231 -38.88 -20.09 -42.16
N PHE D 232 -39.42 -18.97 -41.65
CA PHE D 232 -38.58 -17.96 -41.01
C PHE D 232 -37.92 -18.48 -39.75
N ARG D 233 -38.66 -19.21 -38.91
CA ARG D 233 -38.07 -19.75 -37.69
C ARG D 233 -36.92 -20.70 -38.00
N ASN D 234 -37.11 -21.59 -38.97
CA ASN D 234 -36.03 -22.48 -39.37
C ASN D 234 -34.77 -21.69 -39.73
N ALA D 235 -34.93 -20.70 -40.60
CA ALA D 235 -33.78 -19.93 -41.05
C ALA D 235 -33.06 -19.24 -39.89
N LEU D 236 -33.83 -18.63 -39.00
CA LEU D 236 -33.24 -17.88 -37.90
C LEU D 236 -32.42 -18.78 -36.98
N GLU D 237 -32.91 -19.99 -36.71
CA GLU D 237 -32.19 -20.84 -35.77
C GLU D 237 -30.92 -21.40 -36.36
N ILE D 238 -30.92 -21.67 -37.66
CA ILE D 238 -29.70 -22.14 -38.28
C ILE D 238 -28.66 -21.03 -38.30
N GLY D 239 -29.07 -19.81 -38.61
CA GLY D 239 -28.13 -18.70 -38.59
C GLY D 239 -27.49 -18.50 -37.23
N PHE D 240 -28.28 -18.58 -36.16
CA PHE D 240 -27.73 -18.34 -34.84
C PHE D 240 -26.74 -19.43 -34.43
N LEU D 241 -27.03 -20.70 -34.73
CA LEU D 241 -26.10 -21.78 -34.42
C LEU D 241 -24.77 -21.64 -35.18
N VAL D 242 -24.84 -21.32 -36.48
CA VAL D 242 -23.63 -21.12 -37.27
C VAL D 242 -22.81 -19.97 -36.71
N GLY D 243 -23.46 -18.87 -36.36
CA GLY D 243 -22.74 -17.75 -35.79
C GLY D 243 -22.05 -18.09 -34.48
N GLN D 244 -22.70 -18.87 -33.63
CA GLN D 244 -22.08 -19.31 -32.39
C GLN D 244 -20.77 -20.06 -32.66
N TYR D 245 -20.82 -21.02 -33.59
CA TYR D 245 -19.60 -21.76 -33.92
C TYR D 245 -18.50 -20.83 -34.43
N PHE D 246 -18.84 -19.85 -35.26
CA PHE D 246 -17.80 -19.00 -35.81
C PHE D 246 -17.29 -17.95 -34.81
N LEU D 247 -18.11 -17.53 -33.84
CA LEU D 247 -17.67 -16.53 -32.88
C LEU D 247 -16.88 -17.13 -31.72
N TYR D 248 -17.30 -18.28 -31.18
CA TYR D 248 -16.75 -18.75 -29.91
C TYR D 248 -16.04 -20.09 -29.95
N GLY D 249 -16.38 -20.97 -30.87
CA GLY D 249 -15.85 -22.32 -30.88
C GLY D 249 -16.44 -23.28 -29.85
N PHE D 250 -15.59 -24.14 -29.31
CA PHE D 250 -16.02 -25.20 -28.40
C PHE D 250 -15.28 -25.18 -27.06
N SER D 251 -14.46 -24.16 -26.79
CA SER D 251 -13.75 -24.12 -25.52
C SER D 251 -13.36 -22.70 -25.16
N VAL D 252 -13.14 -22.49 -23.88
CA VAL D 252 -12.64 -21.24 -23.30
C VAL D 252 -11.31 -21.52 -22.61
N PRO D 253 -10.18 -21.06 -23.12
CA PRO D 253 -8.89 -21.32 -22.46
C PRO D 253 -8.64 -20.44 -21.24
N GLY D 254 -7.75 -20.95 -20.39
CA GLY D 254 -7.33 -20.28 -19.17
C GLY D 254 -6.30 -19.19 -19.32
N LEU D 255 -5.50 -19.21 -20.37
CA LEU D 255 -4.51 -18.18 -20.66
C LEU D 255 -4.88 -17.43 -21.94
N TYR D 256 -4.49 -16.16 -22.00
CA TYR D 256 -4.67 -15.33 -23.18
C TYR D 256 -3.42 -14.47 -23.43
N GLU D 257 -3.02 -14.37 -24.69
CA GLU D 257 -1.85 -13.63 -25.14
C GLU D 257 -2.25 -12.35 -25.87
N CYS D 258 -1.78 -11.20 -25.40
CA CYS D 258 -2.27 -9.89 -25.84
C CYS D 258 -1.14 -8.99 -26.35
N ASN D 259 -1.42 -8.25 -27.44
CA ASN D 259 -0.50 -7.30 -28.06
C ASN D 259 -1.19 -6.01 -28.50
N ARG D 260 -2.06 -5.44 -27.67
CA ARG D 260 -2.76 -4.20 -28.00
C ARG D 260 -2.25 -3.01 -27.19
N TYR D 261 -2.15 -1.86 -27.83
CA TYR D 261 -1.79 -0.62 -27.16
C TYR D 261 -2.76 -0.33 -26.02
N PRO D 262 -2.27 0.12 -24.85
CA PRO D 262 -0.94 0.57 -24.42
C PRO D 262 0.00 -0.49 -23.88
N CYS D 263 -0.29 -1.77 -24.06
CA CYS D 263 0.61 -2.82 -23.63
C CYS D 263 1.90 -2.80 -24.45
N ILE D 264 3.02 -2.88 -23.74
CA ILE D 264 4.34 -3.00 -24.32
C ILE D 264 4.54 -4.45 -24.75
N LYS D 265 4.91 -4.63 -26.01
CA LYS D 265 5.05 -5.96 -26.70
C LYS D 265 3.94 -6.97 -26.37
N GLU D 266 4.20 -8.24 -26.14
CA GLU D 266 3.15 -9.18 -25.80
C GLU D 266 3.17 -9.54 -24.32
N VAL D 267 1.97 -9.59 -23.75
CA VAL D 267 1.73 -9.86 -22.33
C VAL D 267 0.80 -11.07 -22.20
N GLU D 268 0.85 -11.68 -21.03
CA GLU D 268 0.06 -12.84 -20.67
C GLU D 268 -0.98 -12.47 -19.62
N CYS D 269 -2.22 -12.91 -19.86
CA CYS D 269 -3.36 -12.63 -19.01
C CYS D 269 -4.08 -13.93 -18.64
N TYR D 270 -4.88 -13.84 -17.58
CA TYR D 270 -5.48 -15.00 -16.92
C TYR D 270 -6.98 -14.80 -16.72
N VAL D 271 -7.78 -15.84 -17.07
CA VAL D 271 -9.24 -15.85 -17.14
C VAL D 271 -9.87 -16.46 -15.89
N SER D 272 -11.09 -16.05 -15.60
CA SER D 272 -11.89 -16.57 -14.50
C SER D 272 -12.88 -17.66 -14.95
N ARG D 273 -12.95 -18.72 -14.16
CA ARG D 273 -13.89 -19.83 -14.31
C ARG D 273 -13.96 -20.44 -15.72
N PRO D 274 -12.84 -20.86 -16.30
CA PRO D 274 -12.87 -21.37 -17.69
C PRO D 274 -13.61 -22.70 -17.92
N THR D 275 -13.51 -23.64 -16.98
CA THR D 275 -14.13 -24.97 -17.15
C THR D 275 -15.66 -24.90 -17.17
N GLU D 276 -16.25 -24.14 -16.24
CA GLU D 276 -17.70 -23.95 -16.17
C GLU D 276 -18.25 -23.29 -17.44
N LYS D 277 -17.52 -22.30 -17.98
CA LYS D 277 -17.93 -21.61 -19.20
C LYS D 277 -17.89 -22.52 -20.42
N THR D 278 -16.89 -23.40 -20.50
CA THR D 278 -16.85 -24.42 -21.56
C THR D 278 -18.03 -25.39 -21.48
N VAL D 279 -18.37 -25.84 -20.27
CA VAL D 279 -19.52 -26.74 -20.08
C VAL D 279 -20.82 -26.08 -20.57
N PHE D 280 -21.05 -24.82 -20.19
CA PHE D 280 -22.23 -24.07 -20.62
C PHE D 280 -22.30 -23.94 -22.15
N LEU D 281 -21.18 -23.60 -22.80
CA LEU D 281 -21.11 -23.55 -24.26
C LEU D 281 -21.57 -24.86 -24.92
N VAL D 282 -21.02 -25.99 -24.47
CA VAL D 282 -21.33 -27.28 -25.10
C VAL D 282 -22.80 -27.63 -24.92
N PHE D 283 -23.34 -27.42 -23.72
CA PHE D 283 -24.76 -27.69 -23.47
C PHE D 283 -25.67 -26.88 -24.40
N MET D 284 -25.39 -25.59 -24.55
CA MET D 284 -26.21 -24.75 -25.40
C MET D 284 -26.16 -25.17 -26.87
N PHE D 285 -24.98 -25.54 -27.38
CA PHE D 285 -24.92 -26.02 -28.76
C PHE D 285 -25.80 -27.26 -28.95
N ALA D 286 -25.76 -28.18 -27.99
CA ALA D 286 -26.56 -29.39 -28.10
C ALA D 286 -28.07 -29.11 -28.14
N VAL D 287 -28.57 -28.25 -27.25
CA VAL D 287 -30.00 -27.93 -27.23
C VAL D 287 -30.43 -27.29 -28.55
N SER D 288 -29.67 -26.31 -29.04
CA SER D 288 -30.06 -25.66 -30.29
C SER D 288 -30.04 -26.62 -31.47
N GLY D 289 -29.10 -27.57 -31.49
CA GLY D 289 -29.14 -28.59 -32.52
C GLY D 289 -30.40 -29.41 -32.51
N ILE D 290 -30.85 -29.82 -31.32
CA ILE D 290 -32.11 -30.55 -31.21
C ILE D 290 -33.25 -29.75 -31.84
N CYS D 291 -33.32 -28.46 -31.52
CA CYS D 291 -34.40 -27.63 -32.05
C CYS D 291 -34.35 -27.54 -33.58
N VAL D 292 -33.16 -27.41 -34.14
CA VAL D 292 -33.03 -27.36 -35.59
C VAL D 292 -33.57 -28.64 -36.22
N VAL D 293 -33.18 -29.78 -35.66
CA VAL D 293 -33.62 -31.07 -36.21
C VAL D 293 -35.13 -31.16 -36.20
N LEU D 294 -35.75 -30.82 -35.07
CA LEU D 294 -37.19 -30.96 -34.95
C LEU D 294 -37.95 -30.08 -35.95
N ASN D 295 -37.52 -28.82 -36.09
CA ASN D 295 -38.23 -27.94 -37.02
C ASN D 295 -38.05 -28.39 -38.47
N LEU D 296 -36.87 -28.90 -38.83
CA LEU D 296 -36.73 -29.45 -40.18
C LEU D 296 -37.64 -30.67 -40.35
N ALA D 297 -37.79 -31.47 -39.30
CA ALA D 297 -38.67 -32.60 -39.38
C ALA D 297 -40.04 -32.15 -39.85
N GLU D 298 -40.61 -31.16 -39.18
CA GLU D 298 -41.98 -30.77 -39.52
C GLU D 298 -42.05 -30.11 -40.90
N LEU D 299 -41.06 -29.28 -41.24
CA LEU D 299 -40.99 -28.69 -42.56
C LEU D 299 -41.05 -29.74 -43.66
N ASN D 300 -40.25 -30.80 -43.52
CA ASN D 300 -40.25 -31.84 -44.54
C ASN D 300 -41.49 -32.71 -44.47
N HIS D 301 -42.12 -32.78 -43.30
CA HIS D 301 -43.37 -33.53 -43.18
C HIS D 301 -44.49 -32.92 -43.99
N LEU D 302 -44.66 -31.61 -43.92
CA LEU D 302 -45.71 -31.00 -44.74
C LEU D 302 -45.28 -30.86 -46.20
N GLY D 303 -44.10 -30.31 -46.46
CA GLY D 303 -43.55 -30.31 -47.81
C GLY D 303 -43.97 -29.14 -48.67
N SER E 19 -50.80 -47.99 1.83
CA SER E 19 -49.35 -47.89 1.77
C SER E 19 -48.91 -47.19 0.47
N THR E 20 -49.50 -47.59 -0.65
CA THR E 20 -49.26 -46.89 -1.91
C THR E 20 -50.01 -45.58 -2.01
N MET E 21 -51.03 -45.37 -1.16
CA MET E 21 -51.77 -44.11 -1.17
C MET E 21 -50.92 -42.95 -0.64
N ILE E 22 -50.30 -43.12 0.53
CA ILE E 22 -49.51 -42.05 1.12
C ILE E 22 -48.21 -41.76 0.35
N GLY E 23 -47.69 -42.76 -0.36
CA GLY E 23 -46.42 -42.57 -1.05
C GLY E 23 -46.44 -41.42 -2.02
N ARG E 24 -47.54 -41.26 -2.75
CA ARG E 24 -47.67 -40.16 -3.69
C ARG E 24 -47.67 -38.82 -2.97
N ILE E 25 -48.37 -38.76 -1.83
CA ILE E 25 -48.51 -37.52 -1.07
C ILE E 25 -47.13 -37.08 -0.59
N LEU E 26 -46.36 -38.03 -0.09
CA LEU E 26 -45.06 -37.68 0.42
C LEU E 26 -44.07 -37.36 -0.68
N LEU E 27 -44.20 -38.00 -1.83
CA LEU E 27 -43.33 -37.64 -2.93
C LEU E 27 -43.52 -36.20 -3.33
N THR E 28 -44.78 -35.77 -3.42
CA THR E 28 -45.07 -34.39 -3.77
C THR E 28 -44.48 -33.44 -2.73
N VAL E 29 -44.57 -33.82 -1.46
CA VAL E 29 -44.08 -32.97 -0.37
C VAL E 29 -42.55 -32.88 -0.38
N VAL E 30 -41.87 -34.00 -0.66
CA VAL E 30 -40.41 -34.03 -0.69
C VAL E 30 -39.89 -33.14 -1.82
N VAL E 31 -40.52 -33.23 -2.98
CA VAL E 31 -40.12 -32.43 -4.12
C VAL E 31 -40.22 -30.95 -3.80
N ILE E 32 -41.35 -30.54 -3.23
CA ILE E 32 -41.54 -29.13 -2.92
C ILE E 32 -40.54 -28.65 -1.87
N PHE E 33 -40.27 -29.47 -0.85
CA PHE E 33 -39.32 -29.11 0.19
C PHE E 33 -37.95 -28.83 -0.38
N ARG E 34 -37.49 -29.72 -1.26
CA ARG E 34 -36.19 -29.57 -1.90
C ARG E 34 -36.12 -28.27 -2.72
N ILE E 35 -37.14 -27.99 -3.52
CA ILE E 35 -37.13 -26.77 -4.30
C ILE E 35 -37.02 -25.54 -3.40
N LEU E 36 -37.78 -25.51 -2.30
CA LEU E 36 -37.76 -24.35 -1.43
C LEU E 36 -36.39 -24.14 -0.80
N ILE E 37 -35.76 -25.22 -0.31
CA ILE E 37 -34.44 -25.08 0.29
C ILE E 37 -33.42 -24.56 -0.71
N VAL E 38 -33.45 -25.06 -1.94
CA VAL E 38 -32.44 -24.61 -2.90
C VAL E 38 -32.69 -23.15 -3.27
N ALA E 39 -33.95 -22.79 -3.49
CA ALA E 39 -34.26 -21.46 -4.01
C ALA E 39 -34.05 -20.34 -3.00
N ILE E 40 -34.31 -20.57 -1.72
CA ILE E 40 -34.32 -19.45 -0.78
C ILE E 40 -32.96 -19.18 -0.17
N VAL E 41 -32.19 -20.17 0.22
CA VAL E 41 -30.97 -19.91 0.95
C VAL E 41 -29.67 -20.22 0.19
N GLY E 42 -29.63 -21.23 -0.68
CA GLY E 42 -28.36 -21.64 -1.27
C GLY E 42 -27.63 -20.61 -2.11
N GLU E 43 -28.32 -19.67 -2.73
CA GLU E 43 -27.59 -18.66 -3.48
C GLU E 43 -26.70 -17.77 -2.62
N THR E 44 -26.75 -17.85 -1.30
CA THR E 44 -26.09 -16.86 -0.48
C THR E 44 -25.06 -17.50 0.44
N VAL E 45 -25.03 -18.82 0.51
CA VAL E 45 -23.92 -19.54 1.11
C VAL E 45 -22.69 -19.49 0.19
N TYR E 46 -22.90 -19.64 -1.10
CA TYR E 46 -21.89 -19.67 -2.17
C TYR E 46 -21.50 -18.31 -2.77
N ASP E 47 -22.11 -17.19 -2.37
CA ASP E 47 -21.82 -15.89 -2.98
C ASP E 47 -20.34 -15.48 -2.92
N ASP E 48 -19.65 -15.69 -1.79
CA ASP E 48 -18.24 -15.29 -1.68
C ASP E 48 -17.23 -16.41 -1.97
N GLU E 49 -17.55 -17.36 -2.86
CA GLU E 49 -16.70 -18.53 -2.99
C GLU E 49 -15.28 -18.20 -3.50
N GLN E 50 -15.16 -17.34 -4.51
CA GLN E 50 -13.86 -17.03 -5.08
C GLN E 50 -13.22 -15.78 -4.46
N THR E 51 -14.03 -14.86 -3.98
CA THR E 51 -13.56 -13.63 -3.37
C THR E 51 -12.87 -13.90 -2.02
N MET E 52 -13.27 -14.94 -1.29
CA MET E 52 -12.63 -15.34 -0.04
C MET E 52 -11.74 -16.59 -0.15
N PHE E 53 -11.41 -17.03 -1.35
CA PHE E 53 -10.42 -18.07 -1.60
C PHE E 53 -9.05 -17.44 -1.72
N VAL E 54 -8.09 -17.94 -0.96
CA VAL E 54 -6.78 -17.31 -0.92
C VAL E 54 -5.65 -18.34 -0.82
N CYS E 55 -4.56 -18.04 -1.50
CA CYS E 55 -3.34 -18.83 -1.57
C CYS E 55 -2.10 -18.01 -1.13
N ASN E 56 -1.11 -18.72 -0.58
CA ASN E 56 0.17 -18.19 -0.11
C ASN E 56 1.17 -18.13 -1.26
N THR E 57 1.24 -16.98 -1.90
CA THR E 57 2.00 -16.77 -3.13
C THR E 57 2.02 -15.29 -3.46
N LEU E 58 2.97 -14.91 -4.31
CA LEU E 58 3.10 -13.58 -4.88
C LEU E 58 3.01 -13.59 -6.40
N GLN E 59 2.61 -14.71 -6.98
CA GLN E 59 2.55 -14.91 -8.41
C GLN E 59 1.20 -14.52 -8.99
N PRO E 60 1.14 -13.66 -9.98
CA PRO E 60 -0.15 -13.34 -10.61
C PRO E 60 -0.73 -14.51 -11.40
N GLY E 61 -2.02 -14.74 -11.19
CA GLY E 61 -2.79 -15.79 -11.82
C GLY E 61 -2.94 -17.12 -11.10
N CYS E 62 -2.28 -17.34 -9.97
CA CYS E 62 -2.32 -18.64 -9.30
C CYS E 62 -3.66 -18.87 -8.58
N ASN E 63 -4.24 -17.83 -7.98
CA ASN E 63 -5.52 -17.97 -7.31
C ASN E 63 -6.61 -18.43 -8.29
N GLN E 64 -6.62 -17.85 -9.50
CA GLN E 64 -7.58 -18.23 -10.54
C GLN E 64 -7.47 -19.69 -10.95
N ALA E 65 -6.26 -20.15 -11.26
CA ALA E 65 -6.02 -21.52 -11.67
C ALA E 65 -6.38 -22.52 -10.58
N CYS E 66 -6.03 -22.20 -9.35
CA CYS E 66 -6.27 -23.11 -8.24
C CYS E 66 -7.75 -23.17 -7.87
N TYR E 67 -8.47 -22.05 -7.90
CA TYR E 67 -9.92 -22.10 -7.68
C TYR E 67 -10.60 -22.93 -8.77
N ASP E 68 -10.21 -22.76 -10.03
CA ASP E 68 -10.85 -23.52 -11.11
C ASP E 68 -10.59 -25.02 -10.97
N ARG E 69 -9.38 -25.42 -10.55
CA ARG E 69 -9.10 -26.84 -10.39
C ARG E 69 -9.77 -27.45 -9.13
N ALA E 70 -9.90 -26.68 -8.05
CA ALA E 70 -10.57 -27.18 -6.84
C ALA E 70 -12.08 -27.26 -6.99
N PHE E 71 -12.71 -26.28 -7.67
CA PHE E 71 -14.15 -26.21 -7.80
C PHE E 71 -14.57 -26.01 -9.26
N PRO E 72 -14.57 -27.09 -10.04
CA PRO E 72 -14.90 -27.00 -11.47
C PRO E 72 -16.34 -26.61 -11.79
N ILE E 73 -17.32 -27.25 -11.16
CA ILE E 73 -18.71 -26.84 -11.22
C ILE E 73 -19.19 -26.70 -9.79
N SER E 74 -19.73 -25.53 -9.48
CA SER E 74 -20.24 -25.27 -8.15
C SER E 74 -21.48 -26.10 -7.86
N HIS E 75 -21.64 -26.43 -6.58
CA HIS E 75 -22.72 -27.28 -6.13
C HIS E 75 -24.08 -26.74 -6.53
N ILE E 76 -24.28 -25.43 -6.37
CA ILE E 76 -25.58 -24.82 -6.54
C ILE E 76 -26.04 -24.90 -8.00
N ARG E 77 -25.10 -24.77 -8.94
CA ARG E 77 -25.40 -24.95 -10.36
C ARG E 77 -25.87 -26.37 -10.67
N TYR E 78 -25.16 -27.37 -10.16
CA TYR E 78 -25.53 -28.77 -10.35
C TYR E 78 -26.92 -29.05 -9.79
N TRP E 79 -27.24 -28.53 -8.62
CA TRP E 79 -28.53 -28.79 -7.99
C TRP E 79 -29.68 -28.13 -8.76
N VAL E 80 -29.50 -26.89 -9.23
CA VAL E 80 -30.54 -26.26 -10.04
C VAL E 80 -30.80 -27.06 -11.31
N PHE E 81 -29.73 -27.48 -11.99
CA PHE E 81 -29.87 -28.27 -13.20
C PHE E 81 -30.63 -29.57 -12.96
N GLN E 82 -30.27 -30.31 -11.91
CA GLN E 82 -30.94 -31.56 -11.58
C GLN E 82 -32.42 -31.36 -11.32
N ILE E 83 -32.75 -30.34 -10.53
CA ILE E 83 -34.14 -30.06 -10.22
C ILE E 83 -34.93 -29.81 -11.48
N ILE E 84 -34.40 -29.01 -12.40
CA ILE E 84 -35.15 -28.72 -13.63
C ILE E 84 -35.30 -29.97 -14.49
N MET E 85 -34.25 -30.78 -14.61
CA MET E 85 -34.33 -31.94 -15.50
C MET E 85 -35.25 -33.03 -14.97
N VAL E 86 -35.41 -33.16 -13.65
CA VAL E 86 -36.32 -34.19 -13.13
C VAL E 86 -37.80 -33.79 -13.21
N CYS E 87 -38.13 -32.62 -13.74
CA CYS E 87 -39.51 -32.18 -13.87
C CYS E 87 -39.97 -32.13 -15.32
N THR E 88 -39.17 -32.63 -16.24
CA THR E 88 -39.42 -32.58 -17.67
C THR E 88 -40.46 -33.60 -18.12
N PRO E 89 -40.45 -34.83 -17.59
CA PRO E 89 -41.47 -35.80 -17.99
C PRO E 89 -42.88 -35.34 -17.67
N SER E 90 -43.06 -34.69 -16.53
CA SER E 90 -44.35 -34.13 -16.18
C SER E 90 -44.79 -33.08 -17.19
N LEU E 91 -43.91 -32.17 -17.59
CA LEU E 91 -44.29 -31.16 -18.57
C LEU E 91 -44.70 -31.79 -19.89
N CYS E 92 -43.98 -32.82 -20.33
CA CYS E 92 -44.37 -33.49 -21.57
C CYS E 92 -45.76 -34.10 -21.45
N PHE E 93 -46.01 -34.80 -20.36
CA PHE E 93 -47.30 -35.43 -20.16
C PHE E 93 -48.42 -34.37 -20.11
N ILE E 94 -48.15 -33.24 -19.47
CA ILE E 94 -49.13 -32.17 -19.36
C ILE E 94 -49.45 -31.59 -20.73
N THR E 95 -48.43 -31.34 -21.54
CA THR E 95 -48.65 -30.78 -22.87
C THR E 95 -49.47 -31.73 -23.75
N TYR E 96 -49.17 -33.03 -23.65
CA TYR E 96 -49.96 -34.04 -24.35
C TYR E 96 -51.41 -34.02 -23.91
N SER E 97 -51.64 -34.06 -22.61
CA SER E 97 -53.02 -34.14 -22.14
C SER E 97 -53.79 -32.88 -22.52
N VAL E 98 -53.13 -31.73 -22.52
CA VAL E 98 -53.79 -30.50 -22.96
C VAL E 98 -54.21 -30.63 -24.41
N HIS E 99 -53.34 -31.22 -25.24
CA HIS E 99 -53.73 -31.40 -26.64
C HIS E 99 -54.89 -32.38 -26.76
N GLN E 100 -54.93 -33.39 -25.89
CA GLN E 100 -55.98 -34.40 -25.93
C GLN E 100 -57.37 -33.80 -25.79
N SER E 101 -57.48 -32.60 -25.24
CA SER E 101 -58.78 -32.01 -24.97
C SER E 101 -59.28 -31.22 -26.18
N GLY E 221 -54.03 -43.66 -25.49
CA GLY E 221 -53.19 -44.48 -24.63
C GLY E 221 -52.48 -43.67 -23.55
N ILE E 222 -53.28 -43.01 -22.71
CA ILE E 222 -52.72 -42.17 -21.65
C ILE E 222 -51.93 -43.02 -20.65
N SER E 223 -52.40 -44.24 -20.37
CA SER E 223 -51.75 -45.08 -19.36
C SER E 223 -50.36 -45.50 -19.82
N ARG E 224 -50.19 -45.75 -21.11
CA ARG E 224 -48.85 -46.05 -21.60
C ARG E 224 -47.89 -44.88 -21.39
N PHE E 225 -48.37 -43.66 -21.63
CA PHE E 225 -47.55 -42.48 -21.37
C PHE E 225 -47.18 -42.40 -19.89
N TYR E 226 -48.13 -42.73 -19.02
CA TYR E 226 -47.85 -42.74 -17.59
C TYR E 226 -46.71 -43.71 -17.27
N ILE E 227 -46.79 -44.92 -17.82
CA ILE E 227 -45.77 -45.93 -17.58
C ILE E 227 -44.40 -45.43 -18.00
N ILE E 228 -44.32 -44.91 -19.23
CA ILE E 228 -43.02 -44.52 -19.76
C ILE E 228 -42.42 -43.38 -18.96
N GLN E 229 -43.23 -42.39 -18.61
CA GLN E 229 -42.67 -41.26 -17.88
C GLN E 229 -42.19 -41.68 -16.50
N VAL E 230 -42.86 -42.64 -15.88
CA VAL E 230 -42.41 -43.15 -14.58
C VAL E 230 -41.03 -43.78 -14.72
N VAL E 231 -40.85 -44.58 -15.77
CA VAL E 231 -39.58 -45.22 -16.02
C VAL E 231 -38.47 -44.18 -16.15
N PHE E 232 -38.74 -43.13 -16.95
CA PHE E 232 -37.74 -42.11 -17.22
C PHE E 232 -37.36 -41.34 -15.96
N ARG E 233 -38.34 -40.97 -15.14
CA ARG E 233 -38.04 -40.25 -13.90
C ARG E 233 -37.16 -41.07 -12.98
N ASN E 234 -37.48 -42.35 -12.82
CA ASN E 234 -36.62 -43.22 -12.00
C ASN E 234 -35.18 -43.19 -12.47
N ALA E 235 -34.99 -43.39 -13.77
CA ALA E 235 -33.63 -43.44 -14.32
C ALA E 235 -32.89 -42.13 -14.07
N LEU E 236 -33.55 -41.00 -14.32
CA LEU E 236 -32.89 -39.72 -14.20
C LEU E 236 -32.43 -39.45 -12.77
N GLU E 237 -33.24 -39.83 -11.78
CA GLU E 237 -32.86 -39.50 -10.42
C GLU E 237 -31.74 -40.38 -9.91
N ILE E 238 -31.69 -41.63 -10.37
CA ILE E 238 -30.57 -42.46 -9.97
C ILE E 238 -29.27 -41.96 -10.59
N GLY E 239 -29.33 -41.56 -11.86
CA GLY E 239 -28.14 -41.01 -12.50
C GLY E 239 -27.60 -39.80 -11.78
N PHE E 240 -28.49 -38.88 -11.38
CA PHE E 240 -28.02 -37.67 -10.74
C PHE E 240 -27.40 -37.94 -9.37
N LEU E 241 -27.98 -38.85 -8.58
CA LEU E 241 -27.40 -39.20 -7.29
C LEU E 241 -26.02 -39.85 -7.42
N VAL E 242 -25.88 -40.78 -8.37
CA VAL E 242 -24.58 -41.42 -8.62
C VAL E 242 -23.54 -40.39 -9.03
N GLY E 243 -23.91 -39.48 -9.92
CA GLY E 243 -22.98 -38.45 -10.34
C GLY E 243 -22.53 -37.55 -9.20
N GLN E 244 -23.45 -37.19 -8.30
CA GLN E 244 -23.08 -36.40 -7.13
C GLN E 244 -22.01 -37.10 -6.32
N TYR E 245 -22.21 -38.39 -6.02
CA TYR E 245 -21.21 -39.12 -5.26
C TYR E 245 -19.85 -39.13 -5.97
N PHE E 246 -19.85 -39.31 -7.29
CA PHE E 246 -18.56 -39.38 -7.99
C PHE E 246 -17.90 -38.02 -8.18
N LEU E 247 -18.67 -36.93 -8.25
CA LEU E 247 -18.09 -35.61 -8.43
C LEU E 247 -17.59 -34.98 -7.13
N TYR E 248 -18.35 -35.10 -6.03
CA TYR E 248 -18.07 -34.29 -4.85
C TYR E 248 -17.74 -35.07 -3.59
N GLY E 249 -18.20 -36.30 -3.44
CA GLY E 249 -18.05 -37.04 -2.22
C GLY E 249 -18.97 -36.63 -1.07
N PHE E 250 -18.43 -36.67 0.15
CA PHE E 250 -19.21 -36.43 1.36
C PHE E 250 -18.63 -35.33 2.24
N SER E 251 -17.61 -34.61 1.79
CA SER E 251 -17.03 -33.54 2.60
C SER E 251 -16.32 -32.52 1.73
N VAL E 252 -16.18 -31.32 2.30
CA VAL E 252 -15.43 -30.21 1.72
C VAL E 252 -14.30 -29.84 2.67
N PRO E 253 -13.04 -30.10 2.33
CA PRO E 253 -11.94 -29.74 3.23
C PRO E 253 -11.58 -28.26 3.22
N GLY E 254 -10.94 -27.85 4.32
CA GLY E 254 -10.48 -26.49 4.53
C GLY E 254 -9.20 -26.10 3.84
N LEU E 255 -8.33 -27.06 3.54
CA LEU E 255 -7.08 -26.82 2.82
C LEU E 255 -7.11 -27.50 1.46
N TYR E 256 -6.40 -26.91 0.51
CA TYR E 256 -6.24 -27.46 -0.83
C TYR E 256 -4.79 -27.29 -1.31
N GLU E 257 -4.25 -28.33 -1.93
CA GLU E 257 -2.89 -28.39 -2.45
C GLU E 257 -2.87 -28.33 -3.98
N CYS E 258 -2.16 -27.35 -4.54
CA CYS E 258 -2.23 -27.02 -5.96
C CYS E 258 -0.88 -27.05 -6.64
N ASN E 259 -0.85 -27.57 -7.87
CA ASN E 259 0.34 -27.64 -8.72
C ASN E 259 0.07 -27.31 -10.18
N ARG E 260 -0.70 -26.25 -10.46
CA ARG E 260 -1.02 -25.85 -11.82
C ARG E 260 -0.29 -24.57 -12.22
N TYR E 261 0.17 -24.52 -13.47
CA TYR E 261 0.78 -23.32 -14.02
C TYR E 261 -0.19 -22.14 -13.94
N PRO E 262 0.28 -20.94 -13.57
CA PRO E 262 1.62 -20.42 -13.34
C PRO E 262 2.21 -20.56 -11.94
N CYS E 263 1.61 -21.37 -11.09
CA CYS E 263 2.16 -21.60 -9.76
C CYS E 263 3.48 -22.36 -9.84
N ILE E 264 4.46 -21.87 -9.10
CA ILE E 264 5.76 -22.50 -8.95
C ILE E 264 5.61 -23.62 -7.95
N LYS E 265 6.04 -24.81 -8.35
CA LYS E 265 5.90 -26.10 -7.58
C LYS E 265 4.53 -26.28 -6.90
N GLU E 266 4.42 -26.77 -5.67
CA GLU E 266 3.14 -26.91 -5.02
C GLU E 266 2.92 -25.85 -3.97
N VAL E 267 1.70 -25.32 -3.96
CA VAL E 267 1.26 -24.24 -3.08
C VAL E 267 0.04 -24.72 -2.28
N GLU E 268 -0.19 -24.03 -1.17
CA GLU E 268 -1.29 -24.29 -0.25
C GLU E 268 -2.30 -23.15 -0.30
N CYS E 269 -3.57 -23.51 -0.41
CA CYS E 269 -4.68 -22.58 -0.50
C CYS E 269 -5.75 -22.90 0.54
N TYR E 270 -6.60 -21.92 0.80
CA TYR E 270 -7.54 -21.93 1.91
C TYR E 270 -8.95 -21.56 1.44
N VAL E 271 -9.95 -22.36 1.88
CA VAL E 271 -11.35 -22.35 1.45
C VAL E 271 -12.24 -21.56 2.42
N SER E 272 -13.33 -21.02 1.91
CA SER E 272 -14.35 -20.32 2.69
C SER E 272 -15.53 -21.21 3.05
N ARG E 273 -15.96 -21.09 4.32
CA ARG E 273 -17.13 -21.76 4.87
C ARG E 273 -17.23 -23.27 4.61
N PRO E 274 -16.21 -24.04 4.97
CA PRO E 274 -16.24 -25.48 4.65
C PRO E 274 -17.26 -26.33 5.41
N THR E 275 -17.51 -26.04 6.68
CA THR E 275 -18.43 -26.84 7.50
C THR E 275 -19.89 -26.74 7.02
N GLU E 276 -20.35 -25.52 6.73
CA GLU E 276 -21.69 -25.27 6.20
C GLU E 276 -21.92 -25.99 4.86
N LYS E 277 -20.91 -25.97 3.99
CA LYS E 277 -21.01 -26.61 2.68
C LYS E 277 -21.09 -28.14 2.81
N THR E 278 -20.35 -28.72 3.75
CA THR E 278 -20.47 -30.15 4.03
C THR E 278 -21.87 -30.53 4.54
N VAL E 279 -22.44 -29.72 5.44
CA VAL E 279 -23.78 -29.96 5.95
C VAL E 279 -24.82 -29.95 4.81
N PHE E 280 -24.74 -28.96 3.92
CA PHE E 280 -25.64 -28.87 2.76
C PHE E 280 -25.53 -30.10 1.85
N LEU E 281 -24.30 -30.53 1.54
CA LEU E 281 -24.08 -31.76 0.77
C LEU E 281 -24.78 -32.98 1.37
N VAL E 282 -24.60 -33.22 2.67
CA VAL E 282 -25.18 -34.41 3.30
C VAL E 282 -26.70 -34.37 3.27
N PHE E 283 -27.28 -33.20 3.57
CA PHE E 283 -28.74 -33.05 3.53
C PHE E 283 -29.31 -33.36 2.15
N MET E 284 -28.68 -32.83 1.10
CA MET E 284 -29.17 -33.06 -0.25
C MET E 284 -29.09 -34.54 -0.65
N PHE E 285 -28.00 -35.23 -0.29
CA PHE E 285 -27.93 -36.66 -0.59
C PHE E 285 -29.08 -37.42 0.07
N ALA E 286 -29.39 -37.09 1.32
CA ALA E 286 -30.47 -37.78 2.03
C ALA E 286 -31.83 -37.58 1.36
N VAL E 287 -32.16 -36.33 0.99
CA VAL E 287 -33.45 -36.08 0.36
C VAL E 287 -33.58 -36.84 -0.97
N SER E 288 -32.55 -36.79 -1.81
CA SER E 288 -32.62 -37.49 -3.09
C SER E 288 -32.75 -39.00 -2.91
N GLY E 289 -32.10 -39.56 -1.90
CA GLY E 289 -32.28 -40.96 -1.61
C GLY E 289 -33.73 -41.32 -1.29
N ILE E 290 -34.37 -40.50 -0.47
CA ILE E 290 -35.79 -40.71 -0.16
C ILE E 290 -36.60 -40.77 -1.45
N CYS E 291 -36.37 -39.82 -2.35
CA CYS E 291 -37.14 -39.78 -3.59
C CYS E 291 -36.92 -41.03 -4.44
N VAL E 292 -35.68 -41.50 -4.51
CA VAL E 292 -35.39 -42.71 -5.26
C VAL E 292 -36.19 -43.89 -4.70
N VAL E 293 -36.17 -44.04 -3.37
CA VAL E 293 -36.87 -45.15 -2.74
C VAL E 293 -38.36 -45.11 -3.07
N LEU E 294 -38.96 -43.93 -2.95
CA LEU E 294 -40.41 -43.83 -3.15
C LEU E 294 -40.80 -44.17 -4.59
N ASN E 295 -40.05 -43.66 -5.57
CA ASN E 295 -40.40 -43.95 -6.95
C ASN E 295 -40.21 -45.43 -7.29
N LEU E 296 -39.17 -46.07 -6.75
CA LEU E 296 -39.06 -47.51 -6.95
C LEU E 296 -40.22 -48.24 -6.30
N ALA E 297 -40.68 -47.75 -5.15
CA ALA E 297 -41.82 -48.37 -4.51
C ALA E 297 -42.98 -48.45 -5.50
N GLU E 298 -43.33 -47.33 -6.11
CA GLU E 298 -44.49 -47.35 -6.98
C GLU E 298 -44.26 -48.17 -8.25
N LEU E 299 -43.06 -48.07 -8.82
CA LEU E 299 -42.71 -48.89 -9.98
C LEU E 299 -42.93 -50.39 -9.70
N ASN E 300 -42.46 -50.86 -8.56
CA ASN E 300 -42.64 -52.27 -8.24
C ASN E 300 -44.06 -52.60 -7.83
N HIS E 301 -44.80 -51.61 -7.35
CA HIS E 301 -46.20 -51.82 -7.01
C HIS E 301 -47.04 -52.13 -8.23
N LEU E 302 -46.87 -51.37 -9.31
CA LEU E 302 -47.63 -51.69 -10.52
C LEU E 302 -47.05 -52.89 -11.27
N GLY E 303 -45.75 -52.89 -11.52
CA GLY E 303 -45.09 -54.07 -12.08
C GLY E 303 -45.10 -54.17 -13.58
N SER F 19 -61.54 -20.71 25.92
CA SER F 19 -60.12 -20.78 26.20
C SER F 19 -59.38 -21.55 25.10
N THR F 20 -59.94 -22.68 24.68
CA THR F 20 -59.41 -23.39 23.52
C THR F 20 -59.78 -22.75 22.20
N MET F 21 -60.77 -21.86 22.19
CA MET F 21 -61.15 -21.17 20.96
C MET F 21 -60.09 -20.16 20.52
N ILE F 22 -59.65 -19.29 21.44
CA ILE F 22 -58.68 -18.27 21.09
C ILE F 22 -57.29 -18.85 20.82
N GLY F 23 -56.96 -20.00 21.40
CA GLY F 23 -55.63 -20.56 21.24
C GLY F 23 -55.25 -20.79 19.79
N ARG F 24 -56.20 -21.26 18.99
CA ARG F 24 -55.94 -21.47 17.57
C ARG F 24 -55.67 -20.15 16.85
N ILE F 25 -56.43 -19.12 17.21
CA ILE F 25 -56.30 -17.82 16.56
C ILE F 25 -54.93 -17.25 16.82
N LEU F 26 -54.47 -17.37 18.07
CA LEU F 26 -53.18 -16.82 18.41
C LEU F 26 -52.04 -17.65 17.86
N LEU F 27 -52.23 -18.95 17.74
CA LEU F 27 -51.18 -19.76 17.12
C LEU F 27 -50.96 -19.33 15.69
N THR F 28 -52.04 -19.11 14.95
CA THR F 28 -51.92 -18.66 13.57
C THR F 28 -51.21 -17.31 13.49
N VAL F 29 -51.52 -16.43 14.44
CA VAL F 29 -50.93 -15.10 14.45
C VAL F 29 -49.44 -15.13 14.79
N VAL F 30 -49.05 -16.00 15.74
CA VAL F 30 -47.65 -16.12 16.14
C VAL F 30 -46.81 -16.65 15.00
N VAL F 31 -47.33 -17.65 14.29
CA VAL F 31 -46.61 -18.22 13.15
C VAL F 31 -46.36 -17.16 12.10
N ILE F 32 -47.39 -16.40 11.75
CA ILE F 32 -47.23 -15.39 10.71
C ILE F 32 -46.25 -14.29 11.14
N PHE F 33 -46.32 -13.88 12.41
CA PHE F 33 -45.42 -12.84 12.91
C PHE F 33 -43.96 -13.28 12.77
N ARG F 34 -43.66 -14.52 13.16
CA ARG F 34 -42.31 -15.05 13.07
C ARG F 34 -41.82 -15.07 11.62
N ILE F 35 -42.65 -15.55 10.70
CA ILE F 35 -42.24 -15.57 9.29
C ILE F 35 -41.91 -14.16 8.80
N LEU F 36 -42.75 -13.18 9.13
CA LEU F 36 -42.50 -11.83 8.65
C LEU F 36 -41.18 -11.27 9.18
N ILE F 37 -40.92 -11.44 10.49
CA ILE F 37 -39.67 -10.93 11.04
C ILE F 37 -38.46 -11.58 10.38
N VAL F 38 -38.50 -12.88 10.14
CA VAL F 38 -37.32 -13.51 9.56
C VAL F 38 -37.14 -13.06 8.12
N ALA F 39 -38.23 -12.98 7.36
CA ALA F 39 -38.14 -12.70 5.94
C ALA F 39 -37.74 -11.28 5.61
N ILE F 40 -38.17 -10.29 6.39
CA ILE F 40 -37.98 -8.91 5.96
C ILE F 40 -36.66 -8.31 6.42
N VAL F 41 -36.22 -8.56 7.65
CA VAL F 41 -35.05 -7.86 8.15
C VAL F 41 -33.81 -8.74 8.37
N GLY F 42 -33.95 -10.02 8.74
CA GLY F 42 -32.78 -10.80 9.11
C GLY F 42 -31.72 -11.02 8.04
N GLU F 43 -32.09 -11.02 6.78
CA GLU F 43 -31.05 -11.17 5.77
C GLU F 43 -30.04 -10.02 5.73
N THR F 44 -30.24 -8.93 6.47
CA THR F 44 -29.42 -7.76 6.28
C THR F 44 -28.70 -7.36 7.56
N VAL F 45 -29.02 -8.00 8.67
CA VAL F 45 -28.20 -7.93 9.86
C VAL F 45 -26.92 -8.75 9.70
N TYR F 46 -27.03 -9.93 9.08
CA TYR F 46 -25.97 -10.89 8.83
C TYR F 46 -25.17 -10.72 7.53
N ASP F 47 -25.51 -9.76 6.66
CA ASP F 47 -24.83 -9.61 5.37
C ASP F 47 -23.31 -9.43 5.47
N ASP F 48 -22.80 -8.62 6.41
CA ASP F 48 -21.36 -8.39 6.53
C ASP F 48 -20.65 -9.29 7.56
N GLU F 49 -21.12 -10.52 7.79
CA GLU F 49 -20.60 -11.29 8.91
C GLU F 49 -19.11 -11.63 8.77
N GLN F 50 -18.66 -12.05 7.57
CA GLN F 50 -17.28 -12.44 7.38
C GLN F 50 -16.40 -11.30 6.87
N THR F 51 -16.98 -10.37 6.15
CA THR F 51 -16.27 -9.23 5.60
C THR F 51 -15.81 -8.26 6.70
N MET F 52 -16.54 -8.15 7.82
CA MET F 52 -16.15 -7.34 8.97
C MET F 52 -15.61 -8.14 10.16
N PHE F 53 -15.29 -9.42 9.99
CA PHE F 53 -14.59 -10.23 10.97
C PHE F 53 -13.10 -10.08 10.77
N VAL F 54 -12.39 -9.74 11.84
CA VAL F 54 -10.97 -9.45 11.71
C VAL F 54 -10.16 -9.98 12.91
N CYS F 55 -8.96 -10.45 12.60
CA CYS F 55 -7.99 -11.00 13.54
C CYS F 55 -6.64 -10.26 13.46
N ASN F 56 -5.92 -10.23 14.58
CA ASN F 56 -4.60 -9.62 14.74
C ASN F 56 -3.51 -10.62 14.38
N THR F 57 -3.08 -10.57 13.13
CA THR F 57 -2.18 -11.55 12.54
C THR F 57 -1.74 -11.05 11.17
N LEU F 58 -0.64 -11.63 10.68
CA LEU F 58 -0.11 -11.42 9.35
C LEU F 58 -0.06 -12.71 8.54
N GLN F 59 -0.68 -13.77 9.04
CA GLN F 59 -0.63 -15.09 8.45
C GLN F 59 -1.78 -15.31 7.46
N PRO F 60 -1.51 -15.69 6.24
CA PRO F 60 -2.61 -15.99 5.29
C PRO F 60 -3.39 -17.23 5.67
N GLY F 61 -4.71 -17.11 5.62
CA GLY F 61 -5.67 -18.14 5.93
C GLY F 61 -6.23 -18.23 7.34
N CYS F 62 -5.76 -17.41 8.29
CA CYS F 62 -6.21 -17.52 9.67
C CYS F 62 -7.63 -16.96 9.87
N ASN F 63 -7.97 -15.88 9.18
CA ASN F 63 -9.30 -15.31 9.28
C ASN F 63 -10.37 -16.31 8.85
N GLN F 64 -10.12 -17.03 7.76
CA GLN F 64 -11.03 -18.07 7.25
C GLN F 64 -11.27 -19.19 8.25
N ALA F 65 -10.19 -19.75 8.80
CA ALA F 65 -10.28 -20.85 9.76
C ALA F 65 -11.00 -20.41 11.04
N CYS F 66 -10.70 -19.22 11.52
CA CYS F 66 -11.27 -18.75 12.76
C CYS F 66 -12.76 -18.37 12.60
N TYR F 67 -13.15 -17.77 11.48
CA TYR F 67 -14.57 -17.54 11.23
C TYR F 67 -15.33 -18.85 11.16
N ASP F 68 -14.80 -19.86 10.47
CA ASP F 68 -15.50 -21.14 10.36
C ASP F 68 -15.66 -21.82 11.71
N ARG F 69 -14.65 -21.75 12.59
CA ARG F 69 -14.76 -22.37 13.90
C ARG F 69 -15.68 -21.58 14.85
N ALA F 70 -15.72 -20.25 14.76
CA ALA F 70 -16.61 -19.45 15.60
C ALA F 70 -18.07 -19.53 15.17
N PHE F 71 -18.34 -19.56 13.86
CA PHE F 71 -19.71 -19.55 13.35
C PHE F 71 -19.90 -20.66 12.32
N PRO F 72 -20.11 -21.90 12.78
CA PRO F 72 -20.27 -23.04 11.87
C PRO F 72 -21.51 -23.02 11.00
N ILE F 73 -22.69 -22.77 11.57
CA ILE F 73 -23.90 -22.52 10.83
C ILE F 73 -24.47 -21.21 11.32
N SER F 74 -24.71 -20.31 10.40
CA SER F 74 -25.26 -19.01 10.72
C SER F 74 -26.71 -19.12 11.21
N HIS F 75 -27.06 -18.20 12.09
CA HIS F 75 -28.37 -18.20 12.73
C HIS F 75 -29.49 -18.19 11.70
N ILE F 76 -29.36 -17.36 10.67
CA ILE F 76 -30.43 -17.10 9.73
C ILE F 76 -30.75 -18.35 8.91
N ARG F 77 -29.72 -19.14 8.58
CA ARG F 77 -29.92 -20.43 7.90
C ARG F 77 -30.71 -21.41 8.76
N TYR F 78 -30.34 -21.54 10.04
CA TYR F 78 -31.05 -22.41 10.98
C TYR F 78 -32.51 -22.01 11.11
N TRP F 79 -32.79 -20.72 11.21
CA TRP F 79 -34.16 -20.25 11.39
C TRP F 79 -35.02 -20.49 10.13
N VAL F 80 -34.48 -20.25 8.94
CA VAL F 80 -35.23 -20.56 7.72
C VAL F 80 -35.56 -22.04 7.65
N PHE F 81 -34.58 -22.90 7.93
CA PHE F 81 -34.80 -24.34 7.89
C PHE F 81 -35.89 -24.77 8.87
N GLN F 82 -35.84 -24.28 10.11
CA GLN F 82 -36.85 -24.61 11.11
C GLN F 82 -38.24 -24.20 10.67
N ILE F 83 -38.37 -22.98 10.18
CA ILE F 83 -39.66 -22.49 9.72
C ILE F 83 -40.23 -23.38 8.65
N ILE F 84 -39.42 -23.79 7.67
CA ILE F 84 -39.95 -24.64 6.60
C ILE F 84 -40.33 -26.01 7.12
N MET F 85 -39.53 -26.60 8.01
CA MET F 85 -39.82 -27.96 8.46
C MET F 85 -41.04 -28.03 9.37
N VAL F 86 -41.36 -26.97 10.11
CA VAL F 86 -42.55 -27.01 10.96
C VAL F 86 -43.86 -26.79 10.20
N CYS F 87 -43.81 -26.60 8.89
CA CYS F 87 -45.02 -26.40 8.08
C CYS F 87 -45.30 -27.59 7.16
N THR F 88 -44.58 -28.68 7.31
CA THR F 88 -44.65 -29.85 6.46
C THR F 88 -45.89 -30.71 6.76
N PRO F 89 -46.24 -30.91 8.03
CA PRO F 89 -47.44 -31.69 8.34
C PRO F 89 -48.71 -31.10 7.75
N SER F 90 -48.82 -29.77 7.77
CA SER F 90 -49.95 -29.12 7.13
C SER F 90 -50.00 -29.39 5.64
N LEU F 91 -48.86 -29.32 4.94
CA LEU F 91 -48.88 -29.60 3.51
C LEU F 91 -49.30 -31.03 3.22
N CYS F 92 -48.84 -31.98 4.03
CA CYS F 92 -49.27 -33.36 3.81
C CYS F 92 -50.77 -33.51 3.99
N PHE F 93 -51.31 -32.94 5.07
CA PHE F 93 -52.73 -33.01 5.32
C PHE F 93 -53.52 -32.36 4.18
N ILE F 94 -53.03 -31.23 3.67
CA ILE F 94 -53.71 -30.52 2.59
C ILE F 94 -53.73 -31.37 1.32
N THR F 95 -52.60 -31.98 0.98
CA THR F 95 -52.54 -32.81 -0.23
C THR F 95 -53.48 -34.01 -0.12
N TYR F 96 -53.56 -34.62 1.06
CA TYR F 96 -54.51 -35.69 1.30
C TYR F 96 -55.93 -35.24 1.11
N SER F 97 -56.30 -34.13 1.75
CA SER F 97 -57.69 -33.70 1.68
C SER F 97 -58.06 -33.32 0.26
N VAL F 98 -57.12 -32.75 -0.50
CA VAL F 98 -57.40 -32.45 -1.90
C VAL F 98 -57.67 -33.72 -2.67
N HIS F 99 -56.92 -34.79 -2.39
CA HIS F 99 -57.21 -36.05 -3.07
C HIS F 99 -58.57 -36.59 -2.64
N GLN F 100 -58.96 -36.39 -1.39
CA GLN F 100 -60.22 -36.89 -0.89
C GLN F 100 -61.42 -36.38 -1.68
N SER F 101 -61.26 -35.28 -2.40
CA SER F 101 -62.38 -34.67 -3.10
C SER F 101 -62.54 -35.25 -4.50
N GLY F 221 -60.83 -41.48 7.39
CA GLY F 221 -60.32 -41.22 8.72
C GLY F 221 -59.53 -39.93 8.82
N ILE F 222 -60.21 -38.82 8.51
CA ILE F 222 -59.56 -37.50 8.52
C ILE F 222 -59.12 -37.15 9.94
N SER F 223 -59.91 -37.52 10.95
CA SER F 223 -59.61 -37.14 12.33
C SER F 223 -58.35 -37.83 12.81
N ARG F 224 -58.11 -39.07 12.40
CA ARG F 224 -56.86 -39.72 12.75
C ARG F 224 -55.65 -38.97 12.18
N PHE F 225 -55.77 -38.51 10.94
CA PHE F 225 -54.70 -37.72 10.34
C PHE F 225 -54.47 -36.45 11.14
N TYR F 226 -55.55 -35.83 11.60
CA TYR F 226 -55.42 -34.63 12.43
C TYR F 226 -54.62 -34.93 13.69
N ILE F 227 -54.96 -36.03 14.36
CA ILE F 227 -54.27 -36.42 15.58
C ILE F 227 -52.78 -36.59 15.34
N ILE F 228 -52.44 -37.35 14.31
CA ILE F 228 -51.04 -37.68 14.07
C ILE F 228 -50.24 -36.43 13.72
N GLN F 229 -50.80 -35.57 12.89
CA GLN F 229 -50.04 -34.40 12.49
C GLN F 229 -49.82 -33.46 13.69
N VAL F 230 -50.78 -33.40 14.60
CA VAL F 230 -50.61 -32.59 15.80
C VAL F 230 -49.44 -33.12 16.62
N VAL F 231 -49.37 -34.43 16.78
CA VAL F 231 -48.29 -35.06 17.51
C VAL F 231 -46.94 -34.70 16.90
N PHE F 232 -46.85 -34.80 15.57
CA PHE F 232 -45.59 -34.55 14.89
C PHE F 232 -45.15 -33.10 15.01
N ARG F 233 -46.07 -32.15 14.86
CA ARG F 233 -45.72 -30.75 15.01
C ARG F 233 -45.17 -30.44 16.39
N ASN F 234 -45.83 -30.96 17.43
CA ASN F 234 -45.33 -30.76 18.78
C ASN F 234 -43.88 -31.23 18.91
N ALA F 235 -43.62 -32.45 18.46
CA ALA F 235 -42.29 -33.02 18.58
C ALA F 235 -41.24 -32.17 17.86
N LEU F 236 -41.56 -31.75 16.64
CA LEU F 236 -40.60 -31.01 15.84
C LEU F 236 -40.23 -29.68 16.48
N GLU F 237 -41.21 -28.99 17.08
CA GLU F 237 -40.90 -27.68 17.62
C GLU F 237 -40.09 -27.78 18.90
N ILE F 238 -40.32 -28.81 19.69
CA ILE F 238 -39.51 -28.99 20.88
C ILE F 238 -38.08 -29.32 20.50
N GLY F 239 -37.89 -30.19 19.51
CA GLY F 239 -36.55 -30.50 19.07
C GLY F 239 -35.78 -29.29 18.60
N PHE F 240 -36.44 -28.42 17.83
CA PHE F 240 -35.73 -27.26 17.29
C PHE F 240 -35.34 -26.27 18.40
N LEU F 241 -36.21 -26.05 19.39
CA LEU F 241 -35.88 -25.17 20.50
C LEU F 241 -34.70 -25.70 21.33
N VAL F 242 -34.72 -27.01 21.64
CA VAL F 242 -33.62 -27.62 22.38
C VAL F 242 -32.31 -27.49 21.61
N GLY F 243 -32.34 -27.74 20.32
CA GLY F 243 -31.14 -27.61 19.52
C GLY F 243 -30.59 -26.21 19.50
N GLN F 244 -31.46 -25.20 19.43
CA GLN F 244 -31.02 -23.81 19.49
C GLN F 244 -30.24 -23.55 20.78
N TYR F 245 -30.81 -23.95 21.91
CA TYR F 245 -30.11 -23.75 23.18
C TYR F 245 -28.74 -24.44 23.19
N PHE F 246 -28.65 -25.65 22.66
CA PHE F 246 -27.38 -26.35 22.70
C PHE F 246 -26.36 -25.84 21.69
N LEU F 247 -26.81 -25.28 20.56
CA LEU F 247 -25.88 -24.79 19.55
C LEU F 247 -25.37 -23.38 19.86
N TYR F 248 -26.24 -22.46 20.31
CA TYR F 248 -25.87 -21.06 20.35
C TYR F 248 -25.88 -20.41 21.72
N GLY F 249 -26.66 -20.90 22.66
CA GLY F 249 -26.83 -20.25 23.93
C GLY F 249 -27.72 -19.01 23.95
N PHE F 250 -27.33 -18.02 24.76
CA PHE F 250 -28.13 -16.83 24.97
C PHE F 250 -27.38 -15.53 24.69
N SER F 251 -26.16 -15.60 24.16
CA SER F 251 -25.41 -14.39 23.87
C SER F 251 -24.37 -14.62 22.79
N VAL F 252 -23.98 -13.53 22.14
CA VAL F 252 -22.91 -13.48 21.16
C VAL F 252 -21.82 -12.54 21.67
N PRO F 253 -20.64 -13.03 22.04
CA PRO F 253 -19.59 -12.15 22.51
C PRO F 253 -18.85 -11.39 21.41
N GLY F 254 -18.24 -10.28 21.82
CA GLY F 254 -17.47 -9.42 20.95
C GLY F 254 -16.05 -9.88 20.63
N LEU F 255 -15.44 -10.69 21.49
CA LEU F 255 -14.11 -11.24 21.27
C LEU F 255 -14.19 -12.75 21.10
N TYR F 256 -13.25 -13.29 20.32
CA TYR F 256 -13.11 -14.73 20.13
C TYR F 256 -11.64 -15.13 20.15
N GLU F 257 -11.33 -16.23 20.81
CA GLU F 257 -9.98 -16.78 20.97
C GLU F 257 -9.80 -18.04 20.13
N CYS F 258 -8.81 -18.05 19.25
CA CYS F 258 -8.66 -19.08 18.22
C CYS F 258 -7.29 -19.75 18.26
N ASN F 259 -7.28 -21.07 18.06
CA ASN F 259 -6.07 -21.89 18.00
C ASN F 259 -6.10 -22.95 16.90
N ARG F 260 -6.54 -22.58 15.69
CA ARG F 260 -6.60 -23.52 14.56
C ARG F 260 -5.53 -23.23 13.52
N TYR F 261 -4.95 -24.28 12.96
CA TYR F 261 -4.00 -24.16 11.87
C TYR F 261 -4.63 -23.43 10.70
N PRO F 262 -3.89 -22.51 10.04
CA PRO F 262 -2.48 -22.11 10.11
C PRO F 262 -2.10 -21.03 11.10
N CYS F 263 -2.98 -20.69 12.04
CA CYS F 263 -2.64 -19.72 13.06
C CYS F 263 -1.56 -20.26 13.99
N ILE F 264 -0.56 -19.42 14.25
CA ILE F 264 0.50 -19.70 15.20
C ILE F 264 -0.03 -19.43 16.59
N LYS F 265 0.10 -20.42 17.47
CA LYS F 265 -0.44 -20.44 18.86
C LYS F 265 -1.88 -19.87 18.98
N GLU F 266 -2.22 -19.08 19.99
CA GLU F 266 -3.55 -18.53 20.09
C GLU F 266 -3.59 -17.06 19.71
N VAL F 267 -4.63 -16.71 18.95
CA VAL F 267 -4.85 -15.37 18.42
C VAL F 267 -6.23 -14.87 18.87
N GLU F 268 -6.38 -13.56 18.83
CA GLU F 268 -7.59 -12.85 19.21
C GLU F 268 -8.25 -12.24 17.99
N CYS F 269 -9.56 -12.45 17.88
CA CYS F 269 -10.37 -11.98 16.77
C CYS F 269 -11.58 -11.19 17.28
N TYR F 270 -12.17 -10.41 16.38
CA TYR F 270 -13.18 -9.42 16.70
C TYR F 270 -14.40 -9.55 15.78
N VAL F 271 -15.61 -9.54 16.38
CA VAL F 271 -16.91 -9.81 15.76
C VAL F 271 -17.64 -8.53 15.39
N SER F 272 -18.50 -8.62 14.38
CA SER F 272 -19.38 -7.54 13.94
C SER F 272 -20.79 -7.62 14.53
N ARG F 273 -21.28 -6.47 14.97
CA ARG F 273 -22.64 -6.28 15.47
C ARG F 273 -23.10 -7.28 16.53
N PRO F 274 -22.35 -7.44 17.63
CA PRO F 274 -22.73 -8.46 18.62
C PRO F 274 -24.02 -8.21 19.42
N THR F 275 -24.31 -6.96 19.78
CA THR F 275 -25.48 -6.63 20.59
C THR F 275 -26.80 -6.90 19.86
N GLU F 276 -26.89 -6.49 18.60
CA GLU F 276 -28.06 -6.73 17.76
C GLU F 276 -28.34 -8.23 17.58
N LYS F 277 -27.28 -9.02 17.38
CA LYS F 277 -27.41 -10.46 17.22
C LYS F 277 -27.90 -11.15 18.49
N THR F 278 -27.44 -10.70 19.65
CA THR F 278 -27.96 -11.19 20.93
C THR F 278 -29.45 -10.88 21.11
N VAL F 279 -29.87 -9.66 20.76
CA VAL F 279 -31.29 -9.28 20.86
C VAL F 279 -32.16 -10.19 19.98
N PHE F 280 -31.74 -10.43 18.73
CA PHE F 280 -32.47 -11.32 17.81
C PHE F 280 -32.59 -12.74 18.36
N LEU F 281 -31.49 -13.30 18.89
CA LEU F 281 -31.52 -14.60 19.55
C LEU F 281 -32.59 -14.70 20.64
N VAL F 282 -32.60 -13.73 21.57
CA VAL F 282 -33.52 -13.79 22.70
C VAL F 282 -34.97 -13.70 22.23
N PHE F 283 -35.26 -12.80 21.28
CA PHE F 283 -36.60 -12.68 20.74
C PHE F 283 -37.10 -13.99 20.13
N MET F 284 -36.26 -14.63 19.32
CA MET F 284 -36.66 -15.87 18.69
C MET F 284 -36.92 -17.00 19.69
N PHE F 285 -36.10 -17.11 20.74
CA PHE F 285 -36.38 -18.12 21.76
C PHE F 285 -37.74 -17.89 22.39
N ALA F 286 -38.07 -16.64 22.70
CA ALA F 286 -39.36 -16.33 23.32
C ALA F 286 -40.55 -16.72 22.44
N VAL F 287 -40.52 -16.36 21.16
CA VAL F 287 -41.63 -16.70 20.26
C VAL F 287 -41.81 -18.22 20.16
N SER F 288 -40.72 -18.95 19.97
CA SER F 288 -40.85 -20.41 19.84
C SER F 288 -41.38 -21.04 21.13
N GLY F 289 -41.00 -20.51 22.29
CA GLY F 289 -41.59 -21.00 23.53
C GLY F 289 -43.09 -20.82 23.58
N ILE F 290 -43.58 -19.66 23.16
CA ILE F 290 -45.02 -19.44 23.12
C ILE F 290 -45.70 -20.51 22.27
N CYS F 291 -45.13 -20.79 21.09
CA CYS F 291 -45.74 -21.78 20.20
C CYS F 291 -45.77 -23.17 20.84
N VAL F 292 -44.70 -23.55 21.53
CA VAL F 292 -44.68 -24.85 22.20
C VAL F 292 -45.80 -24.93 23.22
N VAL F 293 -45.95 -23.89 24.04
CA VAL F 293 -46.98 -23.89 25.07
C VAL F 293 -48.36 -24.07 24.46
N LEU F 294 -48.65 -23.31 23.40
CA LEU F 294 -49.98 -23.34 22.81
C LEU F 294 -50.31 -24.73 22.24
N ASN F 295 -49.36 -25.33 21.52
CA ASN F 295 -49.64 -26.65 20.95
C ASN F 295 -49.81 -27.71 22.03
N LEU F 296 -49.03 -27.64 23.11
CA LEU F 296 -49.28 -28.58 24.21
C LEU F 296 -50.66 -28.35 24.81
N ALA F 297 -51.08 -27.10 24.89
CA ALA F 297 -52.40 -26.80 25.41
C ALA F 297 -53.43 -27.62 24.65
N GLU F 298 -53.41 -27.53 23.33
CA GLU F 298 -54.46 -28.22 22.57
C GLU F 298 -54.32 -29.74 22.64
N LEU F 299 -53.10 -30.24 22.60
CA LEU F 299 -52.86 -31.67 22.76
C LEU F 299 -53.48 -32.21 24.05
N ASN F 300 -53.27 -31.50 25.16
CA ASN F 300 -53.84 -31.97 26.42
C ASN F 300 -55.33 -31.70 26.51
N HIS F 301 -55.83 -30.74 25.75
CA HIS F 301 -57.26 -30.49 25.72
C HIS F 301 -58.03 -31.64 25.09
N LEU F 302 -57.55 -32.17 23.97
CA LEU F 302 -58.25 -33.31 23.40
C LEU F 302 -57.93 -34.62 24.14
N GLY F 303 -56.66 -34.90 24.37
CA GLY F 303 -56.28 -36.03 25.21
C GLY F 303 -56.17 -37.37 24.52
N SER G 19 49.94 9.11 48.06
CA SER G 19 48.50 9.17 47.92
C SER G 19 48.09 10.27 46.92
N THR G 20 48.70 11.45 47.04
CA THR G 20 48.51 12.50 46.05
C THR G 20 49.29 12.25 44.77
N MET G 21 50.27 11.37 44.80
CA MET G 21 51.03 11.05 43.59
C MET G 21 50.20 10.28 42.58
N ILE G 22 49.55 9.20 43.01
CA ILE G 22 48.77 8.37 42.10
C ILE G 22 47.50 9.07 41.61
N GLY G 23 46.96 10.01 42.39
CA GLY G 23 45.71 10.66 42.01
C GLY G 23 45.77 11.32 40.65
N ARG G 24 46.90 11.96 40.35
CA ARG G 24 47.06 12.61 39.05
C ARG G 24 47.07 11.57 37.92
N ILE G 25 47.75 10.45 38.17
CA ILE G 25 47.88 9.41 37.16
C ILE G 25 46.52 8.85 36.81
N LEU G 26 45.71 8.62 37.84
CA LEU G 26 44.40 8.05 37.59
C LEU G 26 43.45 9.06 37.00
N LEU G 27 43.59 10.33 37.33
CA LEU G 27 42.74 11.33 36.71
C LEU G 27 42.98 11.36 35.21
N THR G 28 44.25 11.32 34.80
CA THR G 28 44.56 11.31 33.39
C THR G 28 43.97 10.08 32.70
N VAL G 29 44.02 8.94 33.39
CA VAL G 29 43.52 7.69 32.82
C VAL G 29 41.99 7.70 32.70
N VAL G 30 41.30 8.26 33.70
CA VAL G 30 39.84 8.32 33.69
C VAL G 30 39.36 9.20 32.55
N VAL G 31 40.01 10.34 32.35
CA VAL G 31 39.65 11.26 31.30
C VAL G 31 39.77 10.58 29.93
N ILE G 32 40.89 9.91 29.71
CA ILE G 32 41.10 9.26 28.41
C ILE G 32 40.09 8.13 28.18
N PHE G 33 39.78 7.35 29.23
CA PHE G 33 38.82 6.26 29.10
C PHE G 33 37.46 6.80 28.67
N ARG G 34 37.00 7.87 29.31
CA ARG G 34 35.72 8.46 28.97
C ARG G 34 35.69 8.94 27.51
N ILE G 35 36.73 9.63 27.07
CA ILE G 35 36.76 10.09 25.69
C ILE G 35 36.66 8.91 24.73
N LEU G 36 37.39 7.84 24.98
CA LEU G 36 37.37 6.70 24.07
C LEU G 36 35.99 6.07 23.99
N ILE G 37 35.33 5.87 25.14
CA ILE G 37 34.00 5.27 25.12
C ILE G 37 33.01 6.14 24.35
N VAL G 38 33.06 7.45 24.54
CA VAL G 38 32.08 8.28 23.85
C VAL G 38 32.36 8.28 22.35
N ALA G 39 33.64 8.38 21.97
CA ALA G 39 33.97 8.55 20.57
C ALA G 39 33.76 7.32 19.73
N ILE G 40 33.99 6.12 20.27
CA ILE G 40 34.00 4.94 19.41
C ILE G 40 32.63 4.29 19.26
N VAL G 41 31.83 4.18 20.31
CA VAL G 41 30.60 3.43 20.20
C VAL G 41 29.31 4.26 20.29
N GLY G 42 29.28 5.35 21.06
CA GLY G 42 28.02 6.04 21.27
C GLY G 42 27.31 6.62 20.06
N GLU G 43 28.04 6.98 19.01
CA GLU G 43 27.34 7.47 17.83
C GLU G 43 26.44 6.44 17.16
N THR G 44 26.47 5.18 17.56
CA THR G 44 25.80 4.14 16.80
C THR G 44 24.75 3.42 17.62
N VAL G 45 24.69 3.68 18.91
CA VAL G 45 23.56 3.30 19.74
C VAL G 45 22.35 4.19 19.44
N TYR G 46 22.58 5.49 19.26
CA TYR G 46 21.60 6.53 19.01
C TYR G 46 21.25 6.80 17.54
N ASP G 47 21.86 6.12 16.58
CA ASP G 47 21.61 6.40 15.16
C ASP G 47 20.14 6.27 14.73
N ASP G 48 19.42 5.24 15.19
CA ASP G 48 18.01 5.05 14.81
C ASP G 48 16.99 5.64 15.80
N GLU G 49 17.31 6.72 16.51
CA GLU G 49 16.44 7.15 17.60
C GLU G 49 15.05 7.58 17.12
N GLN G 50 14.96 8.36 16.04
CA GLN G 50 13.67 8.85 15.57
C GLN G 50 13.05 7.95 14.50
N THR G 51 13.86 7.26 13.74
CA THR G 51 13.39 6.37 12.69
C THR G 51 12.68 5.13 13.26
N MET G 52 13.04 4.68 14.46
CA MET G 52 12.36 3.58 15.15
C MET G 52 11.46 4.00 16.30
N PHE G 53 11.14 5.28 16.43
CA PHE G 53 10.15 5.80 17.36
C PHE G 53 8.78 5.78 16.69
N VAL G 54 7.81 5.18 17.33
CA VAL G 54 6.51 5.01 16.72
C VAL G 54 5.36 5.18 17.71
N CYS G 55 4.29 5.79 17.22
CA CYS G 55 3.05 6.07 17.94
C CYS G 55 1.82 5.46 17.24
N ASN G 56 0.81 5.13 18.04
CA ASN G 56 -0.47 4.55 17.61
C ASN G 56 -1.45 5.68 17.25
N THR G 57 -1.49 6.02 15.98
CA THR G 57 -2.21 7.17 15.45
C THR G 57 -2.20 7.12 13.93
N LEU G 58 -3.13 7.87 13.34
CA LEU G 58 -3.23 8.10 11.91
C LEU G 58 -3.10 9.58 11.56
N GLN G 59 -2.70 10.40 12.50
CA GLN G 59 -2.63 11.84 12.36
C GLN G 59 -1.25 12.29 11.86
N PRO G 60 -1.16 13.03 10.79
CA PRO G 60 0.16 13.54 10.35
C PRO G 60 0.73 14.58 11.31
N GLY G 61 2.01 14.41 11.61
CA GLY G 61 2.78 15.26 12.49
C GLY G 61 2.88 14.90 13.95
N CYS G 62 2.20 13.86 14.43
CA CYS G 62 2.21 13.53 15.86
C CYS G 62 3.53 12.88 16.28
N ASN G 63 4.11 12.03 15.44
CA ASN G 63 5.38 11.39 15.76
C ASN G 63 6.48 12.43 15.99
N GLN G 64 6.52 13.45 15.14
CA GLN G 64 7.50 14.54 15.26
C GLN G 64 7.37 15.29 16.58
N ALA G 65 6.15 15.74 16.91
CA ALA G 65 5.91 16.48 18.14
C ALA G 65 6.23 15.65 19.38
N CYS G 66 5.85 14.38 19.37
CA CYS G 66 6.06 13.54 20.53
C CYS G 66 7.53 13.16 20.72
N TYR G 67 8.27 12.90 19.63
CA TYR G 67 9.71 12.69 19.76
C TYR G 67 10.40 13.92 20.32
N ASP G 68 10.05 15.12 19.83
CA ASP G 68 10.69 16.34 20.33
C ASP G 68 10.40 16.57 21.82
N ARG G 69 9.18 16.30 22.27
CA ARG G 69 8.87 16.48 23.68
C ARG G 69 9.50 15.41 24.59
N ALA G 70 9.63 14.17 24.12
CA ALA G 70 10.25 13.11 24.91
C ALA G 70 11.77 13.24 24.99
N PHE G 71 12.42 13.64 23.89
CA PHE G 71 13.88 13.73 23.81
C PHE G 71 14.33 15.09 23.28
N PRO G 72 14.33 16.12 24.13
CA PRO G 72 14.69 17.47 23.70
C PRO G 72 16.14 17.67 23.27
N ILE G 73 17.10 17.19 24.07
CA ILE G 73 18.49 17.12 23.68
C ILE G 73 18.95 15.70 23.91
N SER G 74 19.50 15.10 22.87
CA SER G 74 19.99 13.74 22.94
C SER G 74 21.20 13.64 23.85
N HIS G 75 21.33 12.48 24.48
CA HIS G 75 22.39 12.23 25.43
C HIS G 75 23.77 12.46 24.84
N ILE G 76 23.98 11.98 23.63
CA ILE G 76 25.30 11.98 23.02
C ILE G 76 25.78 13.40 22.74
N ARG G 77 24.87 14.30 22.37
CA ARG G 77 25.20 15.71 22.20
C ARG G 77 25.65 16.36 23.51
N TYR G 78 24.91 16.12 24.59
CA TYR G 78 25.26 16.64 25.91
C TYR G 78 26.63 16.15 26.36
N TRP G 79 26.94 14.87 26.14
CA TRP G 79 28.21 14.31 26.57
C TRP G 79 29.39 14.87 25.76
N VAL G 80 29.24 15.03 24.45
CA VAL G 80 30.31 15.65 23.66
C VAL G 80 30.58 17.07 24.13
N PHE G 81 29.52 17.85 24.35
CA PHE G 81 29.67 19.21 24.82
C PHE G 81 30.40 19.28 26.16
N GLN G 82 30.01 18.45 27.12
CA GLN G 82 30.65 18.42 28.43
C GLN G 82 32.13 18.10 28.32
N ILE G 83 32.45 17.07 27.55
CA ILE G 83 33.84 16.68 27.38
C ILE G 83 34.67 17.83 26.84
N ILE G 84 34.17 18.54 25.83
CA ILE G 84 34.95 19.65 25.26
C ILE G 84 35.10 20.79 26.27
N MET G 85 34.04 21.12 27.01
CA MET G 85 34.12 22.26 27.91
C MET G 85 35.01 22.00 29.12
N VAL G 86 35.15 20.75 29.58
CA VAL G 86 36.02 20.49 30.71
C VAL G 86 37.50 20.44 30.35
N CYS G 87 37.86 20.65 29.09
CA CYS G 87 39.26 20.65 28.65
C CYS G 87 39.75 22.05 28.26
N THR G 88 38.97 23.07 28.50
CA THR G 88 39.24 24.44 28.10
C THR G 88 40.28 25.11 29.01
N PRO G 89 40.23 24.90 30.32
CA PRO G 89 41.24 25.50 31.20
C PRO G 89 42.65 25.05 30.86
N SER G 90 42.82 23.78 30.51
CA SER G 90 44.12 23.29 30.08
C SER G 90 44.60 24.00 28.82
N LEU G 91 43.72 24.18 27.83
CA LEU G 91 44.15 24.88 26.62
C LEU G 91 44.58 26.30 26.92
N CYS G 92 43.85 27.00 27.79
CA CYS G 92 44.26 28.35 28.14
C CYS G 92 45.63 28.37 28.79
N PHE G 93 45.85 27.49 29.76
CA PHE G 93 47.13 27.41 30.43
C PHE G 93 48.26 27.09 29.44
N ILE G 94 47.99 26.20 28.49
CA ILE G 94 48.99 25.81 27.50
C ILE G 94 49.35 27.00 26.62
N THR G 95 48.35 27.74 26.16
CA THR G 95 48.61 28.89 25.29
C THR G 95 49.43 29.95 26.02
N TYR G 96 49.11 30.18 27.30
CA TYR G 96 49.90 31.09 28.11
C TYR G 96 51.34 30.64 28.24
N SER G 97 51.54 29.39 28.60
CA SER G 97 52.91 28.93 28.82
C SER G 97 53.71 28.97 27.53
N VAL G 98 53.06 28.70 26.39
CA VAL G 98 53.76 28.81 25.12
C VAL G 98 54.20 30.25 24.89
N HIS G 99 53.34 31.22 25.24
CA HIS G 99 53.76 32.60 25.08
C HIS G 99 54.90 32.94 26.02
N GLN G 100 54.91 32.34 27.22
CA GLN G 100 55.94 32.61 28.20
C GLN G 100 57.34 32.31 27.69
N SER G 101 57.46 31.47 26.67
CA SER G 101 58.77 31.05 26.18
C SER G 101 59.30 32.02 25.13
N GLY G 221 53.83 34.49 37.26
CA GLY G 221 52.95 33.87 38.24
C GLY G 221 52.24 32.64 37.70
N ILE G 222 53.03 31.64 37.29
CA ILE G 222 52.46 30.42 36.73
C ILE G 222 51.64 29.68 37.77
N SER G 223 52.08 29.69 39.03
CA SER G 223 51.40 28.94 40.07
C SER G 223 50.01 29.50 40.34
N ARG G 224 49.86 30.82 40.27
CA ARG G 224 48.53 31.39 40.41
C ARG G 224 47.58 30.91 39.31
N PHE G 225 48.09 30.84 38.07
CA PHE G 225 47.28 30.31 36.98
C PHE G 225 46.88 28.87 37.26
N TYR G 226 47.81 28.08 37.81
CA TYR G 226 47.50 26.71 38.16
C TYR G 226 46.34 26.65 39.15
N ILE G 227 46.42 27.49 40.19
CA ILE G 227 45.37 27.52 41.22
C ILE G 227 44.01 27.83 40.60
N ILE G 228 43.96 28.89 39.78
CA ILE G 228 42.68 29.33 39.25
C ILE G 228 42.08 28.28 38.33
N GLN G 229 42.90 27.68 37.47
CA GLN G 229 42.35 26.71 36.54
C GLN G 229 41.83 25.48 37.27
N VAL G 230 42.48 25.10 38.38
CA VAL G 230 41.99 23.98 39.17
C VAL G 230 40.60 24.29 39.72
N VAL G 231 40.44 25.51 40.23
CA VAL G 231 39.15 25.94 40.77
C VAL G 231 38.06 25.83 39.70
N PHE G 232 38.38 26.34 38.50
CA PHE G 232 37.39 26.35 37.43
C PHE G 232 37.00 24.96 36.98
N ARG G 233 37.97 24.06 36.84
CA ARG G 233 37.65 22.69 36.44
C ARG G 233 36.74 22.01 37.44
N ASN G 234 37.03 22.15 38.73
CA ASN G 234 36.16 21.59 39.75
C ASN G 234 34.72 22.08 39.57
N ALA G 235 34.55 23.39 39.46
CA ALA G 235 33.21 23.94 39.33
C ALA G 235 32.47 23.40 38.11
N LEU G 236 33.16 23.35 36.98
CA LEU G 236 32.52 22.93 35.74
C LEU G 236 32.03 21.50 35.82
N GLU G 237 32.82 20.61 36.45
CA GLU G 237 32.42 19.21 36.46
C GLU G 237 31.27 18.96 37.40
N ILE G 238 31.20 19.70 38.50
CA ILE G 238 30.06 19.55 39.39
C ILE G 238 28.80 20.05 38.72
N GLY G 239 28.88 21.18 38.02
CA GLY G 239 27.71 21.67 37.32
C GLY G 239 27.18 20.69 36.29
N PHE G 240 28.07 20.06 35.53
CA PHE G 240 27.61 19.16 34.49
C PHE G 240 26.95 17.90 35.08
N LEU G 241 27.51 17.35 36.17
CA LEU G 241 26.89 16.20 36.81
C LEU G 241 25.50 16.51 37.37
N VAL G 242 25.37 17.66 38.04
CA VAL G 242 24.08 18.08 38.58
C VAL G 242 23.06 18.24 37.45
N GLY G 243 23.46 18.87 36.36
CA GLY G 243 22.56 19.05 35.24
C GLY G 243 22.11 17.73 34.64
N GLN G 244 23.00 16.75 34.53
CA GLN G 244 22.63 15.43 34.05
C GLN G 244 21.52 14.83 34.90
N TYR G 245 21.69 14.86 36.22
CA TYR G 245 20.66 14.32 37.10
C TYR G 245 19.32 15.03 36.90
N PHE G 246 19.34 16.35 36.76
CA PHE G 246 18.08 17.06 36.63
C PHE G 246 17.43 16.93 35.24
N LEU G 247 18.23 16.71 34.19
CA LEU G 247 17.67 16.59 32.86
C LEU G 247 17.15 15.18 32.55
N TYR G 248 17.89 14.12 32.95
CA TYR G 248 17.59 12.79 32.46
C TYR G 248 17.23 11.76 33.51
N GLY G 249 17.66 11.91 34.75
CA GLY G 249 17.48 10.90 35.76
C GLY G 249 18.37 9.67 35.67
N PHE G 250 17.81 8.51 35.99
CA PHE G 250 18.56 7.27 36.07
C PHE G 250 17.98 6.16 35.19
N SER G 251 16.98 6.44 34.36
CA SER G 251 16.41 5.39 33.52
C SER G 251 15.74 6.00 32.30
N VAL G 252 15.61 5.17 31.28
CA VAL G 252 14.88 5.47 30.04
C VAL G 252 13.73 4.47 29.90
N PRO G 253 12.48 4.88 30.03
CA PRO G 253 11.36 3.94 29.89
C PRO G 253 11.03 3.59 28.44
N GLY G 254 10.38 2.44 28.30
CA GLY G 254 9.95 1.92 27.02
C GLY G 254 8.68 2.50 26.45
N LEU G 255 7.80 3.05 27.28
CA LEU G 255 6.57 3.70 26.85
C LEU G 255 6.62 5.19 27.17
N TYR G 256 5.93 5.99 26.35
CA TYR G 256 5.79 7.42 26.56
C TYR G 256 4.36 7.87 26.25
N GLU G 257 3.82 8.74 27.10
CA GLU G 257 2.46 9.27 27.00
C GLU G 257 2.48 10.73 26.56
N CYS G 258 1.80 11.05 25.46
CA CYS G 258 1.92 12.35 24.79
C CYS G 258 0.57 13.04 24.62
N ASN G 259 0.55 14.36 24.83
CA ASN G 259 -0.62 15.22 24.67
C ASN G 259 -0.30 16.55 23.99
N ARG G 260 0.48 16.54 22.92
CA ARG G 260 0.84 17.77 22.20
C ARG G 260 0.14 17.85 20.85
N TYR G 261 -0.29 19.05 20.48
CA TYR G 261 -0.87 19.31 19.17
C TYR G 261 0.12 18.93 18.07
N PRO G 262 -0.34 18.28 16.99
CA PRO G 262 -1.69 17.95 16.51
C PRO G 262 -2.30 16.65 16.97
N CYS G 263 -1.73 15.99 17.98
CA CYS G 263 -2.31 14.78 18.51
C CYS G 263 -3.65 15.07 19.20
N ILE G 264 -4.63 14.25 18.88
CA ILE G 264 -5.94 14.27 19.51
C ILE G 264 -5.84 13.57 20.85
N LYS G 265 -6.27 14.26 21.89
CA LYS G 265 -6.17 13.83 23.33
C LYS G 265 -4.82 13.19 23.71
N GLU G 266 -4.75 12.13 24.48
CA GLU G 266 -3.49 11.51 24.81
C GLU G 266 -3.27 10.21 24.03
N VAL G 267 -2.03 10.06 23.55
CA VAL G 267 -1.60 8.93 22.73
C VAL G 267 -0.40 8.26 23.40
N GLU G 268 -0.19 7.01 23.03
CA GLU G 268 0.89 6.17 23.52
C GLU G 268 1.92 5.91 22.42
N CYS G 269 3.19 6.09 22.78
CA CYS G 269 4.31 5.94 21.87
C CYS G 269 5.35 4.98 22.47
N TYR G 270 6.22 4.47 21.59
CA TYR G 270 7.13 3.38 21.89
C TYR G 270 8.56 3.73 21.45
N VAL G 271 9.53 3.47 22.36
CA VAL G 271 10.94 3.86 22.26
C VAL G 271 11.82 2.71 21.77
N SER G 272 12.93 3.07 21.14
CA SER G 272 13.95 2.13 20.67
C SER G 272 15.11 1.96 21.66
N ARG G 273 15.50 0.71 21.86
CA ARG G 273 16.66 0.31 22.65
C ARG G 273 16.73 0.93 24.06
N PRO G 274 15.69 0.79 24.88
CA PRO G 274 15.70 1.45 26.20
C PRO G 274 16.69 0.90 27.23
N THR G 275 16.94 -0.41 27.26
CA THR G 275 17.82 -1.02 28.26
C THR G 275 19.29 -0.60 28.07
N GLU G 276 19.77 -0.62 26.82
CA GLU G 276 21.13 -0.20 26.49
C GLU G 276 21.37 1.27 26.85
N LYS G 277 20.39 2.13 26.60
CA LYS G 277 20.49 3.56 26.92
C LYS G 277 20.55 3.81 28.42
N THR G 278 19.78 3.05 29.20
CA THR G 278 19.87 3.12 30.66
C THR G 278 21.26 2.69 31.18
N VAL G 279 21.81 1.62 30.62
CA VAL G 279 23.15 1.16 31.02
C VAL G 279 24.20 2.25 30.75
N PHE G 280 24.16 2.87 29.57
CA PHE G 280 25.08 3.95 29.22
C PHE G 280 24.97 5.14 30.19
N LEU G 281 23.75 5.56 30.50
CA LEU G 281 23.52 6.61 31.50
C LEU G 281 24.20 6.33 32.84
N VAL G 282 23.98 5.13 33.39
CA VAL G 282 24.52 4.79 34.71
C VAL G 282 26.05 4.78 34.68
N PHE G 283 26.64 4.20 33.64
CA PHE G 283 28.10 4.17 33.52
C PHE G 283 28.69 5.59 33.50
N MET G 284 28.10 6.48 32.71
CA MET G 284 28.61 7.84 32.63
C MET G 284 28.51 8.60 33.96
N PHE G 285 27.41 8.43 34.69
CA PHE G 285 27.33 9.08 36.00
C PHE G 285 28.45 8.60 36.92
N ALA G 286 28.73 7.30 36.91
CA ALA G 286 29.78 6.76 37.77
C ALA G 286 31.16 7.34 37.45
N VAL G 287 31.53 7.39 36.17
CA VAL G 287 32.83 7.92 35.78
C VAL G 287 32.97 9.39 36.20
N SER G 288 31.96 10.21 35.92
CA SER G 288 32.05 11.62 36.29
C SER G 288 32.14 11.82 37.80
N GLY G 289 31.46 10.98 38.58
CA GLY G 289 31.63 11.05 40.02
C GLY G 289 33.05 10.79 40.47
N ILE G 290 33.70 9.78 39.89
CA ILE G 290 35.10 9.52 40.20
C ILE G 290 35.95 10.77 39.95
N CYS G 291 35.74 11.41 38.81
CA CYS G 291 36.54 12.59 38.48
C CYS G 291 36.31 13.72 39.49
N VAL G 292 35.07 13.93 39.90
CA VAL G 292 34.79 14.96 40.89
C VAL G 292 35.55 14.69 42.18
N VAL G 293 35.50 13.44 42.65
CA VAL G 293 36.17 13.09 43.89
C VAL G 293 37.66 13.38 43.80
N LEU G 294 38.29 12.95 42.71
CA LEU G 294 39.73 13.11 42.58
C LEU G 294 40.15 14.58 42.57
N ASN G 295 39.43 15.41 41.82
CA ASN G 295 39.81 16.82 41.78
C ASN G 295 39.60 17.51 43.12
N LEU G 296 38.53 17.15 43.85
CA LEU G 296 38.40 17.71 45.19
C LEU G 296 39.54 17.25 46.09
N ALA G 297 39.98 16.00 45.91
CA ALA G 297 41.10 15.52 46.69
C ALA G 297 42.27 16.47 46.55
N GLU G 298 42.65 16.79 45.32
CA GLU G 298 43.85 17.61 45.14
C GLU G 298 43.62 19.04 45.63
N LEU G 299 42.44 19.60 45.38
CA LEU G 299 42.10 20.92 45.88
C LEU G 299 42.29 21.01 47.39
N ASN G 300 41.78 20.02 48.13
CA ASN G 300 41.92 20.06 49.58
C ASN G 300 43.33 19.73 50.02
N HIS G 301 44.08 19.00 49.19
CA HIS G 301 45.47 18.71 49.52
C HIS G 301 46.34 19.95 49.53
N LEU G 302 46.19 20.81 48.53
CA LEU G 302 46.98 22.05 48.56
C LEU G 302 46.39 23.08 49.53
N GLY G 303 45.09 23.35 49.44
CA GLY G 303 44.43 24.18 50.43
C GLY G 303 44.47 25.66 50.16
N SER H 19 60.62 -21.11 27.70
CA SER H 19 59.18 -21.34 27.82
C SER H 19 58.46 -20.06 28.27
N THR H 20 59.02 -19.39 29.28
CA THR H 20 58.49 -18.08 29.68
C THR H 20 58.90 -16.97 28.74
N MET H 21 59.91 -17.19 27.90
CA MET H 21 60.33 -16.18 26.93
C MET H 21 59.29 -15.98 25.83
N ILE H 22 58.85 -17.07 25.20
CA ILE H 22 57.89 -16.97 24.10
C ILE H 22 56.51 -16.54 24.57
N GLY H 23 56.15 -16.82 25.82
CA GLY H 23 54.81 -16.50 26.30
C GLY H 23 54.46 -15.04 26.15
N ARG H 24 55.42 -14.16 26.43
CA ARG H 24 55.19 -12.73 26.29
C ARG H 24 54.94 -12.35 24.84
N ILE H 25 55.72 -12.96 23.94
CA ILE H 25 55.63 -12.64 22.52
C ILE H 25 54.25 -13.02 22.00
N LEU H 26 53.78 -14.18 22.41
CA LEU H 26 52.49 -14.63 21.93
C LEU H 26 51.35 -13.87 22.57
N LEU H 27 51.51 -13.44 23.81
CA LEU H 27 50.47 -12.63 24.42
C LEU H 27 50.27 -11.34 23.65
N THR H 28 51.38 -10.70 23.28
CA THR H 28 51.30 -9.47 22.51
C THR H 28 50.61 -9.71 21.18
N VAL H 29 50.92 -10.85 20.55
CA VAL H 29 50.35 -11.17 19.24
C VAL H 29 48.85 -11.47 19.34
N VAL H 30 48.43 -12.17 20.39
CA VAL H 30 47.02 -12.51 20.58
C VAL H 30 46.19 -11.25 20.79
N VAL H 31 46.71 -10.33 21.60
CA VAL H 31 46.01 -9.09 21.87
C VAL H 31 45.80 -8.31 20.58
N ILE H 32 46.85 -8.18 19.78
CA ILE H 32 46.73 -7.42 18.54
C ILE H 32 45.76 -8.08 17.56
N PHE H 33 45.79 -9.41 17.47
CA PHE H 33 44.90 -10.14 16.58
C PHE H 33 43.45 -9.87 16.92
N ARG H 34 43.12 -9.94 18.21
CA ARG H 34 41.77 -9.69 18.68
C ARG H 34 41.31 -8.27 18.34
N ILE H 35 42.15 -7.28 18.59
CA ILE H 35 41.77 -5.91 18.27
C ILE H 35 41.47 -5.77 16.78
N LEU H 36 42.31 -6.35 15.92
CA LEU H 36 42.10 -6.20 14.48
C LEU H 36 40.79 -6.84 14.04
N ILE H 37 40.48 -8.04 14.53
CA ILE H 37 39.23 -8.69 14.14
C ILE H 37 38.03 -7.88 14.58
N VAL H 38 38.05 -7.33 15.79
CA VAL H 38 36.87 -6.59 16.23
C VAL H 38 36.73 -5.30 15.43
N ALA H 39 37.84 -4.60 15.19
CA ALA H 39 37.78 -3.28 14.59
C ALA H 39 37.41 -3.31 13.11
N ILE H 40 37.84 -4.30 12.35
CA ILE H 40 37.69 -4.22 10.90
C ILE H 40 36.37 -4.80 10.42
N VAL H 41 35.90 -5.92 10.93
CA VAL H 41 34.73 -6.55 10.36
C VAL H 41 33.47 -6.53 11.24
N GLY H 42 33.58 -6.58 12.57
CA GLY H 42 32.39 -6.74 13.39
C GLY H 42 31.36 -5.64 13.32
N GLU H 43 31.74 -4.40 13.02
CA GLU H 43 30.72 -3.37 12.90
C GLU H 43 29.74 -3.60 11.76
N THR H 44 29.94 -4.58 10.89
CA THR H 44 29.15 -4.67 9.68
C THR H 44 28.40 -5.99 9.59
N VAL H 45 28.68 -6.93 10.49
CA VAL H 45 27.84 -8.09 10.70
C VAL H 45 26.55 -7.70 11.43
N TYR H 46 26.66 -6.82 12.41
CA TYR H 46 25.59 -6.32 13.27
C TYR H 46 24.82 -5.09 12.77
N ASP H 47 25.19 -4.49 11.63
CA ASP H 47 24.54 -3.26 11.16
C ASP H 47 23.02 -3.38 10.97
N ASP H 48 22.51 -4.48 10.41
CA ASP H 48 21.06 -4.63 10.19
C ASP H 48 20.33 -5.40 11.30
N GLU H 49 20.77 -5.33 12.55
CA GLU H 49 20.21 -6.22 13.56
C GLU H 49 18.72 -5.96 13.82
N GLN H 50 18.29 -4.70 13.94
CA GLN H 50 16.90 -4.40 14.24
C GLN H 50 16.06 -4.17 12.98
N THR H 51 16.68 -3.70 11.91
CA THR H 51 15.98 -3.44 10.66
C THR H 51 15.52 -4.73 9.97
N MET H 52 16.22 -5.85 10.17
CA MET H 52 15.82 -7.16 9.66
C MET H 52 15.25 -8.12 10.71
N PHE H 53 14.92 -7.63 11.89
CA PHE H 53 14.18 -8.37 12.91
C PHE H 53 12.69 -8.20 12.68
N VAL H 54 11.96 -9.29 12.60
CA VAL H 54 10.55 -9.22 12.26
C VAL H 54 9.71 -10.23 13.04
N CYS H 55 8.51 -9.81 13.40
CA CYS H 55 7.51 -10.57 14.14
C CYS H 55 6.17 -10.64 13.37
N ASN H 56 5.45 -11.73 13.60
CA ASN H 56 4.12 -12.01 13.02
C ASN H 56 3.02 -11.39 13.88
N THR H 57 2.62 -10.19 13.51
CA THR H 57 1.72 -9.36 14.29
C THR H 57 1.31 -8.15 13.48
N LEU H 58 0.21 -7.52 13.89
CA LEU H 58 -0.28 -6.26 13.36
C LEU H 58 -0.34 -5.17 14.41
N GLN H 59 0.25 -5.40 15.57
CA GLN H 59 0.21 -4.51 16.71
C GLN H 59 1.36 -3.51 16.70
N PRO H 60 1.11 -2.23 16.77
CA PRO H 60 2.23 -1.27 16.85
C PRO H 60 2.98 -1.34 18.17
N GLY H 61 4.30 -1.34 18.07
CA GLY H 61 5.23 -1.41 19.17
C GLY H 61 5.77 -2.76 19.60
N CYS H 62 5.29 -3.87 19.03
CA CYS H 62 5.71 -5.19 19.49
C CYS H 62 7.13 -5.54 19.02
N ASN H 63 7.50 -5.14 17.80
CA ASN H 63 8.84 -5.41 17.31
C ASN H 63 9.90 -4.76 18.20
N GLN H 64 9.66 -3.52 18.62
CA GLN H 64 10.56 -2.79 19.52
C GLN H 64 10.77 -3.50 20.86
N ALA H 65 9.67 -3.87 21.53
CA ALA H 65 9.72 -4.54 22.81
C ALA H 65 10.42 -5.90 22.72
N CYS H 66 10.13 -6.65 21.68
CA CYS H 66 10.68 -7.98 21.53
C CYS H 66 12.17 -7.94 21.16
N TYR H 67 12.60 -7.00 20.31
CA TYR H 67 14.03 -6.84 20.05
C TYR H 67 14.77 -6.46 21.33
N ASP H 68 14.24 -5.54 22.13
CA ASP H 68 14.92 -5.13 23.36
C ASP H 68 15.04 -6.29 24.35
N ARG H 69 14.01 -7.13 24.47
CA ARG H 69 14.08 -8.26 25.39
C ARG H 69 15.00 -9.38 24.87
N ALA H 70 15.06 -9.62 23.57
CA ALA H 70 15.94 -10.66 23.02
C ALA H 70 17.41 -10.24 23.02
N PHE H 71 17.71 -8.97 22.73
CA PHE H 71 19.08 -8.49 22.63
C PHE H 71 19.29 -7.22 23.46
N PRO H 72 19.47 -7.37 24.78
CA PRO H 72 19.62 -6.22 25.67
C PRO H 72 20.88 -5.40 25.47
N ILE H 73 22.05 -6.03 25.39
CA ILE H 73 23.29 -5.40 24.99
C ILE H 73 23.86 -6.20 23.85
N SER H 74 24.14 -5.52 22.76
CA SER H 74 24.71 -6.16 21.59
C SER H 74 26.13 -6.64 21.85
N HIS H 75 26.49 -7.73 21.18
CA HIS H 75 27.79 -8.35 21.36
C HIS H 75 28.93 -7.40 21.12
N ILE H 76 28.83 -6.59 20.06
CA ILE H 76 29.93 -5.76 19.61
C ILE H 76 30.24 -4.66 20.63
N ARG H 77 29.21 -4.13 21.29
CA ARG H 77 29.40 -3.17 22.38
C ARG H 77 30.15 -3.78 23.56
N TYR H 78 29.76 -4.98 23.99
CA TYR H 78 30.43 -5.68 25.07
C TYR H 78 31.89 -5.94 24.75
N TRP H 79 32.20 -6.35 23.53
CA TRP H 79 33.57 -6.66 23.14
C TRP H 79 34.45 -5.41 23.09
N VAL H 80 33.94 -4.30 22.55
CA VAL H 80 34.71 -3.05 22.57
C VAL H 80 35.01 -2.62 24.00
N PHE H 81 34.01 -2.67 24.88
CA PHE H 81 34.21 -2.30 26.26
C PHE H 81 35.27 -3.15 26.94
N GLN H 82 35.21 -4.47 26.77
CA GLN H 82 36.18 -5.38 27.37
C GLN H 82 37.59 -5.08 26.89
N ILE H 83 37.75 -4.89 25.58
CA ILE H 83 39.06 -4.59 25.03
C ILE H 83 39.64 -3.35 25.65
N ILE H 84 38.85 -2.28 25.78
CA ILE H 84 39.38 -1.04 26.35
C ILE H 84 39.73 -1.23 27.83
N MET H 85 38.90 -1.93 28.59
CA MET H 85 39.16 -2.04 30.02
C MET H 85 40.36 -2.93 30.34
N VAL H 86 40.69 -3.91 29.49
CA VAL H 86 41.86 -4.74 29.77
C VAL H 86 43.18 -4.08 29.40
N CYS H 87 43.16 -2.85 28.90
CA CYS H 87 44.39 -2.14 28.54
C CYS H 87 44.68 -0.97 29.46
N THR H 88 43.93 -0.83 30.54
CA THR H 88 44.00 0.28 31.47
C THR H 88 45.21 0.17 32.41
N PRO H 89 45.54 -1.02 32.92
CA PRO H 89 46.71 -1.15 33.78
C PRO H 89 48.01 -0.73 33.08
N SER H 90 48.14 -1.07 31.81
CA SER H 90 49.30 -0.65 31.04
C SER H 90 49.37 0.87 30.94
N LEU H 91 48.26 1.55 30.68
CA LEU H 91 48.29 3.01 30.60
C LEU H 91 48.70 3.62 31.93
N CYS H 92 48.20 3.08 33.04
CA CYS H 92 48.62 3.62 34.33
C CYS H 92 50.11 3.46 34.55
N PHE H 93 50.63 2.27 34.27
CA PHE H 93 52.05 2.02 34.44
C PHE H 93 52.88 2.95 33.54
N ILE H 94 52.42 3.17 32.32
CA ILE H 94 53.12 4.04 31.38
C ILE H 94 53.16 5.48 31.89
N THR H 95 52.03 5.97 32.38
CA THR H 95 51.98 7.35 32.88
C THR H 95 52.91 7.53 34.09
N TYR H 96 52.94 6.53 34.97
CA TYR H 96 53.87 6.54 36.10
C TYR H 96 55.31 6.59 35.63
N SER H 97 55.68 5.69 34.73
CA SER H 97 57.07 5.64 34.32
C SER H 97 57.48 6.92 33.62
N VAL H 98 56.57 7.53 32.86
CA VAL H 98 56.88 8.80 32.23
C VAL H 98 57.16 9.86 33.29
N HIS H 99 56.38 9.85 34.37
CA HIS H 99 56.66 10.81 35.44
C HIS H 99 57.99 10.52 36.10
N GLN H 100 58.36 9.25 36.21
CA GLN H 100 59.61 8.85 36.85
C GLN H 100 60.83 9.48 36.19
N SER H 101 60.71 9.91 34.93
CA SER H 101 61.85 10.42 34.20
C SER H 101 62.02 11.92 34.43
N GLY H 221 59.96 1.94 43.32
CA GLY H 221 59.42 0.59 43.39
C GLY H 221 58.66 0.19 42.13
N ILE H 222 59.36 0.21 41.00
CA ILE H 222 58.73 -0.11 39.72
C ILE H 222 58.27 -1.57 39.71
N SER H 223 59.04 -2.46 40.33
CA SER H 223 58.71 -3.89 40.29
C SER H 223 57.41 -4.17 41.05
N ARG H 224 57.18 -3.46 42.15
CA ARG H 224 55.91 -3.63 42.83
C ARG H 224 54.73 -3.23 41.95
N PHE H 225 54.88 -2.14 41.21
CA PHE H 225 53.83 -1.74 40.27
C PHE H 225 53.60 -2.82 39.22
N TYR H 226 54.69 -3.43 38.75
CA TYR H 226 54.56 -4.53 37.79
C TYR H 226 53.73 -5.66 38.37
N ILE H 227 54.04 -6.05 39.61
CA ILE H 227 53.31 -7.13 40.27
C ILE H 227 51.83 -6.83 40.33
N ILE H 228 51.50 -5.63 40.83
CA ILE H 228 50.10 -5.30 41.05
C ILE H 228 49.33 -5.26 39.75
N GLN H 229 49.91 -4.66 38.71
CA GLN H 229 49.18 -4.56 37.46
C GLN H 229 48.95 -5.93 36.85
N VAL H 230 49.89 -6.85 37.03
CA VAL H 230 49.71 -8.22 36.54
C VAL H 230 48.50 -8.87 37.22
N VAL H 231 48.42 -8.69 38.53
CA VAL H 231 47.31 -9.23 39.30
C VAL H 231 45.98 -8.71 38.76
N PHE H 232 45.92 -7.39 38.54
CA PHE H 232 44.68 -6.76 38.10
C PHE H 232 44.26 -7.24 36.72
N ARG H 233 45.20 -7.34 35.78
CA ARG H 233 44.87 -7.81 34.44
C ARG H 233 44.30 -9.21 34.47
N ASN H 234 44.92 -10.11 35.24
CA ASN H 234 44.39 -11.47 35.37
C ASN H 234 42.94 -11.45 35.82
N ALA H 235 42.67 -10.71 36.89
CA ALA H 235 41.32 -10.67 37.44
C ALA H 235 40.31 -10.15 36.42
N LEU H 236 40.66 -9.07 35.72
CA LEU H 236 39.73 -8.46 34.79
C LEU H 236 39.37 -9.41 33.65
N GLU H 237 40.35 -10.17 33.15
CA GLU H 237 40.04 -11.01 32.01
C GLU H 237 39.21 -12.22 32.39
N ILE H 238 39.41 -12.74 33.60
CA ILE H 238 38.57 -13.83 34.03
C ILE H 238 37.13 -13.37 34.24
N GLY H 239 36.96 -12.18 34.83
CA GLY H 239 35.62 -11.65 35.01
C GLY H 239 34.89 -11.48 33.69
N PHE H 240 35.57 -10.95 32.68
CA PHE H 240 34.89 -10.71 31.41
C PHE H 240 34.49 -12.01 30.72
N LEU H 241 35.35 -13.04 30.76
CA LEU H 241 35.00 -14.33 30.16
C LEU H 241 33.81 -14.99 30.86
N VAL H 242 33.80 -14.96 32.20
CA VAL H 242 32.67 -15.51 32.95
C VAL H 242 31.37 -14.79 32.61
N GLY H 243 31.43 -13.46 32.55
CA GLY H 243 30.25 -12.71 32.20
C GLY H 243 29.72 -13.02 30.81
N GLN H 244 30.61 -13.21 29.85
CA GLN H 244 30.19 -13.60 28.51
C GLN H 244 29.39 -14.89 28.54
N TYR H 245 29.93 -15.92 29.23
CA TYR H 245 29.20 -17.18 29.32
C TYR H 245 27.82 -17.00 29.96
N PHE H 246 27.73 -16.18 31.01
CA PHE H 246 26.43 -16.04 31.67
C PHE H 246 25.46 -15.16 30.90
N LEU H 247 25.94 -14.20 30.10
CA LEU H 247 25.04 -13.33 29.35
C LEU H 247 24.55 -13.96 28.05
N TYR H 248 25.42 -14.64 27.29
CA TYR H 248 25.08 -15.01 25.92
C TYR H 248 25.07 -16.50 25.63
N GLY H 249 25.82 -17.31 26.36
CA GLY H 249 25.97 -18.71 26.04
C GLY H 249 26.88 -19.04 24.86
N PHE H 250 26.49 -20.06 24.10
CA PHE H 250 27.31 -20.57 23.00
C PHE H 250 26.57 -20.60 21.67
N SER H 251 25.37 -20.05 21.57
CA SER H 251 24.64 -20.05 20.31
C SER H 251 23.63 -18.93 20.25
N VAL H 252 23.27 -18.57 19.03
CA VAL H 252 22.22 -17.60 18.72
C VAL H 252 21.14 -18.30 17.91
N PRO H 253 19.95 -18.52 18.45
CA PRO H 253 18.89 -19.19 17.68
C PRO H 253 18.19 -18.28 16.67
N GLY H 254 17.59 -18.94 15.67
CA GLY H 254 16.85 -18.30 14.62
C GLY H 254 15.43 -17.85 14.94
N LEU H 255 14.80 -18.48 15.92
CA LEU H 255 13.46 -18.11 16.38
C LEU H 255 13.52 -17.57 17.81
N TYR H 256 12.59 -16.68 18.12
CA TYR H 256 12.43 -16.14 19.46
C TYR H 256 10.95 -16.02 19.82
N GLU H 257 10.61 -16.40 21.05
CA GLU H 257 9.25 -16.39 21.59
C GLU H 257 9.07 -15.27 22.61
N CYS H 258 8.09 -14.39 22.38
CA CYS H 258 7.94 -13.14 23.12
C CYS H 258 6.56 -13.00 23.76
N ASN H 259 6.53 -12.48 24.99
CA ASN H 259 5.32 -12.20 25.75
C ASN H 259 5.36 -10.88 26.50
N ARG H 260 5.82 -9.80 25.87
CA ARG H 260 5.89 -8.49 26.50
C ARG H 260 4.85 -7.53 25.94
N TYR H 261 4.27 -6.72 26.82
CA TYR H 261 3.34 -5.67 26.41
C TYR H 261 4.01 -4.72 25.42
N PRO H 262 3.30 -4.30 24.35
CA PRO H 262 1.90 -4.44 23.96
C PRO H 262 1.51 -5.66 23.15
N CYS H 263 2.37 -6.66 23.07
CA CYS H 263 2.03 -7.89 22.36
C CYS H 263 0.92 -8.64 23.09
N ILE H 264 -0.07 -9.07 22.33
CA ILE H 264 -1.16 -9.91 22.80
C ILE H 264 -0.64 -11.34 22.88
N LYS H 265 -0.82 -11.93 24.06
CA LYS H 265 -0.30 -13.30 24.42
C LYS H 265 1.14 -13.58 23.94
N GLU H 266 1.48 -14.75 23.42
CA GLU H 266 2.81 -15.01 22.94
C GLU H 266 2.89 -15.00 21.42
N VAL H 267 3.93 -14.37 20.92
CA VAL H 267 4.20 -14.18 19.49
C VAL H 267 5.57 -14.76 19.16
N GLU H 268 5.74 -15.05 17.88
CA GLU H 268 6.96 -15.61 17.30
C GLU H 268 7.66 -14.58 16.42
N CYS H 269 8.96 -14.44 16.63
CA CYS H 269 9.81 -13.50 15.93
C CYS H 269 11.02 -14.21 15.32
N TYR H 270 11.64 -13.53 14.35
CA TYR H 270 12.66 -14.11 13.49
C TYR H 270 13.89 -13.20 13.41
N VAL H 271 15.09 -13.80 13.57
CA VAL H 271 16.40 -13.16 13.72
C VAL H 271 17.16 -13.12 12.40
N SER H 272 18.04 -12.13 12.26
CA SER H 272 18.95 -11.99 11.13
C SER H 272 20.33 -12.56 11.38
N ARG H 273 20.84 -13.28 10.37
CA ARG H 273 22.19 -13.84 10.34
C ARG H 273 22.61 -14.63 11.59
N PRO H 274 21.84 -15.64 11.99
CA PRO H 274 22.17 -16.35 13.23
C PRO H 274 23.44 -17.22 13.20
N THR H 275 23.75 -17.87 12.09
CA THR H 275 24.91 -18.77 11.99
C THR H 275 26.25 -18.01 12.11
N GLU H 276 26.37 -16.88 11.39
CA GLU H 276 27.56 -16.03 11.45
C GLU H 276 27.81 -15.50 12.87
N LYS H 277 26.75 -15.10 13.57
CA LYS H 277 26.86 -14.58 14.93
C LYS H 277 27.31 -15.66 15.91
N THR H 278 26.83 -16.89 15.75
CA THR H 278 27.32 -18.01 16.55
C THR H 278 28.81 -18.29 16.32
N VAL H 279 29.25 -18.26 15.07
CA VAL H 279 30.66 -18.47 14.75
C VAL H 279 31.54 -17.41 15.43
N PHE H 280 31.15 -16.14 15.35
CA PHE H 280 31.88 -15.04 16.00
C PHE H 280 31.97 -15.23 17.52
N LEU H 281 30.85 -15.59 18.17
CA LEU H 281 30.85 -15.91 19.60
C LEU H 281 31.89 -16.97 19.98
N VAL H 282 31.89 -18.10 19.27
CA VAL H 282 32.79 -19.20 19.61
C VAL H 282 34.25 -18.79 19.45
N PHE H 283 34.57 -18.10 18.35
CA PHE H 283 35.94 -17.63 18.12
C PHE H 283 36.42 -16.71 19.25
N MET H 284 35.59 -15.77 19.67
CA MET H 284 35.98 -14.84 20.73
C MET H 284 36.20 -15.56 22.06
N PHE H 285 35.36 -16.52 22.41
CA PHE H 285 35.59 -17.28 23.65
C PHE H 285 36.95 -17.98 23.61
N ALA H 286 37.30 -18.58 22.48
CA ALA H 286 38.57 -19.28 22.35
C ALA H 286 39.77 -18.35 22.55
N VAL H 287 39.77 -17.19 21.87
CA VAL H 287 40.89 -16.26 22.01
C VAL H 287 41.06 -15.79 23.46
N SER H 288 39.96 -15.40 24.12
CA SER H 288 40.07 -14.94 25.50
C SER H 288 40.56 -16.04 26.44
N GLY H 289 40.17 -17.29 26.19
CA GLY H 289 40.71 -18.38 26.97
C GLY H 289 42.22 -18.50 26.86
N ILE H 290 42.74 -18.39 25.64
CA ILE H 290 44.19 -18.41 25.43
C ILE H 290 44.86 -17.34 26.29
N CYS H 291 44.32 -16.13 26.26
CA CYS H 291 44.93 -15.04 27.02
C CYS H 291 44.92 -15.32 28.52
N VAL H 292 43.83 -15.87 29.03
CA VAL H 292 43.76 -16.21 30.44
C VAL H 292 44.86 -17.20 30.81
N VAL H 293 45.02 -18.25 30.00
CA VAL H 293 46.02 -19.26 30.27
C VAL H 293 47.42 -18.65 30.32
N LEU H 294 47.74 -17.82 29.34
CA LEU H 294 49.09 -17.26 29.26
C LEU H 294 49.40 -16.37 30.47
N ASN H 295 48.46 -15.51 30.86
CA ASN H 295 48.73 -14.64 31.99
C ASN H 295 48.86 -15.43 33.30
N LEU H 296 48.06 -16.48 33.48
CA LEU H 296 48.27 -17.32 34.66
C LEU H 296 49.63 -17.99 34.61
N ALA H 297 50.07 -18.37 33.42
CA ALA H 297 51.39 -18.97 33.29
C ALA H 297 52.42 -18.05 33.92
N GLU H 298 52.44 -16.79 33.52
CA GLU H 298 53.48 -15.91 34.02
C GLU H 298 53.32 -15.60 35.51
N LEU H 299 52.08 -15.42 35.96
CA LEU H 299 51.82 -15.22 37.38
C LEU H 299 52.41 -16.35 38.22
N ASN H 300 52.19 -17.59 37.82
CA ASN H 300 52.72 -18.72 38.58
C ASN H 300 54.22 -18.89 38.38
N HIS H 301 54.75 -18.40 37.27
CA HIS H 301 56.18 -18.45 37.04
C HIS H 301 56.94 -17.59 38.03
N LEU H 302 56.49 -16.36 38.26
CA LEU H 302 57.18 -15.53 39.25
C LEU H 302 56.83 -15.93 40.68
N GLY H 303 55.54 -16.06 40.99
CA GLY H 303 55.12 -16.60 42.28
C GLY H 303 55.01 -15.60 43.40
N SER I 19 66.98 -17.61 -9.54
CA SER I 19 65.65 -18.19 -9.54
C SER I 19 65.01 -18.09 -8.15
N THR I 20 65.78 -18.41 -7.12
CA THR I 20 65.32 -18.18 -5.75
C THR I 20 65.39 -16.73 -5.33
N MET I 21 66.14 -15.90 -6.05
CA MET I 21 66.22 -14.48 -5.73
C MET I 21 64.91 -13.76 -6.04
N ILE I 22 64.38 -13.93 -7.24
CA ILE I 22 63.15 -13.24 -7.63
C ILE I 22 61.92 -13.76 -6.88
N GLY I 23 61.94 -15.01 -6.44
CA GLY I 23 60.76 -15.58 -5.79
C GLY I 23 60.30 -14.79 -4.58
N ARG I 24 61.25 -14.30 -3.79
CA ARG I 24 60.91 -13.50 -2.62
C ARG I 24 60.26 -12.18 -3.04
N ILE I 25 60.79 -11.57 -4.09
CA ILE I 25 60.30 -10.28 -4.55
C ILE I 25 58.86 -10.41 -5.00
N LEU I 26 58.57 -11.48 -5.74
CA LEU I 26 57.23 -11.67 -6.23
C LEU I 26 56.27 -12.09 -5.15
N LEU I 27 56.74 -12.83 -4.15
CA LEU I 27 55.86 -13.17 -3.05
C LEU I 27 55.40 -11.92 -2.33
N THR I 28 56.32 -10.99 -2.08
CA THR I 28 55.96 -9.75 -1.42
C THR I 28 54.94 -8.97 -2.26
N VAL I 29 55.13 -8.99 -3.58
CA VAL I 29 54.25 -8.25 -4.48
C VAL I 29 52.85 -8.86 -4.54
N VAL I 30 52.77 -10.20 -4.54
CA VAL I 30 51.49 -10.90 -4.59
C VAL I 30 50.68 -10.63 -3.34
N VAL I 31 51.36 -10.67 -2.18
CA VAL I 31 50.68 -10.41 -0.92
C VAL I 31 50.08 -9.02 -0.91
N ILE I 32 50.86 -8.02 -1.32
CA ILE I 32 50.36 -6.66 -1.29
C ILE I 32 49.20 -6.46 -2.27
N PHE I 33 49.29 -7.07 -3.45
CA PHE I 33 48.22 -6.96 -4.45
C PHE I 33 46.91 -7.49 -3.89
N ARG I 34 46.95 -8.66 -3.26
CA ARG I 34 45.77 -9.26 -2.68
C ARG I 34 45.15 -8.36 -1.60
N ILE I 35 45.98 -7.83 -0.70
CA ILE I 35 45.44 -6.94 0.33
C ILE I 35 44.74 -5.74 -0.30
N LEU I 36 45.35 -5.13 -1.31
CA LEU I 36 44.74 -3.95 -1.91
C LEU I 36 43.39 -4.27 -2.54
N ILE I 37 43.31 -5.37 -3.30
CA ILE I 37 42.03 -5.72 -3.93
C ILE I 37 40.95 -5.97 -2.88
N VAL I 38 41.27 -6.65 -1.80
CA VAL I 38 40.22 -6.94 -0.82
C VAL I 38 39.80 -5.65 -0.12
N ALA I 39 40.76 -4.80 0.24
CA ALA I 39 40.46 -3.63 1.04
C ALA I 39 39.70 -2.55 0.30
N ILE I 40 39.96 -2.34 -0.98
CA ILE I 40 39.41 -1.17 -1.65
C ILE I 40 38.04 -1.41 -2.27
N VAL I 41 37.80 -2.55 -2.90
CA VAL I 41 36.55 -2.72 -3.63
C VAL I 41 35.58 -3.75 -3.03
N GLY I 42 36.06 -4.83 -2.39
CA GLY I 42 35.15 -5.89 -1.98
C GLY I 42 34.07 -5.52 -0.97
N GLU I 43 34.30 -4.54 -0.13
CA GLU I 43 33.22 -4.17 0.78
C GLU I 43 31.98 -3.62 0.10
N THR I 44 31.99 -3.38 -1.21
CA THR I 44 30.90 -2.65 -1.83
C THR I 44 30.23 -3.47 -2.93
N VAL I 45 30.81 -4.60 -3.28
CA VAL I 45 30.12 -5.60 -4.08
C VAL I 45 29.06 -6.33 -3.25
N TYR I 46 29.38 -6.65 -2.00
CA TYR I 46 28.56 -7.36 -1.03
C TYR I 46 27.62 -6.51 -0.16
N ASP I 47 27.63 -5.18 -0.28
CA ASP I 47 26.81 -4.32 0.58
C ASP I 47 25.31 -4.63 0.54
N ASP I 48 24.72 -4.88 -0.64
CA ASP I 48 23.28 -5.16 -0.74
C ASP I 48 22.92 -6.65 -0.75
N GLU I 49 23.68 -7.52 -0.08
CA GLU I 49 23.48 -8.95 -0.26
C GLU I 49 22.10 -9.43 0.23
N GLN I 50 21.65 -8.96 1.41
CA GLN I 50 20.38 -9.41 1.96
C GLN I 50 19.21 -8.50 1.59
N THR I 51 19.48 -7.23 1.37
CA THR I 51 18.47 -6.25 1.01
C THR I 51 17.90 -6.50 -0.39
N MET I 52 18.70 -7.05 -1.32
CA MET I 52 18.25 -7.43 -2.66
C MET I 52 18.04 -8.93 -2.87
N PHE I 53 18.01 -9.73 -1.80
CA PHE I 53 17.63 -11.13 -1.84
C PHE I 53 16.13 -11.24 -1.66
N VAL I 54 15.47 -11.94 -2.57
CA VAL I 54 14.01 -12.00 -2.55
C VAL I 54 13.48 -13.38 -2.92
N CYS I 55 12.40 -13.77 -2.25
CA CYS I 55 11.69 -15.02 -2.42
C CYS I 55 10.20 -14.79 -2.75
N ASN I 56 9.62 -15.74 -3.48
CA ASN I 56 8.20 -15.76 -3.89
C ASN I 56 7.35 -16.42 -2.82
N THR I 57 6.79 -15.60 -1.94
CA THR I 57 6.10 -16.05 -0.74
C THR I 57 5.42 -14.85 -0.10
N LEU I 58 4.44 -15.14 0.76
CA LEU I 58 3.74 -14.19 1.59
C LEU I 58 3.92 -14.48 3.08
N GLN I 59 4.82 -15.39 3.42
CA GLN I 59 5.04 -15.85 4.78
C GLN I 59 6.09 -15.03 5.51
N PRO I 60 5.80 -14.47 6.65
CA PRO I 60 6.83 -13.74 7.41
C PRO I 60 7.92 -14.65 7.95
N GLY I 61 9.17 -14.22 7.77
CA GLY I 61 10.36 -14.90 8.19
C GLY I 61 11.07 -15.82 7.21
N CYS I 62 10.52 -16.07 6.02
CA CYS I 62 11.12 -17.02 5.09
C CYS I 62 12.37 -16.45 4.41
N ASN I 63 12.38 -15.16 4.09
CA ASN I 63 13.54 -14.54 3.48
C ASN I 63 14.77 -14.65 4.38
N GLN I 64 14.58 -14.41 5.68
CA GLN I 64 15.66 -14.52 6.68
C GLN I 64 16.26 -15.92 6.75
N ALA I 65 15.41 -16.94 6.88
CA ALA I 65 15.85 -18.32 6.98
C ALA I 65 16.56 -18.77 5.71
N CYS I 66 16.04 -18.40 4.56
CA CYS I 66 16.61 -18.83 3.30
C CYS I 66 17.94 -18.12 2.99
N TYR I 67 18.06 -16.83 3.30
CA TYR I 67 19.36 -16.16 3.17
C TYR I 67 20.40 -16.80 4.08
N ASP I 68 20.05 -17.11 5.33
CA ASP I 68 21.02 -17.71 6.24
C ASP I 68 21.47 -19.08 5.77
N ARG I 69 20.56 -19.90 5.21
CA ARG I 69 20.95 -21.22 4.73
C ARG I 69 21.75 -21.15 3.41
N ALA I 70 21.47 -20.20 2.52
CA ALA I 70 22.22 -20.05 1.28
C ALA I 70 23.61 -19.46 1.49
N PHE I 71 23.75 -18.48 2.39
CA PHE I 71 25.01 -17.78 2.61
C PHE I 71 25.36 -17.74 4.10
N PRO I 72 25.90 -18.84 4.63
CA PRO I 72 26.23 -18.92 6.06
C PRO I 72 27.34 -17.99 6.53
N ILE I 73 28.47 -17.95 5.83
CA ILE I 73 29.51 -16.97 6.05
C ILE I 73 29.80 -16.32 4.72
N SER I 74 29.73 -15.01 4.70
CA SER I 74 29.99 -14.25 3.50
C SER I 74 31.46 -14.33 3.09
N HIS I 75 31.68 -14.26 1.78
CA HIS I 75 33.01 -14.40 1.21
C HIS I 75 33.98 -13.40 1.80
N ILE I 76 33.55 -12.15 1.94
CA ILE I 76 34.43 -11.06 2.31
C ILE I 76 34.95 -11.23 3.73
N ARG I 77 34.12 -11.76 4.63
CA ARG I 77 34.54 -12.09 5.99
C ARG I 77 35.62 -13.16 6.01
N TYR I 78 35.43 -14.24 5.26
CA TYR I 78 36.41 -15.32 5.15
C TYR I 78 37.74 -14.81 4.62
N TRP I 79 37.72 -13.95 3.61
CA TRP I 79 38.95 -13.45 3.02
C TRP I 79 39.71 -12.51 3.97
N VAL I 80 39.00 -11.63 4.69
CA VAL I 80 39.68 -10.79 5.68
C VAL I 80 40.34 -11.64 6.75
N PHE I 81 39.63 -12.64 7.26
CA PHE I 81 40.18 -13.52 8.29
C PHE I 81 41.43 -14.24 7.80
N GLN I 82 41.40 -14.81 6.60
CA GLN I 82 42.54 -15.50 6.04
C GLN I 82 43.75 -14.59 5.91
N ILE I 83 43.53 -13.40 5.37
CA ILE I 83 44.62 -12.45 5.21
C ILE I 83 45.28 -12.14 6.54
N ILE I 84 44.49 -11.90 7.59
CA ILE I 84 45.09 -11.58 8.88
C ILE I 84 45.84 -12.77 9.45
N MET I 85 45.29 -13.98 9.34
CA MET I 85 45.94 -15.14 9.95
C MET I 85 47.23 -15.54 9.25
N VAL I 86 47.37 -15.28 7.95
CA VAL I 86 48.61 -15.64 7.27
C VAL I 86 49.74 -14.64 7.51
N CYS I 87 49.52 -13.59 8.29
CA CYS I 87 50.56 -12.60 8.60
C CYS I 87 51.02 -12.67 10.05
N THR I 88 50.59 -13.67 10.79
CA THR I 88 50.86 -13.82 12.21
C THR I 88 52.28 -14.32 12.48
N PRO I 89 52.80 -15.27 11.71
CA PRO I 89 54.17 -15.72 11.92
C PRO I 89 55.20 -14.61 11.79
N SER I 90 55.00 -13.72 10.82
CA SER I 90 55.87 -12.57 10.68
C SER I 90 55.83 -11.68 11.91
N LEU I 91 54.64 -11.40 12.46
CA LEU I 91 54.58 -10.56 13.66
C LEU I 91 55.30 -11.21 14.83
N CYS I 92 55.16 -12.52 14.99
CA CYS I 92 55.88 -13.18 16.08
C CYS I 92 57.39 -13.05 15.90
N PHE I 93 57.87 -13.31 14.70
CA PHE I 93 59.30 -13.20 14.43
C PHE I 93 59.79 -11.77 14.68
N ILE I 94 59.00 -10.78 14.29
CA ILE I 94 59.38 -9.39 14.46
C ILE I 94 59.47 -9.04 15.95
N THR I 95 58.49 -9.47 16.74
CA THR I 95 58.50 -9.17 18.17
C THR I 95 59.70 -9.82 18.85
N TYR I 96 60.04 -11.04 18.46
CA TYR I 96 61.24 -11.70 18.96
C TYR I 96 62.49 -10.93 18.62
N SER I 97 62.65 -10.57 17.35
CA SER I 97 63.88 -9.90 16.96
C SER I 97 64.01 -8.55 17.63
N VAL I 98 62.89 -7.86 17.85
CA VAL I 98 62.94 -6.60 18.58
C VAL I 98 63.44 -6.83 20.00
N HIS I 99 62.99 -7.92 20.64
CA HIS I 99 63.50 -8.19 21.97
C HIS I 99 64.98 -8.54 21.93
N GLN I 100 65.43 -9.20 20.88
CA GLN I 100 66.83 -9.59 20.75
C GLN I 100 67.78 -8.41 20.82
N SER I 101 67.30 -7.21 20.56
CA SER I 101 68.17 -6.03 20.50
C SER I 101 68.31 -5.39 21.87
N GLY I 221 69.33 -18.37 18.19
CA GLY I 221 68.91 -19.27 17.13
C GLY I 221 67.85 -18.67 16.22
N ILE I 222 68.22 -17.55 15.58
CA ILE I 222 67.28 -16.84 14.70
C ILE I 222 66.91 -17.72 13.51
N SER I 223 67.87 -18.50 12.99
CA SER I 223 67.63 -19.29 11.80
C SER I 223 66.62 -20.40 12.07
N ARG I 224 66.64 -20.98 13.27
CA ARG I 224 65.62 -21.95 13.61
C ARG I 224 64.22 -21.33 13.60
N PHE I 225 64.10 -20.12 14.12
CA PHE I 225 62.82 -19.43 14.08
C PHE I 225 62.37 -19.21 12.64
N TYR I 226 63.32 -18.86 11.78
CA TYR I 226 63.00 -18.69 10.36
C TYR I 226 62.42 -19.98 9.78
N ILE I 227 63.08 -21.10 10.06
CA ILE I 227 62.63 -22.39 9.55
C ILE I 227 61.20 -22.68 10.00
N ILE I 228 60.95 -22.53 11.29
CA ILE I 228 59.65 -22.92 11.83
C ILE I 228 58.55 -22.03 11.27
N GLN I 229 58.80 -20.73 11.17
CA GLN I 229 57.74 -19.85 10.70
C GLN I 229 57.43 -20.13 9.22
N VAL I 230 58.44 -20.52 8.44
CA VAL I 230 58.20 -20.87 7.05
C VAL I 230 57.28 -22.08 6.97
N VAL I 231 57.54 -23.08 7.80
CA VAL I 231 56.72 -24.28 7.85
C VAL I 231 55.26 -23.91 8.15
N PHE I 232 55.07 -23.06 9.16
CA PHE I 232 53.73 -22.71 9.59
C PHE I 232 52.97 -21.94 8.51
N ARG I 233 53.62 -20.99 7.85
CA ARG I 233 52.96 -20.24 6.79
C ARG I 233 52.50 -21.15 5.66
N ASN I 234 53.37 -22.07 5.24
CA ASN I 234 52.97 -23.02 4.20
C ASN I 234 51.69 -23.77 4.60
N ALA I 235 51.68 -24.32 5.81
CA ALA I 235 50.54 -25.10 6.26
C ALA I 235 49.26 -24.27 6.26
N LEU I 236 49.35 -23.05 6.78
CA LEU I 236 48.17 -22.22 6.91
C LEU I 236 47.56 -21.88 5.55
N GLU I 237 48.40 -21.61 4.55
CA GLU I 237 47.84 -21.21 3.28
C GLU I 237 47.22 -22.37 2.53
N ILE I 238 47.76 -23.56 2.69
CA ILE I 238 47.14 -24.72 2.07
C ILE I 238 45.80 -25.01 2.72
N GLY I 239 45.72 -24.92 4.05
CA GLY I 239 44.46 -25.13 4.71
C GLY I 239 43.38 -24.17 4.26
N PHE I 240 43.73 -22.90 4.10
CA PHE I 240 42.71 -21.92 3.73
C PHE I 240 42.22 -22.14 2.29
N LEU I 241 43.11 -22.49 1.36
CA LEU I 241 42.69 -22.78 -0.01
C LEU I 241 41.76 -23.99 -0.09
N VAL I 242 42.12 -25.07 0.62
CA VAL I 242 41.28 -26.27 0.65
C VAL I 242 39.91 -25.94 1.22
N GLY I 243 39.86 -25.18 2.30
CA GLY I 243 38.58 -24.81 2.89
C GLY I 243 37.72 -24.00 1.96
N GLN I 244 38.32 -23.08 1.20
CA GLN I 244 37.57 -22.31 0.22
C GLN I 244 36.89 -23.23 -0.79
N TYR I 245 37.64 -24.17 -1.34
CA TYR I 245 37.05 -25.10 -2.30
C TYR I 245 35.89 -25.89 -1.68
N PHE I 246 36.04 -26.34 -0.44
CA PHE I 246 34.98 -27.13 0.16
C PHE I 246 33.77 -26.31 0.60
N LEU I 247 33.96 -25.03 0.94
CA LEU I 247 32.84 -24.21 1.39
C LEU I 247 32.05 -23.61 0.23
N TYR I 248 32.71 -23.13 -0.83
CA TYR I 248 32.03 -22.31 -1.81
C TYR I 248 32.03 -22.85 -3.23
N GLY I 249 32.99 -23.65 -3.62
CA GLY I 249 33.13 -24.09 -4.98
C GLY I 249 33.70 -23.07 -5.96
N PHE I 250 33.17 -23.08 -7.19
CA PHE I 250 33.68 -22.25 -8.27
C PHE I 250 32.61 -21.38 -8.92
N SER I 251 31.40 -21.33 -8.38
CA SER I 251 30.36 -20.50 -8.97
C SER I 251 29.31 -20.13 -7.94
N VAL I 252 28.61 -19.04 -8.22
CA VAL I 252 27.46 -18.56 -7.47
C VAL I 252 26.24 -18.55 -8.38
N PRO I 253 25.25 -19.43 -8.17
CA PRO I 253 24.06 -19.42 -9.02
C PRO I 253 23.07 -18.31 -8.71
N GLY I 254 22.26 -18.02 -9.73
CA GLY I 254 21.22 -17.00 -9.65
C GLY I 254 19.93 -17.42 -8.97
N LEU I 255 19.62 -18.71 -8.93
CA LEU I 255 18.44 -19.23 -8.25
C LEU I 255 18.85 -20.09 -7.07
N TYR I 256 18.00 -20.12 -6.04
CA TYR I 256 18.18 -20.97 -4.87
C TYR I 256 16.85 -21.60 -4.45
N GLU I 257 16.88 -22.87 -4.10
CA GLU I 257 15.73 -23.66 -3.68
C GLU I 257 15.77 -23.94 -2.19
N CYS I 258 14.72 -23.56 -1.47
CA CYS I 258 14.72 -23.54 0.00
C CYS I 258 13.55 -24.34 0.58
N ASN I 259 13.83 -25.08 1.67
CA ASN I 259 12.86 -25.87 2.41
C ASN I 259 13.02 -25.78 3.93
N ARG I 260 13.24 -24.57 4.46
CA ARG I 260 13.40 -24.37 5.91
C ARG I 260 12.19 -23.69 6.54
N TYR I 261 11.83 -24.13 7.74
CA TYR I 261 10.77 -23.50 8.50
C TYR I 261 11.09 -22.03 8.73
N PRO I 262 10.09 -21.13 8.61
CA PRO I 262 8.65 -21.25 8.42
C PRO I 262 8.12 -21.33 7.00
N CYS I 263 8.98 -21.56 6.02
CA CYS I 263 8.53 -21.73 4.65
C CYS I 263 7.71 -23.00 4.50
N ILE I 264 6.57 -22.86 3.83
CA ILE I 264 5.70 -23.98 3.46
C ILE I 264 6.30 -24.66 2.25
N LYS I 265 6.49 -25.97 2.36
CA LYS I 265 7.16 -26.85 1.35
C LYS I 265 8.42 -26.21 0.71
N GLU I 266 8.67 -26.33 -0.58
CA GLU I 266 9.84 -25.72 -1.18
C GLU I 266 9.49 -24.46 -1.96
N VAL I 267 10.34 -23.45 -1.79
CA VAL I 267 10.18 -22.13 -2.39
C VAL I 267 11.44 -21.80 -3.20
N GLU I 268 11.27 -20.87 -4.12
CA GLU I 268 12.31 -20.38 -5.01
C GLU I 268 12.68 -18.95 -4.67
N CYS I 269 13.98 -18.70 -4.57
CA CYS I 269 14.55 -17.41 -4.21
C CYS I 269 15.58 -16.96 -5.25
N TYR I 270 15.87 -15.67 -5.24
CA TYR I 270 16.65 -15.00 -6.27
C TYR I 270 17.76 -14.14 -5.66
N VAL I 271 18.99 -14.28 -6.20
CA VAL I 271 20.25 -13.71 -5.71
C VAL I 271 20.62 -12.42 -6.43
N SER I 272 21.37 -11.56 -5.75
CA SER I 272 21.92 -10.33 -6.30
C SER I 272 23.36 -10.47 -6.80
N ARG I 273 23.61 -9.90 -7.98
CA ARG I 273 24.92 -9.81 -8.60
C ARG I 273 25.71 -11.12 -8.67
N PRO I 274 25.14 -12.18 -9.25
CA PRO I 274 25.85 -13.47 -9.25
C PRO I 274 27.11 -13.57 -10.11
N THR I 275 27.14 -12.93 -11.28
CA THR I 275 28.27 -13.01 -12.20
C THR I 275 29.54 -12.36 -11.63
N GLU I 276 29.40 -11.17 -11.06
CA GLU I 276 30.50 -10.45 -10.42
C GLU I 276 31.11 -11.25 -9.25
N LYS I 277 30.25 -11.89 -8.44
CA LYS I 277 30.70 -12.69 -7.32
C LYS I 277 31.47 -13.94 -7.77
N THR I 278 31.03 -14.57 -8.85
CA THR I 278 31.78 -15.69 -9.44
C THR I 278 33.17 -15.25 -9.94
N VAL I 279 33.24 -14.10 -10.60
CA VAL I 279 34.53 -13.58 -11.08
C VAL I 279 35.50 -13.35 -9.92
N PHE I 280 35.03 -12.73 -8.83
CA PHE I 280 35.85 -12.49 -7.64
C PHE I 280 36.36 -13.79 -7.02
N LEU I 281 35.48 -14.80 -6.88
CA LEU I 281 35.89 -16.12 -6.42
C LEU I 281 37.05 -16.72 -7.22
N VAL I 282 36.92 -16.73 -8.55
CA VAL I 282 37.94 -17.36 -9.39
C VAL I 282 39.28 -16.61 -9.27
N PHE I 283 39.25 -15.28 -9.28
CA PHE I 283 40.46 -14.50 -9.13
C PHE I 283 41.19 -14.81 -7.82
N MET I 284 40.45 -14.86 -6.72
CA MET I 284 41.07 -15.13 -5.44
C MET I 284 41.69 -16.54 -5.36
N PHE I 285 41.02 -17.55 -5.93
CA PHE I 285 41.64 -18.88 -5.94
C PHE I 285 42.96 -18.85 -6.69
N ALA I 286 43.02 -18.17 -7.83
CA ALA I 286 44.25 -18.10 -8.61
C ALA I 286 45.40 -17.45 -7.84
N VAL I 287 45.16 -16.30 -7.20
CA VAL I 287 46.22 -15.63 -6.44
C VAL I 287 46.74 -16.52 -5.31
N SER I 288 45.85 -17.13 -4.55
CA SER I 288 46.30 -17.98 -3.44
C SER I 288 47.10 -19.19 -3.93
N GLY I 289 46.72 -19.75 -5.08
CA GLY I 289 47.53 -20.81 -5.65
C GLY I 289 48.94 -20.38 -5.97
N ILE I 290 49.10 -19.20 -6.56
CA ILE I 290 50.43 -18.67 -6.83
C ILE I 290 51.26 -18.62 -5.54
N CYS I 291 50.66 -18.11 -4.47
CA CYS I 291 51.39 -17.99 -3.20
C CYS I 291 51.81 -19.35 -2.67
N VAL I 292 50.94 -20.35 -2.77
CA VAL I 292 51.29 -21.69 -2.31
C VAL I 292 52.50 -22.21 -3.07
N VAL I 293 52.48 -22.06 -4.40
CA VAL I 293 53.58 -22.55 -5.22
C VAL I 293 54.89 -21.91 -4.81
N LEU I 294 54.89 -20.59 -4.64
CA LEU I 294 56.12 -19.88 -4.34
C LEU I 294 56.71 -20.31 -2.99
N ASN I 295 55.86 -20.42 -1.97
CA ASN I 295 56.39 -20.82 -0.67
C ASN I 295 56.91 -22.25 -0.67
N LEU I 296 56.25 -23.16 -1.39
CA LEU I 296 56.82 -24.50 -1.52
C LEU I 296 58.16 -24.46 -2.24
N ALA I 297 58.27 -23.58 -3.24
CA ALA I 297 59.54 -23.44 -3.94
C ALA I 297 60.65 -23.20 -2.93
N GLU I 298 60.48 -22.20 -2.07
CA GLU I 298 61.58 -21.88 -1.16
C GLU I 298 61.81 -22.97 -0.12
N LEU I 299 60.74 -23.56 0.39
CA LEU I 299 60.86 -24.68 1.32
C LEU I 299 61.72 -25.80 0.75
N ASN I 300 61.47 -26.18 -0.51
CA ASN I 300 62.25 -27.25 -1.12
C ASN I 300 63.64 -26.78 -1.51
N HIS I 301 63.81 -25.48 -1.72
CA HIS I 301 65.14 -24.95 -2.02
C HIS I 301 66.09 -25.09 -0.85
N LEU I 302 65.64 -24.76 0.36
CA LEU I 302 66.53 -24.95 1.50
C LEU I 302 66.61 -26.42 1.94
N GLY I 303 65.47 -27.06 2.11
CA GLY I 303 65.45 -28.50 2.37
C GLY I 303 65.59 -28.92 3.81
N SER J 19 62.67 16.12 -26.46
CA SER J 19 61.43 15.46 -26.83
C SER J 19 61.19 14.21 -25.96
N THR J 20 62.23 13.41 -25.77
CA THR J 20 62.15 12.29 -24.82
C THR J 20 62.25 12.74 -23.37
N MET J 21 62.72 13.95 -23.12
CA MET J 21 62.81 14.45 -21.75
C MET J 21 61.43 14.74 -21.16
N ILE J 22 60.59 15.49 -21.89
CA ILE J 22 59.28 15.84 -21.37
C ILE J 22 58.32 14.64 -21.31
N GLY J 23 58.53 13.62 -22.15
CA GLY J 23 57.62 12.50 -22.19
C GLY J 23 57.46 11.81 -20.85
N ARG J 24 58.56 11.67 -20.12
CA ARG J 24 58.51 11.05 -18.79
C ARG J 24 57.69 11.91 -17.83
N ILE J 25 57.88 13.22 -17.90
CA ILE J 25 57.21 14.13 -17.00
C ILE J 25 55.71 14.06 -17.19
N LEU J 26 55.30 14.03 -18.46
CA LEU J 26 53.88 13.98 -18.74
C LEU J 26 53.28 12.62 -18.44
N LEU J 27 54.04 11.55 -18.60
CA LEU J 27 53.53 10.25 -18.24
C LEU J 27 53.21 10.19 -16.76
N THR J 28 54.12 10.72 -15.93
CA THR J 28 53.88 10.74 -14.50
C THR J 28 52.63 11.56 -14.17
N VAL J 29 52.44 12.67 -14.89
CA VAL J 29 51.31 13.56 -14.63
C VAL J 29 49.98 12.92 -15.06
N VAL J 30 49.98 12.20 -16.19
CA VAL J 30 48.78 11.53 -16.69
C VAL J 30 48.34 10.45 -15.72
N VAL J 31 49.29 9.67 -15.22
CA VAL J 31 48.99 8.60 -14.29
C VAL J 31 48.33 9.16 -13.03
N ILE J 32 48.91 10.21 -12.48
CA ILE J 32 48.36 10.78 -11.25
C ILE J 32 46.97 11.38 -11.48
N PHE J 33 46.76 12.04 -12.62
CA PHE J 33 45.46 12.62 -12.94
C PHE J 33 44.38 11.55 -12.98
N ARG J 34 44.67 10.44 -13.64
CA ARG J 34 43.72 9.34 -13.73
C ARG J 34 43.37 8.78 -12.35
N ILE J 35 44.38 8.55 -11.51
CA ILE J 35 44.10 8.03 -10.18
C ILE J 35 43.19 8.98 -9.41
N LEU J 36 43.45 10.28 -9.47
CA LEU J 36 42.65 11.23 -8.71
C LEU J 36 41.20 11.22 -9.18
N ILE J 37 40.97 11.23 -10.50
CA ILE J 37 39.60 11.22 -11.01
C ILE J 37 38.85 9.97 -10.57
N VAL J 38 39.50 8.80 -10.62
CA VAL J 38 38.77 7.60 -10.26
C VAL J 38 38.49 7.59 -8.76
N ALA J 39 39.46 8.00 -7.95
CA ALA J 39 39.32 7.87 -6.51
C ALA J 39 38.34 8.85 -5.90
N ILE J 40 38.22 10.06 -6.41
CA ILE J 40 37.45 11.07 -5.70
C ILE J 40 35.97 11.08 -6.09
N VAL J 41 35.63 10.94 -7.37
CA VAL J 41 34.24 11.11 -7.76
C VAL J 41 33.54 9.83 -8.24
N GLY J 42 34.23 8.88 -8.87
CA GLY J 42 33.53 7.75 -9.46
C GLY J 42 32.75 6.84 -8.54
N GLU J 43 33.14 6.73 -7.27
CA GLU J 43 32.34 5.90 -6.38
C GLU J 43 30.92 6.42 -6.16
N THR J 44 30.57 7.61 -6.62
CA THR J 44 29.31 8.20 -6.23
C THR J 44 28.42 8.49 -7.42
N VAL J 45 28.93 8.33 -8.62
CA VAL J 45 28.11 8.28 -9.83
C VAL J 45 27.36 6.95 -9.91
N TYR J 46 28.03 5.86 -9.55
CA TYR J 46 27.55 4.48 -9.58
C TYR J 46 26.84 3.97 -8.32
N ASP J 47 26.74 4.77 -7.25
CA ASP J 47 26.14 4.30 -5.99
C ASP J 47 24.70 3.78 -6.13
N ASP J 48 23.83 4.45 -6.90
CA ASP J 48 22.44 4.01 -7.05
C ASP J 48 22.17 3.14 -8.29
N GLU J 49 23.14 2.34 -8.75
CA GLU J 49 22.97 1.68 -10.04
C GLU J 49 21.81 0.68 -10.05
N GLN J 50 21.67 -0.15 -9.02
CA GLN J 50 20.62 -1.17 -8.99
C GLN J 50 19.36 -0.69 -8.29
N THR J 51 19.49 0.21 -7.34
CA THR J 51 18.35 0.74 -6.60
C THR J 51 17.45 1.62 -7.48
N MET J 52 17.99 2.28 -8.50
CA MET J 52 17.21 3.05 -9.47
C MET J 52 17.03 2.38 -10.84
N PHE J 53 17.33 1.10 -10.97
CA PHE J 53 17.04 0.29 -12.14
C PHE J 53 15.65 -0.31 -12.00
N VAL J 54 14.82 -0.11 -12.99
CA VAL J 54 13.43 -0.54 -12.89
C VAL J 54 12.89 -1.09 -14.21
N CYS J 55 12.07 -2.12 -14.09
CA CYS J 55 11.40 -2.84 -15.17
C CYS J 55 9.87 -2.85 -15.00
N ASN J 56 9.16 -2.89 -16.13
CA ASN J 56 7.70 -2.94 -16.22
C ASN J 56 7.21 -4.39 -16.15
N THR J 57 6.87 -4.82 -14.94
CA THR J 57 6.55 -6.20 -14.62
C THR J 57 6.01 -6.27 -13.20
N LEU J 58 5.33 -7.38 -12.92
CA LEU J 58 4.83 -7.74 -11.60
C LEU J 58 5.43 -9.06 -11.11
N GLN J 59 6.43 -9.56 -11.79
CA GLN J 59 7.04 -10.85 -11.51
C GLN J 59 8.20 -10.74 -10.53
N PRO J 60 8.21 -11.46 -9.44
CA PRO J 60 9.37 -11.40 -8.53
C PRO J 60 10.62 -12.04 -9.13
N GLY J 61 11.73 -11.34 -8.97
CA GLY J 61 13.04 -11.73 -9.45
C GLY J 61 13.50 -11.23 -10.81
N CYS J 62 12.66 -10.53 -11.58
CA CYS J 62 13.03 -10.12 -12.94
C CYS J 62 14.02 -8.95 -12.91
N ASN J 63 13.86 -8.01 -11.99
CA ASN J 63 14.78 -6.88 -11.90
C ASN J 63 16.21 -7.34 -11.64
N GLN J 64 16.37 -8.32 -10.75
CA GLN J 64 17.68 -8.90 -10.43
C GLN J 64 18.36 -9.53 -11.64
N ALA J 65 17.63 -10.41 -12.35
CA ALA J 65 18.16 -11.09 -13.52
C ALA J 65 18.53 -10.11 -14.63
N CYS J 66 17.69 -9.11 -14.85
CA CYS J 66 17.91 -8.17 -15.93
C CYS J 66 19.07 -7.20 -15.62
N TYR J 67 19.19 -6.75 -14.36
CA TYR J 67 20.36 -5.95 -13.99
C TYR J 67 21.65 -6.74 -14.17
N ASP J 68 21.67 -8.02 -13.75
CA ASP J 68 22.89 -8.81 -13.88
C ASP J 68 23.27 -9.04 -15.35
N ARG J 69 22.29 -9.24 -16.23
CA ARG J 69 22.60 -9.43 -17.65
C ARG J 69 23.01 -8.13 -18.35
N ALA J 70 22.44 -6.98 -17.97
CA ALA J 70 22.81 -5.71 -18.57
C ALA J 70 24.17 -5.20 -18.09
N PHE J 71 24.49 -5.37 -16.81
CA PHE J 71 25.72 -4.85 -16.21
C PHE J 71 26.47 -5.95 -15.45
N PRO J 72 27.20 -6.82 -16.16
CA PRO J 72 27.91 -7.93 -15.53
C PRO J 72 29.05 -7.54 -14.60
N ILE J 73 29.94 -6.65 -15.04
CA ILE J 73 30.95 -6.05 -14.20
C ILE J 73 30.82 -4.54 -14.36
N SER J 74 30.68 -3.86 -13.25
CA SER J 74 30.55 -2.42 -13.24
C SER J 74 31.86 -1.75 -13.67
N HIS J 75 31.70 -0.60 -14.30
CA HIS J 75 32.83 0.14 -14.84
C HIS J 75 33.87 0.45 -13.79
N ILE J 76 33.42 0.88 -12.61
CA ILE J 76 34.31 1.37 -11.58
C ILE J 76 35.21 0.26 -11.03
N ARG J 77 34.68 -0.96 -10.95
CA ARG J 77 35.48 -2.11 -10.56
C ARG J 77 36.59 -2.41 -11.57
N TYR J 78 36.25 -2.42 -12.85
CA TYR J 78 37.22 -2.64 -13.92
C TYR J 78 38.33 -1.59 -13.90
N TRP J 79 37.98 -0.32 -13.68
CA TRP J 79 38.98 0.74 -13.68
C TRP J 79 39.91 0.66 -12.47
N VAL J 80 39.38 0.36 -11.28
CA VAL J 80 40.26 0.17 -10.12
C VAL J 80 41.23 -0.97 -10.36
N PHE J 81 40.74 -2.10 -10.87
CA PHE J 81 41.60 -3.24 -11.14
C PHE J 81 42.72 -2.90 -12.13
N GLN J 82 42.38 -2.23 -13.23
CA GLN J 82 43.37 -1.84 -14.23
C GLN J 82 44.44 -0.93 -13.64
N ILE J 83 44.02 0.06 -12.87
CA ILE J 83 44.97 0.97 -12.26
C ILE J 83 45.95 0.23 -11.37
N ILE J 84 45.46 -0.69 -10.55
CA ILE J 84 46.37 -1.42 -9.66
C ILE J 84 47.32 -2.32 -10.46
N MET J 85 46.84 -3.00 -11.49
CA MET J 85 47.69 -3.93 -12.21
C MET J 85 48.75 -3.24 -13.05
N VAL J 86 48.52 -2.00 -13.53
CA VAL J 86 49.55 -1.32 -14.29
C VAL J 86 50.63 -0.69 -13.44
N CYS J 87 50.58 -0.83 -12.12
CA CYS J 87 51.60 -0.30 -11.22
C CYS J 87 52.45 -1.38 -10.58
N THR J 88 52.30 -2.62 -10.99
CA THR J 88 52.96 -3.78 -10.41
C THR J 88 54.42 -3.89 -10.84
N PRO J 89 54.76 -3.61 -12.10
CA PRO J 89 56.17 -3.67 -12.51
C PRO J 89 57.05 -2.71 -11.73
N SER J 90 56.54 -1.51 -11.45
CA SER J 90 57.27 -0.56 -10.63
C SER J 90 57.53 -1.11 -9.23
N LEU J 91 56.53 -1.72 -8.60
CA LEU J 91 56.74 -2.27 -7.26
C LEU J 91 57.79 -3.37 -7.28
N CYS J 92 57.78 -4.22 -8.29
CA CYS J 92 58.80 -5.26 -8.37
C CYS J 92 60.19 -4.66 -8.48
N PHE J 93 60.34 -3.68 -9.38
CA PHE J 93 61.63 -3.04 -9.56
C PHE J 93 62.09 -2.37 -8.27
N ILE J 94 61.17 -1.73 -7.56
CA ILE J 94 61.49 -1.05 -6.31
C ILE J 94 61.97 -2.04 -5.26
N THR J 95 61.27 -3.17 -5.12
CA THR J 95 61.66 -4.17 -4.13
C THR J 95 63.05 -4.74 -4.44
N TYR J 96 63.32 -4.98 -5.72
CA TYR J 96 64.65 -5.43 -6.14
C TYR J 96 65.72 -4.41 -5.78
N SER J 97 65.50 -3.15 -6.14
CA SER J 97 66.53 -2.15 -5.90
C SER J 97 66.77 -1.98 -4.42
N VAL J 98 65.72 -2.08 -3.60
CA VAL J 98 65.89 -1.99 -2.16
C VAL J 98 66.78 -3.14 -1.68
N HIS J 99 66.58 -4.34 -2.22
CA HIS J 99 67.45 -5.44 -1.83
C HIS J 99 68.88 -5.19 -2.28
N GLN J 100 69.06 -4.56 -3.43
CA GLN J 100 70.39 -4.31 -3.97
C GLN J 100 71.25 -3.49 -3.02
N SER J 101 70.65 -2.77 -2.09
CA SER J 101 71.40 -1.88 -1.21
C SER J 101 71.88 -2.62 0.04
N GLY J 221 72.58 -6.16 -13.01
CA GLY J 221 71.93 -5.88 -14.27
C GLY J 221 70.65 -5.09 -14.13
N ILE J 222 70.75 -3.91 -13.54
CA ILE J 222 69.57 -3.07 -13.31
C ILE J 222 68.94 -2.66 -14.64
N SER J 223 69.76 -2.39 -15.66
CA SER J 223 69.24 -1.89 -16.92
C SER J 223 68.41 -2.96 -17.62
N ARG J 224 68.80 -4.23 -17.50
CA ARG J 224 67.96 -5.29 -18.06
C ARG J 224 66.58 -5.33 -17.40
N PHE J 225 66.54 -5.14 -16.08
CA PHE J 225 65.26 -5.08 -15.39
C PHE J 225 64.43 -3.92 -15.89
N TYR J 226 65.07 -2.79 -16.14
CA TYR J 226 64.37 -1.63 -16.70
C TYR J 226 63.73 -1.99 -18.03
N ILE J 227 64.51 -2.64 -18.91
CA ILE J 227 64.00 -3.01 -20.23
C ILE J 227 62.77 -3.90 -20.10
N ILE J 228 62.87 -4.94 -19.29
CA ILE J 228 61.80 -5.92 -19.21
C ILE J 228 60.53 -5.29 -18.63
N GLN J 229 60.67 -4.47 -17.60
CA GLN J 229 59.48 -3.90 -17.01
C GLN J 229 58.80 -2.93 -17.97
N VAL J 230 59.58 -2.24 -18.80
CA VAL J 230 58.98 -1.36 -19.80
C VAL J 230 58.14 -2.17 -20.78
N VAL J 231 58.68 -3.29 -21.22
CA VAL J 231 57.96 -4.17 -22.14
C VAL J 231 56.63 -4.61 -21.52
N PHE J 232 56.68 -5.04 -20.27
CA PHE J 232 55.48 -5.54 -19.61
C PHE J 232 54.42 -4.47 -19.44
N ARG J 233 54.81 -3.27 -19.04
CA ARG J 233 53.84 -2.19 -18.89
C ARG J 233 53.14 -1.87 -20.19
N ASN J 234 53.91 -1.78 -21.29
CA ASN J 234 53.30 -1.54 -22.59
C ASN J 234 52.23 -2.58 -22.89
N ALA J 235 52.59 -3.86 -22.73
CA ALA J 235 51.65 -4.93 -23.06
C ALA J 235 50.37 -4.84 -22.22
N LEU J 236 50.53 -4.60 -20.92
CA LEU J 236 49.38 -4.58 -20.03
C LEU J 236 48.41 -3.46 -20.38
N GLU J 237 48.93 -2.30 -20.77
CA GLU J 237 48.02 -1.19 -21.02
C GLU J 237 47.28 -1.36 -22.33
N ILE J 238 47.93 -1.97 -23.31
CA ILE J 238 47.21 -2.23 -24.56
C ILE J 238 46.12 -3.26 -24.35
N GLY J 239 46.41 -4.31 -23.58
CA GLY J 239 45.38 -5.29 -23.29
C GLY J 239 44.17 -4.70 -22.60
N PHE J 240 44.39 -3.83 -21.63
CA PHE J 240 43.26 -3.28 -20.89
C PHE J 240 42.40 -2.36 -21.77
N LEU J 241 43.02 -1.55 -22.64
CA LEU J 241 42.26 -0.70 -23.54
C LEU J 241 41.42 -1.52 -24.54
N VAL J 242 42.01 -2.56 -25.12
CA VAL J 242 41.29 -3.43 -26.04
C VAL J 242 40.10 -4.09 -25.34
N GLY J 243 40.32 -4.58 -24.12
CA GLY J 243 39.24 -5.20 -23.38
C GLY J 243 38.10 -4.25 -23.08
N GLN J 244 38.41 -2.99 -22.75
CA GLN J 244 37.39 -1.99 -22.53
C GLN J 244 36.50 -1.84 -23.77
N TYR J 245 37.13 -1.68 -24.94
CA TYR J 245 36.35 -1.54 -26.16
C TYR J 245 35.45 -2.76 -26.39
N PHE J 246 35.96 -3.96 -26.15
CA PHE J 246 35.15 -5.15 -26.42
C PHE J 246 34.07 -5.39 -25.36
N LEU J 247 34.27 -4.95 -24.12
CA LEU J 247 33.27 -5.17 -23.08
C LEU J 247 32.16 -4.13 -23.09
N TYR J 248 32.48 -2.84 -23.29
CA TYR J 248 31.51 -1.79 -23.04
C TYR J 248 31.14 -0.92 -24.23
N GLY J 249 32.01 -0.79 -25.21
CA GLY J 249 31.80 0.14 -26.31
C GLY J 249 32.01 1.61 -26.00
N PHE J 250 31.17 2.46 -26.60
CA PHE J 250 31.32 3.91 -26.50
C PHE J 250 30.06 4.61 -25.98
N SER J 251 29.05 3.87 -25.54
CA SER J 251 27.84 4.52 -25.04
C SER J 251 27.09 3.60 -24.09
N VAL J 252 26.28 4.22 -23.25
CA VAL J 252 25.36 3.54 -22.33
C VAL J 252 23.93 3.96 -22.67
N PRO J 253 23.10 3.09 -23.22
CA PRO J 253 21.72 3.47 -23.54
C PRO J 253 20.79 3.53 -22.34
N GLY J 254 19.71 4.30 -22.53
CA GLY J 254 18.68 4.50 -21.53
C GLY J 254 17.65 3.39 -21.39
N LEU J 255 17.44 2.60 -22.44
CA LEU J 255 16.52 1.46 -22.42
C LEU J 255 17.29 0.16 -22.58
N TYR J 256 16.75 -0.90 -22.00
CA TYR J 256 17.30 -2.24 -22.14
C TYR J 256 16.17 -3.27 -22.31
N GLU J 257 16.37 -4.21 -23.23
CA GLU J 257 15.42 -5.26 -23.57
C GLU J 257 15.89 -6.62 -23.04
N CYS J 258 15.05 -7.27 -22.23
CA CYS J 258 15.45 -8.46 -21.46
C CYS J 258 14.54 -9.65 -21.72
N ASN J 259 15.15 -10.85 -21.81
CA ASN J 259 14.46 -12.12 -22.02
C ASN J 259 15.04 -13.26 -21.16
N ARG J 260 15.32 -13.01 -19.89
CA ARG J 260 15.86 -14.03 -19.00
C ARG J 260 14.83 -14.50 -17.97
N TYR J 261 14.84 -15.79 -17.69
CA TYR J 261 14.00 -16.37 -16.66
C TYR J 261 14.28 -15.70 -15.31
N PRO J 262 13.24 -15.39 -14.51
CA PRO J 262 11.81 -15.69 -14.56
C PRO J 262 10.92 -14.71 -15.32
N CYS J 263 11.49 -13.82 -16.11
CA CYS J 263 10.69 -12.90 -16.91
C CYS J 263 9.93 -13.66 -18.00
N ILE J 264 8.65 -13.35 -18.11
CA ILE J 264 7.78 -13.86 -19.15
C ILE J 264 8.06 -13.08 -20.42
N LYS J 265 8.34 -13.80 -21.49
CA LYS J 265 8.75 -13.26 -22.84
C LYS J 265 9.76 -12.09 -22.76
N GLU J 266 9.65 -11.03 -23.54
CA GLU J 266 10.57 -9.92 -23.45
C GLU J 266 9.95 -8.71 -22.75
N VAL J 267 10.75 -8.11 -21.87
CA VAL J 267 10.36 -6.97 -21.05
C VAL J 267 11.33 -5.81 -21.32
N GLU J 268 10.86 -4.62 -20.98
CA GLU J 268 11.59 -3.37 -21.13
C GLU J 268 11.96 -2.80 -19.76
N CYS J 269 13.22 -2.41 -19.63
CA CYS J 269 13.79 -1.88 -18.40
C CYS J 269 14.48 -0.54 -18.66
N TYR J 270 14.69 0.21 -17.59
CA TYR J 270 15.11 1.60 -17.62
C TYR J 270 16.30 1.84 -16.68
N VAL J 271 17.33 2.55 -17.20
CA VAL J 271 18.64 2.76 -16.59
C VAL J 271 18.73 4.13 -15.91
N SER J 272 19.59 4.22 -14.90
CA SER J 272 19.90 5.45 -14.19
C SER J 272 21.14 6.16 -14.70
N ARG J 273 21.03 7.48 -14.85
CA ARG J 273 22.12 8.37 -15.22
C ARG J 273 22.93 7.96 -16.45
N PRO J 274 22.28 7.72 -17.59
CA PRO J 274 23.03 7.23 -18.77
C PRO J 274 24.00 8.21 -19.42
N THR J 275 23.68 9.50 -19.48
CA THR J 275 24.51 10.51 -20.14
C THR J 275 25.86 10.71 -19.41
N GLU J 276 25.82 10.83 -18.08
CA GLU J 276 27.01 10.98 -17.25
C GLU J 276 27.96 9.78 -17.39
N LYS J 277 27.39 8.57 -17.44
CA LYS J 277 28.18 7.35 -17.58
C LYS J 277 28.86 7.25 -18.95
N THR J 278 28.18 7.70 -20.00
CA THR J 278 28.80 7.79 -21.32
C THR J 278 29.97 8.79 -21.35
N VAL J 279 29.80 9.94 -20.73
CA VAL J 279 30.86 10.94 -20.65
C VAL J 279 32.11 10.37 -19.95
N PHE J 280 31.92 9.70 -18.81
CA PHE J 280 33.01 9.06 -18.07
C PHE J 280 33.75 8.02 -18.92
N LEU J 281 33.01 7.15 -19.62
CA LEU J 281 33.60 6.18 -20.54
C LEU J 281 34.53 6.83 -21.57
N VAL J 282 34.04 7.87 -22.26
CA VAL J 282 34.82 8.50 -23.32
C VAL J 282 36.10 9.14 -22.77
N PHE J 283 35.98 9.83 -21.63
CA PHE J 283 37.15 10.45 -21.00
C PHE J 283 38.23 9.41 -20.66
N MET J 284 37.82 8.29 -20.07
CA MET J 284 38.78 7.26 -19.70
C MET J 284 39.48 6.64 -20.91
N PHE J 285 38.74 6.39 -22.00
CA PHE J 285 39.40 5.87 -23.20
C PHE J 285 40.47 6.84 -23.70
N ALA J 286 40.17 8.14 -23.70
CA ALA J 286 41.13 9.12 -24.17
C ALA J 286 42.41 9.15 -23.33
N VAL J 287 42.30 9.15 -22.00
CA VAL J 287 43.47 9.17 -21.14
C VAL J 287 44.34 7.94 -21.37
N SER J 288 43.73 6.75 -21.40
CA SER J 288 44.52 5.54 -21.60
C SER J 288 45.21 5.52 -22.96
N GLY J 289 44.57 6.06 -23.99
CA GLY J 289 45.25 6.18 -25.27
C GLY J 289 46.49 7.03 -25.21
N ILE J 290 46.42 8.17 -24.52
CA ILE J 290 47.59 9.01 -24.34
C ILE J 290 48.74 8.21 -23.71
N CYS J 291 48.42 7.45 -22.66
CA CYS J 291 49.47 6.68 -21.98
C CYS J 291 50.10 5.64 -22.91
N VAL J 292 49.29 4.97 -23.72
CA VAL J 292 49.82 4.00 -24.66
C VAL J 292 50.80 4.66 -25.61
N VAL J 293 50.41 5.81 -26.17
CA VAL J 293 51.27 6.51 -27.12
C VAL J 293 52.60 6.86 -26.48
N LEU J 294 52.57 7.41 -25.28
CA LEU J 294 53.80 7.85 -24.64
C LEU J 294 54.76 6.69 -24.37
N ASN J 295 54.23 5.57 -23.85
CA ASN J 295 55.12 4.45 -23.56
C ASN J 295 55.69 3.85 -24.84
N LEU J 296 54.92 3.79 -25.92
CA LEU J 296 55.51 3.33 -27.18
C LEU J 296 56.59 4.29 -27.65
N ALA J 297 56.38 5.59 -27.42
CA ALA J 297 57.40 6.55 -27.79
C ALA J 297 58.72 6.16 -27.18
N GLU J 298 58.74 5.94 -25.87
CA GLU J 298 60.02 5.67 -25.22
C GLU J 298 60.59 4.31 -25.64
N LEU J 299 59.74 3.30 -25.78
CA LEU J 299 60.18 2.00 -26.26
C LEU J 299 60.91 2.11 -27.59
N ASN J 300 60.34 2.86 -28.54
CA ASN J 300 60.98 3.00 -29.83
C ASN J 300 62.18 3.92 -29.78
N HIS J 301 62.23 4.82 -28.80
CA HIS J 301 63.38 5.68 -28.63
C HIS J 301 64.63 4.92 -28.24
N LEU J 302 64.51 3.99 -27.30
CA LEU J 302 65.69 3.20 -26.95
C LEU J 302 65.96 2.10 -27.97
N GLY J 303 64.95 1.32 -28.33
CA GLY J 303 65.08 0.36 -29.42
C GLY J 303 65.63 -0.99 -29.04
N SER K 19 51.99 46.34 -6.09
CA SER K 19 50.73 45.96 -6.73
C SER K 19 50.81 44.54 -7.31
N THR K 20 51.91 44.24 -8.00
CA THR K 20 52.15 42.87 -8.45
C THR K 20 52.62 41.96 -7.34
N MET K 21 53.08 42.51 -6.22
CA MET K 21 53.51 41.68 -5.09
C MET K 21 52.33 40.99 -4.42
N ILE K 22 51.29 41.75 -4.07
CA ILE K 22 50.14 41.17 -3.38
C ILE K 22 49.31 40.24 -4.27
N GLY K 23 49.33 40.45 -5.58
CA GLY K 23 48.52 39.65 -6.47
C GLY K 23 48.77 38.17 -6.35
N ARG K 24 50.04 37.79 -6.20
CA ARG K 24 50.39 36.38 -6.04
C ARG K 24 49.82 35.83 -4.74
N ILE K 25 49.91 36.62 -3.67
CA ILE K 25 49.46 36.19 -2.35
C ILE K 25 47.96 35.92 -2.39
N LEU K 26 47.23 36.82 -3.02
CA LEU K 26 45.79 36.64 -3.08
C LEU K 26 45.38 35.54 -4.01
N LEU K 27 46.13 35.32 -5.08
CA LEU K 27 45.80 34.20 -5.95
C LEU K 27 45.90 32.89 -5.20
N THR K 28 46.96 32.73 -4.41
CA THR K 28 47.13 31.52 -3.63
C THR K 28 45.98 31.36 -2.63
N VAL K 29 45.55 32.47 -2.05
CA VAL K 29 44.48 32.42 -1.05
C VAL K 29 43.13 32.08 -1.69
N VAL K 30 42.85 32.63 -2.88
CA VAL K 30 41.60 32.37 -3.58
C VAL K 30 41.50 30.89 -3.97
N VAL K 31 42.60 30.34 -4.47
CA VAL K 31 42.62 28.95 -4.87
C VAL K 31 42.30 28.05 -3.68
N ILE K 32 42.96 28.30 -2.55
CA ILE K 32 42.73 27.46 -1.38
C ILE K 32 41.30 27.59 -0.85
N PHE K 33 40.75 28.81 -0.86
CA PHE K 33 39.38 29.02 -0.40
C PHE K 33 38.40 28.21 -1.22
N ARG K 34 38.55 28.24 -2.55
CA ARG K 34 37.68 27.50 -3.44
C ARG K 34 37.76 25.99 -3.17
N ILE K 35 38.97 25.45 -3.03
CA ILE K 35 39.09 24.03 -2.75
C ILE K 35 38.37 23.66 -1.45
N LEU K 36 38.54 24.46 -0.41
CA LEU K 36 37.92 24.13 0.87
C LEU K 36 36.40 24.13 0.76
N ILE K 37 35.82 25.14 0.11
CA ILE K 37 34.36 25.18 -0.02
C ILE K 37 33.84 23.98 -0.79
N VAL K 38 34.51 23.58 -1.86
CA VAL K 38 33.98 22.46 -2.64
C VAL K 38 34.12 21.17 -1.84
N ALA K 39 35.25 20.98 -1.17
CA ALA K 39 35.52 19.71 -0.52
C ALA K 39 34.69 19.46 0.72
N ILE K 40 34.37 20.49 1.50
CA ILE K 40 33.76 20.23 2.81
C ILE K 40 32.24 20.18 2.76
N VAL K 41 31.56 21.04 2.01
CA VAL K 41 30.12 21.08 2.08
C VAL K 41 29.39 20.61 0.82
N GLY K 42 29.93 20.81 -0.38
CA GLY K 42 29.16 20.53 -1.59
C GLY K 42 28.71 19.09 -1.80
N GLU K 43 29.44 18.11 -1.28
CA GLU K 43 28.97 16.75 -1.45
C GLU K 43 27.64 16.46 -0.75
N THR K 44 27.10 17.37 0.05
CA THR K 44 25.96 17.02 0.89
C THR K 44 24.77 17.91 0.61
N VAL K 45 24.94 18.94 -0.21
CA VAL K 45 23.83 19.67 -0.79
C VAL K 45 23.16 18.84 -1.89
N TYR K 46 23.96 18.16 -2.70
CA TYR K 46 23.57 17.33 -3.84
C TYR K 46 23.26 15.86 -3.55
N ASP K 47 23.41 15.39 -2.31
CA ASP K 47 23.21 13.96 -2.00
C ASP K 47 21.82 13.43 -2.37
N ASP K 48 20.73 14.17 -2.11
CA ASP K 48 19.38 13.70 -2.43
C ASP K 48 18.83 14.18 -3.78
N GLU K 49 19.68 14.39 -4.79
CA GLU K 49 19.20 15.05 -6.00
C GLU K 49 18.14 14.22 -6.75
N GLN K 50 18.34 12.92 -6.90
CA GLN K 50 17.41 12.09 -7.66
C GLN K 50 16.35 11.43 -6.77
N THR K 51 16.68 11.18 -5.51
CA THR K 51 15.77 10.56 -4.58
C THR K 51 14.60 11.49 -4.20
N MET K 52 14.80 12.80 -4.22
CA MET K 52 13.75 13.78 -3.98
C MET K 52 13.25 14.50 -5.25
N PHE K 53 13.57 14.01 -6.43
CA PHE K 53 13.01 14.46 -7.69
C PHE K 53 11.76 13.68 -7.99
N VAL K 54 10.66 14.36 -8.26
CA VAL K 54 9.39 13.69 -8.43
C VAL K 54 8.54 14.33 -9.54
N CYS K 55 7.84 13.47 -10.27
CA CYS K 55 6.94 13.81 -11.37
C CYS K 55 5.52 13.27 -11.13
N ASN K 56 4.53 13.96 -11.69
CA ASN K 56 3.10 13.63 -11.64
C ASN K 56 2.74 12.69 -12.78
N THR K 57 2.77 11.40 -12.48
CA THR K 57 2.63 10.33 -13.47
C THR K 57 2.50 9.00 -12.75
N LEU K 58 1.98 8.01 -13.47
CA LEU K 58 1.90 6.63 -13.05
C LEU K 58 2.67 5.70 -13.97
N GLN K 59 3.48 6.24 -14.86
CA GLN K 59 4.21 5.50 -15.86
C GLN K 59 5.59 5.07 -15.37
N PRO K 60 5.94 3.81 -15.41
CA PRO K 60 7.30 3.40 -15.02
C PRO K 60 8.37 3.88 -16.00
N GLY K 61 9.44 4.42 -15.43
CA GLY K 61 10.58 4.95 -16.14
C GLY K 61 10.62 6.43 -16.45
N CYS K 62 9.57 7.20 -16.18
CA CYS K 62 9.53 8.61 -16.56
C CYS K 62 10.42 9.47 -15.65
N ASN K 63 10.46 9.17 -14.36
CA ASN K 63 11.31 9.92 -13.44
C ASN K 63 12.78 9.85 -13.85
N GLN K 64 13.23 8.65 -14.23
CA GLN K 64 14.61 8.43 -14.69
C GLN K 64 14.96 9.27 -15.92
N ALA K 65 14.13 9.20 -16.96
CA ALA K 65 14.34 9.93 -18.19
C ALA K 65 14.34 11.44 -17.97
N CYS K 66 13.42 11.92 -17.16
CA CYS K 66 13.28 13.35 -16.93
C CYS K 66 14.42 13.89 -16.06
N TYR K 67 14.86 13.15 -15.04
CA TYR K 67 16.04 13.58 -14.28
C TYR K 67 17.27 13.64 -15.18
N ASP K 68 17.48 12.65 -16.04
CA ASP K 68 18.66 12.65 -16.91
C ASP K 68 18.64 13.83 -17.89
N ARG K 69 17.46 14.18 -18.43
CA ARG K 69 17.39 15.31 -19.35
C ARG K 69 17.51 16.66 -18.64
N ALA K 70 17.00 16.81 -17.42
CA ALA K 70 17.12 18.06 -16.67
C ALA K 70 18.53 18.29 -16.12
N PHE K 71 19.20 17.24 -15.65
CA PHE K 71 20.52 17.36 -15.03
C PHE K 71 21.50 16.36 -15.63
N PRO K 72 22.06 16.68 -16.81
CA PRO K 72 22.97 15.77 -17.50
C PRO K 72 24.30 15.52 -16.80
N ILE K 73 24.99 16.57 -16.36
CA ILE K 73 26.15 16.48 -15.50
C ILE K 73 25.91 17.35 -14.30
N SER K 74 26.03 16.76 -13.13
CA SER K 74 25.83 17.48 -11.89
C SER K 74 26.92 18.52 -11.67
N HIS K 75 26.54 19.61 -11.00
CA HIS K 75 27.43 20.73 -10.76
C HIS K 75 28.70 20.31 -10.06
N ILE K 76 28.58 19.45 -9.04
CA ILE K 76 29.68 19.12 -8.17
C ILE K 76 30.76 18.33 -8.93
N ARG K 77 30.34 17.48 -9.87
CA ARG K 77 31.29 16.77 -10.74
C ARG K 77 32.08 17.72 -11.62
N TYR K 78 31.41 18.68 -12.24
CA TYR K 78 32.06 19.68 -13.08
C TYR K 78 33.07 20.50 -12.28
N TRP K 79 32.73 20.90 -11.06
CA TRP K 79 33.62 21.71 -10.25
C TRP K 79 34.85 20.93 -9.80
N VAL K 80 34.69 19.67 -9.38
CA VAL K 80 35.86 18.86 -9.02
C VAL K 80 36.80 18.71 -10.22
N PHE K 81 36.25 18.41 -11.40
CA PHE K 81 37.06 18.27 -12.59
C PHE K 81 37.84 19.53 -12.92
N GLN K 82 37.18 20.69 -12.89
CA GLN K 82 37.83 21.97 -13.17
C GLN K 82 38.97 22.24 -12.19
N ILE K 83 38.72 22.03 -10.91
CA ILE K 83 39.75 22.25 -9.91
C ILE K 83 40.97 21.40 -10.18
N ILE K 84 40.79 20.13 -10.50
CA ILE K 84 41.94 19.27 -10.74
C ILE K 84 42.69 19.70 -12.01
N MET K 85 41.97 20.05 -13.08
CA MET K 85 42.64 20.37 -14.32
C MET K 85 43.40 21.70 -14.27
N VAL K 86 42.98 22.66 -13.44
CA VAL K 86 43.71 23.92 -13.36
C VAL K 86 44.96 23.83 -12.49
N CYS K 87 45.28 22.67 -11.93
CA CYS K 87 46.47 22.50 -11.11
C CYS K 87 47.53 21.63 -11.77
N THR K 88 47.34 21.27 -13.03
CA THR K 88 48.18 20.37 -13.78
C THR K 88 49.49 21.04 -14.24
N PRO K 89 49.45 22.30 -14.69
CA PRO K 89 50.68 22.97 -15.08
C PRO K 89 51.70 23.07 -13.95
N SER K 90 51.22 23.34 -12.74
CA SER K 90 52.10 23.36 -11.58
C SER K 90 52.75 22.01 -11.35
N LEU K 91 52.00 20.91 -11.44
CA LEU K 91 52.60 19.60 -11.25
C LEU K 91 53.67 19.32 -12.29
N CYS K 92 53.42 19.68 -13.54
CA CYS K 92 54.44 19.48 -14.55
C CYS K 92 55.71 20.24 -14.24
N PHE K 93 55.56 21.52 -13.89
CA PHE K 93 56.70 22.35 -13.56
C PHE K 93 57.47 21.77 -12.37
N ILE K 94 56.74 21.27 -11.37
CA ILE K 94 57.36 20.72 -10.19
C ILE K 94 58.17 19.47 -10.53
N THR K 95 57.59 18.59 -11.35
CA THR K 95 58.29 17.36 -11.73
C THR K 95 59.57 17.67 -12.50
N TYR K 96 59.50 18.66 -13.39
CA TYR K 96 60.68 19.12 -14.11
C TYR K 96 61.75 19.64 -13.18
N SER K 97 61.37 20.54 -12.27
CA SER K 97 62.37 21.13 -11.40
C SER K 97 63.00 20.08 -10.50
N VAL K 98 62.22 19.09 -10.07
CA VAL K 98 62.78 18.01 -9.27
C VAL K 98 63.82 17.25 -10.08
N HIS K 99 63.55 17.01 -11.36
CA HIS K 99 64.55 16.35 -12.17
C HIS K 99 65.78 17.22 -12.34
N GLN K 100 65.61 18.53 -12.42
CA GLN K 100 66.72 19.45 -12.60
C GLN K 100 67.77 19.34 -11.52
N SER K 101 67.41 18.79 -10.35
CA SER K 101 68.32 18.75 -9.23
C SER K 101 69.16 17.47 -9.25
N GLY K 221 66.45 26.38 -19.07
CA GLY K 221 65.47 27.40 -19.43
C GLY K 221 64.22 27.34 -18.56
N ILE K 222 64.42 27.52 -17.25
CA ILE K 222 63.30 27.46 -16.30
C ILE K 222 62.31 28.58 -16.58
N SER K 223 62.80 29.76 -16.95
CA SER K 223 61.94 30.92 -17.15
C SER K 223 60.99 30.71 -18.32
N ARG K 224 61.48 30.04 -19.38
CA ARG K 224 60.58 29.73 -20.48
C ARG K 224 59.44 28.81 -20.05
N PHE K 225 59.75 27.82 -19.20
CA PHE K 225 58.71 26.96 -18.67
C PHE K 225 57.71 27.75 -17.86
N TYR K 226 58.20 28.72 -17.09
CA TYR K 226 57.30 29.59 -16.33
C TYR K 226 56.34 30.32 -17.25
N ILE K 227 56.87 30.90 -18.33
CA ILE K 227 56.06 31.64 -19.28
C ILE K 227 54.95 30.75 -19.84
N ILE K 228 55.34 29.56 -20.33
CA ILE K 228 54.38 28.71 -21.01
C ILE K 228 53.29 28.24 -20.06
N GLN K 229 53.67 27.87 -18.84
CA GLN K 229 52.65 27.37 -17.92
C GLN K 229 51.67 28.48 -17.54
N VAL K 230 52.15 29.71 -17.45
CA VAL K 230 51.26 30.83 -17.16
C VAL K 230 50.22 30.99 -18.28
N VAL K 231 50.69 30.89 -19.52
CA VAL K 231 49.80 30.99 -20.67
C VAL K 231 48.71 29.92 -20.59
N PHE K 232 49.12 28.68 -20.30
CA PHE K 232 48.19 27.57 -20.29
C PHE K 232 47.16 27.71 -19.18
N ARG K 233 47.57 28.13 -17.98
CA ARG K 233 46.62 28.31 -16.89
C ARG K 233 45.58 29.35 -17.23
N ASN K 234 46.01 30.48 -17.79
CA ASN K 234 45.05 31.51 -18.21
C ASN K 234 43.99 30.92 -19.14
N ALA K 235 44.45 30.23 -20.18
CA ALA K 235 43.53 29.68 -21.16
C ALA K 235 42.53 28.71 -20.52
N LEU K 236 43.02 27.82 -19.67
CA LEU K 236 42.17 26.81 -19.08
C LEU K 236 41.07 27.43 -18.22
N GLU K 237 41.40 28.49 -17.47
CA GLU K 237 40.39 29.03 -16.58
C GLU K 237 39.33 29.81 -17.32
N ILE K 238 39.71 30.46 -18.42
CA ILE K 238 38.71 31.15 -19.21
C ILE K 238 37.77 30.14 -19.87
N GLY K 239 38.32 29.05 -20.39
CA GLY K 239 37.47 28.03 -20.98
C GLY K 239 36.46 27.47 -20.00
N PHE K 240 36.89 27.19 -18.78
CA PHE K 240 35.98 26.58 -17.81
C PHE K 240 34.86 27.55 -17.41
N LEU K 241 35.17 28.85 -17.23
CA LEU K 241 34.14 29.82 -16.90
C LEU K 241 33.11 29.98 -18.02
N VAL K 242 33.58 30.06 -19.27
CA VAL K 242 32.68 30.16 -20.42
C VAL K 242 31.77 28.94 -20.50
N GLY K 243 32.34 27.75 -20.31
CA GLY K 243 31.53 26.55 -20.35
C GLY K 243 30.47 26.50 -19.26
N GLN K 244 30.80 26.97 -18.06
CA GLN K 244 29.81 27.04 -17.00
C GLN K 244 28.62 27.89 -17.41
N TYR K 245 28.90 29.10 -17.95
CA TYR K 245 27.80 29.95 -18.38
C TYR K 245 26.94 29.27 -19.46
N PHE K 246 27.56 28.57 -20.40
CA PHE K 246 26.77 27.96 -21.47
C PHE K 246 26.04 26.69 -21.02
N LEU K 247 26.56 25.96 -20.03
CA LEU K 247 25.90 24.75 -19.58
C LEU K 247 24.76 25.01 -18.59
N TYR K 248 24.95 25.93 -17.63
CA TYR K 248 24.02 26.01 -16.51
C TYR K 248 23.30 27.34 -16.35
N GLY K 249 23.85 28.44 -16.83
CA GLY K 249 23.30 29.75 -16.59
C GLY K 249 23.50 30.33 -15.19
N PHE K 250 22.49 31.03 -14.70
CA PHE K 250 22.58 31.75 -13.43
C PHE K 250 21.47 31.37 -12.45
N SER K 251 20.66 30.36 -12.74
CA SER K 251 19.60 29.98 -11.82
C SER K 251 19.20 28.52 -12.04
N VAL K 252 18.60 27.95 -11.00
CA VAL K 252 18.01 26.62 -11.00
C VAL K 252 16.53 26.74 -10.68
N PRO K 253 15.63 26.50 -11.63
CA PRO K 253 14.19 26.60 -11.33
C PRO K 253 13.63 25.41 -10.57
N GLY K 254 12.50 25.68 -9.91
CA GLY K 254 11.77 24.71 -9.13
C GLY K 254 10.88 23.75 -9.89
N LEU K 255 10.43 24.13 -11.09
CA LEU K 255 9.62 23.28 -11.95
C LEU K 255 10.39 22.94 -13.22
N TYR K 256 10.09 21.76 -13.77
CA TYR K 256 10.66 21.31 -15.04
C TYR K 256 9.59 20.62 -15.89
N GLU K 257 9.58 20.92 -17.18
CA GLU K 257 8.64 20.40 -18.16
C GLU K 257 9.30 19.39 -19.09
N CYS K 258 8.76 18.17 -19.14
CA CYS K 258 9.41 17.03 -19.79
C CYS K 258 8.54 16.38 -20.86
N ASN K 259 9.17 15.99 -21.98
CA ASN K 259 8.52 15.30 -23.10
C ASN K 259 9.37 14.18 -23.68
N ARG K 260 9.98 13.34 -22.84
CA ARG K 260 10.81 12.23 -23.30
C ARG K 260 10.12 10.88 -23.06
N TYR K 261 10.28 9.98 -24.03
CA TYR K 261 9.79 8.62 -23.90
C TYR K 261 10.39 7.95 -22.66
N PRO K 262 9.60 7.19 -21.88
CA PRO K 262 8.22 6.71 -22.02
C PRO K 262 7.11 7.59 -21.50
N CYS K 263 7.39 8.85 -21.20
CA CYS K 263 6.35 9.76 -20.76
C CYS K 263 5.36 10.05 -21.89
N ILE K 264 4.09 9.97 -21.56
CA ILE K 264 2.99 10.32 -22.45
C ILE K 264 2.86 11.83 -22.46
N LYS K 265 2.88 12.40 -23.66
CA LYS K 265 2.89 13.88 -23.94
C LYS K 265 3.80 14.69 -22.99
N GLU K 266 3.43 15.85 -22.48
CA GLU K 266 4.28 16.59 -21.59
C GLU K 266 3.80 16.50 -20.14
N VAL K 267 4.77 16.31 -19.25
CA VAL K 267 4.56 16.14 -17.82
C VAL K 267 5.35 17.21 -17.06
N GLU K 268 4.93 17.44 -15.83
CA GLU K 268 5.52 18.41 -14.91
C GLU K 268 6.22 17.69 -13.76
N CYS K 269 7.45 18.12 -13.48
CA CYS K 269 8.29 17.56 -12.46
C CYS K 269 8.81 18.65 -11.52
N TYR K 270 9.26 18.22 -10.34
CA TYR K 270 9.58 19.09 -9.22
C TYR K 270 10.96 18.77 -8.64
N VAL K 271 11.77 19.82 -8.42
CA VAL K 271 13.19 19.79 -8.05
C VAL K 271 13.38 19.97 -6.54
N SER K 272 14.48 19.43 -6.03
CA SER K 272 14.90 19.57 -4.63
C SER K 272 15.91 20.69 -4.43
N ARG K 273 15.69 21.47 -3.37
CA ARG K 273 16.59 22.52 -2.90
C ARG K 273 17.05 23.51 -3.98
N PRO K 274 16.13 24.16 -4.71
CA PRO K 274 16.55 25.04 -5.81
C PRO K 274 17.25 26.34 -5.39
N THR K 275 16.85 26.98 -4.30
CA THR K 275 17.42 28.25 -3.87
C THR K 275 18.90 28.13 -3.45
N GLU K 276 19.21 27.10 -2.65
CA GLU K 276 20.58 26.82 -2.21
C GLU K 276 21.50 26.55 -3.40
N LYS K 277 21.03 25.81 -4.40
CA LYS K 277 21.82 25.50 -5.59
C LYS K 277 22.10 26.73 -6.44
N THR K 278 21.13 27.64 -6.54
CA THR K 278 21.36 28.92 -7.21
C THR K 278 22.42 29.77 -6.49
N VAL K 279 22.36 29.82 -5.17
CA VAL K 279 23.35 30.57 -4.38
C VAL K 279 24.77 30.02 -4.63
N PHE K 280 24.92 28.70 -4.59
CA PHE K 280 26.22 28.06 -4.86
C PHE K 280 26.76 28.39 -6.26
N LEU K 281 25.90 28.30 -7.28
CA LEU K 281 26.27 28.71 -8.64
C LEU K 281 26.83 30.13 -8.71
N VAL K 282 26.13 31.10 -8.13
CA VAL K 282 26.55 32.50 -8.23
C VAL K 282 27.89 32.71 -7.53
N PHE K 283 28.05 32.13 -6.34
CA PHE K 283 29.31 32.25 -5.60
C PHE K 283 30.50 31.71 -6.41
N MET K 284 30.33 30.54 -7.02
CA MET K 284 31.42 29.95 -7.80
C MET K 284 31.78 30.79 -9.02
N PHE K 285 30.80 31.35 -9.72
CA PHE K 285 31.12 32.23 -10.85
C PHE K 285 31.96 33.42 -10.39
N ALA K 286 31.60 34.02 -9.26
CA ALA K 286 32.34 35.17 -8.75
C ALA K 286 33.80 34.84 -8.43
N VAL K 287 34.04 33.73 -7.71
CA VAL K 287 35.41 33.35 -7.38
C VAL K 287 36.26 33.12 -8.63
N SER K 288 35.73 32.36 -9.60
CA SER K 288 36.50 32.10 -10.81
C SER K 288 36.79 33.37 -11.60
N GLY K 289 35.86 34.32 -11.60
CA GLY K 289 36.14 35.60 -12.23
C GLY K 289 37.32 36.32 -11.60
N ILE K 290 37.36 36.33 -10.27
CA ILE K 290 38.50 36.94 -9.57
C ILE K 290 39.81 36.31 -10.05
N CYS K 291 39.85 34.98 -10.12
CA CYS K 291 41.08 34.31 -10.52
C CYS K 291 41.49 34.68 -11.95
N VAL K 292 40.52 34.77 -12.85
CA VAL K 292 40.82 35.16 -14.21
C VAL K 292 41.47 36.54 -14.25
N VAL K 293 40.88 37.49 -13.52
CA VAL K 293 41.40 38.85 -13.50
C VAL K 293 42.85 38.87 -13.01
N LEU K 294 43.10 38.17 -11.91
CA LEU K 294 44.44 38.22 -11.32
C LEU K 294 45.49 37.63 -12.26
N ASN K 295 45.20 36.49 -12.89
CA ASN K 295 46.18 35.91 -13.79
C ASN K 295 46.43 36.78 -15.02
N LEU K 296 45.39 37.42 -15.56
CA LEU K 296 45.64 38.36 -16.64
C LEU K 296 46.48 39.53 -16.17
N ALA K 297 46.28 39.96 -14.93
CA ALA K 297 47.09 41.03 -14.40
C ALA K 297 48.56 40.68 -14.55
N GLU K 298 48.95 39.50 -14.06
CA GLU K 298 50.37 39.17 -14.09
C GLU K 298 50.89 38.95 -15.52
N LEU K 299 50.08 38.31 -16.36
CA LEU K 299 50.44 38.14 -17.76
C LEU K 299 50.77 39.47 -18.43
N ASN K 300 49.93 40.48 -18.22
CA ASN K 300 50.18 41.78 -18.84
C ASN K 300 51.30 42.53 -18.14
N HIS K 301 51.55 42.22 -16.87
CA HIS K 301 52.66 42.83 -16.16
C HIS K 301 54.00 42.43 -16.74
N LEU K 302 54.21 41.16 -17.02
CA LEU K 302 55.48 40.77 -17.64
C LEU K 302 55.52 41.10 -19.13
N GLY K 303 54.50 40.71 -19.88
CA GLY K 303 54.38 41.13 -21.27
C GLY K 303 55.09 40.27 -22.28
N SER L 19 45.63 42.84 31.16
CA SER L 19 44.28 42.82 30.63
C SER L 19 44.27 42.58 29.12
N THR L 20 45.15 43.26 28.40
CA THR L 20 45.34 42.98 26.98
C THR L 20 46.15 41.72 26.73
N MET L 21 46.86 41.22 27.73
CA MET L 21 47.62 39.99 27.58
C MET L 21 46.72 38.77 27.45
N ILE L 22 45.77 38.61 28.37
CA ILE L 22 44.89 37.45 28.36
C ILE L 22 43.90 37.47 27.19
N GLY L 23 43.56 38.65 26.68
CA GLY L 23 42.57 38.73 25.61
C GLY L 23 42.93 37.92 24.39
N ARG L 24 44.21 37.93 24.02
CA ARG L 24 44.67 37.16 22.87
C ARG L 24 44.51 35.66 23.14
N ILE L 25 44.84 35.24 24.36
CA ILE L 25 44.80 33.83 24.71
C ILE L 25 43.38 33.32 24.61
N LEU L 26 42.44 34.11 25.12
CA LEU L 26 41.05 33.69 25.10
C LEU L 26 40.46 33.77 23.70
N LEU L 27 40.90 34.71 22.89
CA LEU L 27 40.41 34.74 21.52
C LEU L 27 40.79 33.48 20.78
N THR L 28 42.04 33.04 20.96
CA THR L 28 42.48 31.81 20.32
C THR L 28 41.65 30.61 20.80
N VAL L 29 41.33 30.60 22.09
CA VAL L 29 40.58 29.50 22.68
C VAL L 29 39.14 29.48 22.19
N VAL L 30 38.51 30.65 22.06
CA VAL L 30 37.13 30.76 21.59
C VAL L 30 37.01 30.28 20.16
N VAL L 31 37.97 30.68 19.32
CA VAL L 31 37.95 30.27 17.93
C VAL L 31 38.02 28.76 17.81
N ILE L 32 38.94 28.15 18.55
CA ILE L 32 39.10 26.70 18.45
C ILE L 32 37.86 25.97 18.98
N PHE L 33 37.27 26.47 20.06
CA PHE L 33 36.06 25.85 20.62
C PHE L 33 34.93 25.83 19.60
N ARG L 34 34.71 26.96 18.93
CA ARG L 34 33.68 27.06 17.92
C ARG L 34 33.91 26.08 16.77
N ILE L 35 35.14 26.00 16.27
CA ILE L 35 35.42 25.06 15.19
C ILE L 35 35.11 23.63 15.62
N LEU L 36 35.51 23.25 16.83
CA LEU L 36 35.28 21.88 17.26
C LEU L 36 33.79 21.56 17.36
N ILE L 37 32.99 22.47 17.94
CA ILE L 37 31.56 22.21 18.05
C ILE L 37 30.92 22.07 16.68
N VAL L 38 31.29 22.91 15.72
CA VAL L 38 30.63 22.81 14.42
C VAL L 38 31.05 21.53 13.72
N ALA L 39 32.33 21.18 13.80
CA ALA L 39 32.85 20.06 13.02
C ALA L 39 32.40 18.70 13.54
N ILE L 40 32.25 18.52 14.84
CA ILE L 40 32.04 17.17 15.36
C ILE L 40 30.57 16.78 15.43
N VAL L 41 29.67 17.67 15.85
CA VAL L 41 28.30 17.25 16.07
C VAL L 41 27.27 17.84 15.09
N GLY L 42 27.45 19.06 14.59
CA GLY L 42 26.40 19.68 13.79
C GLY L 42 26.00 18.99 12.51
N GLU L 43 26.89 18.24 11.87
CA GLU L 43 26.46 17.54 10.67
C GLU L 43 25.40 16.48 10.91
N THR L 44 25.05 16.16 12.15
CA THR L 44 24.22 15.00 12.40
C THR L 44 22.93 15.38 13.13
N VAL L 45 22.82 16.62 13.57
CA VAL L 45 21.55 17.18 13.99
C VAL L 45 20.65 17.47 12.79
N TYR L 46 21.23 17.98 11.71
CA TYR L 46 20.59 18.37 10.46
C TYR L 46 20.46 17.28 9.38
N ASP L 47 20.97 16.07 9.60
CA ASP L 47 20.94 15.02 8.58
C ASP L 47 19.53 14.68 8.06
N ASP L 48 18.52 14.57 8.94
CA ASP L 48 17.17 14.22 8.50
C ASP L 48 16.24 15.43 8.26
N GLU L 49 16.76 16.58 7.84
CA GLU L 49 15.94 17.78 7.82
C GLU L 49 14.76 17.68 6.84
N GLN L 50 14.98 17.17 5.63
CA GLN L 50 13.93 17.10 4.63
C GLN L 50 13.20 15.76 4.62
N THR L 51 13.87 14.70 5.02
CA THR L 51 13.29 13.37 5.08
C THR L 51 12.22 13.25 6.17
N MET L 52 12.33 14.01 7.27
CA MET L 52 11.32 14.05 8.33
C MET L 52 10.46 15.31 8.34
N PHE L 53 10.48 16.10 7.27
CA PHE L 53 9.56 17.22 7.07
C PHE L 53 8.32 16.72 6.35
N VAL L 54 7.16 17.01 6.91
CA VAL L 54 5.93 16.46 6.37
C VAL L 54 4.78 17.47 6.43
N CYS L 55 3.95 17.43 5.39
CA CYS L 55 2.77 18.26 5.19
C CYS L 55 1.50 17.41 4.99
N ASN L 56 0.36 17.98 5.40
CA ASN L 56 -0.98 17.38 5.28
C ASN L 56 -1.59 17.72 3.92
N THR L 57 -1.41 16.81 2.97
CA THR L 57 -1.75 17.02 1.58
C THR L 57 -1.61 15.70 0.83
N LEU L 58 -2.24 15.64 -0.34
CA LEU L 58 -2.13 14.55 -1.28
C LEU L 58 -1.59 15.00 -2.64
N GLN L 59 -1.09 16.22 -2.70
CA GLN L 59 -0.62 16.84 -3.93
C GLN L 59 0.87 16.58 -4.17
N PRO L 60 1.25 16.05 -5.30
CA PRO L 60 2.69 15.87 -5.58
C PRO L 60 3.42 17.19 -5.78
N GLY L 61 4.58 17.30 -5.13
CA GLY L 61 5.45 18.44 -5.16
C GLY L 61 5.32 19.49 -4.07
N CYS L 62 4.34 19.40 -3.17
CA CYS L 62 4.12 20.43 -2.17
C CYS L 62 5.17 20.38 -1.05
N ASN L 63 5.59 19.19 -0.64
CA ASN L 63 6.61 19.06 0.39
C ASN L 63 7.91 19.73 -0.03
N GLN L 64 8.31 19.54 -1.28
CA GLN L 64 9.52 20.16 -1.85
C GLN L 64 9.48 21.68 -1.81
N ALA L 65 8.39 22.27 -2.32
CA ALA L 65 8.22 23.72 -2.36
C ALA L 65 8.19 24.32 -0.96
N CYS L 66 7.50 23.67 -0.04
CA CYS L 66 7.36 24.20 1.30
C CYS L 66 8.66 24.08 2.11
N TYR L 67 9.40 22.98 1.96
CA TYR L 67 10.71 22.90 2.59
C TYR L 67 11.65 23.98 2.07
N ASP L 68 11.67 24.21 0.76
CA ASP L 68 12.56 25.23 0.20
C ASP L 68 12.20 26.63 0.69
N ARG L 69 10.91 26.95 0.82
CA ARG L 69 10.52 28.27 1.31
C ARG L 69 10.76 28.43 2.82
N ALA L 70 10.60 27.38 3.63
CA ALA L 70 10.85 27.46 5.06
C ALA L 70 12.33 27.51 5.40
N PHE L 71 13.17 26.75 4.69
CA PHE L 71 14.59 26.66 4.99
C PHE L 71 15.43 26.88 3.73
N PRO L 72 15.62 28.15 3.34
CA PRO L 72 16.37 28.46 2.11
C PRO L 72 17.85 28.12 2.14
N ILE L 73 18.57 28.49 3.19
CA ILE L 73 19.93 28.05 3.43
C ILE L 73 19.97 27.47 4.83
N SER L 74 20.44 26.25 4.93
CA SER L 74 20.55 25.57 6.19
C SER L 74 21.61 26.22 7.09
N HIS L 75 21.36 26.14 8.39
CA HIS L 75 22.21 26.78 9.38
C HIS L 75 23.65 26.32 9.26
N ILE L 76 23.86 25.00 9.08
CA ILE L 76 25.18 24.41 9.13
C ILE L 76 26.04 24.89 7.97
N ARG L 77 25.44 25.11 6.80
CA ARG L 77 26.14 25.68 5.65
C ARG L 77 26.62 27.11 5.93
N TYR L 78 25.74 27.94 6.48
CA TYR L 78 26.08 29.31 6.84
C TYR L 78 27.23 29.36 7.84
N TRP L 79 27.21 28.49 8.84
CA TRP L 79 28.24 28.50 9.87
C TRP L 79 29.59 28.04 9.33
N VAL L 80 29.62 27.00 8.48
CA VAL L 80 30.88 26.60 7.87
C VAL L 80 31.47 27.73 7.03
N PHE L 81 30.63 28.39 6.22
CA PHE L 81 31.10 29.48 5.39
C PHE L 81 31.68 30.62 6.23
N GLN L 82 30.99 31.03 7.29
CA GLN L 82 31.47 32.09 8.17
C GLN L 82 32.82 31.74 8.78
N ILE L 83 32.94 30.52 9.30
CA ILE L 83 34.19 30.11 9.91
C ILE L 83 35.33 30.20 8.93
N ILE L 84 35.14 29.74 7.69
CA ILE L 84 36.24 29.79 6.73
C ILE L 84 36.58 31.24 6.36
N MET L 85 35.57 32.10 6.18
CA MET L 85 35.86 33.46 5.74
C MET L 85 36.53 34.31 6.82
N VAL L 86 36.29 34.03 8.10
CA VAL L 86 36.95 34.81 9.15
C VAL L 86 38.39 34.39 9.41
N CYS L 87 38.92 33.41 8.67
CA CYS L 87 40.30 32.96 8.84
C CYS L 87 41.18 33.32 7.64
N THR L 88 40.67 34.11 6.72
CA THR L 88 41.33 34.48 5.47
C THR L 88 42.41 35.54 5.69
N PRO L 89 42.18 36.55 6.53
CA PRO L 89 43.23 37.55 6.76
C PRO L 89 44.50 36.94 7.34
N SER L 90 44.36 35.98 8.24
CA SER L 90 45.52 35.28 8.77
C SER L 90 46.29 34.56 7.68
N LEU L 91 45.61 33.85 6.78
CA LEU L 91 46.31 33.17 5.71
C LEU L 91 47.06 34.15 4.82
N CYS L 92 46.46 35.29 4.51
CA CYS L 92 47.18 36.27 3.70
C CYS L 92 48.44 36.75 4.40
N PHE L 93 48.31 37.10 5.67
CA PHE L 93 49.46 37.57 6.43
C PHE L 93 50.55 36.50 6.49
N ILE L 94 50.16 35.24 6.65
CA ILE L 94 51.11 34.14 6.74
C ILE L 94 51.85 33.99 5.42
N THR L 95 51.13 34.03 4.29
CA THR L 95 51.77 33.88 2.99
C THR L 95 52.77 35.01 2.73
N TYR L 96 52.40 36.23 3.12
CA TYR L 96 53.31 37.37 3.02
C TYR L 96 54.56 37.15 3.84
N SER L 97 54.39 36.79 5.10
CA SER L 97 55.56 36.67 5.97
C SER L 97 56.47 35.54 5.48
N VAL L 98 55.89 34.47 4.94
CA VAL L 98 56.71 33.41 4.37
C VAL L 98 57.53 33.94 3.21
N HIS L 99 56.93 34.79 2.38
CA HIS L 99 57.71 35.36 1.29
C HIS L 99 58.80 36.27 1.81
N GLN L 100 58.54 36.98 2.91
CA GLN L 100 59.50 37.90 3.48
C GLN L 100 60.81 37.22 3.86
N SER L 101 60.81 35.91 4.03
CA SER L 101 62.00 35.20 4.48
C SER L 101 62.87 34.79 3.30
N GLY L 221 57.08 46.69 6.06
CA GLY L 221 55.98 47.25 6.83
C GLY L 221 55.02 46.20 7.35
N ILE L 222 55.56 45.27 8.17
CA ILE L 222 54.75 44.19 8.72
C ILE L 222 53.66 44.74 9.63
N SER L 223 53.97 45.80 10.38
CA SER L 223 53.02 46.32 11.36
C SER L 223 51.81 46.92 10.65
N ARG L 224 52.01 47.56 9.49
CA ARG L 224 50.87 48.05 8.74
C ARG L 224 49.95 46.91 8.31
N PHE L 225 50.53 45.80 7.87
CA PHE L 225 49.72 44.65 7.52
C PHE L 225 48.94 44.14 8.71
N TYR L 226 49.56 44.16 9.89
CA TYR L 226 48.87 43.76 11.10
C TYR L 226 47.64 44.64 11.34
N ILE L 227 47.83 45.95 11.22
CA ILE L 227 46.74 46.89 11.44
C ILE L 227 45.58 46.60 10.49
N ILE L 228 45.89 46.47 9.21
CA ILE L 228 44.83 46.33 8.22
C ILE L 228 44.07 45.02 8.42
N GLN L 229 44.78 43.94 8.70
CA GLN L 229 44.09 42.67 8.85
C GLN L 229 43.19 42.68 10.08
N VAL L 230 43.60 43.38 11.13
CA VAL L 230 42.77 43.50 12.32
C VAL L 230 41.46 44.21 11.98
N VAL L 231 41.57 45.29 11.21
CA VAL L 231 40.40 46.04 10.78
C VAL L 231 39.43 45.13 10.01
N PHE L 232 39.98 44.36 9.08
CA PHE L 232 39.15 43.52 8.23
C PHE L 232 38.45 42.42 9.03
N ARG L 233 39.16 41.78 9.95
CA ARG L 233 38.53 40.74 10.77
C ARG L 233 37.38 41.29 11.58
N ASN L 234 37.57 42.45 12.22
CA ASN L 234 36.49 43.07 12.96
C ASN L 234 35.24 43.24 12.08
N ALA L 235 35.43 43.84 10.91
CA ALA L 235 34.31 44.12 10.03
C ALA L 235 33.58 42.83 9.63
N LEU L 236 34.34 41.80 9.28
CA LEU L 236 33.74 40.57 8.80
C LEU L 236 32.89 39.90 9.88
N GLU L 237 33.35 39.93 11.13
CA GLU L 237 32.60 39.23 12.16
C GLU L 237 31.33 39.97 12.54
N ILE L 238 31.36 41.29 12.49
CA ILE L 238 30.14 42.03 12.76
C ILE L 238 29.12 41.79 11.66
N GLY L 239 29.56 41.79 10.40
CA GLY L 239 28.64 41.51 9.32
C GLY L 239 27.97 40.15 9.44
N PHE L 240 28.74 39.13 9.80
CA PHE L 240 28.16 37.80 9.87
C PHE L 240 27.14 37.68 11.02
N LEU L 241 27.42 38.29 12.17
CA LEU L 241 26.46 38.27 13.28
C LEU L 241 25.16 38.99 12.93
N VAL L 242 25.26 40.17 12.31
CA VAL L 242 24.07 40.91 11.89
C VAL L 242 23.25 40.09 10.89
N GLY L 243 23.91 39.47 9.93
CA GLY L 243 23.21 38.66 8.96
C GLY L 243 22.48 37.49 9.59
N GLN L 244 23.09 36.84 10.58
CA GLN L 244 22.44 35.75 11.30
C GLN L 244 21.13 36.23 11.92
N TYR L 245 21.18 37.35 12.63
CA TYR L 245 19.96 37.87 13.24
C TYR L 245 18.88 38.15 12.19
N PHE L 246 19.26 38.73 11.05
CA PHE L 246 18.25 39.06 10.05
C PHE L 246 17.73 37.84 9.28
N LEU L 247 18.54 36.79 9.13
CA LEU L 247 18.10 35.62 8.38
C LEU L 247 17.26 34.66 9.23
N TYR L 248 17.65 34.41 10.49
CA TYR L 248 17.07 33.31 11.23
C TYR L 248 16.34 33.68 12.51
N GLY L 249 16.68 34.78 13.15
CA GLY L 249 16.14 35.13 14.44
C GLY L 249 16.69 34.36 15.63
N PHE L 250 15.81 34.06 16.59
CA PHE L 250 16.20 33.43 17.84
C PHE L 250 15.43 32.14 18.13
N SER L 251 14.63 31.64 17.21
CA SER L 251 13.88 30.41 17.45
C SER L 251 13.52 29.73 16.15
N VAL L 252 13.27 28.43 16.27
CA VAL L 252 12.78 27.58 15.19
C VAL L 252 11.43 26.99 15.60
N PRO L 253 10.32 27.40 14.99
CA PRO L 253 9.02 26.84 15.38
C PRO L 253 8.75 25.44 14.81
N GLY L 254 7.83 24.76 15.50
CA GLY L 254 7.41 23.42 15.15
C GLY L 254 6.40 23.32 14.02
N LEU L 255 5.61 24.36 13.77
CA LEU L 255 4.65 24.40 12.68
C LEU L 255 5.06 25.45 11.65
N TYR L 256 4.69 25.20 10.39
CA TYR L 256 4.90 26.15 9.30
C TYR L 256 3.68 26.19 8.38
N GLU L 257 3.31 27.39 7.97
CA GLU L 257 2.16 27.66 7.12
C GLU L 257 2.60 28.06 5.71
N CYS L 258 2.13 27.33 4.70
CA CYS L 258 2.65 27.43 3.33
C CYS L 258 1.55 27.73 2.31
N ASN L 259 1.87 28.60 1.34
CA ASN L 259 0.98 28.97 0.24
C ASN L 259 1.70 29.07 -1.10
N ARG L 260 2.56 28.11 -1.43
CA ARG L 260 3.30 28.11 -2.70
C ARG L 260 2.78 27.05 -3.66
N TYR L 261 2.72 27.39 -4.94
CA TYR L 261 2.36 26.45 -5.99
C TYR L 261 3.31 25.25 -5.98
N PRO L 262 2.81 24.02 -6.14
CA PRO L 262 1.47 23.52 -6.48
C PRO L 262 0.50 23.26 -5.35
N CYS L 263 0.78 23.75 -4.15
CA CYS L 263 -0.15 23.61 -3.05
C CYS L 263 -1.42 24.41 -3.29
N ILE L 264 -2.55 23.76 -3.06
CA ILE L 264 -3.87 24.38 -3.12
C ILE L 264 -4.08 25.16 -1.83
N LYS L 265 -4.42 26.43 -1.96
CA LYS L 265 -4.58 27.42 -0.85
C LYS L 265 -3.48 27.32 0.24
N GLU L 266 -3.77 27.42 1.52
CA GLU L 266 -2.75 27.30 2.54
C GLU L 266 -2.81 25.96 3.25
N VAL L 267 -1.62 25.40 3.46
CA VAL L 267 -1.42 24.09 4.07
C VAL L 267 -0.51 24.25 5.29
N GLU L 268 -0.59 23.26 6.16
CA GLU L 268 0.17 23.17 7.41
C GLU L 268 1.20 22.06 7.33
N CYS L 269 2.43 22.37 7.71
CA CYS L 269 3.55 21.47 7.68
C CYS L 269 4.24 21.40 9.05
N TYR L 270 5.03 20.35 9.25
CA TYR L 270 5.59 19.98 10.53
C TYR L 270 7.09 19.71 10.42
N VAL L 271 7.88 20.30 11.36
CA VAL L 271 9.34 20.34 11.38
C VAL L 271 9.93 19.27 12.30
N SER L 272 11.15 18.85 12.00
CA SER L 272 11.93 17.91 12.79
C SER L 272 12.91 18.59 13.75
N ARG L 273 12.93 18.09 14.98
CA ARG L 273 13.86 18.50 16.04
C ARG L 273 13.95 20.01 16.28
N PRO L 274 12.83 20.69 16.53
CA PRO L 274 12.89 22.15 16.68
C PRO L 274 13.61 22.69 17.92
N THR L 275 13.48 22.03 19.07
CA THR L 275 14.08 22.50 20.32
C THR L 275 15.61 22.48 20.29
N GLU L 276 16.19 21.38 19.80
CA GLU L 276 17.64 21.24 19.65
C GLU L 276 18.22 22.30 18.72
N LYS L 277 17.52 22.60 17.61
CA LYS L 277 17.97 23.60 16.66
C LYS L 277 17.94 25.01 17.24
N THR L 278 16.93 25.32 18.05
CA THR L 278 16.90 26.59 18.78
C THR L 278 18.06 26.73 19.77
N VAL L 279 18.37 25.67 20.51
CA VAL L 279 19.49 25.69 21.45
C VAL L 279 20.81 25.97 20.72
N PHE L 280 21.05 25.30 19.60
CA PHE L 280 22.26 25.52 18.79
C PHE L 280 22.37 26.95 18.29
N LEU L 281 21.27 27.52 17.77
CA LEU L 281 21.23 28.92 17.37
C LEU L 281 21.68 29.88 18.48
N VAL L 282 21.10 29.73 19.69
CA VAL L 282 21.40 30.65 20.77
C VAL L 282 22.87 30.54 21.19
N PHE L 283 23.38 29.31 21.29
CA PHE L 283 24.78 29.12 21.66
C PHE L 283 25.73 29.80 20.66
N MET L 284 25.47 29.63 19.37
CA MET L 284 26.33 30.24 18.37
C MET L 284 26.31 31.77 18.40
N PHE L 285 25.13 32.38 18.62
CA PHE L 285 25.09 33.83 18.75
C PHE L 285 25.95 34.30 19.92
N ALA L 286 25.88 33.61 21.04
CA ALA L 286 26.66 33.99 22.21
C ALA L 286 28.17 33.94 21.95
N VAL L 287 28.67 32.85 21.36
CA VAL L 287 30.09 32.73 21.08
C VAL L 287 30.57 33.85 20.15
N SER L 288 29.84 34.09 19.07
CA SER L 288 30.26 35.14 18.14
C SER L 288 30.26 36.52 18.77
N GLY L 289 29.31 36.79 19.67
CA GLY L 289 29.34 38.04 20.41
C GLY L 289 30.60 38.20 21.23
N ILE L 290 31.01 37.15 21.93
CA ILE L 290 32.25 37.20 22.69
C ILE L 290 33.42 37.60 21.79
N CYS L 291 33.51 36.96 20.61
CA CYS L 291 34.61 37.26 19.71
C CYS L 291 34.60 38.72 19.25
N VAL L 292 33.42 39.25 18.95
CA VAL L 292 33.32 40.65 18.55
C VAL L 292 33.85 41.55 19.64
N VAL L 293 33.42 41.31 20.88
CA VAL L 293 33.86 42.15 22.00
C VAL L 293 35.38 42.13 22.12
N LEU L 294 35.97 40.95 22.08
CA LEU L 294 37.41 40.83 22.29
C LEU L 294 38.20 41.58 21.20
N ASN L 295 37.80 41.41 19.93
CA ASN L 295 38.54 42.09 18.88
C ASN L 295 38.38 43.61 18.96
N LEU L 296 37.20 44.10 19.32
CA LEU L 296 37.09 45.55 19.54
C LEU L 296 37.98 46.00 20.68
N ALA L 297 38.08 45.17 21.72
CA ALA L 297 38.96 45.51 22.83
C ALA L 297 40.34 45.83 22.31
N GLU L 298 40.91 44.92 21.52
CA GLU L 298 42.29 45.15 21.09
C GLU L 298 42.40 46.32 20.11
N LEU L 299 41.44 46.45 19.21
CA LEU L 299 41.41 47.59 18.30
C LEU L 299 41.47 48.92 19.05
N ASN L 300 40.65 49.06 20.10
CA ASN L 300 40.66 50.30 20.86
C ASN L 300 41.88 50.42 21.75
N HIS L 301 42.49 49.30 22.11
CA HIS L 301 43.71 49.34 22.90
C HIS L 301 44.87 49.95 22.14
N LEU L 302 45.05 49.56 20.88
CA LEU L 302 46.12 50.19 20.11
C LEU L 302 45.74 51.59 19.62
N GLY L 303 44.58 51.72 19.00
CA GLY L 303 44.06 53.04 18.64
C GLY L 303 44.51 53.59 17.31
C31 MC3 M . -31.09 18.06 20.13
C32 MC3 M . -32.32 18.95 20.24
C33 MC3 M . -33.07 18.91 21.58
C34 MC3 M . -34.30 19.79 21.49
C35 MC3 M . -35.48 19.45 22.40
C36 MC3 M . -36.77 19.92 21.74
C37 MC3 M . -37.21 18.93 20.66
C38 MC3 M . -37.38 19.54 19.26
C39 MC3 M . -38.09 18.59 18.31
C40 MC3 M . -39.61 18.57 18.45
C41 MC3 M . -40.22 17.32 17.82
C42 MC3 M . -41.73 17.46 17.62
C43 MC3 M . -42.48 16.64 18.66
C44 MC3 M . -43.99 16.78 18.54
H321 MC3 M . -33.02 18.70 19.46
H322 MC3 M . -32.00 19.97 20.08
H331 MC3 M . -32.43 19.28 22.37
H332 MC3 M . -33.36 17.88 21.79
H341 MC3 M . -33.99 20.81 21.67
H342 MC3 M . -34.66 19.72 20.47
H351 MC3 M . -35.52 18.38 22.57
H352 MC3 M . -35.35 19.97 23.34
H361 MC3 M . -37.55 19.98 22.50
H362 MC3 M . -36.61 20.90 21.31
H371 MC3 M . -36.46 18.16 20.60
H372 MC3 M . -38.14 18.49 20.99
H381 MC3 M . -37.94 20.47 19.33
H382 MC3 M . -36.40 19.76 18.84
H391 MC3 M . -37.83 18.87 17.30
H392 MC3 M . -37.73 17.60 18.49
H401 MC3 M . -40.03 19.43 17.94
H402 MC3 M . -39.87 18.62 19.50
H411 MC3 M . -39.75 17.17 16.86
H412 MC3 M . -40.03 16.47 18.46
H421 MC3 M . -42.00 18.51 17.72
H422 MC3 M . -41.98 17.11 16.63
H431 MC3 M . -42.23 15.60 18.51
H432 MC3 M . -42.17 16.93 19.66
H441 MC3 M . -44.45 15.81 18.75
H442 MC3 M . -44.26 17.10 17.55
H443 MC3 M . -44.35 17.49 19.28
C33 MC3 N . -31.35 19.53 11.14
C34 MC3 N . -32.65 20.02 11.76
C35 MC3 N . -33.80 19.02 11.63
C36 MC3 N . -35.03 19.35 12.45
C37 MC3 N . -36.07 20.12 11.64
C38 MC3 N . -36.61 19.31 10.46
C39 MC3 N . -38.08 18.91 10.52
C40 MC3 N . -38.48 18.14 9.27
C41 MC3 N . -39.89 17.56 9.30
H331 MC3 N . -31.46 18.52 10.78
H332 MC3 N . -30.58 19.58 11.89
H341 MC3 N . -32.49 20.25 12.80
H342 MC3 N . -32.96 20.92 11.25
H351 MC3 N . -34.10 19.00 10.59
H352 MC3 N . -33.46 18.04 11.91
H361 MC3 N . -35.47 18.43 12.79
H362 MC3 N . -34.73 19.93 13.31
H371 MC3 N . -35.60 21.02 11.27
H372 MC3 N . -36.89 20.41 12.29
H381 MC3 N . -36.04 18.41 10.37
H382 MC3 N . -36.48 19.87 9.55
H391 MC3 N . -38.24 18.27 11.37
H392 MC3 N . -38.68 19.79 10.62
H401 MC3 N . -37.78 17.32 9.15
H402 MC3 N . -38.38 18.80 8.43
H411 MC3 N . -39.81 16.48 9.38
H412 MC3 N . -40.38 17.77 8.36
C35 MC3 O . -39.17 21.64 14.52
C36 MC3 O . -40.04 21.58 13.27
C37 MC3 O . -41.16 20.56 13.42
C38 MC3 O . -41.67 20.10 12.07
C39 MC3 O . -42.35 18.73 12.15
C40 MC3 O . -43.69 18.84 12.84
C41 MC3 O . -44.81 19.32 11.92
C42 MC3 O . -46.07 19.70 12.70
C43 MC3 O . -46.98 18.51 12.93
C44 MC3 O . -47.86 18.23 11.71
H351 MC3 O . -38.47 20.83 14.50
H352 MC3 O . -39.81 21.53 15.39
H361 MC3 O . -40.49 22.56 13.09
H362 MC3 O . -39.42 21.33 12.42
H371 MC3 O . -41.97 21.02 13.96
H372 MC3 O . -40.79 19.72 13.99
H381 MC3 O . -42.40 20.83 11.73
H382 MC3 O . -40.86 20.07 11.36
H391 MC3 O . -41.73 18.05 12.71
H392 MC3 O . -42.47 18.34 11.15
H401 MC3 O . -43.96 17.86 13.22
H402 MC3 O . -43.60 19.52 13.68
H411 MC3 O . -45.05 18.52 11.24
H412 MC3 O . -44.46 20.17 11.34
H421 MC3 O . -46.61 20.45 12.16
H422 MC3 O . -45.78 20.11 13.66
H431 MC3 O . -46.37 17.63 13.12
H432 MC3 O . -47.60 18.70 13.80
H441 MC3 O . -47.63 18.94 10.92
H442 MC3 O . -48.91 18.33 11.98
H443 MC3 O . -47.66 17.23 11.35
C35 MC3 P . -44.12 16.32 9.48
C36 MC3 P . -44.58 15.19 8.57
C37 MC3 P . -45.85 15.46 7.77
C38 MC3 P . -47.13 14.85 8.32
C39 MC3 P . -48.04 14.29 7.23
C40 MC3 P . -49.21 13.47 7.80
C41 MC3 P . -49.76 12.42 6.83
C42 MC3 P . -50.76 12.98 5.83
H351 MC3 P . -44.97 16.89 9.81
H352 MC3 P . -43.45 16.96 8.92
H361 MC3 P . -44.70 14.28 9.15
H362 MC3 P . -43.79 15.02 7.86
H371 MC3 P . -45.70 15.06 6.79
H372 MC3 P . -45.98 16.53 7.68
H381 MC3 P . -47.67 15.60 8.88
H382 MC3 P . -46.87 14.06 9.02
H391 MC3 P . -48.45 15.09 6.64
H392 MC3 P . -47.45 13.64 6.60
H401 MC3 P . -50.01 14.16 8.04
H402 MC3 P . -48.87 12.98 8.69
H411 MC3 P . -50.24 11.65 7.41
H412 MC3 P . -48.93 11.97 6.30
H421 MC3 P . -51.29 13.82 6.27
H422 MC3 P . -51.49 12.22 5.59
CAA Y01 Q . -47.38 -1.70 -5.69
CBA Y01 Q . -47.55 -0.76 -4.40
CAB Y01 Q . -46.27 0.06 -4.24
CAN Y01 Q . -48.84 0.12 -4.54
CAJ Y01 Q . -48.95 1.10 -3.34
CAO Y01 Q . -50.47 1.58 -3.04
CBB Y01 Q . -51.43 0.54 -2.31
CAC Y01 Q . -50.72 -0.31 -1.27
CBE Y01 Q . -52.54 1.31 -1.64
CAP Y01 Q . -53.29 2.15 -2.73
CAQ Y01 Q . -54.86 2.26 -2.21
CBG Y01 Q . -54.73 1.55 -0.75
CBI Y01 Q . -53.69 0.48 -0.90
CAE Y01 Q . -54.16 -0.71 -1.76
CAU Y01 Q . -53.30 -0.06 0.34
CAS Y01 Q . -54.59 -0.45 1.39
CBF Y01 Q . -55.83 0.62 1.26
CBD Y01 Q . -55.93 1.10 -0.36
CAK Y01 Q . -57.02 2.24 -0.25
CAI Y01 Q . -58.02 1.86 0.48
CAZ Y01 Q . -58.11 1.10 1.17
CAV Y01 Q . -59.56 1.08 1.76
CBH Y01 Q . -57.17 0.19 1.61
CAD Y01 Q . -57.44 -1.21 1.01
CAT Y01 Q . -57.19 0.08 3.29
CAR Y01 Q . -58.59 0.24 3.95
CBC Y01 Q . -59.77 0.14 2.95
OAW Y01 Q . -59.92 -1.18 2.52
CAY Y01 Q . -60.52 -2.08 3.51
OAG Y01 Q . -61.09 -1.62 4.46
CAM Y01 Q . -60.40 -3.62 3.33
CAL Y01 Q . -61.34 -4.34 4.32
CAX Y01 Q . -62.81 -4.13 3.94
OAH Y01 Q . -63.37 -4.91 3.12
OAF Y01 Q . -63.47 -3.20 4.45
HAA1 Y01 Q . -46.46 -2.30 -5.57
HAA2 Y01 Q . -48.25 -2.37 -5.77
HAA3 Y01 Q . -47.30 -1.10 -6.59
HBA Y01 Q . -47.68 -1.40 -3.51
HAB1 Y01 Q . -46.47 1.12 -4.36
HAB2 Y01 Q . -45.85 -0.12 -3.26
HAB3 Y01 Q . -45.54 -0.26 -4.99
HAN1 Y01 Q . -49.72 -0.51 -4.55
HAN2 Y01 Q . -48.78 0.70 -5.46
HAJ1 Y01 Q . -48.48 0.65 -2.47
HAJ2 Y01 Q . -48.38 1.98 -3.61
HAO1 Y01 Q . -50.43 2.48 -2.45
HAO2 Y01 Q . -50.91 1.83 -4.00
HBB Y01 Q . -51.86 -0.11 -3.05
HAC1 Y01 Q . -49.72 -0.57 -1.57
HAC2 Y01 Q . -51.26 -1.23 -1.14
HAC3 Y01 Q . -50.69 0.22 -0.32
HBE Y01 Q . -52.11 2.00 -0.94
HAP1 Y01 Q . -52.84 3.13 -2.79
HAP2 Y01 Q . -53.28 1.66 -3.69
HAQ1 Y01 Q . -55.52 1.72 -2.85
HAQ2 Y01 Q . -55.17 3.29 -2.10
HBG Y01 Q . -54.36 2.29 -0.04
HBD Y01 Q . -56.31 0.31 -1.02
HAE1 Y01 Q . -54.73 -0.34 -2.62
HAE2 Y01 Q . -54.80 -1.36 -1.17
HAE3 Y01 Q . -53.31 -1.29 -2.09
HAU1 Y01 Q . -52.61 0.62 0.84
HAU2 Y01 Q . -52.81 -1.00 0.15
HAS1 Y01 Q . -54.21 -0.40 2.40
HAS2 Y01 Q . -54.93 -1.47 1.19
HBF Y01 Q . -55.59 1.48 1.86
HAK1 Y01 Q . -57.42 2.36 -1.26
HAK2 Y01 Q . -56.56 3.06 0.28
HAI Y01 Q . -58.94 2.44 0.31
HAV1 Y01 Q . -59.69 2.07 2.21
HAV2 Y01 Q . -60.21 0.69 0.98
HBC Y01 Q . -60.66 0.45 3.45
HAD1 Y01 Q . -58.47 -1.30 0.69
HAD2 Y01 Q . -57.23 -1.97 1.77
HAD3 Y01 Q . -56.80 -1.41 0.15
HAT1 Y01 Q . -56.56 0.88 3.69
HAT2 Y01 Q . -56.76 -0.88 3.58
HAR1 Y01 Q . -58.64 1.21 4.43
HAR2 Y01 Q . -58.70 -0.55 4.71
HAM1 Y01 Q . -59.36 -3.92 3.53
HAM2 Y01 Q . -60.65 -3.89 2.30
HAL1 Y01 Q . -61.14 -5.41 4.33
HAL2 Y01 Q . -61.18 -3.97 5.32
CAA Y01 R . -48.03 -4.05 0.44
CBA Y01 R . -47.26 -3.17 1.52
CAB Y01 R . -46.01 -2.61 0.82
CAN Y01 R . -48.17 -2.01 2.07
CAJ Y01 R . -49.69 -2.35 2.30
CAO Y01 R . -50.15 -2.99 3.70
CBB Y01 R . -51.61 -2.43 4.03
CAC Y01 R . -52.44 -2.65 2.76
CBE Y01 R . -52.39 -3.06 5.18
CAP Y01 R . -51.47 -3.59 6.31
CAQ Y01 R . -52.15 -3.13 7.75
CBG Y01 R . -53.65 -2.71 7.28
CBI Y01 R . -53.50 -2.13 5.89
CAE Y01 R . -53.03 -0.67 5.93
CAU Y01 R . -54.73 -2.11 5.23
CAS Y01 R . -55.93 -1.31 6.15
CBF Y01 R . -55.86 -1.73 7.73
CBD Y01 R . -54.23 -1.87 8.18
CAK Y01 R . -54.38 -2.38 9.69
CAI Y01 R . -55.54 -2.08 10.25
CAZ Y01 R . -56.34 -1.48 9.92
CAV Y01 R . -57.61 -1.35 10.82
CBH Y01 R . -56.41 -0.84 8.71
CAD Y01 R . -55.65 0.51 8.86
CAT Y01 R . -58.00 -0.47 8.27
CAR Y01 R . -59.07 -1.48 8.78
CBC Y01 R . -58.60 -2.25 10.06
OAW Y01 R . -59.72 -2.62 10.81
CAY Y01 R . -60.50 -3.69 10.18
OAG Y01 R . -60.11 -4.18 9.16
CAM Y01 R . -61.84 -4.25 10.76
CAL Y01 R . -62.98 -3.20 10.86
CAX Y01 R . -64.01 -3.68 11.88
OAH Y01 R . -63.84 -3.47 13.11
OAF Y01 R . -65.03 -4.28 11.47
HAA1 Y01 R . -47.32 -4.74 -0.03
HAA2 Y01 R . -48.82 -4.62 0.92
HAA3 Y01 R . -48.44 -3.39 -0.33
HBA Y01 R . -46.95 -3.80 2.35
HAB1 Y01 R . -45.12 -2.94 1.34
HAB2 Y01 R . -46.02 -1.52 0.77
HAB3 Y01 R . -45.98 -2.99 -0.21
HAN1 Y01 R . -48.14 -1.20 1.37
HAN2 Y01 R . -47.73 -1.66 3.00
HAJ1 Y01 R . -50.05 -2.99 1.49
HAJ2 Y01 R . -50.20 -1.41 2.22
HAO1 Y01 R . -50.17 -4.08 3.62
HAO2 Y01 R . -49.45 -2.70 4.47
HBB Y01 R . -51.49 -1.37 4.16
HAC1 Y01 R . -52.31 -1.82 2.10
HAC2 Y01 R . -53.49 -2.76 2.99
HAC3 Y01 R . -52.10 -3.55 2.26
HBE Y01 R . -52.90 -3.92 4.78
HAP1 Y01 R . -51.43 -4.67 6.27
HAP2 Y01 R . -50.47 -3.19 6.25
HAQ1 Y01 R . -51.63 -2.28 8.17
HAQ2 Y01 R . -52.20 -3.96 8.44
HBG Y01 R . -54.26 -3.62 7.22
HBD Y01 R . -53.70 -0.92 8.24
HAE1 Y01 R . -52.05 -0.64 6.41
HAE2 Y01 R . -53.72 -0.05 6.50
HAE3 Y01 R . -52.98 -0.25 4.93
HAU1 Y01 R . -55.05 -3.13 5.02
HAU2 Y01 R . -54.64 -1.56 4.29
HAS1 Y01 R . -56.90 -1.60 5.78
HAS2 Y01 R . -55.80 -0.22 6.09
HBF Y01 R . -56.31 -2.70 7.83
HAK1 Y01 R . -53.63 -1.82 10.25
HAK2 Y01 R . -54.36 -3.45 9.60
HAI Y01 R . -55.67 -2.54 11.24
HAV1 Y01 R . -57.42 -1.82 11.78
HAV2 Y01 R . -57.97 -0.33 10.74
HBC Y01 R . -58.07 -3.12 9.76
HAD1 Y01 R . -56.34 1.30 9.15
HAD2 Y01 R . -55.17 0.78 7.92
HAD3 Y01 R . -54.90 0.42 9.64
HAT1 Y01 R . -58.07 -0.41 7.19
HAT2 Y01 R . -58.25 0.52 8.66
HAR1 Y01 R . -59.25 -2.21 7.99
HAR2 Y01 R . -59.99 -0.95 9.00
HAM1 Y01 R . -61.65 -4.69 11.76
HAM2 Y01 R . -62.17 -5.04 10.10
HAL1 Y01 R . -62.59 -2.24 11.16
HAL2 Y01 R . -63.46 -3.11 9.90
C31 MC3 S . -36.26 -2.80 0.54
C32 MC3 S . -37.18 -3.10 1.73
C33 MC3 S . -38.31 -4.09 1.44
C34 MC3 S . -39.61 -3.67 2.09
C35 MC3 S . -40.40 -4.80 2.74
C36 MC3 S . -41.63 -4.28 3.46
C37 MC3 S . -41.36 -3.61 4.82
C38 MC3 S . -42.57 -3.39 5.73
C39 MC3 S . -43.77 -4.24 5.31
C40 MC3 S . -44.92 -4.39 6.31
C41 MC3 S . -45.93 -5.43 5.84
C42 MC3 S . -47.33 -4.87 5.66
C43 MC3 S . -48.19 -5.04 6.90
H321 MC3 S . -37.60 -2.17 2.06
H322 MC3 S . -36.58 -3.49 2.55
H331 MC3 S . -38.01 -5.07 1.81
H332 MC3 S . -38.46 -4.16 0.37
H341 MC3 S . -40.24 -3.22 1.33
H342 MC3 S . -39.40 -2.96 2.87
H351 MC3 S . -40.72 -5.49 1.97
H352 MC3 S . -39.76 -5.31 3.42
H361 MC3 S . -42.27 -5.14 3.56
H362 MC3 S . -42.15 -3.57 2.82
H371 MC3 S . -40.93 -2.63 4.63
H372 MC3 S . -40.61 -4.18 5.35
H381 MC3 S . -42.84 -2.35 5.68
H382 MC3 S . -42.30 -3.63 6.75
H391 MC3 S . -43.43 -5.25 5.15
H392 MC3 S . -44.16 -3.85 4.39
H401 MC3 S . -45.41 -3.44 6.42
H402 MC3 S . -44.52 -4.70 7.27
H411 MC3 S . -45.59 -5.85 4.90
H412 MC3 S . -45.97 -6.23 6.57
H421 MC3 S . -47.83 -5.34 4.83
H422 MC3 S . -47.25 -3.81 5.43
H431 MC3 S . -47.99 -6.01 7.34
H432 MC3 S . -47.91 -4.28 7.63
C31 MC3 T . -31.28 -3.06 28.46
C32 MC3 T . -32.48 -3.29 29.37
C33 MC3 T . -33.81 -3.30 28.64
C34 MC3 T . -34.63 -4.53 28.99
C35 MC3 T . -35.78 -4.83 28.03
C36 MC3 T . -36.71 -3.67 27.77
C37 MC3 T . -37.94 -3.99 26.92
C38 MC3 T . -38.21 -5.47 26.67
C39 MC3 T . -39.50 -5.61 25.90
C40 MC3 T . -40.37 -6.77 26.36
H321 MC3 T . -32.50 -2.51 30.13
H322 MC3 T . -32.34 -4.24 29.87
H331 MC3 T . -34.36 -2.42 28.94
H332 MC3 T . -33.65 -3.28 27.56
H341 MC3 T . -35.04 -4.38 29.99
H342 MC3 T . -33.97 -5.38 29.00
H351 MC3 T . -36.36 -5.63 28.47
H352 MC3 T . -35.37 -5.15 27.08
H361 MC3 T . -37.05 -3.27 28.72
H362 MC3 T . -36.14 -2.91 27.25
H371 MC3 T . -38.81 -3.59 27.43
H372 MC3 T . -37.85 -3.49 25.97
H381 MC3 T . -37.38 -5.88 26.10
H382 MC3 T . -38.30 -5.99 27.62
H391 MC3 T . -40.08 -4.71 26.02
H392 MC3 T . -39.26 -5.75 24.84
H401 MC3 T . -41.20 -6.86 25.67
H402 MC3 T . -39.77 -7.68 26.30
C4 LHG U . -29.56 2.69 28.35
C5 LHG U . -30.36 2.60 27.05
C6 LHG U . -29.50 2.14 25.90
O7 LHG U . -31.40 1.66 27.24
C7 LHG U . -32.64 2.23 27.30
O9 LHG U . -32.81 3.38 27.62
C8 LHG U . -33.71 1.27 26.85
C9 LHG U . -35.03 1.67 27.46
C10 LHG U . -36.11 1.71 26.41
O8 LHG U . -29.19 0.81 26.21
C23 LHG U . -27.89 0.45 26.13
O10 LHG U . -27.08 0.99 26.87
C24 LHG U . -27.41 -0.33 24.92
C11 LHG U . -36.53 0.31 26.28
C12 LHG U . -37.08 0.07 24.92
C13 LHG U . -38.42 -0.54 25.02
C14 LHG U . -39.10 -0.42 23.71
C15 LHG U . -40.00 -1.61 23.52
C16 LHG U . -41.39 -1.31 23.91
C17 LHG U . -42.35 -1.89 22.90
C18 LHG U . -43.57 -2.38 23.66
C19 LHG U . -44.06 -1.46 24.72
C20 LHG U . -45.45 -1.98 25.03
C21 LHG U . -45.53 -2.54 26.41
C22 LHG U . -46.96 -2.95 26.64
C25 LHG U . -28.30 -1.47 24.51
C26 LHG U . -29.08 -2.15 25.60
C27 LHG U . -30.05 -2.95 24.83
C28 LHG U . -31.27 -2.20 24.32
C29 LHG U . -32.48 -3.08 24.50
C30 LHG U . -33.35 -3.31 23.32
C31 LHG U . -34.81 -3.09 23.52
C32 LHG U . -35.73 -3.91 22.64
C33 LHG U . -36.28 -3.05 21.57
C34 LHG U . -37.39 -3.66 20.81
C35 LHG U . -37.13 -3.68 19.35
C36 LHG U . -36.34 -4.89 19.02
C37 LHG U . -35.84 -4.67 17.62
C38 LHG U . -35.59 -5.88 16.82
HC5 LHG U . -30.63 3.50 26.86
HC61 LHG U . -28.72 2.71 25.87
HC62 LHG U . -29.95 2.31 25.09
HC81 LHG U . -33.52 0.33 27.05
HC82 LHG U . -33.83 1.32 25.90
HC91 LHG U . -34.94 2.53 27.85
HC92 LHG U . -35.27 1.06 28.17
H101 LHG U . -35.78 2.06 25.59
H102 LHG U . -36.82 2.27 26.67
H241 LHG U . -26.52 -0.67 25.03
H242 LHG U . -27.31 0.22 24.19
H111 LHG U . -37.21 0.13 26.94
H112 LHG U . -35.80 -0.28 26.46
H121 LHG U . -36.49 -0.48 24.45
H122 LHG U . -37.15 0.86 24.48
H131 LHG U . -38.91 -0.06 25.67
H132 LHG U . -38.36 -1.43 25.26
H141 LHG U . -38.44 -0.43 23.04
H142 LHG U . -39.58 0.40 23.64
H151 LHG U . -39.68 -2.34 24.02
H152 LHG U . -39.97 -1.87 22.61
H161 LHG U . -41.51 -0.39 23.99
H162 LHG U . -41.55 -1.67 24.74
H171 LHG U . -41.95 -2.59 22.41
H172 LHG U . -42.60 -1.24 22.26
H181 LHG U . -43.37 -3.25 24.06
H182 LHG U . -44.27 -2.54 23.03
H191 LHG U . -44.09 -0.56 24.42
H192 LHG U . -43.50 -1.46 25.51
H201 LHG U . -45.75 -2.64 24.43
H202 LHG U . -46.09 -1.27 24.96
H211 LHG U . -45.29 -1.90 27.10
H212 LHG U . -44.99 -3.33 26.52
H221 LHG U . -47.05 -3.22 27.56
H222 LHG U . -47.20 -3.70 26.08
H223 LHG U . -47.56 -2.22 26.50
H251 LHG U . -27.77 -2.15 24.12
H252 LHG U . -28.89 -1.16 23.83
H261 LHG U . -29.51 -1.55 26.17
H262 LHG U . -28.53 -2.70 26.13
H271 LHG U . -30.31 -3.67 25.37
H272 LHG U . -29.59 -3.30 24.06
H281 LHG U . -31.14 -2.02 23.39
H282 LHG U . -31.38 -1.36 24.76
H291 LHG U . -33.01 -2.63 25.13
H292 LHG U . -32.27 -3.92 24.88
H301 LHG U . -33.22 -4.18 23.02
H302 LHG U . -33.04 -2.76 22.61
H311 LHG U . -35.01 -2.16 23.46
H312 LHG U . -34.99 -3.33 24.43
H321 LHG U . -36.42 -4.34 23.16
H322 LHG U . -35.22 -4.59 22.24
H331 LHG U . -35.60 -2.91 20.96
H332 LHG U . -36.53 -2.22 21.92
H341 LHG U . -38.22 -3.23 20.98
H342 LHG U . -37.48 -4.56 21.08
H351 LHG U . -36.67 -2.92 19.08
H352 LHG U . -37.93 -3.66 18.87
H361 LHG U . -36.87 -5.66 19.07
H362 LHG U . -35.62 -4.99 19.61
H371 LHG U . -35.06 -4.16 17.60
H372 LHG U . -36.50 -4.19 17.18
H381 LHG U . -36.12 -5.79 16.04
H382 LHG U . -35.91 -6.68 17.26
H383 LHG U . -34.68 -5.98 16.58
C31 MC3 V . -27.07 28.30 -12.77
C32 MC3 V . -28.03 28.95 -13.77
C33 MC3 V . -28.89 30.10 -13.24
C34 MC3 V . -29.84 30.55 -14.36
C35 MC3 V . -31.13 31.21 -13.93
C36 MC3 V . -32.20 30.98 -15.00
C37 MC3 V . -32.76 29.58 -14.88
C38 MC3 V . -32.63 28.70 -16.15
C39 MC3 V . -33.47 27.44 -16.07
C40 MC3 V . -34.95 27.63 -16.39
C41 MC3 V . -35.80 26.48 -15.87
C42 MC3 V . -37.19 26.47 -16.50
C43 MC3 V . -38.24 26.96 -15.51
C44 MC3 V . -39.64 27.02 -16.10
H321 MC3 V . -28.69 28.18 -14.16
H322 MC3 V . -27.43 29.33 -14.60
H331 MC3 V . -28.25 30.94 -12.97
H332 MC3 V . -29.46 29.76 -12.39
H341 MC3 V . -29.29 31.23 -15.00
H342 MC3 V . -30.09 29.67 -14.92
H351 MC3 V . -31.47 30.81 -13.00
H352 MC3 V . -30.97 32.28 -13.83
H361 MC3 V . -33.00 31.70 -14.87
H362 MC3 V . -31.74 31.12 -15.98
H371 MC3 V . -32.24 29.07 -14.09
H372 MC3 V . -33.80 29.66 -14.62
H381 MC3 V . -32.93 29.28 -17.02
H382 MC3 V . -31.61 28.41 -16.28
H391 MC3 V . -33.04 26.71 -16.74
H392 MC3 V . -33.41 27.06 -15.07
H401 MC3 V . -35.07 27.67 -17.47
H402 MC3 V . -35.29 28.57 -15.96
H411 MC3 V . -35.29 25.55 -16.11
H412 MC3 V . -35.90 26.57 -14.80
H421 MC3 V . -37.18 27.11 -17.38
H422 MC3 V . -37.43 25.45 -16.80
H431 MC3 V . -38.26 26.28 -14.67
H432 MC3 V . -37.95 27.95 -15.15
H441 MC3 V . -40.34 26.72 -15.33
H442 MC3 V . -39.70 26.36 -16.95
H443 MC3 V . -39.86 28.04 -16.40
C33 MC3 W . -26.06 21.45 -18.70
C34 MC3 W . -27.24 22.31 -19.12
C35 MC3 W . -28.58 21.73 -18.69
C36 MC3 W . -29.76 22.68 -18.88
C37 MC3 W . -30.48 22.45 -20.20
C38 MC3 W . -31.10 21.05 -20.30
C39 MC3 W . -32.61 20.98 -20.34
C40 MC3 W . -33.08 19.54 -20.48
C41 MC3 W . -34.58 19.34 -20.37
H331 MC3 W . -26.40 20.62 -18.08
H332 MC3 W . -25.37 22.07 -18.12
H341 MC3 W . -27.12 23.30 -18.71
H342 MC3 W . -27.24 22.36 -20.20
H351 MC3 W . -28.77 20.86 -19.30
H352 MC3 W . -28.55 21.45 -17.65
H361 MC3 W . -30.45 22.51 -18.06
H362 MC3 W . -29.40 23.70 -18.80
H371 MC3 W . -29.76 22.58 -20.99
H372 MC3 W . -31.25 23.20 -20.32
H381 MC3 W . -30.77 20.47 -19.46
H382 MC3 W . -30.73 20.57 -21.19
H391 MC3 W . -33.02 21.38 -19.43
H392 MC3 W . -32.98 21.56 -21.18
H401 MC3 W . -32.61 18.97 -19.68
H402 MC3 W . -32.73 19.16 -21.43
H411 MC3 W . -34.80 18.84 -19.44
H412 MC3 W . -34.91 18.68 -21.16
C35 MC3 X . -33.33 25.88 -20.80
C36 MC3 X . -34.06 24.83 -21.63
C37 MC3 X . -35.41 24.49 -21.03
C38 MC3 X . -35.91 23.12 -21.49
C39 MC3 X . -36.92 22.51 -20.54
C40 MC3 X . -38.26 23.24 -20.63
C41 MC3 X . -39.10 22.77 -21.80
C42 MC3 X . -40.29 23.70 -22.05
C43 MC3 X . -41.51 23.32 -21.22
C44 MC3 X . -42.30 22.19 -21.87
H351 MC3 X . -32.88 25.39 -19.94
H352 MC3 X . -34.07 26.58 -20.44
H361 MC3 X . -34.21 25.20 -22.63
H362 MC3 X . -33.46 23.93 -21.69
H371 MC3 X . -36.14 25.23 -21.34
H372 MC3 X . -35.35 24.50 -19.95
H381 MC3 X . -36.38 23.26 -22.46
H382 MC3 X . -35.06 22.46 -21.61
H391 MC3 X . -36.56 22.59 -19.52
H392 MC3 X . -37.05 21.46 -20.77
H401 MC3 X . -38.80 23.07 -19.72
H402 MC3 X . -38.07 24.30 -20.72
H411 MC3 X . -39.49 21.78 -21.57
H412 MC3 X . -38.50 22.70 -22.69
H421 MC3 X . -40.56 23.66 -23.10
H422 MC3 X . -40.00 24.71 -21.81
H431 MC3 X . -41.17 22.98 -20.25
H432 MC3 X . -42.13 24.20 -21.09
H441 MC3 X . -41.81 21.87 -22.79
H442 MC3 X . -43.31 22.52 -22.10
H443 MC3 X . -42.33 21.35 -21.19
C35 MC3 Y . -38.98 19.07 -20.45
C36 MC3 Y . -39.65 17.74 -20.11
C37 MC3 Y . -40.71 17.28 -21.11
C38 MC3 Y . -42.16 17.50 -20.66
C39 MC3 Y . -43.07 16.33 -21.03
C40 MC3 Y . -44.46 16.45 -20.40
C41 MC3 Y . -45.17 15.11 -20.20
C42 MC3 Y . -45.89 14.61 -21.45
H351 MC3 Y . -39.69 19.71 -20.97
H352 MC3 Y . -38.13 18.90 -21.07
H361 MC3 Y . -40.06 17.77 -19.12
H362 MC3 Y . -38.86 17.00 -20.14
H371 MC3 Y . -40.58 16.22 -21.25
H372 MC3 Y . -40.55 17.76 -22.06
H381 MC3 Y . -42.52 18.39 -21.15
H382 MC3 Y . -42.19 17.65 -19.60
H391 MC3 Y . -43.19 16.28 -22.11
H392 MC3 Y . -42.61 15.41 -20.67
H401 MC3 Y . -45.08 17.05 -21.05
H402 MC3 Y . -44.35 16.93 -19.44
H411 MC3 Y . -45.89 15.23 -19.41
H412 MC3 Y . -44.44 14.37 -19.88
H421 MC3 Y . -46.23 15.44 -22.04
H422 MC3 Y . -46.77 14.04 -21.15
CAA Y01 Z . -45.37 -3.06 -14.55
CBA Y01 Z . -45.42 -1.46 -14.70
CAB Y01 Z . -43.99 -0.97 -14.93
CAN Y01 Z . -46.41 -1.05 -15.84
CAJ Y01 Z . -46.37 0.49 -16.06
CAO Y01 Z . -47.73 1.07 -16.70
CBB Y01 Z . -49.00 1.22 -15.74
CAC Y01 Z . -48.64 1.61 -14.32
CBE Y01 Z . -49.93 2.25 -16.33
CAP Y01 Z . -50.32 1.81 -17.77
CAQ Y01 Z . -51.85 2.40 -18.03
CBG Y01 Z . -52.06 3.25 -16.66
CBI Y01 Z . -51.32 2.51 -15.58
CAE Y01 Z . -52.01 1.18 -15.20
CAU Y01 Z . -51.22 3.26 -14.41
CAS Y01 Z . -52.66 4.03 -13.90
CBF Y01 Z . -53.56 4.55 -15.18
CBD Y01 Z . -53.37 3.42 -16.43
CAK Y01 Z . -54.12 4.18 -17.60
CAI Y01 Z . -55.25 4.65 -17.18
CAZ Y01 Z . -55.61 4.85 -16.23
CAV Y01 Z . -57.07 5.42 -16.30
CBH Y01 Z . -54.99 4.69 -15.02
CAD Y01 Z . -55.56 3.46 -14.26
CAT Y01 Z . -55.20 6.05 -14.07
CAR Y01 Z . -56.57 6.79 -14.23
CBC Y01 Z . -57.63 5.94 -14.99
OAW Y01 Z . -58.08 4.90 -14.18
CAY Y01 Z . -58.98 5.31 -13.11
OAG Y01 Z . -59.51 6.39 -13.15
CAM Y01 Z . -59.26 4.34 -11.92
CAL Y01 Z . -60.45 4.86 -11.08
CAX Y01 Z . -61.76 4.73 -11.85
OAH Y01 Z . -62.43 3.66 -11.80
OAF Y01 Z . -62.19 5.69 -12.53
HAA1 Y01 Z . -44.66 -3.32 -13.77
HAA2 Y01 Z . -46.37 -3.43 -14.30
HAA3 Y01 Z . -45.05 -3.51 -15.49
HBA Y01 Z . -45.79 -1.03 -13.76
HAB1 Y01 Z . -43.89 -0.50 -15.92
HAB2 Y01 Z . -43.73 -0.26 -14.17
HAB3 Y01 Z . -43.30 -1.81 -14.87
HAN1 Y01 Z . -47.41 -1.34 -15.59
HAN2 Y01 Z . -46.11 -1.52 -16.77
HAJ1 Y01 Z . -46.13 0.97 -15.12
HAJ2 Y01 Z . -45.57 0.69 -16.75
HAO1 Y01 Z . -47.52 2.05 -17.12
HAO2 Y01 Z . -47.99 0.42 -17.52
HBB Y01 Z . -49.51 0.26 -15.72
HAC1 Y01 Z . -47.73 1.16 -14.00
HAC2 Y01 Z . -49.42 1.27 -13.66
HAC3 Y01 Z . -48.58 2.70 -14.26
HBE Y01 Z . -49.41 3.18 -16.40
HAP1 Y01 Z . -49.63 2.24 -18.49
HAP2 Y01 Z . -50.35 0.73 -17.86
HAQ1 Y01 Z . -52.57 1.60 -18.10
HAQ2 Y01 Z . -51.89 3.04 -18.90
HBG Y01 Z . -51.57 4.23 -16.79
HBD Y01 Z . -53.88 2.46 -16.24
HAE1 Y01 Z . -52.37 0.67 -16.10
HAE2 Y01 Z . -52.85 1.38 -14.54
HAE3 Y01 Z . -51.31 0.55 -14.66
HAU1 Y01 Z . -50.42 4.00 -14.51
HAU2 Y01 Z . -50.97 2.58 -13.60
HAS1 Y01 Z . -52.37 4.88 -13.31
HAS2 Y01 Z . -53.24 3.34 -13.26
HBF Y01 Z . -53.16 5.49 -15.49
HAK1 Y01 Z . -54.37 3.40 -18.32
HAK2 Y01 Z . -53.51 5.02 -17.86
HAI Y01 Z . -55.97 4.87 -18.00
HAV1 Y01 Z . -56.98 6.32 -16.93
HAV2 Y01 Z . -57.72 4.60 -16.59
HBC Y01 Z . -58.45 6.58 -15.23
HAD1 Y01 Z . -56.54 3.19 -14.64
HAD2 Y01 Z . -55.63 3.70 -13.20
HAD3 Y01 Z . -54.91 2.59 -14.37
HAT1 Y01 Z . -54.43 6.77 -14.33
HAT2 Y01 Z . -55.07 5.78 -13.02
HAR1 Y01 Z . -56.41 7.71 -14.79
HAR2 Y01 Z . -56.96 7.02 -13.24
HAM1 Y01 Z . -58.35 4.30 -11.29
HAM2 Y01 Z . -59.47 3.34 -12.30
HAL1 Y01 Z . -60.53 4.30 -10.16
HAL2 Y01 Z . -60.29 5.89 -10.82
CAA Y01 AA . -47.21 0.96 -9.67
CBA Y01 AA . -46.35 2.30 -9.62
CAB Y01 AA . -44.94 1.92 -10.09
CAN Y01 AA . -46.97 3.43 -10.52
CAJ Y01 AA . -48.55 3.52 -10.54
CAO Y01 AA . -49.29 4.41 -9.42
CBB Y01 AA . -50.58 5.06 -10.11
CAC Y01 AA . -51.30 3.92 -10.81
CBE Y01 AA . -51.60 5.75 -9.22
CAP Y01 AA . -50.97 6.39 -7.94
CAQ Y01 AA . -51.64 7.89 -7.77
CBG Y01 AA . -52.93 7.80 -8.77
CBI Y01 AA . -52.49 6.92 -9.91
CAE Y01 AA . -51.66 7.69 -10.95
CAU Y01 AA . -53.60 6.43 -10.61
CAS Y01 AA . -54.64 7.71 -11.10
CBF Y01 AA . -54.83 8.81 -9.94
CBD Y01 AA . -53.36 9.04 -9.13
CAK Y01 AA . -53.78 10.07 -7.99
CAI Y01 AA . -54.87 10.75 -8.26
CAZ Y01 AA . -55.45 10.82 -9.14
CAV Y01 AA . -56.72 11.73 -9.12
CBH Y01 AA . -55.22 10.16 -10.30
CAD Y01 AA . -54.15 10.94 -11.11
CAT Y01 AA . -56.61 10.05 -11.27
CAR Y01 AA . -57.95 10.02 -10.47
CBC Y01 AA . -57.83 10.69 -9.07
OAW Y01 AA . -59.08 11.19 -8.68
CAY Y01 AA . -60.04 10.14 -8.36
OAG Y01 AA . -59.69 9.00 -8.38
CAM Y01 AA . -61.53 10.42 -7.96
CAL Y01 AA . -62.36 11.11 -9.08
CAX Y01 AA . -63.58 11.78 -8.46
OAH Y01 AA . -63.48 12.93 -7.95
OAF Y01 AA . -64.68 11.19 -8.45
HAA1 Y01 AA . -46.67 0.16 -9.15
HAA2 Y01 AA . -48.17 1.11 -9.18
HAA3 Y01 AA . -47.37 0.67 -10.70
HBA Y01 AA . -46.30 2.66 -8.59
HAB1 Y01 AA . -44.22 2.15 -9.30
HAB2 Y01 AA . -44.66 2.45 -10.98
HAB3 Y01 AA . -44.91 0.85 -10.30
HAN1 Y01 AA . -46.66 3.25 -11.54
HAN2 Y01 AA . -46.55 4.37 -10.20
HAJ1 Y01 AA . -48.98 2.52 -10.53
HAJ2 Y01 AA . -48.78 3.98 -11.48
HAO1 Y01 AA . -49.58 3.77 -8.59
HAO2 Y01 AA . -48.62 5.18 -9.06
HBB Y01 AA . -50.20 5.73 -10.86
HAC1 Y01 AA . -50.90 3.79 -11.79
HAC2 Y01 AA . -52.37 4.12 -10.90
HAC3 Y01 AA . -51.16 3.00 -10.25
HBE Y01 AA . -52.28 5.00 -8.87
HAP1 Y01 AA . -51.21 5.79 -7.09
HAP2 Y01 AA . -49.90 6.49 -8.04
HAQ1 Y01 AA . -50.96 8.67 -8.09
HAQ2 Y01 AA . -51.97 8.05 -6.75
HBG Y01 AA . -53.75 7.31 -8.22
HBD Y01 AA . -52.59 9.55 -9.74
HAE1 Y01 AA . -50.76 8.04 -10.45
HAE2 Y01 AA . -52.22 8.53 -11.35
HAE3 Y01 AA . -51.41 7.05 -11.79
HAU1 Y01 AA . -54.16 5.74 -9.97
HAU2 Y01 AA . -53.28 5.91 -11.52
HAS1 Y01 AA . -55.61 7.28 -11.33
HAS2 Y01 AA . -54.22 8.21 -11.98
HBF Y01 AA . -55.53 8.41 -9.22
HAK1 Y01 AA . -52.97 10.79 -7.94
HAK2 Y01 AA . -54.02 9.43 -7.15
HAI Y01 AA . -55.21 11.37 -7.40
HAV1 Y01 AA . -56.75 12.31 -8.20
HAV2 Y01 AA . -56.79 12.23 -10.09
HBC Y01 AA . -57.52 9.94 -8.35
HAD1 Y01 AA . -54.64 11.64 -11.79
HAD2 Y01 AA . -53.53 10.25 -11.68
HAD3 Y01 AA . -53.54 11.52 -10.43
HAT1 Y01 AA . -56.55 9.17 -11.89
HAT2 Y01 AA . -56.63 10.92 -11.92
HAR1 Y01 AA . -58.24 8.99 -10.34
HAR2 Y01 AA . -58.71 10.54 -11.04
HAM1 Y01 AA . -61.56 11.02 -7.04
HAM2 Y01 AA . -62.00 9.46 -7.75
HAL1 Y01 AA . -61.77 11.85 -9.60
HAL2 Y01 AA . -62.71 10.37 -9.78
C31 MC3 BA . -35.60 1.04 -7.39
C32 MC3 BA . -36.67 1.95 -6.79
C33 MC3 BA . -37.99 1.24 -6.45
C34 MC3 BA . -39.19 2.09 -6.82
C35 MC3 BA . -40.31 2.09 -5.78
C36 MC3 BA . -41.44 3.05 -6.16
C37 MC3 BA . -41.12 4.54 -5.93
C38 MC3 BA . -42.32 5.49 -5.97
C39 MC3 BA . -43.65 4.77 -5.82
C40 MC3 BA . -44.89 5.60 -5.51
C41 MC3 BA . -46.09 4.71 -5.18
C42 MC3 BA . -47.27 4.94 -6.12
C43 MC3 BA . -48.26 5.96 -5.57
H321 MC3 BA . -36.87 2.74 -7.49
H322 MC3 BA . -36.28 2.40 -5.88
H331 MC3 BA . -38.01 1.03 -5.39
H332 MC3 BA . -38.05 0.30 -6.99
H341 MC3 BA . -39.61 1.71 -7.75
H342 MC3 BA . -38.88 3.11 -6.93
H351 MC3 BA . -40.73 1.10 -5.70
H352 MC3 BA . -39.90 2.38 -4.83
H361 MC3 BA . -42.28 2.72 -5.59
H362 MC3 BA . -41.67 2.91 -7.21
H371 MC3 BA . -40.44 4.87 -6.71
H372 MC3 BA . -40.61 4.65 -4.99
H381 MC3 BA . -42.30 6.02 -6.91
H382 MC3 BA . -42.23 6.22 -5.17
H391 MC3 BA . -43.57 4.08 -5.00
H392 MC3 BA . -43.83 4.20 -6.72
H401 MC3 BA . -45.13 6.23 -6.36
H402 MC3 BA . -44.68 6.24 -4.66
H411 MC3 BA . -45.78 3.67 -5.24
H412 MC3 BA . -46.42 4.91 -4.17
H421 MC3 BA . -47.79 4.01 -6.30
H422 MC3 BA . -46.89 5.29 -7.06
H431 MC3 BA . -48.36 5.80 -4.50
H432 MC3 BA . -47.86 6.96 -5.74
C31 MC3 CA . -33.62 24.37 8.61
C32 MC3 CA . -34.91 25.10 8.94
C33 MC3 CA . -36.12 24.53 8.20
C34 MC3 CA . -37.27 24.24 9.14
C35 MC3 CA . -38.36 23.34 8.58
C36 MC3 CA . -38.92 23.77 7.25
C37 MC3 CA . -40.11 22.95 6.74
C38 MC3 CA . -40.71 21.98 7.73
C39 MC3 CA . -41.92 21.31 7.09
C40 MC3 CA . -43.11 21.15 8.03
H321 MC3 CA . -34.80 26.14 8.69
H322 MC3 CA . -35.07 25.01 10.00
H331 MC3 CA . -36.45 25.27 7.48
H332 MC3 CA . -35.86 23.62 7.67
H341 MC3 CA . -37.72 25.18 9.43
H342 MC3 CA . -36.86 23.77 10.03
H351 MC3 CA . -39.17 23.32 9.31
H352 MC3 CA . -37.94 22.34 8.47
H361 MC3 CA . -39.24 24.80 7.33
H362 MC3 CA . -38.12 23.69 6.52
H371 MC3 CA . -40.88 23.64 6.44
H372 MC3 CA . -39.79 22.38 5.86
H381 MC3 CA . -39.98 21.23 8.00
H382 MC3 CA . -41.03 22.52 8.61
H391 MC3 CA . -42.24 21.92 6.26
H392 MC3 CA . -41.63 20.33 6.73
H401 MC3 CA . -43.86 20.57 7.52
H402 MC3 CA . -42.77 20.60 8.90
C4 LHG DA . -30.44 27.19 4.37
C5 LHG DA . -31.10 26.08 3.54
C6 LHG DA . -30.29 24.80 3.56
O7 LHG DA . -32.37 25.81 4.13
C7 LHG DA . -33.42 26.22 3.35
O9 LHG DA . -33.32 27.11 2.52
C8 LHG DA . -34.65 25.39 3.60
C9 LHG DA . -35.87 26.19 3.23
C10 LHG DA . -36.79 25.39 2.34
O8 LHG DA . -30.38 24.36 4.88
C23 LHG DA . -29.20 24.04 5.49
O10 LHG DA . -28.36 24.88 5.65
C24 LHG DA . -28.84 22.57 5.63
C11 LHG DA . -37.56 24.57 3.31
C12 LHG DA . -38.02 23.32 2.64
C13 LHG DA . -39.47 23.16 2.82
C14 LHG DA . -39.97 22.14 1.86
C15 LHG DA . -41.12 21.41 2.49
C16 LHG DA . -42.41 21.99 2.06
C17 LHG DA . -43.39 20.88 1.74
C18 LHG DA . -44.76 21.34 2.21
C19 LHG DA . -45.10 22.75 1.87
C20 LHG DA . -46.59 22.82 2.07
C21 LHG DA . -46.95 23.70 3.21
C22 LHG DA . -48.46 23.76 3.28
C25 LHG DA . -29.96 21.67 6.10
C26 LHG DA . -30.99 22.29 6.99
C27 LHG DA . -32.05 21.26 6.97
C28 LHG DA . -32.96 21.30 5.78
C29 LHG DA . -34.38 21.06 6.25
C30 LHG DA . -35.16 19.98 5.58
C31 LHG DA . -36.53 20.35 5.10
C32 LHG DA . -37.54 19.22 5.08
C33 LHG DA . -37.74 18.80 3.67
C34 LHG DA . -38.89 17.89 3.46
C35 LHG DA . -38.50 16.63 2.79
C36 LHG DA . -38.03 15.66 3.82
C37 LHG DA . -37.35 14.57 3.06
C38 LHG DA . -37.35 13.23 3.70
HC5 LHG DA . -31.12 26.41 2.64
HC61 LHG DA . -29.38 25.03 3.29
HC62 LHG DA . -30.60 24.23 2.86
HC81 LHG DA . -34.74 25.07 4.51
HC82 LHG DA . -34.66 24.61 3.03
HC91 LHG DA . -35.60 26.98 2.75
HC92 LHG DA . -36.32 26.50 4.01
H101 LHG DA . -36.31 24.85 1.74
H102 LHG DA . -37.36 25.94 1.83
H241 LHG DA . -28.08 22.43 6.20
H242 LHG DA . -28.52 22.22 4.83
H111 LHG DA . -38.32 25.07 3.60
H112 LHG DA . -37.02 24.37 4.08
H121 LHG DA . -37.55 22.59 3.01
H122 LHG DA . -37.83 23.37 1.76
H131 LHG DA . -39.89 24.00 2.64
H132 LHG DA . -39.67 22.89 3.69
H141 LHG DA . -39.27 21.54 1.70
H142 LHG DA . -40.20 22.54 1.03
H151 LHG DA . -41.06 21.43 3.42
H152 LHG DA . -41.07 20.51 2.23
H161 LHG DA . -42.30 22.53 1.32
H162 LHG DA . -42.74 22.51 2.74
H171 LHG DA . -43.14 20.07 2.18
H172 LHG DA . -43.39 20.68 0.82
H181 LHG DA . -44.84 21.20 3.16
H182 LHG DA . -45.41 20.75 1.81
H191 LHG DA . -44.86 22.96 0.98
H192 LHG DA . -44.64 23.38 2.43
H201 LHG DA . -47.01 21.98 2.21
H202 LHG DA . -47.02 23.16 1.28
H211 LHG DA . -46.63 24.60 3.12
H212 LHG DA . -46.66 23.35 4.06
H221 LHG DA . -48.71 24.41 3.94
H222 LHG DA . -48.83 22.91 3.52
H223 LHG DA . -48.83 24.06 2.44
H251 LHG DA . -29.58 20.95 6.58
H252 LHG DA . -30.37 21.29 5.33
H261 LHG DA . -31.29 23.11 6.68
H262 LHG DA . -30.65 22.41 7.87
H271 LHG DA . -32.54 21.36 7.77
H272 LHG DA . -31.63 20.41 6.99
H281 LHG DA . -32.71 20.59 5.18
H282 LHG DA . -32.90 22.11 5.28
H291 LHG DA . -34.84 21.86 6.07
H292 LHG DA . -34.43 20.94 7.18
H301 LHG DA . -35.24 19.27 6.17
H302 LHG DA . -34.66 19.65 4.86
H311 LHG DA . -36.47 20.79 4.27
H312 LHG DA . -36.86 21.00 5.72
H321 LHG DA . -38.37 19.48 5.49
H322 LHG DA . -37.19 18.49 5.56
H331 LHG DA . -36.98 18.32 3.42
H332 LHG DA . -37.80 19.54 3.10
H341 LHG DA . -39.60 18.31 2.97
H342 LHG DA . -39.24 17.65 4.30
H351 LHG DA . -37.82 16.77 2.17
H352 LHG DA . -39.22 16.27 2.32
H361 LHG DA . -38.75 15.33 4.33
H362 LHG DA . -37.42 16.07 4.41
H371 LHG DA . -36.47 14.77 2.85
H372 LHG DA . -37.82 14.48 2.26
H381 LHG DA . -37.76 12.64 3.08
H382 LHG DA . -37.92 13.22 4.47
H383 LHG DA . -36.48 12.93 3.90
C31 MC3 EA . -17.31 5.48 -36.98
C32 MC3 EA . -17.97 5.01 -38.29
C33 MC3 EA . -18.55 6.12 -39.18
C34 MC3 EA . -19.22 5.47 -40.38
C35 MC3 EA . -20.34 6.24 -41.06
C36 MC3 EA . -21.31 5.27 -41.72
C37 MC3 EA . -22.24 4.66 -40.67
C38 MC3 EA . -22.22 3.13 -40.59
C39 MC3 EA . -23.36 2.59 -39.74
C40 MC3 EA . -24.70 2.50 -40.48
C41 MC3 EA . -25.87 2.38 -39.51
C42 MC3 EA . -27.14 1.92 -40.20
C43 MC3 EA . -28.12 3.08 -40.37
C44 MC3 EA . -29.39 2.69 -41.11
H321 MC3 EA . -18.76 4.32 -38.05
H322 MC3 EA . -17.22 4.48 -38.86
H331 MC3 EA . -17.75 6.76 -39.54
H332 MC3 EA . -19.26 6.70 -38.62
H341 MC3 EA . -18.46 5.24 -41.11
H342 MC3 EA . -19.66 4.53 -40.03
H351 MC3 EA . -20.87 6.84 -40.33
H352 MC3 EA . -19.92 6.88 -41.82
H361 MC3 EA . -21.91 5.80 -42.46
H362 MC3 EA . -20.75 4.48 -42.20
H371 MC3 EA . -21.95 5.05 -39.70
H372 MC3 EA . -23.24 5.00 -40.89
H381 MC3 EA . -22.28 2.71 -41.58
H382 MC3 EA . -21.29 2.80 -40.12
H391 MC3 EA . -23.09 1.60 -39.38
H392 MC3 EA . -23.50 3.22 -38.90
H401 MC3 EA . -24.71 1.61 -41.10
H402 MC3 EA . -24.83 3.37 -41.10
H411 MC3 EA . -25.61 1.66 -38.74
H412 MC3 EA . -26.05 3.34 -39.05
H421 MC3 EA . -26.88 1.51 -41.17
H422 MC3 EA . -27.61 1.14 -39.60
H431 MC3 EA . -28.40 3.43 -39.39
H432 MC3 EA . -27.63 3.88 -40.90
H441 MC3 EA . -30.23 3.22 -40.67
H442 MC3 EA . -29.55 1.63 -41.03
H443 MC3 EA . -29.32 2.98 -42.15
C33 MC3 FA . -17.56 -3.20 -34.22
C34 MC3 FA . -18.43 -3.04 -35.45
C35 MC3 FA . -19.92 -2.91 -35.14
C36 MC3 FA . -20.77 -2.50 -36.31
C37 MC3 FA . -21.40 -3.71 -37.02
C38 MC3 FA . -22.35 -4.49 -36.10
C39 MC3 FA . -23.82 -4.48 -36.49
C40 MC3 FA . -24.63 -5.32 -35.51
C41 MC3 FA . -26.14 -5.26 -35.71
H331 MC3 FA . -18.16 -3.09 -33.32
H332 MC3 FA . -16.80 -2.43 -34.24
H341 MC3 FA . -18.09 -2.19 -36.02
H342 MC3 FA . -18.31 -3.93 -36.06
H351 MC3 FA . -20.27 -3.87 -34.79
H352 MC3 FA . -20.05 -2.18 -34.36
H361 MC3 FA . -21.57 -1.87 -35.95
H362 MC3 FA . -20.17 -1.94 -37.01
H371 MC3 FA . -20.59 -4.36 -37.33
H372 MC3 FA . -21.93 -3.38 -37.90
H381 MC3 FA . -22.27 -4.11 -35.10
H382 MC3 FA . -22.04 -5.52 -36.07
H391 MC3 FA . -24.20 -3.47 -36.44
H392 MC3 FA . -23.93 -4.87 -37.49
H401 MC3 FA . -24.41 -4.97 -34.52
H402 MC3 FA . -24.29 -6.35 -35.59
H411 MC3 FA . -26.57 -4.71 -34.88
H412 MC3 FA . -26.55 -6.25 -35.67
C35 MC3 GA . -23.18 -2.26 -40.88
C36 MC3 GA . -24.07 -3.47 -40.67
C37 MC3 GA . -25.51 -3.07 -40.45
C38 MC3 GA . -26.30 -4.15 -39.72
C39 MC3 GA . -27.53 -3.59 -39.01
C40 MC3 GA . -28.61 -3.22 -40.01
C41 MC3 GA . -29.44 -4.41 -40.47
C42 MC3 GA . -30.30 -4.07 -41.67
C43 MC3 GA . -31.65 -3.50 -41.27
C44 MC3 GA . -32.65 -4.60 -40.91
H351 MC3 GA . -22.95 -1.82 -39.92
H352 MC3 GA . -23.73 -1.54 -41.47
H361 MC3 GA . -24.03 -4.12 -41.54
H362 MC3 GA . -23.72 -4.03 -39.81
H371 MC3 GA . -25.98 -2.91 -41.41
H372 MC3 GA . -25.56 -2.15 -39.88
H381 MC3 GA . -26.63 -4.87 -40.45
H382 MC3 GA . -25.66 -4.64 -39.01
H391 MC3 GA . -27.26 -2.71 -38.44
H392 MC3 GA . -27.90 -4.34 -38.31
H401 MC3 GA . -29.27 -2.51 -39.54
H402 MC3 GA . -28.14 -2.75 -40.86
H411 MC3 GA . -30.09 -4.71 -39.65
H412 MC3 GA . -28.78 -5.25 -40.71
H421 MC3 GA . -30.47 -4.97 -42.26
H422 MC3 GA . -29.79 -3.36 -42.30
H431 MC3 GA . -31.51 -2.87 -40.41
H432 MC3 GA . -32.04 -2.90 -42.09
H441 MC3 GA . -32.18 -5.57 -40.99
H442 MC3 GA . -33.50 -4.57 -41.58
H443 MC3 GA . -32.97 -4.46 -39.89
C35 MC3 HA . -30.43 -5.21 -36.74
C36 MC3 HA . -31.44 -5.58 -35.67
C37 MC3 HA . -32.49 -6.61 -36.09
C38 MC3 HA . -33.86 -6.04 -36.45
C39 MC3 HA . -35.01 -6.90 -35.93
C40 MC3 HA . -36.37 -6.24 -36.09
C41 MC3 HA . -37.42 -6.72 -35.09
C42 MC3 HA . -38.12 -8.01 -35.52
H351 MC3 HA . -30.88 -5.27 -37.71
H352 MC3 HA . -29.58 -5.88 -36.69
H361 MC3 HA . -31.93 -4.70 -35.29
H362 MC3 HA . -30.88 -6.04 -34.86
H371 MC3 HA . -32.62 -7.30 -35.28
H372 MC3 HA . -32.11 -7.17 -36.93
H381 MC3 HA . -33.94 -5.96 -37.52
H382 MC3 HA . -33.95 -5.04 -36.03
H391 MC3 HA . -35.04 -7.85 -36.48
H392 MC3 HA . -34.84 -7.11 -34.88
H401 MC3 HA . -36.74 -6.43 -37.08
H402 MC3 HA . -36.24 -5.17 -35.96
H411 MC3 HA . -38.17 -5.95 -34.97
H412 MC3 HA . -36.95 -6.88 -34.13
H421 MC3 HA . -38.17 -8.06 -36.60
H422 MC3 HA . -39.14 -8.01 -35.16
CAA Y01 IA . -42.93 -11.42 -17.50
CBA Y01 IA . -42.55 -10.72 -18.89
CAB Y01 IA . -41.03 -10.73 -19.01
CAN Y01 IA . -43.28 -11.41 -20.08
CAJ Y01 IA . -42.81 -10.79 -21.43
CAO Y01 IA . -43.90 -10.95 -22.61
CBB Y01 IA . -45.19 -9.99 -22.57
CAC Y01 IA . -44.88 -8.60 -22.06
CBE Y01 IA . -45.75 -9.90 -23.96
CAP Y01 IA . -46.10 -11.34 -24.47
CAQ Y01 IA . -47.38 -11.16 -25.49
CBG Y01 IA . -47.49 -9.53 -25.53
CBI Y01 IA . -47.09 -9.05 -24.18
CAE Y01 IA . -48.13 -9.37 -23.09
CAU Y01 IA . -46.90 -7.66 -24.15
CAS Y01 IA . -48.14 -6.74 -24.90
CBF Y01 IA . -48.74 -7.50 -26.22
CBD Y01 IA . -48.72 -9.18 -25.91
CAK Y01 IA . -49.14 -9.74 -27.33
CAI Y01 IA . -50.15 -9.07 -27.82
CAZ Y01 IA . -50.54 -8.13 -27.59
CAV Y01 IA . -51.77 -7.81 -28.48
CBH Y01 IA . -50.08 -7.22 -26.65
CAD Y01 IA . -51.03 -7.18 -25.42
CAT Y01 IA . -50.03 -5.68 -27.32
CAR Y01 IA . -51.13 -5.36 -28.39
CBC Y01 IA . -52.30 -6.39 -28.38
OAW Y01 IA . -53.08 -6.22 -27.24
CAY Y01 IA . -53.95 -5.05 -27.26
OAG Y01 IA . -54.17 -4.48 -28.30
CAM Y01 IA . -54.58 -4.52 -25.94
CAL Y01 IA . -55.67 -3.47 -26.25
CAX Y01 IA . -56.89 -4.12 -26.91
OAH Y01 IA . -57.82 -4.60 -26.19
OAF Y01 IA . -57.00 -4.17 -28.15
HAA1 Y01 IA . -42.40 -10.93 -16.69
HAA2 Y01 IA . -44.02 -11.34 -17.34
HAA3 Y01 IA . -42.65 -12.47 -17.52
HBA Y01 IA . -42.88 -9.66 -18.85
HAB1 Y01 IA . -40.72 -11.33 -19.88
HAB2 Y01 IA . -40.66 -9.73 -19.12
HAB3 Y01 IA . -40.58 -11.16 -18.10
HAN1 Y01 IA . -44.34 -11.29 -19.98
HAN2 Y01 IA . -43.04 -12.47 -20.09
HAJ1 Y01 IA . -42.55 -9.75 -21.27
HAJ2 Y01 IA . -41.93 -11.32 -21.73
HAO1 Y01 IA . -43.40 -10.80 -23.56
HAO2 Y01 IA . -44.26 -11.98 -22.57
HBB Y01 IA . -45.92 -10.44 -21.93
HAC1 Y01 IA . -44.14 -8.61 -21.28
HAC2 Y01 IA . -45.78 -8.17 -21.65
HAC3 Y01 IA . -44.53 -7.97 -22.90
HBE Y01 IA . -44.99 -9.50 -24.62
HAP1 Y01 IA . -45.25 -11.76 -25.00
HAP2 Y01 IA . -46.40 -11.97 -23.65
HAQ1 Y01 IA . -48.27 -11.60 -25.08
HAQ2 Y01 IA . -47.17 -11.56 -26.47
HBG Y01 IA . -46.76 -9.17 -26.26
HBD Y01 IA . -49.49 -9.49 -25.17
HAE1 Y01 IA . -48.52 -10.39 -23.24
HAE2 Y01 IA . -48.95 -8.66 -23.14
HAE3 Y01 IA . -47.68 -9.29 -22.11
HAU1 Y01 IA . -45.94 -7.40 -24.58
HAU2 Y01 IA . -46.92 -7.35 -23.11
HAS1 Y01 IA . -47.69 -5.82 -25.21
HAS2 Y01 IA . -48.93 -6.54 -24.18
HBF Y01 IA . -48.07 -7.30 -27.05
HAK1 Y01 IA . -49.51 -10.74 -27.15
HAK2 Y01 IA . -48.31 -9.54 -28.00
HAI Y01 IA . -50.69 -9.60 -28.61
HAV1 Y01 IA . -51.38 -7.87 -29.51
HAV2 Y01 IA . -52.58 -8.45 -28.13
HBC Y01 IA . -52.89 -6.21 -29.25
HAD1 Y01 IA . -52.00 -7.59 -25.67
HAD2 Y01 IA . -51.14 -6.16 -25.09
HAD3 Y01 IA . -50.63 -7.77 -24.60
HAT1 Y01 IA . -49.07 -5.57 -27.84
HAT2 Y01 IA . -50.09 -4.94 -26.53
HAR1 Y01 IA . -50.68 -5.36 -29.37
HAR2 Y01 IA . -51.54 -4.38 -28.16
HAM1 Y01 IA . -53.79 -4.07 -25.33
HAM2 Y01 IA . -55.01 -5.36 -25.38
HAL1 Y01 IA . -55.99 -2.98 -25.34
HAL2 Y01 IA . -55.28 -2.72 -26.92
CAA Y01 JA . -44.12 -5.06 -18.74
CBA Y01 JA . -42.95 -4.37 -19.55
CAB Y01 JA . -41.65 -5.04 -19.11
CAN Y01 JA . -43.17 -4.50 -21.10
CAJ Y01 JA . -44.64 -4.39 -21.63
CAO Y01 JA . -45.24 -2.93 -21.97
CBB Y01 JA . -46.25 -3.10 -23.21
CAC Y01 JA . -47.16 -4.26 -22.84
CBE Y01 JA . -47.12 -1.93 -23.59
CAP Y01 JA . -46.47 -0.55 -23.27
CAQ Y01 JA . -46.75 0.43 -24.58
CBG Y01 JA . -47.91 -0.39 -25.37
CBI Y01 JA . -47.61 -1.85 -25.13
CAE Y01 JA . -46.51 -2.37 -26.07
CAU Y01 JA . -48.73 -2.64 -25.41
CAS Y01 JA . -49.35 -2.33 -26.98
CBF Y01 JA . -49.35 -0.75 -27.32
CBD Y01 JA . -47.96 -0.03 -26.69
CAK Y01 JA . -48.20 1.50 -27.04
CAI Y01 JA . -49.04 1.70 -28.05
CAZ Y01 JA . -49.49 1.02 -28.71
CAV Y01 JA . -50.48 1.58 -29.79
CBH Y01 JA . -49.35 -0.34 -28.71
CAD Y01 JA . -48.03 -0.68 -29.47
CAT Y01 JA . -50.60 -1.12 -29.51
CAR Y01 JA . -51.98 -0.40 -29.43
CBC Y01 JA . -51.82 1.14 -29.22
OAW Y01 JA . -52.93 1.81 -29.76
CAY Y01 JA . -54.16 1.58 -29.01
OAG Y01 JA . -54.13 0.94 -28.00
CAM Y01 JA . -55.56 2.15 -29.44
CAL Y01 JA . -56.06 1.61 -30.81
CAX Y01 JA . -57.12 2.56 -31.36
OAH Y01 JA . -56.77 3.59 -32.00
OAF Y01 JA . -58.33 2.32 -31.18
HAA1 Y01 JA . -43.86 -5.08 -17.67
HAA2 Y01 JA . -45.06 -4.52 -18.87
HAA3 Y01 JA . -44.24 -6.09 -19.08
HBA Y01 JA . -42.91 -3.30 -19.30
HAB1 Y01 JA . -40.98 -4.31 -18.68
HAB2 Y01 JA . -41.15 -5.54 -19.93
HAB3 Y01 JA . -41.88 -5.79 -18.33
HAN1 Y01 JA . -42.81 -5.48 -21.40
HAN2 Y01 JA . -42.54 -3.77 -21.59
HAJ1 Y01 JA . -45.33 -4.88 -20.94
HAJ2 Y01 JA . -44.66 -4.94 -22.55
HAO1 Y01 JA . -45.77 -2.54 -21.10
HAO2 Y01 JA . -44.42 -2.26 -22.22
HBB Y01 JA . -45.62 -3.42 -24.04
HAC1 Y01 JA . -46.71 -5.18 -23.13
HAC2 Y01 JA . -48.12 -4.17 -23.34
HAC3 Y01 JA . -47.33 -4.26 -21.77
HBE Y01 JA . -48.02 -1.98 -22.99
HAP1 Y01 JA . -46.95 -0.11 -22.40
HAP2 Y01 JA . -45.41 -0.62 -23.11
HAQ1 Y01 JA . -45.86 0.53 -25.19
HAQ2 Y01 JA . -47.12 1.40 -24.27
HBG Y01 JA . -48.88 -0.13 -24.92
HBD Y01 JA . -47.03 -0.32 -27.20
HAE1 Y01 JA . -45.60 -1.82 -25.86
HAE2 Y01 JA . -46.79 -2.24 -27.10
HAE3 Y01 JA . -46.35 -3.44 -25.92
HAU1 Y01 JA . -49.51 -2.43 -24.67
HAU2 Y01 JA . -48.47 -3.70 -25.36
HAS1 Y01 JA . -50.36 -2.69 -27.02
HAS2 Y01 JA . -48.73 -2.83 -27.72
HBF Y01 JA . -50.20 -0.31 -26.83
HAK1 Y01 JA . -47.24 1.87 -27.39
HAK2 Y01 JA . -48.70 1.89 -26.17
HAI Y01 JA . -49.30 2.76 -28.19
HAV1 Y01 JA . -50.45 2.67 -29.79
HAV2 Y01 JA . -50.32 1.01 -30.71
HBC Y01 JA . -51.80 1.34 -28.15
HAD1 Y01 JA . -48.25 -0.86 -30.51
HAD2 Y01 JA . -47.56 -1.55 -29.03
HAD3 Y01 JA . -47.36 0.18 -29.42
HAT1 Y01 JA . -50.72 -2.13 -29.10
HAT2 Y01 JA . -50.33 -1.23 -30.56
HAR1 Y01 JA . -52.54 -0.81 -28.60
HAR2 Y01 JA . -52.52 -0.57 -30.37
HAM1 Y01 JA . -55.52 3.25 -29.47
HAM2 Y01 JA . -56.27 1.85 -28.68
HAL1 Y01 JA . -55.25 1.52 -31.51
HAL2 Y01 JA . -56.52 0.65 -30.67
C31 MC3 KA . -33.18 -3.75 -14.44
C32 MC3 KA . -34.03 -2.69 -15.16
C33 MC3 KA . -35.51 -2.70 -14.77
C34 MC3 KA . -36.41 -2.50 -15.97
C35 MC3 KA . -37.58 -1.55 -15.75
C36 MC3 KA . -38.38 -1.32 -17.04
C37 MC3 KA . -37.70 -0.36 -18.03
C38 MC3 KA . -38.61 0.17 -19.15
C39 MC3 KA . -40.08 0.00 -18.85
C40 MC3 KA . -41.08 0.78 -19.71
C41 MC3 KA . -42.50 0.65 -19.14
C42 MC3 KA . -43.48 0.03 -20.14
C43 MC3 KA . -44.22 1.09 -20.95
H321 MC3 KA . -33.94 -2.87 -16.22
H322 MC3 KA . -33.62 -1.71 -14.95
H331 MC3 KA . -35.69 -1.91 -14.05
H332 MC3 KA . -35.76 -3.64 -14.30
H341 MC3 KA . -36.81 -3.46 -16.27
H342 MC3 KA . -35.82 -2.08 -16.78
H351 MC3 KA . -38.25 -1.98 -15.01
H352 MC3 KA . -37.20 -0.62 -15.37
H361 MC3 KA . -39.33 -0.95 -16.70
H362 MC3 KA . -38.54 -2.27 -17.52
H371 MC3 KA . -36.89 -0.88 -18.52
H372 MC3 KA . -37.27 0.48 -17.49
H381 MC3 KA . -38.35 -0.35 -20.06
H382 MC3 KA . -38.39 1.23 -19.31
H391 MC3 KA . -40.27 0.33 -17.85
H392 MC3 KA . -40.31 -1.06 -18.92
H401 MC3 KA . -41.06 0.39 -20.72
H402 MC3 KA . -40.80 1.82 -19.73
H411 MC3 KA . -42.47 0.04 -18.24
H412 MC3 KA . -42.86 1.64 -18.88
H421 MC3 KA . -44.21 -0.57 -19.62
H422 MC3 KA . -42.93 -0.60 -20.81
H431 MC3 KA . -44.46 1.93 -20.30
H432 MC3 KA . -43.56 1.46 -21.74
C31 MC3 LA . -26.72 21.96 -24.52
C32 MC3 LA . -27.80 22.69 -25.29
C33 MC3 LA . -29.04 21.84 -25.56
C34 MC3 LA . -30.32 22.56 -25.15
C35 MC3 LA . -31.54 21.67 -25.00
C36 MC3 LA . -31.83 20.79 -26.20
C37 MC3 LA . -33.14 19.99 -26.12
C38 MC3 LA . -34.08 20.37 -24.99
C39 MC3 LA . -35.35 19.54 -25.11
C40 MC3 LA . -36.61 20.32 -24.81
H321 MC3 LA . -27.40 23.02 -26.24
H322 MC3 LA . -28.09 23.57 -24.73
H331 MC3 LA . -29.10 21.64 -26.62
H332 MC3 LA . -28.98 20.90 -25.02
H341 MC3 LA . -30.53 23.32 -25.89
H342 MC3 LA . -30.13 23.03 -24.19
H351 MC3 LA . -32.39 22.32 -24.83
H352 MC3 LA . -31.39 21.02 -24.14
H361 MC3 LA . -31.88 21.41 -27.09
H362 MC3 LA . -31.02 20.09 -26.29
H371 MC3 LA . -33.68 20.16 -27.04
H372 MC3 LA . -32.90 18.94 -26.04
H381 MC3 LA . -33.60 20.17 -24.05
H382 MC3 LA . -34.33 21.42 -25.06
H391 MC3 LA . -35.42 19.18 -26.12
H392 MC3 LA . -35.29 18.70 -24.42
H401 MC3 LA . -37.45 19.63 -24.81
H402 MC3 LA . -36.52 20.76 -23.83
C4 LHG MA . -22.52 19.65 -28.13
C5 LHG MA . -23.36 18.41 -27.85
C6 LHG MA . -22.92 17.72 -26.58
O7 LHG MA . -24.71 18.84 -27.67
C7 LHG MA . -25.53 18.45 -28.69
O9 LHG MA . -25.12 18.21 -29.81
C8 LHG MA . -26.95 18.30 -28.23
C9 LHG MA . -27.88 18.47 -29.41
C10 LHG MA . -28.89 17.35 -29.46
O8 LHG MA . -23.25 18.60 -25.55
C23 LHG MA . -22.27 18.88 -24.66
O10 LHG MA . -21.25 19.42 -25.04
C24 LHG MA . -22.31 18.22 -23.30
C11 LHG MA . -29.94 17.79 -28.51
C12 LHG MA . -30.64 16.60 -27.96
C13 LHG MA . -32.09 16.74 -28.15
C14 LHG MA . -32.74 15.42 -27.95
C15 LHG MA . -34.11 15.63 -27.35
C16 LHG MA . -35.16 15.64 -28.40
C17 LHG MA . -36.35 14.85 -27.93
C18 LHG MA . -37.59 15.57 -28.43
C19 LHG MA . -37.51 16.03 -29.85
C20 LHG MA . -38.95 16.32 -30.21
C21 LHG MA . -39.17 17.78 -30.43
C22 LHG MA . -40.61 17.95 -30.86
C25 LHG MA . -23.67 18.21 -22.64
C26 LHG MA . -24.59 19.35 -22.95
C27 LHG MA . -25.87 18.85 -22.42
C28 LHG MA . -26.62 17.91 -23.32
C29 LHG MA . -28.09 18.27 -23.27
C30 LHG MA . -29.06 17.17 -22.96
C31 LHG MA . -30.23 17.04 -23.88
C32 LHG MA . -31.49 16.48 -23.26
C33 LHG MA . -31.66 15.08 -23.69
C34 LHG MA . -32.98 14.49 -23.38
C35 LHG MA . -32.87 13.23 -22.60
C36 LHG MA . -32.77 13.58 -21.15
C37 LHG MA . -32.34 12.32 -20.47
C38 LHG MA . -32.75 12.16 -19.06
HC5 LHG MA . -23.20 17.81 -28.58
HC61 LHG MA . -21.96 17.56 -26.66
HC62 LHG MA . -23.30 16.84 -26.56
HC81 LHG MA . -27.22 18.91 -27.52
HC82 LHG MA . -27.11 17.41 -27.90
HC91 LHG MA . -27.37 18.47 -30.22
HC92 LHG MA . -28.31 19.33 -29.37
H101 LHG MA . -28.51 16.52 -29.20
H102 LHG MA . -29.24 17.24 -30.33
H241 LHG MA . -21.68 18.59 -22.68
H242 LHG MA . -22.02 17.34 -23.35
H111 LHG MA . -30.56 18.34 -28.97
H112 LHG MA . -29.54 18.30 -27.80
H121 LHG MA . -30.41 16.50 -27.07
H122 LHG MA . -30.35 15.85 -28.42
H131 LHG MA . -32.25 17.04 -29.03
H132 LHG MA . -32.44 17.35 -27.54
H141 LHG MA . -32.22 14.93 -27.35
H142 LHG MA . -32.78 14.94 -28.77
H151 LHG MA . -34.13 16.44 -26.87
H152 LHG MA . -34.27 14.94 -26.74
H161 LHG MA . -34.83 15.31 -29.19
H162 LHG MA . -35.40 16.52 -28.55
H171 LHG MA . -36.36 14.78 -26.98
H172 LHG MA . -36.31 13.97 -28.25
H181 LHG MA . -37.79 16.31 -27.85
H182 LHG MA . -38.33 14.96 -28.34
H191 LHG MA . -37.14 15.37 -30.41
H192 LHG MA . -36.96 16.82 -29.94
H201 LHG MA . -39.57 16.02 -29.57
H202 LHG MA . -39.19 15.86 -31.00
H211 LHG MA . -38.62 18.15 -31.12
H212 LHG MA . -39.06 18.29 -29.63
H221 LHG MA . -40.74 18.87 -31.11
H222 LHG MA . -41.21 17.74 -30.15
H223 LHG MA . -40.80 17.41 -31.63
H251 LHG MA . -23.54 18.22 -21.70
H252 LHG MA . -24.09 17.38 -22.84
H261 LHG MA . -24.63 19.54 -23.86
H262 LHG MA . -24.31 20.14 -22.51
H271 LHG MA . -26.40 19.62 -22.23
H272 LHG MA . -25.70 18.41 -21.60
H281 LHG MA . -26.51 17.02 -22.99
H282 LHG MA . -26.30 17.91 -24.22
H291 LHG MA . -28.31 18.55 -24.14
H292 LHG MA . -28.26 19.00 -22.70
H301 LHG MA . -29.38 17.32 -22.10
H302 LHG MA . -28.59 16.37 -22.93
H311 LHG MA . -29.97 16.56 -24.65
H312 LHG MA . -30.43 17.93 -24.18
H321 LHG MA . -32.26 17.02 -23.47
H322 LHG MA . -31.40 16.49 -22.32
H331 LHG MA . -31.03 14.58 -23.22
H332 LHG MA . -31.46 14.98 -24.60
H341 LHG MA . -33.50 14.34 -24.17
H342 LHG MA . -33.46 15.10 -22.85
H351 LHG MA . -32.12 12.75 -22.85
H352 LHG MA . -33.61 12.69 -22.76
H361 LHG MA . -33.60 13.89 -20.82
H362 LHG MA . -32.14 14.27 -21.02
H371 LHG MA . -31.41 12.19 -20.51
H372 LHG MA . -32.73 11.62 -20.94
H381 LHG MA . -33.23 11.36 -19.02
H382 LHG MA . -33.37 12.86 -18.80
H383 LHG MA . -32.01 12.13 -18.47
C31 MC3 NA . -11.56 -27.62 -28.31
C32 MC3 NA . -12.19 -28.93 -28.78
C33 MC3 NA . -12.36 -29.09 -30.30
C34 MC3 NA . -13.07 -30.40 -30.57
C35 MC3 NA . -13.87 -30.51 -31.87
C36 MC3 NA . -15.00 -31.52 -31.68
C37 MC3 NA . -16.15 -30.89 -30.90
C38 MC3 NA . -16.54 -31.62 -29.61
C39 MC3 NA . -17.86 -31.13 -29.04
C40 MC3 NA . -19.10 -31.72 -29.71
C41 MC3 NA . -20.35 -30.89 -29.44
C42 MC3 NA . -21.62 -31.66 -29.78
C43 MC3 NA . -22.24 -31.13 -31.07
C44 MC3 NA . -23.49 -31.90 -31.49
H321 MC3 NA . -13.15 -29.04 -28.32
H322 MC3 NA . -11.55 -29.73 -28.44
H331 MC3 NA . -11.39 -29.10 -30.78
H332 MC3 NA . -12.96 -28.26 -30.68
H341 MC3 NA . -12.32 -31.19 -30.56
H342 MC3 NA . -13.76 -30.57 -29.76
H351 MC3 NA . -14.29 -29.54 -32.12
H352 MC3 NA . -13.23 -30.85 -32.66
H361 MC3 NA . -15.36 -31.83 -32.65
H362 MC3 NA . -14.62 -32.37 -31.14
H371 MC3 NA . -15.86 -29.88 -30.64
H372 MC3 NA . -17.00 -30.84 -31.56
H381 MC3 NA . -16.60 -32.70 -29.79
H382 MC3 NA . -15.78 -31.45 -28.85
H391 MC3 NA . -17.89 -31.35 -27.99
H392 MC3 NA . -17.91 -30.07 -29.16
H401 MC3 NA . -19.28 -32.72 -29.32
H402 MC3 NA . -18.93 -31.79 -30.78
H411 MC3 NA . -20.36 -30.63 -28.39
H412 MC3 NA . -20.31 -29.99 -30.04
H421 MC3 NA . -21.38 -32.71 -29.88
H422 MC3 NA . -22.33 -31.52 -28.96
H431 MC3 NA . -22.50 -30.10 -30.93
H432 MC3 NA . -21.50 -31.20 -31.87
H441 MC3 NA . -24.20 -31.19 -31.92
H442 MC3 NA . -23.93 -32.38 -30.63
H443 MC3 NA . -23.24 -32.63 -32.24
C33 MC3 OA . -14.35 -29.77 -19.90
C34 MC3 OA . -15.02 -30.70 -20.91
C35 MC3 OA . -16.45 -30.28 -21.27
C36 MC3 OA . -17.05 -31.02 -22.44
C37 MC3 OA . -17.90 -32.21 -22.00
C38 MC3 OA . -19.10 -31.79 -21.15
C39 MC3 OA . -20.48 -32.03 -21.76
C40 MC3 OA . -21.57 -31.59 -20.79
C41 MC3 OA . -22.98 -31.64 -21.36
H331 MC3 OA . -14.99 -28.93 -19.69
H332 MC3 OA . -13.42 -29.44 -20.33
H341 MC3 OA . -14.42 -30.76 -21.80
H342 MC3 OA . -15.09 -31.68 -20.46
H351 MC3 OA . -17.07 -30.47 -20.40
H352 MC3 OA . -16.46 -29.23 -21.49
H361 MC3 OA . -17.68 -30.33 -22.99
H362 MC3 OA . -16.25 -31.35 -23.09
H371 MC3 OA . -17.26 -32.87 -21.41
H372 MC3 OA . -18.23 -32.76 -22.86
H381 MC3 OA . -19.02 -30.74 -20.93
H382 MC3 OA . -19.07 -32.32 -20.21
H391 MC3 OA . -20.58 -31.45 -22.65
H392 MC3 OA . -20.58 -33.07 -21.99
H401 MC3 OA . -21.37 -30.57 -20.50
H402 MC3 OA . -21.50 -32.22 -19.92
H411 MC3 OA . -23.33 -30.63 -21.50
H412 MC3 OA . -23.64 -32.11 -20.65
C35 MC3 PA . -18.85 -34.64 -25.65
C36 MC3 PA . -20.04 -35.04 -24.80
C37 MC3 PA . -21.34 -34.57 -25.41
C38 MC3 PA . -22.45 -34.47 -24.37
C39 MC3 PA . -23.56 -33.50 -24.79
C40 MC3 PA . -24.40 -34.09 -25.91
C41 MC3 PA . -25.47 -35.06 -25.41
C42 MC3 PA . -26.08 -35.86 -26.54
C43 MC3 PA . -27.27 -35.15 -27.17
C44 MC3 PA . -28.55 -35.35 -26.37
H351 MC3 PA . -18.61 -33.61 -25.45
H352 MC3 PA . -19.13 -34.73 -26.69
H361 MC3 PA . -20.08 -36.13 -24.71
H362 MC3 PA . -19.94 -34.63 -23.81
H371 MC3 PA . -21.65 -35.27 -26.17
H372 MC3 PA . -21.20 -33.60 -25.88
H381 MC3 PA . -22.89 -35.46 -24.26
H382 MC3 PA . -22.03 -34.16 -23.43
H391 MC3 PA . -23.12 -32.58 -25.15
H392 MC3 PA . -24.18 -33.27 -23.93
H401 MC3 PA . -24.89 -33.29 -26.43
H402 MC3 PA . -23.74 -34.60 -26.60
H411 MC3 PA . -26.24 -34.49 -24.92
H412 MC3 PA . -25.03 -35.74 -24.68
H421 MC3 PA . -26.43 -36.82 -26.17
H422 MC3 PA . -25.34 -36.04 -27.31
H431 MC3 PA . -27.05 -34.08 -27.20
H432 MC3 PA . -27.40 -35.51 -28.19
H441 MC3 PA . -28.34 -35.96 -25.49
H442 MC3 PA . -29.29 -35.85 -26.99
H443 MC3 PA . -28.92 -34.39 -26.04
C35 MC3 QA . -26.98 -32.25 -23.12
C36 MC3 QA . -28.16 -31.48 -22.52
C37 MC3 QA . -29.39 -32.32 -22.21
C38 MC3 QA . -30.52 -32.25 -23.22
C39 MC3 QA . -31.91 -32.20 -22.57
C40 MC3 QA . -33.02 -31.90 -23.57
C41 MC3 QA . -34.26 -31.25 -22.95
C42 MC3 QA . -35.23 -32.25 -22.33
H351 MC3 QA . -27.34 -33.09 -23.68
H352 MC3 QA . -26.35 -32.60 -22.31
H361 MC3 QA . -28.43 -30.66 -23.18
H362 MC3 QA . -27.81 -31.07 -21.59
H371 MC3 QA . -29.78 -31.98 -21.27
H372 MC3 QA . -29.09 -33.35 -22.08
H381 MC3 QA . -30.46 -33.11 -23.87
H382 MC3 QA . -30.39 -31.37 -23.85
H391 MC3 QA . -32.13 -33.15 -22.10
H392 MC3 QA . -31.90 -31.42 -21.82
H401 MC3 QA . -33.33 -32.83 -24.03
H402 MC3 QA . -32.63 -31.24 -24.33
H411 MC3 QA . -34.77 -30.70 -23.72
H412 MC3 QA . -33.93 -30.54 -22.20
H421 MC3 QA . -35.17 -33.19 -22.85
H422 MC3 QA . -36.24 -31.87 -22.42
CAA Y01 RA . -42.50 -18.44 -11.56
CBA Y01 RA . -41.81 -19.26 -12.74
CAB Y01 RA . -40.33 -19.46 -12.37
CAN Y01 RA . -42.56 -20.60 -12.99
CAJ Y01 RA . -41.84 -21.44 -14.07
CAO Y01 RA . -42.81 -22.48 -14.85
CBB Y01 RA . -43.79 -21.87 -15.96
CAC Y01 RA . -43.17 -20.72 -16.74
CBE Y01 RA . -44.17 -22.98 -16.91
CAP Y01 RA . -44.83 -24.14 -16.09
CAQ Y01 RA . -45.92 -24.84 -17.13
CBG Y01 RA . -45.59 -24.02 -18.50
CBI Y01 RA . -45.21 -22.64 -18.07
CAE Y01 RA . -46.40 -21.82 -17.54
CAU Y01 RA . -44.67 -21.89 -19.13
CAS Y01 RA . -45.55 -21.99 -20.60
CBF Y01 RA . -46.19 -23.48 -20.83
CBD Y01 RA . -46.65 -24.09 -19.32
CAK Y01 RA . -47.06 -25.56 -19.72
CAI Y01 RA . -47.80 -25.57 -20.79
CAZ Y01 RA . -47.94 -24.86 -21.52
CAV Y01 RA . -48.96 -25.39 -22.58
CBH Y01 RA . -47.37 -23.61 -21.67
CAD Y01 RA . -48.39 -22.50 -21.31
CAT Y01 RA . -46.84 -23.39 -23.25
CAR Y01 RA . -47.71 -24.06 -24.35
CBC Y01 RA . -49.10 -24.53 -23.83
OAW Y01 RA . -49.93 -23.43 -23.59
CAY Y01 RA . -50.45 -22.79 -24.80
OAG Y01 RA . -50.41 -23.36 -25.85
CAM Y01 RA . -51.05 -21.35 -24.71
CAL Y01 RA . -51.79 -21.00 -26.03
CAX Y01 RA . -53.07 -21.83 -26.17
OAH Y01 RA . -54.15 -21.42 -25.67
OAF Y01 RA . -53.05 -22.91 -26.80
HAA1 Y01 RA . -41.94 -17.51 -11.39
HAA2 Y01 RA . -43.53 -18.20 -11.84
HAA3 Y01 RA . -42.51 -19.02 -10.64
HBA Y01 RA . -41.86 -18.67 -13.67
HAB1 Y01 RA . -40.11 -20.52 -12.25
HAB2 Y01 RA . -39.70 -19.05 -13.15
HAB3 Y01 RA . -40.12 -18.94 -11.44
HAN1 Y01 RA . -43.58 -20.39 -13.35
HAN2 Y01 RA . -42.61 -21.17 -12.08
HAJ1 Y01 RA . -41.31 -20.77 -14.75
HAJ2 Y01 RA . -41.09 -22.03 -13.56
HAO1 Y01 RA . -42.20 -23.23 -15.32
HAO2 Y01 RA . -43.41 -22.96 -14.10
HBB Y01 RA . -44.68 -21.52 -15.47
HAC1 Y01 RA . -42.55 -20.10 -16.13
HAC2 Y01 RA . -43.97 -20.10 -17.13
HAC3 Y01 RA . -42.60 -21.12 -17.58
HBE Y01 RA . -43.28 -23.37 -17.36
HAP1 Y01 RA . -44.08 -24.85 -15.80
HAP2 Y01 RA . -45.37 -23.76 -15.23
HAQ1 Y01 RA . -46.93 -24.67 -16.80
HAQ2 Y01 RA . -45.72 -25.90 -17.25
HBG Y01 RA . -44.72 -24.49 -18.97
HBD Y01 RA . -47.53 -23.58 -18.90
HAE1 Y01 RA . -47.03 -22.46 -16.90
HAE2 Y01 RA . -47.00 -21.44 -18.36
HAE3 Y01 RA . -46.05 -20.97 -16.97
HAU1 Y01 RA . -43.64 -22.18 -19.31
HAU2 Y01 RA . -44.71 -20.85 -18.86
HAS1 Y01 RA . -44.85 -21.79 -21.40
HAS2 Y01 RA . -46.32 -21.22 -20.62
HBF Y01 RA . -45.42 -24.11 -21.24
HAK1 Y01 RA . -47.70 -25.91 -18.91
HAK2 Y01 RA . -46.14 -26.07 -19.98
HAI Y01 RA . -48.38 -26.49 -20.90
HAV1 Y01 RA . -48.51 -26.31 -22.96
HAV2 Y01 RA . -49.94 -25.37 -22.11
HBC Y01 RA . -49.54 -25.14 -24.59
HAD1 Y01 RA . -49.40 -22.87 -21.38
HAD2 Y01 RA . -48.26 -21.67 -22.00
HAD3 Y01 RA . -48.24 -22.12 -20.30
HAT1 Y01 RA . -45.84 -23.82 -23.33
HAT2 Y01 RA . -46.78 -22.32 -23.44
HAR1 Y01 RA . -47.19 -24.92 -24.73
HAR2 Y01 RA . -47.87 -23.33 -25.15
HAM1 Y01 RA . -50.23 -20.63 -24.55
HAM2 Y01 RA . -51.73 -21.29 -23.86
HAL1 Y01 RA . -52.05 -19.95 -26.04
HAL2 Y01 RA . -51.15 -21.20 -26.87
CAA Y01 SA . -41.85 -16.09 -17.68
CBA Y01 SA . -40.47 -16.49 -18.35
CAB Y01 SA . -39.44 -16.53 -17.21
CAN Y01 SA . -40.56 -17.87 -19.09
CAJ Y01 SA . -41.90 -18.17 -19.87
CAO Y01 SA . -42.04 -17.67 -21.39
CBB Y01 SA . -42.93 -18.75 -22.17
CAC Y01 SA . -44.16 -18.99 -21.29
CBE Y01 SA . -43.44 -18.41 -23.56
CAP Y01 SA . -42.48 -17.45 -24.33
CAQ Y01 SA . -42.36 -18.04 -25.88
CBG Y01 SA . -43.61 -19.08 -25.94
CBI Y01 SA . -43.73 -19.65 -24.55
CAE Y01 SA . -42.72 -20.79 -24.30
CAU Y01 SA . -44.99 -20.24 -24.36
CAS Y01 SA . -45.35 -21.38 -25.58
CBF Y01 SA . -44.90 -20.84 -27.06
CBD Y01 SA . -43.44 -20.01 -26.92
CAK Y01 SA . -43.23 -19.49 -28.42
CAI Y01 SA . -43.89 -20.20 -29.33
CAZ Y01 SA . -44.43 -21.10 -29.25
CAV Y01 SA . -45.13 -21.66 -30.53
CBH Y01 SA . -44.64 -21.81 -28.10
CAD Y01 SA . -43.40 -22.70 -27.86
CAT Y01 SA . -45.98 -22.83 -28.22
CAR Y01 SA . -47.12 -22.31 -29.15
CBC Y01 SA . -46.59 -21.32 -30.24
OAW Y01 SA . -47.43 -21.38 -31.37
CAY Y01 SA . -48.74 -20.79 -31.13
OAG Y01 SA . -48.98 -20.27 -30.08
CAM Y01 SA . -49.89 -20.78 -32.20
CAL Y01 SA . -50.38 -22.20 -32.61
CAX Y01 SA . -51.09 -22.11 -33.96
OAH Y01 SA . -50.42 -22.13 -35.03
OAF Y01 SA . -52.34 -22.02 -33.99
HAA1 Y01 SA . -41.70 -15.21 -17.05
HAA2 Y01 SA . -42.59 -15.86 -18.46
HAA3 Y01 SA . -42.20 -16.92 -17.06
HBA Y01 SA . -40.17 -15.72 -19.06
HAB1 Y01 SA . -38.64 -15.83 -17.41
HAB2 Y01 SA . -39.01 -17.53 -17.09
HAB3 Y01 SA . -39.93 -16.26 -16.27
HAN1 Y01 SA . -40.44 -18.65 -18.36
HAN2 Y01 SA . -39.72 -17.93 -19.77
HAJ1 Y01 SA . -42.75 -17.80 -19.30
HAJ2 Y01 SA . -41.96 -19.24 -19.91
HAO1 Y01 SA . -42.54 -16.69 -21.41
HAO2 Y01 SA . -41.07 -17.58 -21.84
HBB Y01 SA . -42.34 -19.66 -22.17
HAC1 Y01 SA . -43.94 -19.75 -20.57
HAC2 Y01 SA . -45.00 -19.31 -21.89
HAC3 Y01 SA . -44.42 -18.08 -20.78
HBE Y01 SA . -44.36 -17.88 -23.44
HAP1 Y01 SA . -42.91 -16.47 -24.37
HAP2 Y01 SA . -41.50 -17.41 -23.90
HAQ1 Y01 SA . -41.42 -18.56 -26.02
HAQ2 Y01 SA . -42.49 -17.25 -26.61
HBG Y01 SA . -44.52 -18.51 -26.18
HBD Y01 SA . -42.57 -20.65 -26.71
HAE1 Y01 SA . -41.72 -20.37 -24.40
HAE2 Y01 SA . -42.85 -21.59 -25.03
HAE3 Y01 SA . -42.86 -21.22 -23.32
HAU1 Y01 SA . -45.75 -19.45 -24.36
HAU2 Y01 SA . -45.02 -20.77 -23.41
HAS1 Y01 SA . -46.41 -21.55 -25.60
HAS2 Y01 SA . -44.81 -22.32 -25.39
HBF Y01 SA . -45.65 -20.14 -27.39
HAK1 Y01 SA . -42.18 -19.64 -28.63
HAK2 Y01 SA . -43.68 -18.51 -28.41
HAI Y01 SA . -43.84 -19.75 -30.34
HAV1 Y01 SA . -44.82 -21.09 -31.40
HAV2 Y01 SA . -45.03 -22.75 -30.50
HBC Y01 SA . -46.62 -20.33 -29.84
HAD1 Y01 SA . -43.56 -23.68 -28.31
HAD2 Y01 SA . -43.22 -22.83 -26.80
HAD3 Y01 SA . -42.54 -22.26 -28.34
HAT1 Y01 SA . -46.40 -23.00 -27.23
HAT2 Y01 SA . -45.65 -23.80 -28.60
HAR1 Y01 SA . -47.86 -21.79 -28.54
HAR2 Y01 SA . -47.59 -23.16 -29.64
HAM1 Y01 SA . -49.56 -20.23 -33.10
HAM2 Y01 SA . -50.73 -20.26 -31.76
HAL1 Y01 SA . -49.56 -22.89 -32.67
HAL2 Y01 SA . -51.09 -22.55 -31.88
C31 MC3 TA . -31.41 -12.36 -13.53
C32 MC3 TA . -31.89 -12.37 -14.99
C33 MC3 TA . -33.35 -11.96 -15.19
C34 MC3 TA . -34.04 -12.83 -16.22
C35 MC3 TA . -34.94 -12.08 -17.19
C36 MC3 TA . -35.51 -13.00 -18.26
C37 MC3 TA . -34.52 -13.39 -19.38
C38 MC3 TA . -35.13 -14.02 -20.64
C39 MC3 TA . -36.64 -13.77 -20.74
C40 MC3 TA . -37.31 -14.04 -22.09
C41 MC3 TA . -38.75 -13.54 -22.09
C42 MC3 TA . -39.77 -14.65 -22.37
C43 MC3 TA . -40.12 -14.75 -23.85
H321 MC3 TA . -31.75 -13.37 -15.37
H322 MC3 TA . -31.26 -11.71 -15.57
H331 MC3 TA . -33.38 -10.93 -15.50
H332 MC3 TA . -33.89 -12.05 -14.25
H341 MC3 TA . -34.66 -13.57 -15.70
H342 MC3 TA . -33.30 -13.33 -16.81
H351 MC3 TA . -35.77 -11.65 -16.65
H352 MC3 TA . -34.37 -11.29 -17.64
H361 MC3 TA . -36.37 -12.48 -18.65
H362 MC3 TA . -35.88 -13.91 -17.79
H371 MC3 TA . -33.83 -14.12 -18.97
H372 MC3 TA . -33.94 -12.52 -19.66
H381 MC3 TA . -34.93 -15.07 -20.60
H382 MC3 TA . -34.65 -13.61 -21.51
H391 MC3 TA . -36.82 -12.73 -20.54
H392 MC3 TA . -37.13 -14.36 -19.98
H401 MC3 TA . -37.29 -15.10 -22.28
H402 MC3 TA . -36.77 -13.51 -22.86
H411 MC3 TA . -38.98 -13.10 -21.12
H412 MC3 TA . -38.86 -12.77 -22.85
H421 MC3 TA . -40.67 -14.49 -21.81
H422 MC3 TA . -39.34 -15.59 -22.04
H431 MC3 TA . -40.19 -13.75 -24.25
H432 MC3 TA . -39.31 -15.26 -24.36
C31 MC3 UA . -17.49 -7.87 -37.82
C32 MC3 UA . -18.27 -8.08 -39.11
C33 MC3 UA . -19.65 -8.68 -38.89
C34 MC3 UA . -20.72 -7.88 -39.61
C35 MC3 UA . -22.15 -8.15 -39.14
C36 MC3 UA . -22.54 -9.61 -39.14
C37 MC3 UA . -24.01 -9.89 -38.81
C38 MC3 UA . -24.93 -8.68 -38.78
C39 MC3 UA . -26.35 -9.14 -38.53
C40 MC3 UA . -27.39 -8.41 -39.36
H321 MC3 UA . -17.70 -8.74 -39.76
H322 MC3 UA . -18.37 -7.12 -39.60
H331 MC3 UA . -19.64 -9.68 -39.30
H332 MC3 UA . -19.88 -8.72 -37.83
H341 MC3 UA . -20.65 -8.10 -40.67
H342 MC3 UA . -20.52 -6.82 -39.45
H351 MC3 UA . -22.81 -7.62 -39.82
H352 MC3 UA . -22.27 -7.77 -38.15
H361 MC3 UA . -22.33 -10.04 -40.11
H362 MC3 UA . -21.94 -10.10 -38.39
H371 MC3 UA . -24.39 -10.57 -39.56
H372 MC3 UA . -24.06 -10.38 -37.84
H381 MC3 UA . -24.61 -8.01 -38.00
H382 MC3 UA . -24.88 -8.17 -39.74
H391 MC3 UA . -26.42 -10.19 -38.77
H392 MC3 UA . -26.58 -9.00 -37.47
H401 MC3 UA . -28.37 -8.73 -39.02
H402 MC3 UA . -27.28 -7.35 -39.17
C4 LHG VA . -13.71 -12.38 -36.65
C5 LHG VA . -14.88 -12.74 -35.73
C6 LHG VA . -14.75 -12.06 -34.39
O7 LHG VA . -16.07 -12.29 -36.35
C7 LHG VA . -16.86 -13.32 -36.79
O9 LHG VA . -16.42 -14.41 -37.06
C8 LHG VA . -18.31 -12.92 -36.83
C9 LHG VA . -19.04 -13.78 -37.83
C10 LHG VA . -20.30 -14.35 -37.23
O8 LHG VA . -14.94 -10.69 -34.68
C23 LHG VA . -14.02 -9.84 -34.17
O10 LHG VA . -12.85 -9.94 -34.53
C24 LHG VA . -14.36 -9.03 -32.94
C11 LHG VA . -21.28 -13.26 -37.37
C12 LHG VA . -22.32 -13.37 -36.32
C13 LHG VA . -23.66 -13.38 -36.93
C14 LHG VA . -24.65 -13.86 -35.94
C15 LHG VA . -25.96 -13.17 -36.17
C16 LHG VA . -26.87 -13.99 -37.01
C17 LHG VA . -28.27 -13.94 -36.45
C18 LHG VA . -29.22 -13.92 -37.62
C19 LHG VA . -28.88 -14.88 -38.72
C20 LHG VA . -30.16 -14.96 -39.54
C21 LHG VA . -29.96 -14.38 -40.90
C22 LHG VA . -31.26 -14.57 -41.65
C25 LHG VA . -15.73 -8.39 -32.96
C26 LHG VA . -16.28 -8.01 -34.30
C27 LHG VA . -17.69 -7.75 -33.99
C28 LHG VA . -18.57 -8.97 -33.88
C29 LHG VA . -19.90 -8.66 -34.55
C30 LHG VA . -21.14 -8.91 -33.78
C31 LHG VA . -22.21 -9.69 -34.46
C32 LHG VA . -23.63 -9.39 -34.03
C33 LHG VA . -24.12 -10.48 -33.16
C34 LHG VA . -25.57 -10.45 -32.89
C35 LHG VA . -25.87 -10.44 -31.43
C36 LHG VA . -25.82 -9.04 -30.94
C37 LHG VA . -25.81 -9.14 -29.45
C38 LHG VA . -26.38 -8.00 -28.71
HC5 LHG VA . -14.80 -13.68 -35.58
HC61 LHG VA . -13.86 -12.25 -34.04
HC62 LHG VA . -15.35 -12.46 -33.78
HC81 LHG VA . -18.47 -11.98 -37.03
HC82 LHG VA . -18.73 -13.09 -35.98
HC91 LHG VA . -18.47 -14.50 -38.10
HC92 LHG VA . -19.24 -13.28 -38.62
H101 LHG VA . -20.17 -14.59 -36.32
H102 LHG VA . -20.58 -15.13 -37.68
H241 LHG VA . -13.71 -8.35 -32.76
H242 LHG VA . -14.31 -9.54 -32.17
H111 LHG VA . -21.69 -13.33 -38.24
H112 LHG VA . -20.84 -12.41 -37.32
H121 LHG VA . -22.22 -12.67 -35.71
H122 LHG VA . -22.20 -14.16 -35.87
H131 LHG VA . -23.65 -13.96 -37.67
H132 LHG VA . -23.90 -12.52 -37.20
H141 LHG VA . -24.33 -13.64 -35.08
H142 LHG VA . -24.73 -14.81 -35.98
H151 LHG VA . -25.82 -12.34 -36.59
H152 LHG VA . -26.36 -12.99 -35.33
H161 LHG VA . -26.56 -14.86 -37.05
H162 LHG VA . -26.85 -13.66 -37.86
H171 LHG VA . -28.39 -13.17 -35.91
H172 LHG VA . -28.43 -14.67 -35.89
H181 LHG VA . -29.27 -13.03 -37.99
H182 LHG VA . -30.10 -14.12 -37.30
H191 LHG VA . -28.64 -15.73 -38.38
H192 LHG VA . -28.14 -14.59 -39.25
H201 LHG VA . -30.89 -14.53 -39.13
H202 LHG VA . -30.42 -15.87 -39.64
H211 LHG VA . -29.26 -14.80 -41.40
H212 LHG VA . -29.80 -13.43 -40.86
H221 LHG VA . -31.11 -14.30 -42.56
H222 LHG VA . -31.96 -14.04 -41.26
H223 LHG VA . -31.50 -15.50 -41.67
H251 LHG VA . -15.69 -7.59 -32.46
H252 LHG VA . -16.33 -8.98 -32.51
H261 LHG VA . -16.19 -8.69 -34.94
H262 LHG VA . -15.85 -7.24 -34.64
H271 LHG VA . -18.02 -7.15 -34.64
H272 LHG VA . -17.72 -7.31 -33.15
H281 LHG VA . -18.73 -9.16 -32.95
H282 LHG VA . -18.18 -9.75 -34.27
H291 LHG VA . -19.94 -9.23 -35.29
H292 LHG VA . -19.94 -7.78 -34.90
H301 LHG VA . -21.50 -8.08 -33.52
H302 LHG VA . -20.91 -9.33 -32.96
H311 LHG VA . -22.01 -10.61 -34.40
H312 LHG VA . -22.14 -9.47 -35.39
H321 LHG VA . -24.20 -9.25 -34.79
H322 LHG VA . -23.62 -8.59 -33.53
H331 LHG VA . -23.69 -10.38 -32.34
H332 LHG VA . -23.86 -11.32 -33.50
H341 LHG VA . -26.03 -11.17 -33.31
H342 LHG VA . -25.92 -9.64 -33.24
H351 LHG VA . -25.26 -10.95 -30.96
H352 LHG VA . -26.71 -10.82 -31.27
H361 LHG VA . -26.57 -8.55 -31.24
H362 LHG VA . -25.05 -8.60 -31.25
H371 LHG VA . -24.95 -9.28 -29.11
H372 LHG VA . -26.32 -9.88 -29.23
H381 LHG VA . -27.06 -8.37 -28.16
H382 LHG VA . -26.82 -7.38 -29.29
H383 LHG VA . -25.74 -7.56 -28.17
C31 MC3 WA . -15.58 -37.86 4.59
C32 MC3 WA . -16.47 -38.92 5.24
C33 MC3 WA . -16.53 -40.27 4.54
C34 MC3 WA . -17.54 -41.16 5.27
C35 MC3 WA . -18.20 -42.26 4.47
C36 MC3 WA . -19.57 -42.57 5.07
C37 MC3 WA . -20.58 -41.51 4.66
C38 MC3 WA . -21.28 -40.78 5.81
C39 MC3 WA . -22.47 -39.98 5.34
C40 MC3 WA . -23.75 -40.78 5.14
C41 MC3 WA . -24.75 -40.05 4.26
C42 MC3 WA . -26.15 -40.66 4.36
C43 MC3 WA . -26.48 -41.46 3.09
C44 MC3 WA . -27.84 -42.13 3.15
H321 MC3 WA . -17.48 -38.53 5.30
H322 MC3 WA . -16.10 -39.08 6.24
H331 MC3 WA . -15.55 -40.75 4.56
H332 MC3 WA . -16.86 -40.13 3.52
H341 MC3 WA . -17.02 -41.60 6.11
H342 MC3 WA . -18.31 -40.51 5.63
H351 MC3 WA . -18.32 -41.95 3.44
H352 MC3 WA . -17.59 -43.16 4.51
H361 MC3 WA . -19.90 -43.54 4.73
H362 MC3 WA . -19.47 -42.59 6.16
H371 MC3 WA . -20.06 -40.79 4.05
H372 MC3 WA . -21.32 -42.01 4.04
H381 MC3 WA . -21.60 -41.49 6.56
H382 MC3 WA . -20.58 -40.10 6.27
H391 MC3 WA . -22.65 -39.19 6.06
H392 MC3 WA . -22.23 -39.52 4.41
H401 MC3 WA . -24.21 -40.95 6.10
H402 MC3 WA . -23.50 -41.74 4.68
H411 MC3 WA . -24.80 -39.02 4.58
H412 MC3 WA . -24.42 -40.08 3.23
H421 MC3 WA . -26.19 -41.31 5.22
H422 MC3 WA . -26.88 -39.86 4.46
H431 MC3 WA . -26.48 -40.78 2.25
H432 MC3 WA . -25.70 -42.21 2.93
H441 MC3 WA . -28.28 -42.09 2.17
H442 MC3 WA . -28.47 -41.63 3.87
H443 MC3 WA . -27.71 -43.18 3.44
C33 MC3 XA . -19.64 -31.69 9.93
C34 MC3 XA . -20.44 -32.98 9.97
C35 MC3 XA . -21.66 -32.99 9.05
C36 MC3 XA . -22.31 -34.35 8.89
C37 MC3 XA . -23.48 -34.53 9.85
C38 MC3 XA . -24.61 -33.53 9.61
C39 MC3 XA . -25.92 -34.10 9.11
C40 MC3 XA . -26.96 -32.99 8.96
C41 MC3 XA . -28.28 -33.42 8.31
H331 MC3 XA . -20.05 -31.03 9.17
H332 MC3 XA . -18.61 -31.92 9.69
H341 MC3 XA . -19.78 -33.80 9.72
H342 MC3 XA . -20.79 -33.12 10.99
H351 MC3 XA . -22.38 -32.31 9.48
H352 MC3 XA . -21.37 -32.63 8.07
H361 MC3 XA . -22.67 -34.42 7.87
H362 MC3 XA . -21.56 -35.11 9.03
H371 MC3 XA . -23.10 -34.42 10.85
H372 MC3 XA . -23.86 -35.54 9.76
H381 MC3 XA . -24.29 -32.80 8.90
H382 MC3 XA . -24.81 -33.01 10.53
H391 MC3 XA . -25.78 -34.55 8.15
H392 MC3 XA . -26.29 -34.84 9.81
H401 MC3 XA . -26.52 -32.22 8.34
H402 MC3 XA . -27.15 -32.58 9.94
H411 MC3 XA . -28.32 -32.98 7.33
H412 MC3 XA . -29.09 -33.02 8.88
C35 MC3 YA . -24.67 -38.87 9.67
C36 MC3 YA . -26.01 -38.29 10.10
C37 MC3 YA . -27.07 -38.48 9.04
C38 MC3 YA . -28.21 -37.49 9.19
C39 MC3 YA . -28.98 -37.28 7.90
C40 MC3 YA . -29.83 -38.49 7.56
C41 MC3 YA . -31.15 -38.51 8.32
C42 MC3 YA . -31.85 -39.86 8.22
C43 MC3 YA . -32.74 -39.96 6.98
C44 MC3 YA . -34.10 -39.30 7.21
H351 MC3 YA . -24.18 -38.18 8.99
H352 MC3 YA . -24.87 -39.78 9.13
H361 MC3 YA . -26.34 -38.77 11.02
H362 MC3 YA . -25.90 -37.23 10.31
H371 MC3 YA . -27.49 -39.48 9.14
H372 MC3 YA . -26.64 -38.39 8.06
H381 MC3 YA . -28.89 -37.88 9.94
H382 MC3 YA . -27.81 -36.54 9.54
H391 MC3 YA . -28.29 -37.12 7.08
H392 MC3 YA . -29.60 -36.40 7.98
H401 MC3 YA . -30.04 -38.49 6.51
H402 MC3 YA . -29.27 -39.39 7.80
H411 MC3 YA . -31.80 -37.75 7.89
H412 MC3 YA . -30.99 -38.27 9.36
H421 MC3 YA . -32.46 -40.02 9.10
H422 MC3 YA . -31.10 -40.64 8.17
H431 MC3 YA . -32.25 -39.43 6.17
H432 MC3 YA . -32.86 -41.00 6.71
H441 MC3 YA . -34.15 -38.89 8.21
H442 MC3 YA . -34.89 -40.04 7.10
H443 MC3 YA . -34.23 -38.51 6.50
C35 MC3 ZA . -32.10 -35.00 6.81
C36 MC3 ZA . -33.09 -34.03 6.16
C37 MC3 ZA . -34.52 -34.13 6.67
C38 MC3 ZA . -35.49 -34.90 5.77
C39 MC3 ZA . -36.87 -34.24 5.69
C40 MC3 ZA . -37.77 -34.87 4.62
C41 MC3 ZA . -38.84 -33.93 4.08
C42 MC3 ZA . -40.10 -33.87 4.95
H351 MC3 ZA . -32.62 -35.91 7.09
H352 MC3 ZA . -31.67 -34.54 7.68
H361 MC3 ZA . -33.07 -34.15 5.09
H362 MC3 ZA . -32.74 -33.04 6.40
H371 MC3 ZA . -34.90 -33.13 6.77
H372 MC3 ZA . -34.52 -34.58 7.65
H381 MC3 ZA . -35.60 -35.90 6.16
H382 MC3 ZA . -35.07 -34.96 4.78
H391 MC3 ZA . -37.37 -34.32 6.65
H392 MC3 ZA . -36.74 -33.18 5.44
H401 MC3 ZA . -38.26 -35.72 5.06
H402 MC3 ZA . -37.13 -35.19 3.81
H411 MC3 ZA . -39.12 -34.27 3.10
H412 MC3 ZA . -38.42 -32.94 3.98
H421 MC3 ZA . -40.24 -34.82 5.46
H422 MC3 ZA . -40.96 -33.69 4.32
CAA Y01 AB . -44.51 -17.08 -2.69
CBA Y01 AB . -43.94 -18.56 -2.45
CAB Y01 AB . -42.62 -18.43 -1.68
CAN Y01 AB . -45.01 -19.43 -1.69
CAJ Y01 AB . -44.41 -20.83 -1.36
CAO Y01 AB . -45.54 -21.98 -1.20
CBB Y01 AB . -46.22 -22.55 -2.53
CAC Y01 AB . -45.26 -22.65 -3.70
CBE Y01 AB . -46.78 -23.92 -2.22
CAP Y01 AB . -47.80 -23.79 -1.05
CAQ Y01 AB . -48.93 -24.98 -1.30
CBG Y01 AB . -48.26 -25.73 -2.59
CBI Y01 AB . -47.57 -24.67 -3.39
CAE Y01 AB . -48.56 -23.72 -4.10
CAU Y01 AB . -46.76 -25.21 -4.39
CAS Y01 AB . -47.48 -26.46 -5.31
CBF Y01 AB . -48.47 -27.41 -4.40
CBD Y01 AB . -49.21 -26.40 -3.26
CAK Y01 AB . -49.95 -27.50 -2.36
CAI Y01 AB . -50.56 -28.36 -3.12
CAZ Y01 AB . -50.44 -28.61 -4.12
CAV Y01 AB . -51.46 -29.74 -4.52
CBH Y01 AB . -49.55 -28.11 -5.04
CAD Y01 AB . -50.27 -27.17 -6.04
CAT Y01 AB . -48.83 -29.37 -5.90
CAR Y01 AB . -49.74 -30.60 -6.16
CBC Y01 AB . -51.24 -30.33 -5.90
OAW Y01 AB . -51.77 -29.52 -6.90
CAY Y01 AB . -51.98 -30.17 -8.17
OAG Y01 AB . -51.99 -31.37 -8.24
CAM Y01 AB . -52.18 -29.32 -9.47
CAL Y01 AB . -52.68 -30.21 -10.64
CAX Y01 AB . -54.11 -30.69 -10.38
OAH Y01 AB . -55.09 -29.99 -10.75
OAF Y01 AB . -54.31 -31.80 -9.82
HAA1 Y01 AB . -43.74 -16.49 -3.20
HAA2 Y01 AB . -45.41 -17.13 -3.31
HAA3 Y01 AB . -44.75 -16.60 -1.75
HBA Y01 AB . -43.74 -19.04 -3.41
HAB1 Y01 AB . -42.69 -18.90 -0.70
HAB2 Y01 AB . -41.83 -18.92 -2.25
HAB3 Y01 AB . -42.36 -17.37 -1.57
HAN1 Y01 AB . -45.88 -19.56 -2.32
HAN2 Y01 AB . -45.29 -18.96 -0.76
HAJ1 Y01 AB . -43.68 -21.09 -2.11
HAJ2 Y01 AB . -43.90 -20.74 -0.43
HAO1 Y01 AB . -45.10 -22.81 -0.66
HAO2 Y01 AB . -46.33 -21.56 -0.58
HBB Y01 AB . -47.02 -21.90 -2.81
HAC1 Y01 AB . -44.55 -21.84 -3.70
HAC2 Y01 AB . -45.81 -22.61 -4.62
HAC3 Y01 AB . -44.72 -23.60 -3.64
HBE Y01 AB . -45.98 -24.55 -1.90
HAP1 Y01 AB . -47.29 -23.95 -0.10
HAP2 Y01 AB . -48.30 -22.83 -1.06
HAQ1 Y01 AB . -49.88 -24.55 -1.56
HAQ2 Y01 AB . -49.00 -25.65 -0.46
HBG Y01 AB . -47.51 -26.42 -2.22
HBD Y01 AB . -49.97 -25.73 -3.69
HAE1 Y01 AB . -49.39 -23.47 -3.44
HAE2 Y01 AB . -48.95 -24.19 -4.99
HAE3 Y01 AB . -48.05 -22.81 -4.40
HAU1 Y01 AB . -45.82 -25.57 -3.97
HAU2 Y01 AB . -46.55 -24.43 -5.11
HAS1 Y01 AB . -46.68 -27.07 -5.69
HAS2 Y01 AB . -48.02 -26.03 -6.16
HBF Y01 AB . -47.85 -28.13 -3.89
HAK1 Y01 AB . -50.74 -26.95 -1.85
HAK2 Y01 AB . -49.18 -28.03 -1.84
HAI Y01 AB . -51.35 -28.91 -2.59
HAV1 Y01 AB . -51.22 -30.56 -3.83
HAV2 Y01 AB . -52.44 -29.28 -4.55
HBC Y01 AB . -51.75 -31.28 -5.92
HAD1 Y01 AB . -51.34 -27.36 -6.06
HAD2 Y01 AB . -49.86 -27.33 -7.04
HAD3 Y01 AB . -50.12 -26.12 -5.79
HAT1 Y01 AB . -47.98 -29.72 -5.33
HAT2 Y01 AB . -48.47 -28.98 -6.85
HAR1 Y01 AB . -49.42 -31.42 -5.51
HAR2 Y01 AB . -49.61 -30.90 -7.21
HAM1 Y01 AB . -51.22 -28.86 -9.74
HAM2 Y01 AB . -52.91 -28.52 -9.27
HAL1 Y01 AB . -52.65 -29.66 -11.56
HAL2 Y01 AB . -52.03 -31.06 -10.73
CAA Y01 BB . -42.67 -21.10 -7.58
CBA Y01 BB . -41.38 -21.96 -7.22
CAB Y01 BB . -40.51 -21.06 -6.31
CAN Y01 BB . -41.75 -23.31 -6.51
CAJ Y01 BB . -43.04 -24.05 -7.03
CAO Y01 BB . -42.91 -25.07 -8.27
CBB Y01 BB . -43.96 -26.25 -8.03
CAC Y01 BB . -45.29 -25.56 -7.72
CBE Y01 BB . -44.23 -27.22 -9.16
CAP Y01 BB . -42.98 -27.45 -10.08
CAQ Y01 BB . -42.86 -29.06 -10.36
CBG Y01 BB . -44.33 -29.59 -9.90
CBI Y01 BB . -44.74 -28.70 -8.74
CAE Y01 BB . -44.09 -29.14 -7.42
CAU Y01 BB . -46.12 -28.77 -8.52
CAS Y01 BB . -46.64 -30.40 -8.33
CBF Y01 BB . -45.92 -31.39 -9.40
CBD Y01 BB . -44.31 -30.92 -9.60
CAK Y01 BB . -43.84 -31.94 -10.74
CAI Y01 BB . -44.57 -33.03 -10.82
CAZ Y01 BB . -45.33 -33.41 -10.21
CAV Y01 BB . -46.02 -34.75 -10.59
CBH Y01 BB . -45.83 -32.80 -9.09
CAD Y01 BB . -44.89 -33.14 -7.90
CAT Y01 BB . -47.38 -33.35 -8.68
CAR Y01 BB . -48.24 -33.81 -9.90
CBC Y01 BB . -47.36 -34.26 -11.12
OAW Y01 BB . -48.07 -35.20 -11.88
CAY Y01 BB . -49.20 -34.62 -12.60
OAG Y01 BB . -49.39 -33.44 -12.55
CAM Y01 BB . -50.20 -35.46 -13.47
CAL Y01 BB . -51.00 -36.51 -12.67
CAX Y01 BB . -51.53 -37.57 -13.63
OAH Y01 BB . -50.79 -38.54 -13.98
OAF Y01 BB . -52.69 -37.48 -14.07
HAA1 Y01 BB . -42.36 -20.11 -7.93
HAA2 Y01 BB . -43.25 -21.59 -8.36
HAA3 Y01 BB . -43.28 -20.98 -6.69
HBA Y01 BB . -40.82 -22.18 -8.13
HAB1 Y01 BB . -39.55 -20.91 -6.77
HAB2 Y01 BB . -40.37 -21.50 -5.33
HAB3 Y01 BB . -41.00 -20.09 -6.19
HAN1 Y01 BB . -41.92 -23.10 -5.46
HAN2 Y01 BB . -40.90 -23.96 -6.57
HAJ1 Y01 BB . -43.82 -23.32 -7.27
HAJ2 Y01 BB . -43.38 -24.63 -6.20
HAO1 Y01 BB . -43.12 -24.54 -9.19
HAO2 Y01 BB . -41.90 -25.46 -8.30
HBB Y01 BB . -43.63 -26.75 -7.14
HAC1 Y01 BB . -45.35 -25.35 -6.68
HAC2 Y01 BB . -46.13 -26.19 -8.00
HAC3 Y01 BB . -45.35 -24.63 -8.28
HBE Y01 BB . -44.98 -26.80 -9.79
HAP1 Y01 BB . -43.13 -26.92 -11.01
HAP2 Y01 BB . -42.07 -27.10 -9.62
HAQ1 Y01 BB . -42.09 -29.52 -9.76
HAQ2 Y01 BB . -42.72 -29.26 -11.42
HBG Y01 BB . -45.03 -29.44 -10.73
HBD Y01 BB . -43.67 -31.13 -8.74
HAE1 Y01 BB . -43.01 -29.05 -7.54
HAE2 Y01 BB . -44.35 -30.16 -7.18
HAE3 Y01 BB . -44.44 -28.52 -6.60
HAU1 Y01 BB . -46.64 -28.32 -9.37
HAU2 Y01 BB . -46.38 -28.25 -7.61
HAS1 Y01 BB . -47.70 -30.43 -8.49
HAS2 Y01 BB . -46.38 -30.75 -7.32
HBF Y01 BB . -46.43 -31.26 -10.34
HAK1 Y01 BB . -42.84 -32.25 -10.44
HAK2 Y01 BB . -44.01 -31.39 -11.65
HAI Y01 BB . -44.30 -33.66 -11.69
HAV1 Y01 BB . -45.48 -35.23 -11.42
HAV2 Y01 BB . -46.22 -35.31 -9.67
HBC Y01 BB . -47.17 -33.40 -11.73
HAD1 Y01 BB . -45.26 -34.02 -7.38
HAD2 Y01 BB . -44.86 -32.30 -7.20
HAD3 Y01 BB . -43.90 -33.35 -8.27
HAT1 Y01 BB . -47.91 -32.57 -8.15
HAT2 Y01 BB . -47.27 -34.20 -8.01
HAR1 Y01 BB . -48.86 -32.99 -10.20
HAR2 Y01 BB . -48.86 -34.64 -9.59
HAM1 Y01 BB . -49.65 -35.95 -14.29
HAM2 Y01 BB . -50.91 -34.76 -13.91
HAL1 Y01 BB . -50.38 -36.98 -11.91
HAL2 Y01 BB . -51.84 -36.04 -12.20
C31 MC3 CB . -32.08 -16.21 -5.60
C32 MC3 CB . -32.40 -17.42 -6.46
C33 MC3 CB . -33.67 -17.29 -7.30
C34 MC3 CB . -34.47 -18.59 -7.32
C35 MC3 CB . -35.03 -18.97 -8.68
C36 MC3 CB . -35.72 -20.34 -8.64
C37 MC3 CB . -34.76 -21.54 -8.63
C38 MC3 CB . -35.39 -22.90 -8.94
C39 MC3 CB . -36.75 -22.78 -9.61
C40 MC3 CB . -37.34 -24.03 -10.27
C41 MC3 CB . -38.60 -23.68 -11.07
C42 MC3 CB . -39.83 -24.45 -10.59
C43 MC3 CB . -40.04 -25.75 -11.37
H321 MC3 CB . -32.49 -18.28 -5.81
H322 MC3 CB . -31.56 -17.60 -7.14
H331 MC3 CB . -33.40 -17.03 -8.31
H332 MC3 CB . -34.31 -16.51 -6.91
H341 MC3 CB . -35.29 -18.50 -6.63
H342 MC3 CB . -33.82 -19.39 -7.01
H351 MC3 CB . -35.77 -18.24 -8.98
H352 MC3 CB . -34.24 -18.98 -9.40
H361 MC3 CB . -36.37 -20.35 -9.50
H362 MC3 CB . -36.35 -20.39 -7.76
H371 MC3 CB . -34.33 -21.62 -7.63
H372 MC3 CB . -33.95 -21.35 -9.32
H381 MC3 CB . -35.48 -23.45 -8.01
H382 MC3 CB . -34.73 -23.47 -9.59
H391 MC3 CB . -36.68 -22.06 -10.40
H392 MC3 CB . -37.46 -22.42 -8.87
H401 MC3 CB . -37.58 -24.76 -9.51
H402 MC3 CB . -36.60 -24.45 -10.94
H411 MC3 CB . -38.79 -22.62 -10.99
H412 MC3 CB . -38.43 -23.93 -12.12
H421 MC3 CB . -40.71 -23.84 -10.68
H422 MC3 CB . -39.69 -24.69 -9.55
H431 MC3 CB . -39.81 -25.56 -12.41
H432 MC3 CB . -39.35 -26.50 -11.00
C31 MC3 DB . -15.15 -35.30 -17.96
C32 MC3 DB . -15.82 -36.46 -18.67
C33 MC3 DB . -17.33 -36.52 -18.45
C34 MC3 DB . -18.08 -36.65 -19.76
C35 MC3 DB . -19.57 -36.31 -19.70
C36 MC3 DB . -20.33 -37.05 -18.62
C37 MC3 DB . -21.84 -36.84 -18.62
C38 MC3 DB . -22.41 -36.13 -19.84
C39 MC3 DB . -23.92 -36.07 -19.73
C40 MC3 DB . -24.64 -36.34 -21.04
H321 MC3 DB . -15.39 -37.39 -18.31
H322 MC3 DB . -15.62 -36.37 -19.73
H331 MC3 DB . -17.56 -37.38 -17.84
H332 MC3 DB . -17.67 -35.62 -17.94
H341 MC3 DB . -17.97 -37.66 -20.12
H342 MC3 DB . -17.62 -35.98 -20.48
H351 MC3 DB . -20.00 -36.58 -20.66
H352 MC3 DB . -19.67 -35.25 -19.52
H361 MC3 DB . -20.14 -38.11 -18.72
H362 MC3 DB . -19.95 -36.70 -17.66
H371 MC3 DB . -22.32 -37.80 -18.57
H372 MC3 DB . -22.12 -36.26 -17.74
H381 MC3 DB . -22.00 -35.12 -19.90
H382 MC3 DB . -22.14 -36.67 -20.73
H391 MC3 DB . -24.23 -36.83 -19.01
H392 MC3 DB . -24.21 -35.09 -19.36
H401 MC3 DB . -25.70 -36.16 -20.87
H402 MC3 DB . -24.29 -35.62 -21.77
C4 LHG EB . -12.82 -36.88 -12.67
C5 LHG EB . -14.12 -36.21 -12.21
C6 LHG EB . -13.96 -34.72 -12.04
O7 LHG EB . -15.09 -36.45 -13.23
C7 LHG EB . -16.08 -37.31 -12.84
O9 LHG EB . -15.92 -38.14 -11.97
C8 LHG EB . -17.36 -37.05 -13.58
C9 LHG EB . -18.18 -38.30 -13.60
C10 LHG EB . -19.61 -38.02 -13.16
O8 LHG EB . -13.75 -34.24 -13.35
C23 LHG EB . -12.68 -33.42 -13.52
O10 LHG EB . -11.57 -33.84 -13.31
C24 LHG EB . -12.93 -31.93 -13.64
C11 LHG EB . -20.25 -37.52 -14.40
C12 LHG EB . -21.38 -36.63 -14.04
C13 LHG EB . -22.61 -37.08 -14.73
C14 LHG EB . -23.79 -36.43 -14.09
C15 LHG EB . -24.84 -36.19 -15.14
C16 LHG EB . -25.83 -37.28 -15.15
C17 LHG EB . -27.22 -36.70 -15.29
C18 LHG EB . -28.01 -37.64 -16.17
C19 LHG EB . -27.83 -39.09 -15.86
C20 LHG EB . -29.00 -39.76 -16.57
C21 LHG EB . -28.53 -40.62 -17.69
C22 LHG EB . -29.74 -41.29 -18.28
C25 LHG EB . -14.08 -31.53 -14.55
C26 LHG EB . -14.37 -32.45 -15.69
C27 LHG EB . -15.69 -31.96 -16.13
C28 LHG EB . -16.86 -32.47 -15.34
C29 LHG EB . -17.98 -32.79 -16.30
C30 LHG EB . -19.33 -32.19 -16.03
C31 LHG EB . -20.49 -33.13 -16.04
C32 LHG EB . -21.82 -32.53 -16.46
C33 LHG EB . -22.66 -32.33 -15.25
C34 LHG EB . -24.07 -31.99 -15.54
C35 LHG EB . -24.50 -30.74 -14.88
C36 LHG EB . -24.13 -29.59 -15.74
C37 LHG EB . -24.29 -28.38 -14.88
C38 LHG EB . -24.62 -27.11 -15.58
HC5 LHG EB . -14.32 -36.59 -11.36
HC61 LHG EB . -13.20 -34.57 -11.46
HC62 LHG EB . -14.70 -34.38 -11.55
HC81 LHG EB . -17.25 -36.72 -14.48
HC82 LHG EB . -17.89 -36.40 -13.11
HC91 LHG EB . -17.80 -38.95 -13.00
HC92 LHG EB . -18.17 -38.71 -14.47
H101 LHG EB . -19.64 -37.39 -12.47
H102 LHG EB . -20.04 -38.80 -12.85
H241 LHG EB . -12.15 -31.45 -13.92
H242 LHG EB . -13.09 -31.54 -12.82
H111 LHG EB . -20.58 -38.27 -14.90
H112 LHG EB . -19.60 -37.06 -14.94
H121 LHG EB . -21.16 -35.76 -14.27
H122 LHG EB . -21.51 -36.67 -13.14
H131 LHG EB . -22.68 -38.02 -14.64
H132 LHG EB . -22.58 -36.84 -15.64
H141 LHG EB . -23.50 -35.60 -13.75
H142 LHG EB . -24.10 -36.96 -13.36
H151 LHG EB . -24.44 -36.11 -15.99
H152 LHG EB . -25.25 -35.37 -14.95
H161 LHG EB . -25.77 -37.79 -14.38
H162 LHG EB . -25.65 -37.83 -15.86
H171 LHG EB . -27.19 -35.83 -15.67
H172 LHG EB . -27.63 -36.61 -14.44
H181 LHG EB . -27.79 -37.48 -17.09
H182 LHG EB . -28.95 -37.42 -16.09
H191 LHG EB . -27.87 -39.25 -14.93
H192 LHG EB . -27.00 -39.44 -16.17
H201 LHG EB . -29.64 -39.15 -16.91
H202 LHG EB . -29.49 -40.31 -15.96
H211 LHG EB . -27.92 -41.31 -17.42
H212 LHG EB . -28.13 -40.10 -18.41
H221 LHG EB . -29.45 -41.92 -18.94
H222 LHG EB . -30.33 -40.65 -18.71
H223 LHG EB . -30.23 -41.77 -17.61
H251 LHG EB . -13.88 -30.69 -14.92
H252 LHG EB . -14.85 -31.42 -14.01
H261 LHG EB . -14.39 -33.35 -15.45
H262 LHG EB . -13.73 -32.36 -16.38
H271 LHG EB . -15.79 -32.19 -17.04
H272 LHG EB . -15.68 -31.01 -16.07
H281 LHG EB . -17.16 -31.76 -14.75
H282 LHG EB . -16.66 -33.21 -14.79
H291 LHG EB . -18.11 -33.72 -16.23
H292 LHG EB . -17.75 -32.63 -17.20
H301 LHG EB . -19.48 -31.53 -16.67
H302 LHG EB . -19.29 -31.74 -15.21
H311 LHG EB . -20.55 -33.57 -15.21
H312 LHG EB . -20.27 -33.80 -16.68
H321 LHG EB . -22.26 -33.06 -17.12
H322 LHG EB . -21.65 -31.68 -16.84
H331 LHG EB . -22.30 -31.60 -14.80
H332 LHG EB . -22.60 -33.07 -14.69
H341 LHG EB . -24.66 -32.71 -15.30
H342 LHG EB . -24.17 -31.86 -16.47
H351 LHG EB . -24.09 -30.64 -14.05
H352 LHG EB . -25.42 -30.76 -14.72
H361 LHG EB . -24.70 -29.55 -16.50
H362 LHG EB . -23.25 -29.66 -16.05
H371 LHG EB . -23.54 -28.21 -14.36
H372 LHG EB . -25.00 -28.55 -14.31
H381 LHG EB . -25.42 -26.81 -15.19
H382 LHG EB . -24.82 -27.27 -16.51
H383 LHG EB . -23.94 -26.46 -15.49
C31 MC3 FB . -25.34 -15.04 28.80
C32 MC3 FB . -26.54 -14.99 29.75
C33 MC3 FB . -26.89 -16.30 30.46
C34 MC3 FB . -28.15 -16.07 31.29
C35 MC3 FB . -29.01 -17.30 31.59
C36 MC3 FB . -30.45 -16.87 31.79
C37 MC3 FB . -31.11 -16.62 30.43
C38 MC3 FB . -31.70 -15.21 30.24
C39 MC3 FB . -32.58 -15.12 29.01
C40 MC3 FB . -34.01 -15.65 29.22
C41 MC3 FB . -34.70 -15.95 27.89
C42 MC3 FB . -36.19 -16.11 28.05
C43 MC3 FB . -36.60 -17.58 27.95
C44 MC3 FB . -38.09 -17.81 28.16
H321 MC3 FB . -27.40 -14.67 29.19
H322 MC3 FB . -26.33 -14.24 30.51
H331 MC3 FB . -26.08 -16.58 31.13
H332 MC3 FB . -27.05 -17.07 29.73
H341 MC3 FB . -27.86 -15.62 32.22
H342 MC3 FB . -28.77 -15.39 30.74
H351 MC3 FB . -28.94 -18.00 30.78
H352 MC3 FB . -28.66 -17.76 32.50
H361 MC3 FB . -31.00 -17.65 32.30
H362 MC3 FB . -30.48 -15.96 32.37
H371 MC3 FB . -30.37 -16.78 29.66
H372 MC3 FB . -31.90 -17.35 30.31
H381 MC3 FB . -32.27 -14.93 31.12
H382 MC3 FB . -30.89 -14.50 30.11
H391 MC3 FB . -32.63 -14.09 28.69
H392 MC3 FB . -32.14 -15.69 28.22
H401 MC3 FB . -34.60 -14.89 29.72
H402 MC3 FB . -33.97 -16.54 29.81
H411 MC3 FB . -34.50 -15.13 27.21
H412 MC3 FB . -34.29 -16.86 27.47
H421 MC3 FB . -36.49 -15.71 29.01
H422 MC3 FB . -36.70 -15.55 27.26
H431 MC3 FB . -36.34 -17.94 26.97
H432 MC3 FB . -36.05 -18.15 28.69
H441 MC3 FB . -38.42 -18.60 27.50
H442 MC3 FB . -38.63 -16.90 27.95
H443 MC3 FB . -38.27 -18.12 29.18
C33 MC3 GB . -28.14 -7.04 25.45
C34 MC3 GB . -29.25 -7.64 26.31
C35 MC3 GB . -30.33 -8.35 25.50
C36 MC3 GB . -31.30 -9.16 26.32
C37 MC3 GB . -32.57 -8.38 26.66
C38 MC3 GB . -33.37 -7.99 25.42
C39 MC3 GB . -34.73 -8.64 25.25
C40 MC3 GB . -35.42 -8.14 23.99
C41 MC3 GB . -36.73 -8.83 23.65
H331 MC3 GB . -28.29 -7.32 24.41
H332 MC3 GB . -27.20 -7.43 25.80
H341 MC3 GB . -28.82 -8.32 27.02
H342 MC3 GB . -29.73 -6.83 26.84
H351 MC3 GB . -30.90 -7.60 24.98
H352 MC3 GB . -29.87 -9.01 24.78
H361 MC3 GB . -31.58 -10.04 25.76
H362 MC3 GB . -30.81 -9.49 27.23
H371 MC3 GB . -32.27 -7.48 27.19
H372 MC3 GB . -33.19 -8.97 27.33
H381 MC3 GB . -32.79 -8.23 24.54
H382 MC3 GB . -33.52 -6.93 25.41
H391 MC3 GB . -34.62 -9.71 25.15
H392 MC3 GB . -35.34 -8.41 26.12
H401 MC3 GB . -34.74 -8.28 23.17
H402 MC3 GB . -35.60 -7.07 24.10
H411 MC3 GB . -36.57 -9.44 22.77
H412 MC3 GB . -37.47 -8.09 23.39
C35 MC3 HB . -34.84 -10.74 29.75
C36 MC3 HB . -36.01 -9.99 29.14
C37 MC3 HB . -36.98 -10.93 28.46
C38 MC3 HB . -37.82 -10.21 27.42
C39 MC3 HB . -38.37 -11.17 26.36
C40 MC3 HB . -39.48 -12.03 26.94
C41 MC3 HB . -40.83 -11.33 26.99
C42 MC3 HB . -41.85 -12.09 27.83
C43 MC3 HB . -42.60 -13.13 27.03
C44 MC3 HB . -43.76 -12.52 26.25
H351 MC3 HB . -34.12 -10.97 28.97
H352 MC3 HB . -35.21 -11.67 30.16
H361 MC3 HB . -36.54 -9.45 29.92
H362 MC3 HB . -35.64 -9.27 28.42
H371 MC3 HB . -37.64 -11.35 29.20
H372 MC3 HB . -36.43 -11.74 27.99
H381 MC3 HB . -38.66 -9.75 27.93
H382 MC3 HB . -37.23 -9.45 26.94
H391 MC3 HB . -37.59 -11.82 26.00
H392 MC3 HB . -38.75 -10.60 25.52
H401 MC3 HB . -39.58 -12.91 26.33
H402 MC3 HB . -39.20 -12.34 27.94
H411 MC3 HB . -41.21 -11.26 25.97
H412 MC3 HB . -40.71 -10.32 27.38
H421 MC3 HB . -42.56 -11.39 28.25
H422 MC3 HB . -41.33 -12.58 28.65
H431 MC3 HB . -41.91 -13.58 26.31
H432 MC3 HB . -42.96 -13.90 27.70
H441 MC3 HB . -43.79 -11.45 26.41
H442 MC3 HB . -44.70 -12.96 26.58
H443 MC3 HB . -43.61 -12.70 25.19
C35 MC3 IB . -40.67 -10.72 23.10
C36 MC3 IB . -41.30 -10.71 21.71
C37 MC3 IB . -42.75 -10.25 21.66
C38 MC3 IB . -43.80 -11.36 21.55
C39 MC3 IB . -44.93 -11.01 20.59
C40 MC3 IB . -45.86 -12.19 20.31
C41 MC3 IB . -46.59 -12.10 18.97
C42 MC3 IB . -47.86 -11.26 19.03
H351 MC3 IB . -41.43 -10.93 23.84
H352 MC3 IB . -40.22 -9.76 23.29
H361 MC3 IB . -41.21 -11.68 21.26
H362 MC3 IB . -40.72 -10.01 21.12
H371 MC3 IB . -42.86 -9.62 20.80
H372 MC3 IB . -42.96 -9.65 22.53
H381 MC3 IB . -44.21 -11.54 22.53
H382 MC3 IB . -43.31 -12.27 21.21
H391 MC3 IB . -45.54 -10.21 21.02
H392 MC3 IB . -44.51 -10.67 19.66
H401 MC3 IB . -46.60 -12.25 21.09
H402 MC3 IB . -45.26 -13.09 20.32
H411 MC3 IB . -46.86 -13.10 18.66
H412 MC3 IB . -45.91 -11.68 18.23
H421 MC3 IB . -48.30 -11.31 20.01
H422 MC3 IB . -48.59 -11.65 18.32
CAA Y01 JB . -46.95 -8.72 0.26
CBA Y01 JB . -46.82 -9.31 1.73
CAB Y01 JB . -45.58 -8.68 2.39
CAN Y01 JB . -48.14 -9.07 2.55
CAJ Y01 JB . -47.97 -9.55 4.01
CAO Y01 JB . -49.37 -9.95 4.71
CBB Y01 JB . -50.04 -11.35 4.30
CAC Y01 JB . -49.03 -12.44 4.05
CBE Y01 JB . -50.96 -11.77 5.41
CAP Y01 JB . -52.03 -10.65 5.64
CAQ Y01 JB . -53.39 -11.42 6.16
CBG Y01 JB . -52.83 -12.95 6.29
CBI Y01 JB . -51.81 -13.11 5.19
CAE Y01 JB . -52.44 -13.16 3.80
CAU Y01 JB . -51.07 -14.29 5.35
CAS Y01 JB . -52.00 -15.69 5.69
CBF Y01 JB . -53.29 -15.36 6.65
CBD Y01 JB . -53.85 -13.81 6.22
CAK Y01 JB . -54.94 -13.58 7.36
CAI Y01 JB . -55.68 -14.64 7.51
CAZ Y01 JB . -55.54 -15.63 7.24
CAV Y01 JB . -56.76 -16.50 7.66
CBH Y01 JB . -54.45 -16.20 6.59
CAD Y01 JB . -54.79 -16.53 5.11
CAT Y01 JB . -54.01 -17.63 7.36
CAR Y01 JB . -55.17 -18.46 7.98
CBC Y01 JB . -56.58 -18.01 7.49
OAW Y01 JB . -56.77 -18.39 6.17
CAY Y01 JB . -57.02 -19.81 5.98
OAG Y01 JB . -57.33 -20.50 6.91
CAM Y01 JB . -56.86 -20.45 4.56
CAL Y01 JB . -57.46 -21.88 4.55
CAX Y01 JB . -58.98 -21.84 4.68
OAH Y01 JB . -59.70 -21.73 3.64
OAF Y01 JB . -59.53 -21.94 5.80
HAA1 Y01 JB . -46.00 -8.88 -0.28
HAA2 Y01 JB . -47.76 -9.23 -0.27
HAA3 Y01 JB . -47.15 -7.65 0.29
HBA Y01 JB . -46.66 -10.40 1.68
HAB1 Y01 JB . -45.87 -8.08 3.26
HAB2 Y01 JB . -44.91 -9.45 2.70
HAB3 Y01 JB . -45.08 -8.04 1.67
HAN1 Y01 JB . -48.95 -9.62 2.09
HAN2 Y01 JB . -48.38 -8.02 2.56
HAJ1 Y01 JB . -47.26 -10.37 4.04
HAJ2 Y01 JB . -47.55 -8.73 4.56
HAO1 Y01 JB . -49.22 -9.95 5.79
HAO2 Y01 JB . -50.08 -9.16 4.48
HBB Y01 JB . -50.61 -11.19 3.41
HAC1 Y01 JB . -48.14 -12.07 3.57
HAC2 Y01 JB . -49.46 -13.17 3.38
HAC3 Y01 JB . -48.77 -12.93 4.99
HBE Y01 JB . -50.39 -11.87 6.32
HAP1 Y01 JB . -51.67 -9.96 6.40
HAP2 Y01 JB . -52.25 -10.13 4.72
HAQ1 Y01 JB . -54.17 -11.36 5.42
HAQ2 Y01 JB . -53.73 -11.05 7.12
HBG Y01 JB . -52.33 -13.03 7.25
HBD Y01 JB . -54.36 -13.78 5.25
HAE1 Y01 JB . -53.24 -12.41 3.72
HAE2 Y01 JB . -52.85 -14.15 3.61
HAE3 Y01 JB . -51.68 -12.97 3.05
HAU1 Y01 JB . -50.31 -14.17 6.11
HAU2 Y01 JB . -50.60 -14.50 4.40
HAS1 Y01 JB . -51.36 -16.38 6.21
HAS2 Y01 JB . -52.32 -16.15 4.74
HBF Y01 JB . -52.93 -15.33 7.67
HAK1 Y01 JB . -55.60 -12.81 6.98
HAK2 Y01 JB . -54.39 -13.46 8.29
HAI Y01 JB . -56.63 -14.45 8.01
HAV1 Y01 JB . -56.82 -16.36 8.75
HAV2 Y01 JB . -57.58 -16.23 7.00
HBC Y01 JB . -57.31 -18.48 8.11
HAD1 Y01 JB . -55.87 -16.58 4.98
HAD2 Y01 JB . -54.35 -17.49 4.84
HAD3 Y01 JB . -54.41 -15.77 4.45
HAT1 Y01 JB . -53.34 -17.38 8.19
HAT2 Y01 JB . -53.46 -18.26 6.66
HAR1 Y01 JB . -55.14 -18.35 9.07
HAR2 Y01 JB . -55.03 -19.50 7.72
HAM1 Y01 JB . -55.79 -20.49 4.31
HAM2 Y01 JB . -57.37 -19.82 3.82
HAL1 Y01 JB . -57.20 -22.38 3.62
HAL2 Y01 JB . -57.05 -22.45 5.37
CAA Y01 KB . -45.76 -15.08 1.49
CBA Y01 KB . -44.78 -15.29 2.72
CAB Y01 KB . -43.80 -14.10 2.71
CAN Y01 KB . -45.56 -15.38 4.08
CAJ Y01 KB . -46.94 -16.13 4.05
CAO Y01 KB . -46.96 -17.73 4.28
CBB Y01 KB . -48.31 -18.09 5.07
CAC Y01 KB . -49.43 -17.39 4.31
CBE Y01 KB . -48.70 -19.54 5.21
CAP Y01 KB . -47.47 -20.50 5.25
CAQ Y01 KB . -47.76 -21.61 6.45
CBG Y01 KB . -49.36 -21.41 6.71
CBI Y01 KB . -49.62 -19.93 6.48
CAE Y01 KB . -49.24 -19.08 7.70
CAU Y01 KB . -50.99 -19.71 6.27
CAS Y01 KB . -51.93 -20.36 7.55
CBF Y01 KB . -51.40 -21.83 7.99
CBD Y01 KB . -49.71 -21.85 7.95
CAK Y01 KB . -49.41 -23.37 8.31
CAI Y01 KB . -50.39 -23.98 8.96
CAZ Y01 KB . -51.28 -23.60 9.38
CAV Y01 KB . -52.26 -24.60 10.08
CBH Y01 KB . -51.72 -22.31 9.32
CAD Y01 KB . -51.02 -21.52 10.47
CAT Y01 KB . -53.38 -22.18 9.56
CAR Y01 KB . -54.21 -23.40 9.06
CBC Y01 KB . -53.37 -24.71 9.04
OAW Y01 KB . -54.22 -25.81 9.20
CAY Y01 KB . -55.08 -26.06 8.05
OAG Y01 KB . -54.96 -25.38 7.07
CAM Y01 KB . -56.17 -27.18 8.01
CAL Y01 KB . -57.30 -27.01 9.07
CAX Y01 KB . -57.99 -28.35 9.28
OAH Y01 KB . -57.49 -29.19 10.08
OAF Y01 KB . -59.04 -28.61 8.66
HAA1 Y01 KB . -45.17 -14.87 0.59
HAA2 Y01 KB . -46.37 -15.97 1.32
HAA3 Y01 KB . -46.41 -14.22 1.69
HBA Y01 KB . -44.21 -16.22 2.59
HAB1 Y01 KB . -42.79 -14.46 2.60
HAB2 Y01 KB . -43.88 -13.51 3.61
HAB3 Y01 KB . -44.03 -13.46 1.85
HAN1 Y01 KB . -45.77 -14.37 4.41
HAN2 Y01 KB . -44.90 -15.83 4.81
HAJ1 Y01 KB . -47.47 -15.91 3.13
HAJ2 Y01 KB . -47.50 -15.71 4.87
HAO1 Y01 KB . -46.93 -18.23 3.32
HAO2 Y01 KB . -46.09 -18.02 4.86
HBB Y01 KB . -48.21 -17.61 6.03
HAC1 Y01 KB . -49.54 -16.38 4.67
HAC2 Y01 KB . -50.37 -17.90 4.44
HAC3 Y01 KB . -49.19 -17.37 3.25
HBE Y01 KB . -49.26 -19.81 4.33
HAP1 Y01 KB . -47.38 -21.03 4.30
HAP2 Y01 KB . -46.56 -19.99 5.46
HAQ1 Y01 KB . -47.19 -21.38 7.34
HAQ2 Y01 KB . -47.57 -22.62 6.11
HBG Y01 KB . -49.90 -22.00 5.97
HBD Y01 KB . -49.24 -21.25 8.73
HAE1 Y01 KB . -48.18 -19.19 7.86
HAE2 Y01 KB . -49.79 -19.40 8.57
HAE3 Y01 KB . -49.50 -18.04 7.53
HAU1 Y01 KB . -51.29 -20.16 5.32
HAU2 Y01 KB . -51.19 -18.63 6.24
HAS1 Y01 KB . -52.95 -20.46 7.20
HAS2 Y01 KB . -51.88 -19.71 8.42
HBF Y01 KB . -51.76 -22.54 7.25
HAK1 Y01 KB . -48.57 -23.34 9.00
HAK2 Y01 KB . -49.36 -23.86 7.35
HAI Y01 KB . -50.22 -25.06 9.10
HAV1 Y01 KB . -51.79 -25.58 10.18
HAV2 Y01 KB . -52.68 -24.09 10.95
HBC Y01 KB . -52.89 -24.79 8.07
HAD1 Y01 KB . -51.65 -21.53 11.35
HAD2 Y01 KB . -50.84 -20.49 10.16
HAD3 Y01 KB . -50.08 -22.01 10.72
HAT1 Y01 KB . -53.76 -21.28 9.06
HAT2 Y01 KB . -53.57 -22.06 10.62
HAR1 Y01 KB . -54.56 -23.18 8.05
HAR2 Y01 KB . -55.07 -23.54 9.73
HAM1 Y01 KB . -55.69 -28.17 8.13
HAM2 Y01 KB . -56.63 -27.14 7.02
HAL1 Y01 KB . -56.90 -26.65 10.00
HAL2 Y01 KB . -58.03 -26.31 8.69
C31 MC3 LB . -34.51 -11.42 1.46
C32 MC3 LB . -35.04 -12.78 1.91
C33 MC3 LB . -36.15 -13.36 1.01
C34 MC3 LB . -37.25 -14.00 1.84
C35 MC3 LB . -37.76 -15.33 1.29
C36 MC3 LB . -38.79 -15.97 2.23
C37 MC3 LB . -38.18 -16.64 3.47
C38 MC3 LB . -39.10 -17.58 4.24
C39 MC3 LB . -40.32 -18.02 3.43
C40 MC3 LB . -41.14 -19.20 3.93
C41 MC3 LB . -42.18 -19.63 2.89
C42 MC3 LB . -43.62 -19.55 3.42
C43 MC3 LB . -44.09 -20.88 4.01
H321 MC3 LB . -35.41 -12.67 2.90
H322 MC3 LB . -34.22 -13.49 1.93
H331 MC3 LB . -35.72 -14.09 0.35
H332 MC3 LB . -36.59 -12.57 0.42
H341 MC3 LB . -38.09 -13.32 1.90
H342 MC3 LB . -36.87 -14.21 2.82
H351 MC3 LB . -38.24 -15.16 0.34
H352 MC3 LB . -36.93 -16.00 1.15
H361 MC3 LB . -39.31 -16.67 1.61
H362 MC3 LB . -39.49 -15.21 2.55
H371 MC3 LB . -37.88 -15.87 4.17
H372 MC3 LB . -37.28 -17.18 3.19
H381 MC3 LB . -39.43 -17.08 5.14
H382 MC3 LB . -38.56 -18.47 4.55
H391 MC3 LB . -39.98 -18.31 2.45
H392 MC3 LB . -40.97 -17.16 3.32
H401 MC3 LB . -41.64 -18.92 4.85
H402 MC3 LB . -40.48 -20.03 4.13
H411 MC3 LB . -42.09 -18.99 2.02
H412 MC3 LB . -41.98 -20.65 2.60
H421 MC3 LB . -44.29 -19.26 2.64
H422 MC3 LB . -43.65 -18.80 4.20
H431 MC3 LB . -43.71 -21.69 3.38
H432 MC3 LB . -43.66 -21.00 5.01
C31 MC3 MB . -22.05 -32.89 15.16
C32 MC3 MB . -22.93 -34.06 15.56
C33 MC3 MB . -24.41 -33.82 15.31
C34 MC3 MB . -25.04 -34.97 14.53
C35 MC3 MB . -26.38 -34.64 13.88
C36 MC3 MB . -27.41 -34.07 14.83
C37 MC3 MB . -28.81 -33.87 14.24
C38 MC3 MB . -29.05 -34.51 12.88
C39 MC3 MB . -30.50 -34.29 12.48
C40 MC3 MB . -31.13 -35.50 11.82
H321 MC3 MB . -22.79 -34.27 16.61
H322 MC3 MB . -22.60 -34.92 15.00
H331 MC3 MB . -24.91 -33.74 16.26
H332 MC3 MB . -24.55 -32.90 14.75
H341 MC3 MB . -25.17 -35.80 15.20
H342 MC3 MB . -24.35 -35.24 13.74
H351 MC3 MB . -26.77 -35.57 13.48
H352 MC3 MB . -26.22 -33.93 13.09
H361 MC3 MB . -27.51 -34.72 15.69
H362 MC3 MB . -27.05 -33.10 15.15
H371 MC3 MB . -29.52 -34.32 14.92
H372 MC3 MB . -29.01 -32.82 14.16
H381 MC3 MB . -28.39 -34.06 12.15
H382 MC3 MB . -28.85 -35.57 12.94
H391 MC3 MB . -31.06 -34.07 13.36
H392 MC3 MB . -30.55 -33.46 11.78
H401 MC3 MB . -32.12 -35.22 11.47
H402 MC3 MB . -30.53 -35.78 10.96
C4 LHG NB . -20.74 -29.35 19.83
C5 LHG NB . -21.86 -28.54 19.17
C6 LHG NB . -21.33 -27.63 18.09
O7 LHG NB . -22.76 -29.47 18.56
C7 LHG NB . -23.97 -29.54 19.19
O9 LHG NB . -24.11 -29.24 20.36
C8 LHG NB . -25.06 -29.96 18.25
C9 LHG NB . -26.19 -30.58 19.03
C10 LHG NB . -27.52 -29.98 18.64
O8 LHG NB . -20.88 -28.49 17.09
C23 LHG NB . -19.62 -28.27 16.62
O10 LHG NB . -18.68 -28.37 17.38
C24 LHG NB . -19.46 -27.57 15.29
C11 LHG NB . -27.87 -30.74 17.42
C12 LHG NB . -28.76 -29.91 16.57
C13 LHG NB . -29.99 -30.65 16.24
C14 LHG NB . -31.01 -29.70 15.72
C15 LHG NB . -31.85 -30.41 14.69
C16 LHG NB . -33.10 -30.93 15.30
C17 LHG NB . -34.27 -30.67 14.38
C18 LHG NB . -35.18 -31.87 14.47
C19 LHG NB . -35.43 -32.38 15.86
C20 LHG NB . -36.64 -33.26 15.71
C21 LHG NB . -36.31 -34.69 15.95
C22 LHG NB . -37.61 -35.47 15.85
C25 LHG NB . -20.36 -28.08 14.19
C26 LHG NB . -20.77 -29.51 14.24
C27 LHG NB . -21.87 -29.55 13.27
C28 LHG NB . -23.21 -29.08 13.76
C29 LHG NB . -24.27 -30.00 13.22
C30 LHG NB . -25.43 -29.38 12.51
C31 LHG NB . -26.79 -29.82 12.94
C32 LHG NB . -27.87 -29.78 11.87
C33 LHG NB . -28.74 -28.61 12.10
C34 LHG NB . -29.98 -28.60 11.30
C35 LHG NB . -30.13 -27.35 10.51
C36 LHG NB . -29.39 -27.51 9.22
C37 LHG NB . -29.31 -26.13 8.65
C38 LHG NB . -29.22 -26.05 7.18
HC5 LHG NB . -22.23 -27.99 19.86
HC61 LHG NB . -20.62 -27.09 18.49
HC62 LHG NB . -22.00 -26.99 17.86
HC81 LHG NB . -24.78 -30.56 17.54
HC82 LHG NB . -25.44 -29.19 17.81
HC91 LHG NB . -26.04 -30.44 19.97
HC92 LHG NB . -26.18 -31.54 18.92
H101 LHG NB . -27.44 -29.06 18.47
H102 LHG NB . -28.16 -30.11 19.32
H241 LHG NB . -18.55 -27.61 14.96
H242 LHG NB . -19.59 -26.66 15.36
H111 LHG NB . -28.34 -31.54 17.67
H112 LHG NB . -27.08 -30.99 16.94
H121 LHG NB . -28.30 -29.65 15.80
H122 LHG NB . -28.99 -29.15 17.03
H131 LHG NB . -30.31 -31.06 17.03
H132 LHG NB . -29.82 -31.30 15.59
H141 LHG NB . -30.56 -28.99 15.30
H142 LHG NB . -31.53 -29.35 16.43
H151 LHG NB . -31.37 -31.11 14.30
H152 LHG NB . -32.06 -29.80 14.01
H161 LHG NB . -33.24 -30.56 16.13
H162 LHG NB . -33.00 -31.84 15.43
H171 LHG NB . -33.97 -30.54 13.49
H172 LHG NB . -34.71 -29.88 14.62
H181 LHG NB . -34.84 -32.58 13.92
H182 LHG NB . -36.03 -31.62 14.07
H191 LHG NB . -35.59 -31.67 16.46
H192 LHG NB . -34.68 -32.87 16.20
H201 LHG NB . -37.07 -33.20 14.86
H202 LHG NB . -37.32 -33.00 16.33
H211 LHG NB . -35.94 -34.85 16.82
H212 LHG NB . -35.72 -35.04 15.28
H221 LHG NB . -37.42 -36.38 16.11
H222 LHG NB . -37.94 -35.47 14.96
H223 LHG NB . -38.26 -35.13 16.47
H251 LHG NB . -19.92 -27.96 13.36
H252 LHG NB . -21.13 -27.51 14.17
H261 LHG NB . -21.05 -29.78 15.10
H262 LHG NB . -20.06 -30.09 14.00
H271 LHG NB . -21.93 -30.45 12.95
H272 LHG NB . -21.62 -29.01 12.53
H281 LHG NB . -23.36 -28.19 13.42
H282 LHG NB . -23.26 -29.02 14.71
H291 LHG NB . -24.65 -30.42 13.98
H292 LHG NB . -23.92 -30.69 12.69
H301 LHG NB . -25.34 -29.58 11.60
H302 LHG NB . -25.36 -28.45 12.58
H311 LHG NB . -27.05 -29.34 13.71
H312 LHG NB . -26.69 -30.73 13.22
H321 LHG NB . -28.37 -30.60 11.84
H322 LHG NB . -27.45 -29.68 11.03
H331 LHG NB . -28.25 -27.86 11.85
H332 LHG NB . -28.93 -28.51 13.01
H341 LHG NB . -30.76 -28.73 11.85
H342 LHG NB . -29.95 -29.31 10.69
H351 LHG NB . -29.79 -26.62 10.97
H352 LHG NB . -31.03 -27.17 10.35
H361 LHG NB . -29.85 -28.10 8.65
H362 LHG NB . -28.53 -27.86 9.38
H371 LHG NB . -28.60 -25.64 8.99
H372 LHG NB . -30.09 -25.70 8.89
H381 LHG NB . -29.95 -25.51 6.90
H382 LHG NB . -29.37 -26.91 6.76
H383 LHG NB . -28.41 -25.66 6.88
C31 MC3 OB . 14.84 4.55 38.17
C32 MC3 OB . 15.71 4.16 39.37
C33 MC3 OB . 15.76 5.18 40.52
C34 MC3 OB . 16.73 4.67 41.57
C35 MC3 OB . 17.40 5.71 42.46
C36 MC3 OB . 18.74 5.17 42.94
C37 MC3 OB . 19.79 5.30 41.83
C38 MC3 OB . 20.46 3.99 41.41
C39 MC3 OB . 21.68 4.23 40.54
C40 MC3 OB . 22.95 4.61 41.30
C41 MC3 OB . 23.99 5.26 40.40
C42 MC3 OB . 25.36 5.29 41.05
C43 MC3 OB . 25.71 6.70 41.51
C44 MC3 OB . 27.05 6.79 42.22
H321 MC3 OB . 16.71 3.99 39.03
H322 MC3 OB . 15.32 3.24 39.76
H331 MC3 OB . 14.78 5.28 40.96
H332 MC3 OB . 16.10 6.14 40.13
H341 MC3 OB . 16.19 3.96 42.20
H342 MC3 OB . 17.52 4.14 41.05
H351 MC3 OB . 17.55 6.62 41.92
H352 MC3 OB . 16.77 5.89 43.33
H361 MC3 OB . 19.07 5.74 43.81
H362 MC3 OB . 18.63 4.13 43.21
H371 MC3 OB . 19.30 5.72 40.96
H372 MC3 OB . 20.53 6.01 42.18
H381 MC3 OB . 20.76 3.43 42.30
H382 MC3 OB . 19.77 3.39 40.84
H391 MC3 OB . 21.87 3.34 39.96
H392 MC3 OB . 21.47 5.03 39.86
H401 MC3 OB . 23.40 3.71 41.72
H402 MC3 OB . 22.70 5.28 42.11
H411 MC3 OB . 24.05 4.68 39.48
H412 MC3 OB . 23.68 6.27 40.18
H421 MC3 OB . 25.37 4.61 41.89
H422 MC3 OB . 26.11 4.97 40.31
H431 MC3 OB . 25.74 7.34 40.65
H432 MC3 OB . 24.93 7.05 42.19
H441 MC3 OB . 27.53 7.72 41.95
H442 MC3 OB . 27.68 5.96 41.92
H443 MC3 OB . 26.91 6.78 43.29
C33 MC3 PB . 18.89 -2.20 33.57
C34 MC3 PB . 19.66 -1.94 34.86
C35 MC3 PB . 20.90 -1.07 34.66
C36 MC3 PB . 21.53 -0.58 35.95
C37 MC3 PB . 22.68 -1.49 36.40
C38 MC3 PB . 23.84 -1.53 35.38
C39 MC3 PB . 25.16 -0.93 35.84
C40 MC3 PB . 26.21 -1.07 34.75
C41 MC3 PB . 27.53 -0.36 35.04
H331 MC3 PB . 19.33 -1.64 32.75
H332 MC3 PB . 17.87 -1.89 33.72
H341 MC3 PB . 19.00 -1.48 35.58
H342 MC3 PB . 20.00 -2.89 35.24
H351 MC3 PB . 21.63 -1.66 34.14
H352 MC3 PB . 20.64 -0.21 34.07
H361 MC3 PB . 21.93 0.41 35.78
H362 MC3 PB . 20.78 -0.53 36.72
H371 MC3 PB . 22.28 -2.49 36.52
H372 MC3 PB . 23.05 -1.16 37.36
H381 MC3 PB . 23.53 -1.01 34.50
H382 MC3 PB . 24.02 -2.55 35.11
H391 MC3 PB . 25.03 0.12 36.04
H392 MC3 PB . 25.48 -1.43 36.74
H401 MC3 PB . 25.80 -0.65 33.84
H402 MC3 PB . 26.38 -2.12 34.59
H411 MC3 PB . 27.61 0.49 34.38
H412 MC3 PB . 28.35 -1.02 34.81
C35 MC3 QB . 23.81 -0.28 40.58
C36 MC3 QB . 25.14 -0.87 40.15
C37 MC3 QB . 26.24 0.19 40.11
C38 MC3 QB . 27.38 -0.22 39.20
C39 MC3 QB . 28.18 0.98 38.69
C40 MC3 QB . 29.02 1.58 39.80
C41 MC3 QB . 30.33 0.83 40.04
C42 MC3 QB . 31.01 1.26 41.34
C43 MC3 QB . 31.91 2.45 41.14
C44 MC3 QB . 33.28 2.06 40.61
H351 MC3 QB . 23.35 0.21 39.73
H352 MC3 QB . 24.00 0.47 41.34
H361 MC3 QB . 25.45 -1.64 40.85
H362 MC3 QB . 25.04 -1.32 39.17
H371 MC3 QB . 26.62 0.33 41.10
H372 MC3 QB . 25.81 1.13 39.76
H381 MC3 QB . 28.04 -0.85 39.78
H382 MC3 QB . 27.00 -0.78 38.36
H391 MC3 QB . 27.50 1.74 38.33
H392 MC3 QB . 28.81 0.67 37.87
H401 MC3 QB . 29.25 2.60 39.55
H402 MC3 QB . 28.44 1.58 40.71
H411 MC3 QB . 30.99 1.05 39.22
H412 MC3 QB . 30.14 -0.24 40.05
H421 MC3 QB . 31.60 0.44 41.72
H422 MC3 QB . 30.25 1.50 42.07
H431 MC3 QB . 31.45 3.14 40.43
H432 MC3 QB . 32.02 2.97 42.09
H441 MC3 QB . 33.31 0.98 40.44
H442 MC3 QB . 34.05 2.34 41.31
H443 MC3 QB . 33.45 2.55 39.65
C35 MC3 RB . 31.36 1.43 36.29
C36 MC3 RB . 32.37 1.79 35.21
C37 MC3 RB . 33.80 1.30 35.47
C38 MC3 RB . 34.77 2.34 36.00
C39 MC3 RB . 36.16 2.24 35.38
C40 MC3 RB . 37.07 3.41 35.75
C41 MC3 RB . 38.17 3.69 34.73
C42 MC3 RB . 39.41 2.82 34.90
H351 MC3 RB . 31.85 1.36 37.24
H352 MC3 RB . 30.92 0.47 36.04
H361 MC3 RB . 32.38 2.87 35.06
H362 MC3 RB . 32.04 1.32 34.30
H371 MC3 RB . 34.18 0.96 34.52
H372 MC3 RB . 33.76 0.47 36.14
H381 MC3 RB . 34.85 2.22 37.07
H382 MC3 RB . 34.37 3.34 35.82
H391 MC3 RB . 36.65 1.33 35.70
H392 MC3 RB . 36.05 2.22 34.30
H401 MC3 RB . 37.54 3.20 36.70
H402 MC3 RB . 36.46 4.29 35.85
H411 MC3 RB . 38.46 4.73 34.82
H412 MC3 RB . 37.77 3.55 33.73
H421 MC3 RB . 39.53 2.55 35.95
H422 MC3 RB . 40.29 3.37 34.60
CAA Y01 SB . 44.26 6.04 16.86
CBA Y01 SB . 43.67 6.17 18.34
CAB Y01 SB . 42.33 5.42 18.37
CAN Y01 SB . 44.69 5.63 19.39
CAJ Y01 SB . 44.08 5.67 20.81
CAO Y01 SB . 45.18 5.77 21.99
CBB Y01 SB . 45.87 7.19 22.23
CAC Y01 SB . 44.93 8.36 22.03
CBE Y01 SB . 46.41 7.22 23.64
CAP Y01 SB . 47.40 6.03 23.83
CAQ Y01 SB . 48.51 6.55 24.94
CBG Y01 SB . 47.87 7.99 25.35
CBI Y01 SB . 47.22 8.52 24.11
CAE Y01 SB . 48.23 8.96 23.03
CAU Y01 SB . 46.42 9.64 24.37
CAS Y01 SB . 47.13 10.83 25.37
CBF Y01 SB . 48.09 10.15 26.53
CBD Y01 SB . 48.82 8.79 25.86
CAK Y01 SB . 49.53 8.18 27.14
CAI Y01 SB . 50.14 9.12 27.82
CAZ Y01 SB . 50.03 10.14 27.81
CAV Y01 SB . 51.04 10.79 28.83
CBH Y01 SB . 49.17 10.94 27.08
CAD Y01 SB . 49.93 11.66 25.94
CAT Y01 SB . 48.45 12.08 28.08
CAR Y01 SB . 49.34 12.63 29.23
CBC Y01 SB . 50.84 12.28 29.07
OAW Y01 SB . 51.41 13.03 28.04
CAY Y01 SB . 51.63 14.44 28.36
OAG Y01 SB . 51.63 14.79 29.51
CAM Y01 SB . 51.87 15.47 27.22
CAL Y01 SB . 52.38 16.81 27.82
CAX Y01 SB . 53.80 16.67 28.38
OAH Y01 SB . 54.80 16.84 27.63
OAF Y01 SB . 53.97 16.40 29.59
HAA1 Y01 SB . 43.52 6.40 16.14
HAA2 Y01 SB . 45.18 6.64 16.78
HAA3 Y01 SB . 44.50 5.00 16.64
HBA Y01 SB . 43.48 7.23 18.56
HAB1 Y01 SB . 42.37 4.58 19.07
HAB2 Y01 SB . 41.54 6.10 18.69
HAB3 Y01 SB . 42.09 5.06 17.37
HAN1 Y01 SB . 45.58 6.26 19.39
HAN2 Y01 SB . 44.97 4.62 19.15
HAJ1 Y01 SB . 43.35 6.48 20.86
HAJ2 Y01 SB . 43.55 4.74 20.95
HAO1 Y01 SB . 44.71 5.45 22.92
HAO2 Y01 SB . 45.96 5.06 21.75
HBB Y01 SB . 46.70 7.28 21.55
HAC1 Y01 SB . 44.25 8.19 21.22
HAC2 Y01 SB . 45.51 9.23 21.77
HAC3 Y01 SB . 44.39 8.56 22.95
HBE Y01 SB . 45.59 7.07 24.33
HAP1 Y01 SB . 46.87 5.17 24.21
HAP2 Y01 SB . 47.92 5.80 22.91
HAQ1 Y01 SB . 49.49 6.67 24.49
HAQ2 Y01 SB . 48.56 5.90 25.80
HBG Y01 SB . 47.09 7.82 26.10
HBD Y01 SB . 49.60 9.03 25.12
HAE1 Y01 SB . 49.05 8.23 22.98
HAE2 Y01 SB . 48.63 9.94 23.28
HAE3 Y01 SB . 47.74 9.04 22.07
HAU1 Y01 SB . 45.46 9.33 24.80
HAU2 Y01 SB . 46.23 10.15 23.44
HAS1 Y01 SB . 46.33 11.36 25.86
HAS2 Y01 SB . 47.69 11.53 24.76
HBF Y01 SB . 47.45 9.85 27.34
HAK1 Y01 SB . 50.31 7.53 26.76
HAK2 Y01 SB . 48.73 7.82 27.78
HAI Y01 SB . 50.91 8.73 28.49
HAV1 Y01 SB . 50.78 10.34 29.79
HAV2 Y01 SB . 52.03 10.69 28.39
HBC Y01 SB . 51.33 12.52 29.99
HAD1 Y01 SB . 50.99 11.71 26.15
HAD2 Y01 SB . 49.54 12.68 25.85
HAD3 Y01 SB . 49.79 11.16 24.99
HAT1 Y01 SB . 47.58 11.62 28.55
HAT2 Y01 SB . 48.11 12.91 27.46
HAR1 Y01 SB . 48.99 12.21 30.17
HAR2 Y01 SB . 49.23 13.72 29.26
HAM1 Y01 SB . 50.93 15.63 26.68
HAM2 Y01 SB . 52.62 15.07 26.52
HAL1 Y01 SB . 52.39 17.58 27.06
HAL2 Y01 SB . 51.72 17.13 28.61
CAA Y01 TB . 42.46 11.79 19.52
CBA Y01 TB . 41.15 11.67 20.41
CAB Y01 TB . 40.28 10.59 19.75
CAN Y01 TB . 41.49 11.31 21.90
CAJ Y01 TB . 42.78 11.97 22.52
CAO Y01 TB . 42.64 13.42 23.20
CBB Y01 TB . 43.68 13.47 24.43
CAC Y01 TB . 45.02 12.97 23.86
CBE Y01 TB . 43.95 14.80 25.11
CAP Y01 TB . 42.72 15.76 25.06
CAQ Y01 TB . 42.58 16.44 26.56
CBG Y01 TB . 44.04 16.09 27.22
CBI Y01 TB . 44.43 14.75 26.64
CAE Y01 TB . 43.74 13.59 27.38
CAU Y01 TB . 45.80 14.53 26.80
CAS Y01 TB . 46.29 14.72 28.43
CBF Y01 TB . 45.58 16.03 29.12
CBD Y01 TB . 43.99 16.13 28.58
CAK Y01 TB . 43.52 17.49 29.27
CAI Y01 TB . 44.23 17.82 30.34
CAZ Y01 TB . 44.97 17.30 30.87
CAV Y01 TB . 45.65 18.00 32.10
CBH Y01 TB . 45.46 16.06 30.56
CAD Y01 TB . 44.50 15.01 31.15
CAT Y01 TB . 46.98 15.79 31.23
CAR Y01 TB . 47.87 17.06 31.40
CBC Y01 TB . 47.01 18.37 31.50
OAW Y01 TB . 47.72 19.32 32.25
CAY Y01 TB . 48.87 19.86 31.53
OAG Y01 TB . 49.08 19.52 30.40
CAM Y01 TB . 49.87 20.89 32.15
CAL Y01 TB . 50.64 20.36 33.39
CAX Y01 TB . 51.17 21.55 34.20
OAH Y01 TB . 50.42 22.13 35.03
OAF Y01 TB . 52.35 21.93 34.03
HAA1 Y01 TB . 42.17 11.89 18.47
HAA2 Y01 TB . 43.04 12.67 19.82
HAA3 Y01 TB . 43.06 10.88 19.64
HBA Y01 TB . 40.61 12.62 20.39
HAB1 Y01 TB . 39.32 11.01 19.47
HAB2 Y01 TB . 40.11 9.74 20.41
HAB3 Y01 TB . 40.79 10.22 18.85
HAN1 Y01 TB . 41.64 10.24 21.95
HAN2 Y01 TB . 40.62 11.55 22.50
HAJ1 Y01 TB . 43.57 12.02 21.77
HAJ2 Y01 TB . 43.09 11.31 23.30
HAO1 Y01 TB . 42.89 14.20 22.47
HAO2 Y01 TB . 41.64 13.57 23.55
HBB Y01 TB . 43.33 12.73 25.13
HAC1 Y01 TB . 45.06 11.91 23.92
HAC2 Y01 TB . 45.84 13.38 24.42
HAC3 Y01 TB . 45.10 13.28 22.83
HBE Y01 TB . 44.73 15.29 24.55
HAP1 Y01 TB . 42.89 16.54 24.34
HAP2 Y01 TB . 41.81 15.24 24.82
HAQ1 Y01 TB . 41.79 15.97 27.13
HAQ2 Y01 TB . 42.46 17.51 26.50
HBG Y01 TB . 44.76 16.85 26.89
HBD Y01 TB . 43.33 15.35 28.98
HAE1 Y01 TB . 42.67 13.69 27.25
HAE2 Y01 TB . 43.99 13.60 28.44
HAE3 Y01 TB . 44.08 12.63 26.99
HAU1 Y01 TB . 46.35 15.22 26.17
HAU2 Y01 TB . 46.05 13.51 26.51
HAS1 Y01 TB . 47.36 14.87 28.45
HAS2 Y01 TB . 46.01 13.84 29.01
HBF Y01 TB . 46.11 16.90 28.77
HAK1 Y01 TB . 42.51 17.29 29.64
HAK2 Y01 TB . 43.73 18.24 28.53
HAI Y01 TB . 43.97 18.82 30.73
HAV1 Y01 TB . 45.12 18.92 32.32
HAV2 Y01 TB . 45.82 17.24 32.86
HBC Y01 TB . 46.84 18.75 30.52
HAD1 Y01 TB . 44.83 14.71 32.15
HAD2 Y01 TB . 44.46 14.13 30.52
HAD3 Y01 TB . 43.50 15.44 31.25
HAT1 Y01 TB . 47.52 15.07 30.62
HAT2 Y01 TB . 46.86 15.34 32.21
HAR1 Y01 TB . 48.52 17.14 30.52
HAR2 Y01 TB . 48.48 16.96 32.29
HAM1 Y01 TB . 49.34 21.82 32.42
HAM2 Y01 TB . 50.61 21.13 31.39
HAL1 Y01 TB . 50.00 19.76 34.01
HAL2 Y01 TB . 51.48 19.78 33.07
C31 MC3 UB . 31.91 8.84 15.03
C32 MC3 UB . 32.23 9.98 16.01
C33 MC3 UB . 33.53 10.74 15.71
C34 MC3 UB . 34.30 11.06 16.97
C35 MC3 UB . 34.89 12.46 17.03
C36 MC3 UB . 35.55 12.75 18.37
C37 MC3 UB . 34.57 13.05 19.53
C38 MC3 UB . 35.18 13.67 20.78
C39 MC3 UB . 36.57 14.27 20.53
C40 MC3 UB . 37.14 15.21 21.59
C41 MC3 UB . 38.42 15.88 21.09
C42 MC3 UB . 39.63 15.58 21.97
C43 MC3 UB . 39.84 16.64 23.03
H321 MC3 UB . 32.29 9.56 17.00
H322 MC3 UB . 31.41 10.69 16.00
H331 MC3 UB . 33.27 11.66 15.19
H332 MC3 UB . 34.16 10.15 15.06
H341 MC3 UB . 35.11 10.36 17.07
H342 MC3 UB . 33.63 10.98 17.82
H351 MC3 UB . 35.64 12.56 16.26
H352 MC3 UB . 34.11 13.17 16.84
H361 MC3 UB . 36.21 13.57 18.18
H362 MC3 UB . 36.16 11.90 18.65
H371 MC3 UB . 34.12 12.11 19.83
H372 MC3 UB . 33.78 13.69 19.16
H381 MC3 UB . 35.24 12.90 21.53
H382 MC3 UB . 34.53 14.45 21.15
H391 MC3 UB . 36.52 14.86 19.63
H392 MC3 UB . 37.26 13.45 20.37
H401 MC3 UB . 37.36 14.64 22.48
H402 MC3 UB . 36.42 15.98 21.81
H411 MC3 UB . 38.63 15.54 20.08
H412 MC3 UB . 38.27 16.95 21.06
H421 MC3 UB . 40.53 15.51 21.37
H422 MC3 UB . 39.47 14.62 22.45
H431 MC3 UB . 39.64 17.62 22.60
H432 MC3 UB . 39.13 16.48 23.84
C31 MC3 VB . 14.94 25.79 30.16
C32 MC3 VB . 15.62 26.75 31.12
C33 MC3 VB . 17.11 26.53 31.26
C34 MC3 VB . 17.89 27.83 31.09
C35 MC3 VB . 19.38 27.64 30.81
C36 MC3 VB . 20.10 26.77 31.80
C37 MC3 VB . 21.62 26.70 31.62
C38 MC3 VB . 22.23 27.70 30.65
C39 MC3 VB . 23.74 27.55 30.67
C40 MC3 VB . 24.49 28.87 30.62
H321 MC3 VB . 15.15 26.64 32.10
H322 MC3 VB . 15.44 27.76 30.77
H331 MC3 VB . 17.31 26.15 32.26
H332 MC3 VB . 17.45 25.81 30.53
H341 MC3 VB . 17.77 28.41 31.99
H342 MC3 VB . 17.46 28.36 30.25
H351 MC3 VB . 19.83 28.63 30.84
H352 MC3 VB . 19.50 27.22 29.82
H361 MC3 VB . 19.90 27.13 32.81
H362 MC3 VB . 19.71 25.77 31.69
H371 MC3 VB . 22.08 26.87 32.59
H372 MC3 VB . 21.89 25.70 31.30
H381 MC3 VB . 21.84 27.50 29.66
H382 MC3 VB . 21.97 28.70 30.96
H391 MC3 VB . 24.03 27.04 31.57
H392 MC3 VB . 24.03 26.94 29.81
H401 MC3 VB . 25.54 28.64 30.51
H402 MC3 VB . 24.15 29.41 29.74
C4 LHG WB . 12.47 21.08 32.94
C5 LHG WB . 13.78 20.47 32.43
C6 LHG WB . 13.63 19.93 31.02
O7 LHG WB . 14.77 21.48 32.42
C7 LHG WB . 15.73 21.30 33.38
O9 LHG WB . 15.53 20.67 34.39
C8 LHG WB . 17.03 21.93 32.98
C9 LHG WB . 17.84 22.25 34.21
C10 LHG WB . 19.25 21.74 34.07
O8 LHG WB . 13.46 21.09 30.24
C23 LHG WB . 12.42 21.07 29.37
O10 LHG WB . 11.28 20.99 29.80
C24 LHG WB . 12.69 20.81 27.90
C11 LHG WB . 19.93 22.80 33.30
C12 LHG WB . 21.06 22.22 32.54
C13 LHG WB . 22.30 22.97 32.83
C14 LHG WB . 23.47 22.18 32.38
C15 LHG WB . 24.55 23.11 31.92
C16 LHG WB . 25.53 23.38 32.99
C17 LHG WB . 26.93 23.35 32.43
C18 LHG WB . 27.72 24.41 33.14
C19 LHG WB . 27.52 24.47 34.62
C20 LHG WB . 28.69 25.30 35.12
C21 LHG WB . 28.23 26.61 35.67
C22 LHG WB . 29.45 27.32 36.20
C25 LHG WB . 13.86 21.58 27.32
C26 LHG WB . 14.16 22.91 27.93
C27 LHG WB . 15.50 23.20 27.39
C28 LHG WB . 16.66 22.52 28.09
C29 LHG WB . 17.79 23.52 28.20
C30 LHG WB . 19.13 23.09 27.70
C31 LHG WB . 20.27 23.31 28.64
C32 LHG WB . 21.62 23.54 27.98
C33 LHG WB . 22.44 22.31 28.10
C34 LHG WB . 23.86 22.49 27.74
C35 LHG WB . 24.30 21.53 26.69
C36 LHG WB . 23.97 22.10 25.36
C37 LHG WB . 24.13 20.96 24.40
C38 LHG WB . 24.49 21.33 23.01
HC5 LHG WB . 13.95 19.72 33.00
HC61 LHG WB . 12.87 19.35 31.01
HC62 LHG WB . 14.37 19.37 30.82
HC81 LHG WB . 16.94 22.74 32.43
HC82 LHG WB . 17.56 21.32 32.47
HC91 LHG WB . 17.43 21.83 34.97
HC92 LHG WB . 17.83 23.20 34.38
H101 LHG WB . 19.27 20.90 33.63
H102 LHG WB . 19.66 21.61 34.91
H241 LHG WB . 11.92 20.98 27.35
H242 LHG WB . 12.84 19.92 27.74
H111 LHG WB . 20.25 23.46 33.90
H112 LHG WB . 19.31 23.22 32.70
H121 LHG WB . 20.86 22.23 31.63
H122 LHG WB . 21.18 21.35 32.80
H131 LHG WB . 22.35 23.11 33.76
H132 LHG WB . 22.29 23.79 32.39
H141 LHG WB . 23.20 21.64 31.66
H142 LHG WB . 23.77 21.60 33.08
H151 LHG WB . 24.17 23.92 31.64
H152 LHG WB . 24.98 22.73 31.17
H161 LHG WB . 25.44 22.75 33.67
H162 LHG WB . 25.35 24.20 33.36
H171 LHG WB . 26.92 23.49 31.49
H172 LHG WB . 27.32 22.50 32.55
H181 LHG WB . 27.53 25.28 32.76
H182 LHG WB . 28.66 24.26 32.97
H191 LHG WB . 27.52 23.61 35.01
H192 LHG WB . 26.68 24.87 34.86
H201 LHG WB . 29.34 25.48 34.46
H202 LHG WB . 29.15 24.84 35.80
H211 LHG WB . 27.60 26.53 36.39
H212 LHG WB . 27.84 27.18 34.99
H221 LHG WB . 29.15 28.12 36.65
H222 LHG WB . 30.04 27.57 35.48
H223 LHG WB . 29.90 26.78 36.84
H251 LHG WB . 13.68 21.74 26.41
H252 LHG WB . 14.62 21.01 27.37
H261 LHG WB . 14.17 22.90 28.87
H262 LHG WB . 13.53 23.56 27.67
H271 LHG WB . 15.61 24.13 27.38
H272 LHG WB . 15.51 22.89 26.47
H281 LHG WB . 16.94 21.77 27.56
H282 LHG WB . 16.41 22.18 28.95
H291 LHG WB . 17.89 23.67 29.12
H292 LHG WB . 17.58 24.36 27.81
H301 LHG WB . 19.30 23.55 26.91
H302 LHG WB . 19.08 22.18 27.47
H311 LHG WB . 20.31 22.61 29.27
H312 LHG WB . 20.06 24.10 29.14
H321 LHG WB . 22.07 24.31 28.35
H322 LHG WB . 21.48 23.71 27.07
H331 LHG WB . 22.09 21.70 27.50
H332 LHG WB . 22.35 21.95 28.96
H341 LHG WB . 24.43 22.42 28.50
H342 LHG WB . 23.98 23.36 27.38
H351 LHG WB . 23.87 20.71 26.79
H352 LHG WB . 25.21 21.36 26.77
H361 LHG WB . 24.55 22.81 25.15
H362 LHG WB . 23.09 22.42 25.34
H371 LHG WB . 23.37 20.43 24.35
H372 LHG WB . 24.82 20.44 24.72
H381 LHG WB . 25.29 20.86 22.82
H382 LHG WB . 24.71 22.26 22.93
H383 LHG WB . 23.82 21.09 22.39
C31 MC3 XB . 24.46 -24.67 22.14
C32 MC3 XB . 25.64 -25.62 22.35
C33 MC3 XB . 25.95 -26.01 23.79
C34 MC3 XB . 27.19 -26.88 23.81
C35 MC3 XB . 28.02 -26.89 25.09
C36 MC3 XB . 29.48 -27.20 24.75
C37 MC3 XB . 30.17 -25.96 24.18
C38 MC3 XB . 30.78 -26.13 22.79
C39 MC3 XB . 31.70 -24.98 22.42
C40 MC3 XB . 33.10 -25.07 23.00
C41 MC3 XB . 33.81 -23.72 23.00
C42 MC3 XB . 35.31 -23.86 23.22
C43 MC3 XB . 35.69 -23.42 24.64
C44 MC3 XB . 37.17 -23.59 24.94
H321 MC3 XB . 26.52 -25.17 21.92
H322 MC3 XB . 25.43 -26.53 21.80
H331 MC3 XB . 25.12 -26.58 24.21
H332 MC3 XB . 26.13 -25.11 24.37
H341 MC3 XB . 26.90 -27.89 23.59
H342 MC3 XB . 27.84 -26.52 23.02
H351 MC3 XB . 27.96 -25.92 25.57
H352 MC3 XB . 27.65 -27.65 25.75
H361 MC3 XB . 30.00 -27.52 25.64
H362 MC3 XB . 29.50 -28.00 24.01
H371 MC3 XB . 29.44 -25.17 24.14
H372 MC3 XB . 30.94 -25.68 24.89
H381 MC3 XB . 31.34 -27.06 22.74
H382 MC3 XB . 30.00 -26.17 22.06
H391 MC3 XB . 31.76 -24.93 21.35
H392 MC3 XB . 31.27 -24.07 22.77
H401 MC3 XB . 33.69 -25.75 22.41
H402 MC3 XB . 33.04 -25.44 24.03
H411 MC3 XB . 33.64 -23.26 22.03
H412 MC3 XB . 33.40 -23.09 23.77
H421 MC3 XB . 35.59 -24.90 23.08
H422 MC3 XB . 35.84 -23.24 22.50
H431 MC3 XB . 35.45 -22.37 24.74
H432 MC3 XB . 35.11 -23.99 25.36
H441 MC3 XB . 37.50 -22.75 25.55
H442 MC3 XB . 37.74 -23.61 24.02
H443 MC3 XB . 37.33 -24.51 25.50
C33 MC3 YB . 27.47 -23.42 13.63
C34 MC3 YB . 28.55 -24.11 14.44
C35 MC3 YB . 29.63 -23.18 14.95
C36 MC3 YB . 30.57 -23.81 15.97
C37 MC3 YB . 31.84 -24.34 15.31
C38 MC3 YB . 32.68 -23.24 14.65
C39 MC3 YB . 34.03 -22.95 15.27
C40 MC3 YB . 34.75 -21.86 14.48
C41 MC3 YB . 36.06 -21.38 15.11
H331 MC3 YB . 27.64 -22.34 13.64
H332 MC3 YB . 26.50 -23.64 14.06
H341 MC3 YB . 28.08 -24.64 15.26
H342 MC3 YB . 29.02 -24.85 13.79
H351 MC3 YB . 30.22 -22.87 14.10
H352 MC3 YB . 29.18 -22.32 15.40
H361 MC3 YB . 30.84 -23.05 16.68
H362 MC3 YB . 30.05 -24.59 16.48
H371 MC3 YB . 31.55 -25.07 14.57
H372 MC3 YB . 32.44 -24.85 16.05
H381 MC3 YB . 32.12 -22.33 14.66
H382 MC3 YB . 32.84 -23.50 13.62
H391 MC3 YB . 33.90 -22.60 16.27
H392 MC3 YB . 34.62 -23.85 15.27
H401 MC3 YB . 34.09 -21.01 14.41
H402 MC3 YB . 34.94 -22.24 13.49
H411 MC3 YB . 35.90 -20.38 15.47
H412 MC3 YB . 36.81 -21.32 14.34
C35 MC3 ZB . 34.00 -26.80 18.40
C36 MC3 ZB . 35.20 -26.41 17.55
C37 MC3 ZB . 36.17 -25.53 18.32
C38 MC3 ZB . 37.05 -24.71 17.39
C39 MC3 ZB . 37.61 -23.47 18.07
C40 MC3 ZB . 38.69 -23.84 19.08
C41 MC3 ZB . 40.04 -24.08 18.43
C42 MC3 ZB . 41.03 -24.73 19.39
C43 MC3 ZB . 41.78 -23.71 20.23
C44 MC3 ZB . 42.97 -23.12 19.47
H351 MC3 ZB . 33.30 -25.98 18.42
H352 MC3 ZB . 34.36 -26.98 19.41
H361 MC3 ZB . 35.72 -27.30 17.22
H362 MC3 ZB . 34.87 -25.88 16.66
H371 MC3 ZB . 36.81 -26.17 18.91
H372 MC3 ZB . 35.62 -24.87 18.98
H381 MC3 ZB . 37.88 -25.34 17.08
H382 MC3 ZB . 36.48 -24.42 16.51
H391 MC3 ZB . 36.82 -22.95 18.60
H392 MC3 ZB . 38.01 -22.80 17.32
H401 MC3 ZB . 38.78 -23.04 19.79
H402 MC3 ZB . 38.38 -24.73 19.60
H411 MC3 ZB . 40.45 -23.12 18.12
H412 MC3 ZB . 39.93 -24.70 17.55
H421 MC3 ZB . 41.75 -25.32 18.83
H422 MC3 ZB . 40.48 -25.39 20.06
H431 MC3 ZB . 41.11 -22.90 20.47
H432 MC3 ZB . 42.12 -24.18 21.15
H441 MC3 ZB . 43.02 -23.54 18.47
H442 MC3 ZB . 43.90 -23.34 19.99
H443 MC3 ZB . 42.85 -22.05 19.39
C35 MC3 AC . 39.98 -20.45 16.89
C36 MC3 AC . 40.64 -19.11 16.55
C37 MC3 AC . 42.10 -19.21 16.12
C38 MC3 AC . 43.12 -18.84 17.20
C39 MC3 AC . 44.30 -18.03 16.64
C40 MC3 AC . 45.20 -17.47 17.75
C41 MC3 AC . 45.97 -16.22 17.35
C42 MC3 AC . 47.25 -16.50 16.58
H351 MC3 AC . 40.72 -21.13 17.29
H352 MC3 AC . 39.54 -20.86 16.00
H361 MC3 AC . 40.54 -18.44 17.39
H362 MC3 AC . 40.09 -18.71 15.72
H371 MC3 AC . 42.23 -18.52 15.31
H372 MC3 AC . 42.31 -20.20 15.76
H381 MC3 AC . 43.50 -19.76 17.63
H382 MC3 AC . 42.64 -18.28 17.98
H391 MC3 AC . 44.89 -18.64 15.99
H392 MC3 AC . 43.89 -17.18 16.08
H401 MC3 AC . 45.93 -18.23 18.00
H402 MC3 AC . 44.58 -17.26 18.61
H411 MC3 AC . 46.21 -15.67 18.25
H412 MC3 AC . 45.31 -15.59 16.76
H421 MC3 AC . 47.67 -17.45 16.88
H422 MC3 AC . 47.98 -15.72 16.80
CAA Y01 BC . 46.78 1.11 9.52
CBA Y01 BC . 46.60 -0.18 10.46
CAB Y01 BC . 45.38 -0.95 9.97
CAN Y01 BC . 47.91 -1.04 10.45
CAJ Y01 BC . 47.70 -2.35 11.27
CAO Y01 BC . 49.08 -2.95 11.86
CBB Y01 BC . 49.74 -2.23 13.12
CAC Y01 BC . 48.71 -1.69 14.10
CBE Y01 BC . 50.63 -3.22 13.82
CAP Y01 BC . 51.71 -3.73 12.81
CAQ Y01 BC . 53.05 -4.07 13.72
CBG Y01 BC . 52.46 -3.81 15.21
CBI Y01 BC . 51.46 -2.70 15.09
CAE Y01 BC . 52.12 -1.34 14.81
CAU Y01 BC . 50.70 -2.54 16.25
CAS Y01 BC . 51.60 -2.55 17.71
CBF Y01 BC . 52.87 -3.59 17.65
CBD Y01 BC . 53.47 -3.56 16.06
CAK Y01 BC . 54.53 -4.74 16.14
CAI Y01 BC . 55.25 -4.63 17.22
CAZ Y01 BC . 55.09 -4.12 18.11
CAV Y01 BC . 56.30 -4.34 19.08
CBH Y01 BC . 54.02 -3.35 18.48
CAD Y01 BC . 54.39 -1.84 18.44
CAT Y01 BC . 53.54 -3.73 20.05
CAR Y01 BC . 54.67 -4.15 21.02
CBC Y01 BC . 56.09 -3.80 20.49
OAW Y01 BC . 56.31 -2.43 20.55
CAY Y01 BC . 56.54 -1.91 21.88
OAG Y01 BC . 56.82 -2.65 22.79
CAM Y01 BC . 56.40 -0.37 22.16
CAL Y01 BC . 56.97 -0.02 23.56
CAX Y01 BC . 58.50 -0.18 23.58
OAH Y01 BC . 59.24 0.78 23.24
OAF Y01 BC . 59.01 -1.26 23.95
HAA1 Y01 BC . 45.85 1.68 9.52
HAA2 Y01 BC . 47.60 1.72 9.90
HAA3 Y01 BC . 47.00 0.81 8.50
HBA Y01 BC . 46.43 0.14 11.49
HAB1 Y01 BC . 45.66 -1.94 9.61
HAB2 Y01 BC . 44.67 -1.05 10.79
HAB3 Y01 BC . 44.89 -0.39 9.16
HAN1 Y01 BC . 48.73 -0.48 10.89
HAN2 Y01 BC . 48.17 -1.32 9.43
HAJ1 Y01 BC . 46.98 -2.16 12.05
HAJ2 Y01 BC . 47.29 -3.07 10.60
HAO1 Y01 BC . 48.91 -4.00 12.11
HAO2 Y01 BC . 49.81 -2.93 11.04
HBB Y01 BC . 50.33 -1.41 12.77
HAC1 Y01 BC . 47.84 -1.32 13.60
HAC2 Y01 BC . 49.14 -0.88 14.66
HAC3 Y01 BC . 48.43 -2.49 14.80
HBE Y01 BC . 50.04 -4.06 14.13
HAP1 Y01 BC . 51.35 -4.63 12.32
HAP2 Y01 BC . 51.96 -2.97 12.09
HAQ1 Y01 BC . 53.85 -3.38 13.50
HAQ2 Y01 BC . 53.37 -5.10 13.60
HBG Y01 BC . 51.93 -4.71 15.53
HBD Y01 BC . 54.00 -2.63 15.80
HAE1 Y01 BC . 52.93 -1.44 14.08
HAE2 Y01 BC . 52.51 -0.92 15.73
HAE3 Y01 BC . 51.38 -0.64 14.43
HAU1 Y01 BC . 49.92 -3.30 16.30
HAU2 Y01 BC . 50.24 -1.56 16.22
HAS1 Y01 BC . 50.93 -2.87 18.49
HAS2 Y01 BC . 51.93 -1.53 17.94
HBF Y01 BC . 52.49 -4.57 17.87
HAK1 Y01 BC . 55.21 -4.56 15.32
HAK2 Y01 BC . 53.97 -5.65 16.24
HAI Y01 BC . 56.20 -5.19 17.17
HAV1 Y01 BC . 56.34 -5.43 19.22
HAV2 Y01 BC . 57.14 -3.78 18.68
HBC Y01 BC . 56.80 -4.30 21.12
HAD1 Y01 BC . 55.47 -1.70 18.48
HAD2 Y01 BC . 53.93 -1.33 19.30
HAD3 Y01 BC . 54.03 -1.36 17.54
HAT1 Y01 BC . 52.85 -4.58 19.99
HAT2 Y01 BC . 53.00 -2.89 20.47
HAR1 Y01 BC . 54.62 -5.23 21.18
HAR2 Y01 BC . 54.52 -3.64 21.97
HAM1 Y01 BC . 55.34 -0.10 22.11
HAM2 Y01 BC . 56.94 0.18 21.38
HAL1 Y01 BC . 56.73 1.00 23.81
HAL2 Y01 BC . 56.54 -0.67 24.29
CAA Y01 CC . 45.46 1.48 15.96
CBA Y01 CC . 44.45 0.35 16.45
CAB Y01 CC . 43.49 0.09 15.27
CAN Y01 CC . 45.20 -0.96 16.88
CAJ Y01 CC . 46.57 -0.77 17.64
CAO Y01 CC . 46.56 -0.60 19.24
CBB Y01 CC . 47.88 -1.31 19.80
CAC Y01 CC . 49.03 -0.75 18.97
CBE Y01 CC . 48.25 -1.08 21.26
CAP Y01 CC . 47.00 -0.87 22.18
CAQ Y01 CC . 47.24 -1.77 23.54
CBG Y01 CC . 48.84 -2.10 23.45
CBI Y01 CC . 49.13 -2.24 21.97
CAE Y01 CC . 48.74 -3.62 21.43
CAU Y01 CC . 50.51 -2.12 21.73
CAS Y01 CC . 51.41 -3.21 22.69
CBF Y01 CC . 50.85 -3.27 24.22
CBD Y01 CC . 49.16 -3.20 24.19
CAK Y01 CC . 48.83 -3.18 25.75
CAI Y01 CC . 49.78 -3.68 26.51
CAZ Y01 CC . 50.67 -4.18 26.27
CAV Y01 CC . 51.61 -4.64 27.42
CBH Y01 CC . 51.12 -4.46 25.01
CAD Y01 CC . 50.42 -5.74 24.51
CAT Y01 CC . 52.79 -4.74 24.96
CAR Y01 CC . 53.61 -3.98 26.05
CBC Y01 CC . 52.74 -3.62 27.31
OAW Y01 CC . 53.57 -3.53 28.44
CAY Y01 CC . 54.45 -2.37 28.41
OAG Y01 CC . 54.36 -1.58 27.51
CAM Y01 CC . 55.52 -2.07 29.51
CAL Y01 CC . 56.64 -3.15 29.62
CAX Y01 CC . 57.30 -3.04 30.99
OAH Y01 CC . 56.77 -3.61 32.00
OAF Y01 CC . 58.36 -2.40 31.12
HAA1 Y01 CC . 44.89 2.31 15.54
HAA2 Y01 CC . 46.06 1.85 16.80
HAA3 Y01 CC . 46.11 1.07 15.20
HBA Y01 CC . 43.87 0.72 17.30
HAB1 Y01 CC . 42.48 0.30 15.58
HAB2 Y01 CC . 43.56 -0.93 14.92
HAB3 Y01 CC . 43.75 0.76 14.45
HAN1 Y01 CC . 45.42 -1.52 15.99
HAN2 Y01 CC . 44.52 -1.55 17.48
HAJ1 Y01 CC . 47.12 0.07 17.21
HAJ2 Y01 CC . 47.12 -1.67 17.44
HAO1 Y01 CC . 46.54 0.45 19.49
HAO2 Y01 CC . 45.67 -1.08 19.64
HBB Y01 CC . 47.77 -2.35 19.58
HAC1 Y01 CC . 49.14 -1.34 18.09
HAC2 Y01 CC . 49.96 -0.78 19.52
HAC3 Y01 CC . 48.82 0.27 18.68
HBE Y01 CC . 48.81 -0.17 21.32
HAP1 Y01 CC . 46.93 0.17 22.44
HAP2 Y01 CC . 46.09 -1.19 21.71
HAQ1 Y01 CC . 46.66 -2.69 23.52
HAQ2 Y01 CC . 47.05 -1.19 24.43
HBG Y01 CC . 49.39 -1.25 23.85
HBD Y01 CC . 48.68 -4.10 23.79
HAE1 Y01 CC . 47.67 -3.74 21.55
HAE2 Y01 CC . 49.27 -4.41 21.96
HAE3 Y01 CC . 49.02 -3.72 20.38
HAU1 Y01 CC . 50.82 -1.09 21.94
HAU2 Y01 CC . 50.73 -2.35 20.69
HAS1 Y01 CC . 52.43 -2.87 22.72
HAS2 Y01 CC . 51.35 -4.22 22.27
HBF Y01 CC . 51.21 -2.40 24.73
HAK1 Y01 CC . 47.97 -3.84 25.86
HAK2 Y01 CC . 48.78 -2.12 25.98
HAI Y01 CC . 49.58 -3.54 27.59
HAV1 Y01 CC . 51.12 -4.49 28.39
HAV2 Y01 CC . 52.03 -5.61 27.16
HBC Y01 CC . 52.29 -2.65 27.14
HAD1 Y01 CC . 51.03 -6.61 24.74
HAD2 Y01 CC . 50.26 -5.69 23.43
HAD3 Y01 CC . 49.47 -5.86 25.03
HAT1 Y01 CC . 53.18 -4.48 23.98
HAT2 Y01 CC . 52.96 -5.81 25.11
HAR1 Y01 CC . 53.99 -3.07 25.61
HAR2 Y01 CC . 54.44 -4.60 26.37
HAM1 Y01 CC . 55.03 -1.93 30.48
HAM2 Y01 CC . 56.00 -1.13 29.25
HAL1 Y01 CC . 56.23 -4.14 29.49
HAL2 Y01 CC . 57.38 -2.97 28.87
C31 MC3 DC . 34.27 0.81 12.17
C32 MC3 DC . 34.77 0.70 13.61
C33 MC3 DC . 35.89 1.68 13.97
C34 MC3 DC . 36.97 1.03 14.83
C35 MC3 DC . 37.46 1.87 15.99
C36 MC3 DC . 38.46 1.10 16.86
C37 MC3 DC . 37.81 0.06 17.81
C38 MC3 DC . 38.71 -0.46 18.93
C39 MC3 DC . 39.94 0.41 19.17
C40 MC3 DC . 40.72 0.19 20.45
C41 MC3 DC . 41.78 1.29 20.64
C42 MC3 DC . 43.20 0.73 20.73
C43 MC3 DC . 43.64 0.48 22.17
H321 MC3 DC . 35.13 -0.31 13.76
H322 MC3 DC . 33.94 0.86 14.29
H331 MC3 DC . 35.46 2.51 14.52
H332 MC3 DC . 36.35 2.07 13.08
H341 MC3 DC . 37.81 0.79 14.20
H342 MC3 DC . 36.56 0.12 15.25
H351 MC3 DC . 37.98 2.74 15.61
H352 MC3 DC . 36.62 2.19 16.57
H361 MC3 DC . 38.99 1.86 17.41
H362 MC3 DC . 39.16 0.59 16.23
H371 MC3 DC . 37.51 -0.79 17.21
H372 MC3 DC . 36.91 0.49 18.23
H381 MC3 DC . 39.02 -1.46 18.66
H382 MC3 DC . 38.14 -0.53 19.85
H391 MC3 DC . 39.61 1.44 19.22
H392 MC3 DC . 40.60 0.30 18.33
H401 MC3 DC . 41.21 -0.77 20.42
H402 MC3 DC . 40.05 0.22 21.30
H411 MC3 DC . 41.72 1.98 19.81
H412 MC3 DC . 41.57 1.83 21.56
H421 MC3 DC . 43.91 1.41 20.27
H422 MC3 DC . 43.23 -0.20 20.18
H431 MC3 DC . 43.26 1.29 22.79
H432 MC3 DC . 43.18 -0.45 22.52
C31 MC3 EC . 21.17 -7.05 36.06
C32 MC3 EC . 22.02 -7.16 37.32
C33 MC3 EC . 23.51 -6.99 37.05
C34 MC3 EC . 24.14 -5.97 37.98
C35 MC3 EC . 25.50 -5.45 37.54
C36 MC3 EC . 26.52 -6.52 37.24
C37 MC3 EC . 27.93 -6.01 36.93
C38 MC3 EC . 28.18 -4.55 37.23
C39 MC3 EC . 29.65 -4.23 36.96
C40 MC3 EC . 30.28 -3.31 37.97
H321 MC3 EC . 21.85 -8.13 37.77
H322 MC3 EC . 21.69 -6.39 38.00
H331 MC3 EC . 23.99 -7.95 37.21
H332 MC3 EC . 23.68 -6.68 36.02
H341 MC3 EC . 24.24 -6.42 38.95
H342 MC3 EC . 23.46 -5.12 38.05
H351 MC3 EC . 25.88 -4.84 38.36
H352 MC3 EC . 25.37 -4.84 36.65
H361 MC3 EC . 26.58 -7.19 38.08
H362 MC3 EC . 26.17 -7.06 36.36
H371 MC3 EC . 28.62 -6.58 37.54
H372 MC3 EC . 28.15 -6.20 35.88
H381 MC3 EC . 27.55 -3.94 36.59
H382 MC3 EC . 27.97 -4.34 38.26
H391 MC3 EC . 30.20 -5.16 36.96
H392 MC3 EC . 29.73 -3.77 35.97
H401 MC3 EC . 31.28 -3.06 37.63
H402 MC3 EC . 29.69 -2.40 38.02
C4 LHG FC . 19.83 -12.41 33.73
C5 LHG FC . 20.97 -11.98 32.81
C6 LHG FC . 20.46 -11.16 31.65
O7 LHG FC . 21.86 -11.19 33.58
C7 LHG FC . 23.06 -11.80 33.83
O9 LHG FC . 23.18 -13.01 33.83
C8 LHG FC . 24.16 -10.80 34.03
C9 LHG FC . 25.25 -11.43 34.85
C10 LHG FC . 26.61 -11.21 34.21
O8 LHG FC . 20.03 -9.96 32.24
C23 LHG FC . 18.79 -9.55 31.88
O10 LHG FC . 17.83 -10.24 32.14
C24 LHG FC . 18.66 -8.41 30.88
C11 LHG FC . 26.98 -9.85 34.65
C12 LHG FC . 27.90 -9.25 33.65
C13 LHG FC . 29.12 -8.77 34.32
C14 LHG FC . 30.17 -8.51 33.30
C15 LHG FC . 31.02 -7.36 33.75
C16 LHG FC . 32.24 -7.84 34.43
C17 LHG FC . 33.43 -7.03 33.98
C18 LHG FC . 34.33 -6.84 35.18
C19 LHG FC . 34.53 -8.06 36.01
C20 LHG FC . 35.74 -7.73 36.86
C21 LHG FC . 35.38 -7.60 38.30
C22 LHG FC . 36.65 -7.34 39.06
C25 LHG FC . 19.58 -7.24 31.12
C26 LHG FC . 19.97 -6.96 32.53
C27 LHG FC . 21.08 -6.01 32.36
C28 LHG FC . 22.42 -6.63 32.05
C29 LHG FC . 23.48 -5.91 32.83
C30 LHG FC . 24.66 -5.38 32.09
C31 LHG FC . 26.01 -5.72 32.64
C32 LHG FC . 27.11 -4.71 32.38
C33 LHG FC . 27.99 -5.23 31.31
C34 LHG FC . 29.26 -4.48 31.12
C35 LHG FC . 29.44 -4.01 29.73
C36 LHG FC . 28.73 -2.72 29.55
C37 LHG FC . 28.68 -2.49 28.08
C38 LHG FC . 28.62 -1.08 27.63
HC5 LHG FC . 21.33 -12.79 32.46
HC61 LHG FC . 19.76 -11.65 31.22
HC62 LHG FC . 21.16 -11.10 30.99
HC81 LHG FC . 23.89 -9.97 34.44
HC82 LHG FC . 24.56 -10.58 33.19
HC91 LHG FC . 25.09 -12.37 34.93
HC92 LHG FC . 25.24 -11.08 35.74
H101 LHG FC . 26.55 -11.27 33.27
H102 LHG FC . 27.24 -11.85 34.50
H241 LHG FC . 17.77 -8.08 30.82
H242 LHG FC . 18.81 -8.70 30.02
H111 LHG FC . 27.42 -9.91 35.49
H112 LHG FC . 26.19 -9.31 34.76
H121 LHG FC . 27.45 -8.56 33.21
H122 LHG FC . 28.13 -9.88 33.04
H131 LHG FC . 29.42 -9.43 34.92
H132 LHG FC . 28.95 -7.97 34.79
H141 LHG FC . 29.74 -8.27 32.50
H142 LHG FC . 30.67 -9.31 33.14
H151 LHG FC . 30.54 -6.80 34.32
H152 LHG FC . 31.25 -6.85 33.00
H161 LHG FC . 32.38 -8.73 34.27
H162 LHG FC . 32.13 -7.74 35.34
H171 LHG FC . 33.16 -6.19 33.63
H172 LHG FC . 33.89 -7.46 33.27
H181 LHG FC . 33.99 -6.12 35.73
H182 LHG FC . 35.19 -6.53 34.87
H191 LHG FC . 34.70 -8.82 35.48
H192 LHG FC . 33.77 -8.27 36.56
H201 LHG FC . 36.19 -6.93 36.61
H202 LHG FC . 36.41 -8.40 36.78
H211 LHG FC . 34.99 -8.40 38.66
H212 LHG FC . 34.80 -6.85 38.48
H221 LHG FC . 36.46 -7.37 40.00
H222 LHG FC . 37.02 -6.48 38.85
H223 LHG FC . 37.31 -8.03 38.89
H251 LHG FC . 19.16 -6.46 30.80
H252 LHG FC . 20.36 -7.36 30.58
H261 LHG FC . 20.23 -7.72 33.00
H262 LHG FC . 19.26 -6.56 33.01
H271 LHG FC . 21.14 -5.50 33.15
H272 LHG FC . 20.86 -5.42 31.64
H281 LHG FC . 22.59 -6.51 31.11
H282 LHG FC . 22.45 -7.56 32.22
H291 LHG FC . 23.83 -6.54 33.44
H292 LHG FC . 23.13 -5.21 33.37
H301 LHG FC . 24.59 -4.45 32.05
H302 LHG FC . 24.61 -5.66 31.20
H311 LHG FC . 26.26 -6.59 32.37
H312 LHG FC . 25.89 -5.76 33.59
H321 LHG FC . 27.59 -4.49 33.17
H322 LHG FC . 26.71 -3.91 32.06
H331 LHG FC . 27.53 -5.16 30.51
H332 LHG FC . 28.17 -6.14 31.44
H341 LHG FC . 30.01 -4.98 31.41
H342 LHG FC . 29.22 -3.70 31.67
H351 LHG FC . 29.10 -4.63 29.12
H352 LHG FC . 30.34 -3.92 29.54
H361 LHG FC . 29.18 -2.02 29.99
H362 LHG FC . 27.85 -2.76 29.90
H371 LHG FC . 27.97 -2.93 27.67
H372 LHG FC . 29.46 -2.85 27.73
H381 LHG FC . 29.36 -0.96 27.07
H382 LHG FC . 28.76 -0.48 28.37
H383 LHG FC . 27.82 -0.87 27.18
C31 MC3 GC . 30.95 -24.45 -11.93
C32 MC3 GC . 32.20 -24.80 -12.75
C33 MC3 GC . 32.91 -26.10 -12.34
C34 MC3 GC . 34.16 -26.24 -13.21
C35 MC3 GC . 35.31 -27.07 -12.63
C36 MC3 GC . 36.62 -26.57 -13.22
C37 MC3 GC . 37.07 -25.29 -12.52
C38 MC3 GC . 37.28 -24.09 -13.45
C39 MC3 GC . 37.99 -22.94 -12.74
C40 MC3 GC . 39.51 -23.10 -12.65
C41 MC3 GC . 40.12 -22.20 -11.58
C42 MC3 GC . 41.62 -22.06 -11.74
C43 MC3 GC . 42.34 -22.87 -10.67
C44 MC3 GC . 43.86 -22.82 -10.80
H321 MC3 GC . 32.90 -23.99 -12.67
H322 MC3 GC . 31.89 -24.90 -13.78
H331 MC3 GC . 32.26 -26.95 -12.53
H332 MC3 GC . 33.18 -26.05 -11.30
H341 MC3 GC . 33.86 -26.67 -14.15
H342 MC3 GC . 34.54 -25.24 -13.37
H351 MC3 GC . 35.33 -26.97 -11.56
H352 MC3 GC . 35.17 -28.10 -12.90
H361 MC3 GC . 37.39 -27.33 -13.08
H362 MC3 GC . 36.49 -26.38 -14.27
H371 MC3 GC . 36.31 -25.02 -11.79
H372 MC3 GC . 37.98 -25.50 -11.99
H381 MC3 GC . 37.86 -24.39 -14.31
H382 MC3 GC . 36.32 -23.71 -13.78
H391 MC3 GC . 37.76 -22.02 -13.26
H392 MC3 GC . 37.62 -22.86 -11.75
H401 MC3 GC . 39.95 -22.82 -13.60
H402 MC3 GC . 39.75 -24.12 -12.43
H411 MC3 GC . 39.66 -21.22 -11.68
H412 MC3 GC . 39.89 -22.60 -10.60
H421 MC3 GC . 41.90 -22.41 -12.72
H422 MC3 GC . 41.89 -21.01 -11.64
H431 MC3 GC . 42.08 -22.47 -9.70
H432 MC3 GC . 42.02 -23.90 -10.71
H441 MC3 GC . 44.30 -22.80 -9.81
H442 MC3 GC . 44.15 -21.94 -11.35
H443 MC3 GC . 44.22 -23.71 -11.30
C33 MC3 HC . 31.43 -16.10 -15.56
C34 MC3 HC . 32.73 -16.85 -15.84
C35 MC3 HC . 33.86 -16.49 -14.89
C36 MC3 HC . 35.07 -17.39 -14.98
C37 MC3 HC . 36.15 -16.81 -15.90
C38 MC3 HC . 36.70 -15.48 -15.38
C39 MC3 HC . 38.16 -15.47 -14.95
C40 MC3 HC . 38.57 -14.07 -14.50
C41 MC3 HC . 39.97 -13.98 -13.90
H331 MC3 HC . 31.53 -15.51 -14.65
H332 MC3 HC . 30.64 -16.83 -15.43
H341 MC3 HC . 32.54 -17.91 -15.81
H342 MC3 HC . 33.06 -16.58 -16.84
H351 MC3 HC . 34.18 -15.48 -15.11
H352 MC3 HC . 33.50 -16.52 -13.87
H361 MC3 HC . 35.49 -17.50 -13.99
H362 MC3 HC . 34.76 -18.36 -15.33
H371 MC3 HC . 35.70 -16.66 -16.87
H372 MC3 HC . 36.96 -17.53 -16.00
H381 MC3 HC . 36.11 -15.15 -14.55
H382 MC3 HC . 36.60 -14.73 -16.16
H391 MC3 HC . 38.29 -16.13 -14.11
H392 MC3 HC . 38.77 -15.79 -15.77
H401 MC3 HC . 37.87 -13.75 -13.76
H402 MC3 HC . 38.49 -13.41 -15.35
H411 MC3 HC . 39.87 -13.80 -12.84
H412 MC3 HC . 40.49 -13.13 -14.32
C35 MC3 IC . 39.21 -20.03 -16.60
C36 MC3 IC . 40.11 -18.82 -16.83
C37 MC3 IC . 41.20 -18.74 -15.78
C38 MC3 IC . 41.73 -17.32 -15.65
C39 MC3 IC . 42.39 -17.07 -14.29
C40 MC3 IC . 43.72 -17.79 -14.20
C41 MC3 IC . 44.87 -17.04 -14.86
C42 MC3 IC . 46.11 -17.91 -15.01
C43 MC3 IC . 47.00 -17.85 -13.79
C44 MC3 IC . 47.90 -16.62 -13.79
H351 MC3 IC . 38.49 -19.80 -15.82
H352 MC3 IC . 39.83 -20.85 -16.26
H361 MC3 IC . 40.57 -18.89 -17.80
H362 MC3 IC . 39.50 -17.92 -16.80
H371 MC3 IC . 42.00 -19.38 -16.07
H372 MC3 IC . 40.81 -19.06 -14.82
H381 MC3 IC . 42.48 -17.18 -16.42
H382 MC3 IC . 40.94 -16.61 -15.80
H391 MC3 IC . 41.74 -17.43 -13.50
H392 MC3 IC . 42.53 -16.01 -14.15
H401 MC3 IC . 43.96 -17.92 -13.15
H402 MC3 IC . 43.62 -18.77 -14.64
H411 MC3 IC . 45.11 -16.18 -14.24
H412 MC3 IC . 44.54 -16.68 -15.83
H421 MC3 IC . 46.68 -17.57 -15.87
H422 MC3 IC . 45.81 -18.93 -15.18
H431 MC3 IC . 46.37 -17.80 -12.91
H432 MC3 IC . 47.60 -18.76 -13.75
H441 MC3 IC . 47.69 -16.01 -14.67
H442 MC3 IC . 48.94 -16.91 -13.81
H443 MC3 IC . 47.69 -16.02 -12.92
C35 MC3 JC . 44.17 -13.91 -12.57
C36 MC3 JC . 44.63 -12.77 -11.67
C37 MC3 JC . 45.93 -12.09 -12.11
C38 MC3 JC . 47.19 -12.50 -11.36
C39 MC3 JC . 48.11 -11.31 -11.05
C40 MC3 JC . 49.25 -11.68 -10.11
C41 MC3 JC . 49.80 -10.49 -9.31
C42 MC3 JC . 50.84 -9.68 -10.08
H351 MC3 JC . 45.02 -14.40 -13.02
H352 MC3 JC . 43.52 -13.52 -13.34
H361 MC3 JC . 44.73 -13.12 -10.66
H362 MC3 JC . 43.85 -12.02 -11.71
H371 MC3 JC . 45.79 -11.03 -11.97
H372 MC3 JC . 46.07 -12.25 -13.17
H381 MC3 JC . 47.72 -13.22 -11.95
H382 MC3 JC . 46.90 -12.97 -10.42
H391 MC3 JC . 48.54 -10.95 -11.98
H392 MC3 JC . 47.52 -10.52 -10.60
H401 MC3 JC . 50.06 -12.10 -10.69
H402 MC3 JC . 48.88 -12.42 -9.42
H411 MC3 JC . 50.26 -10.88 -8.41
H412 MC3 JC . 48.97 -9.85 -9.03
H421 MC3 JC . 51.37 -10.31 -10.77
H422 MC3 JC . 51.56 -9.27 -9.38
CAA Y01 KC . 47.46 5.13 1.28
CBA Y01 KC . 47.62 3.66 0.68
CAB Y01 KC . 46.35 3.32 -0.10
CAN Y01 KC . 48.93 3.55 -0.18
CAJ Y01 KC . 49.02 2.15 -0.84
CAO Y01 KC . 50.54 1.72 -1.20
CBB Y01 KC . 51.48 1.24 0.01
CAC Y01 KC . 50.73 0.45 1.08
CBE Y01 KC . 52.58 0.39 -0.55
CAP Y01 KC . 53.37 1.22 -1.61
CAQ Y01 KC . 54.92 0.66 -1.56
CBG Y01 KC . 54.75 -0.57 -0.51
CBI Y01 KC . 53.69 -0.14 0.47
CAE Y01 KC . 54.17 0.96 1.42
CAU Y01 KC . 53.29 -1.21 1.28
CAS Y01 KC . 54.54 -2.16 1.94
CBF Y01 KC . 55.80 -2.32 0.90
CBD Y01 KC . 55.94 -0.86 0.03
CAK Y01 KC . 57.04 -1.26 -1.02
CAI Y01 KC . 58.02 -1.89 -0.45
CAZ Y01 KC . 58.10 -2.38 0.46
CAV Y01 KC . 59.52 -2.97 0.67
CBH Y01 KC . 57.12 -2.56 1.43
CAD Y01 KC . 57.37 -1.65 2.66
CAT Y01 KC . 57.10 -4.16 1.95
CAR Y01 KC . 58.49 -4.88 1.98
CBC Y01 KC . 59.69 -3.89 1.87
OAW Y01 KC . 59.83 -3.16 3.04
CAY Y01 KC . 60.39 -3.91 4.16
OAG Y01 KC . 60.95 -4.95 3.97
CAM Y01 KC . 60.25 -3.36 5.62
CAL Y01 KC . 61.16 -4.16 6.58
CAX Y01 KC . 62.63 -3.87 6.31
OAH Y01 KC . 63.20 -2.89 6.88
OAF Y01 KC . 63.29 -4.60 5.54
HAA1 Y01 KC . 46.53 5.18 1.86
HAA2 Y01 KC . 48.31 5.36 1.92
HAA3 Y01 KC . 47.41 5.86 0.47
HBA Y01 KC . 47.72 2.94 1.51
HAB1 Y01 KC . 46.58 3.17 -1.16
HAB2 Y01 KC . 45.90 2.43 0.30
HAB3 Y01 KC . 45.63 4.14 0.00
HAN1 Y01 KC . 49.79 3.71 0.44
HAN2 Y01 KC . 48.91 4.30 -0.97
HAJ1 Y01 KC . 48.53 1.42 -0.21
HAJ2 Y01 KC . 48.48 2.20 -1.77
HAO1 Y01 KC . 50.51 0.92 -1.93
HAO2 Y01 KC . 51.01 2.58 -1.66
HBB Y01 KC . 51.90 2.11 0.47
HAC1 Y01 KC . 49.73 0.83 1.23
HAC2 Y01 KC . 51.25 0.55 2.01
HAC3 Y01 KC . 50.69 -0.60 0.80
HBE Y01 KC . 52.15 -0.45 -1.05
HAP1 Y01 KC . 52.94 1.06 -2.60
HAP2 Y01 KC . 53.37 2.27 -1.36
HAQ1 Y01 KC . 55.59 1.42 -1.17
HAQ2 Y01 KC . 55.25 0.31 -2.53
HBG Y01 KC . 54.38 -1.43 -1.07
HBD Y01 KC . 56.32 -0.02 0.65
HAE1 Y01 KC . 54.76 1.71 0.86
HAE2 Y01 KC . 54.78 0.54 2.20
HAE3 Y01 KC . 53.32 1.45 1.88
HAU1 Y01 KC . 52.59 -1.85 0.73
HAU2 Y01 KC . 52.77 -0.78 2.13
HAS1 Y01 KC . 54.13 -3.14 2.13
HAS2 Y01 KC . 54.86 -1.72 2.89
HBF Y01 KC . 55.55 -3.11 0.21
HAK1 Y01 KC . 57.46 -0.32 -1.37
HAK2 Y01 KC . 56.58 -1.97 -1.69
HAI Y01 KC . 58.95 -1.89 -1.03
HAV1 Y01 KC . 59.66 -3.65 -0.20
HAV2 Y01 KC . 60.19 -2.13 0.85
HBC Y01 KC . 60.57 -4.47 1.71
HAD1 Y01 KC . 58.41 -1.33 2.68
HAD2 Y01 KC . 57.14 -2.19 3.57
HAD3 Y01 KC . 56.76 -0.76 2.62
HAT1 Y01 KC . 56.48 -4.74 1.27
HAT2 Y01 KC . 56.65 -4.21 2.94
HAR1 Y01 KC . 58.54 -5.58 1.16
HAR2 Y01 KC . 58.57 -5.41 2.93
HAM1 Y01 KC . 59.20 -3.46 5.93
HAM2 Y01 KC . 60.51 -2.30 5.64
HAL1 Y01 KC . 60.93 -3.89 7.61
HAL2 Y01 KC . 60.98 -5.22 6.45
CAA Y01 LC . 47.94 -0.24 5.06
CBA Y01 LC . 47.16 -1.49 4.45
CAB Y01 LC . 45.94 -0.93 3.71
CAN Y01 LC . 48.08 -2.33 3.49
CAJ Y01 LC . 49.59 -2.49 3.90
CAO Y01 LC . 50.00 -3.70 4.88
CBB Y01 LC . 51.47 -4.18 4.44
CAC Y01 LC . 52.32 -2.91 4.36
CBE Y01 LC . 52.21 -5.15 5.35
CAP Y01 LC . 51.25 -6.10 6.13
CAQ Y01 LC . 51.91 -7.62 6.04
CBG Y01 LC . 53.43 -7.30 5.56
CBI Y01 LC . 53.32 -6.09 4.65
CAE Y01 LC . 52.89 -6.48 3.23
CAU Y01 LC . 54.57 -5.48 4.49
CAS Y01 LC . 55.76 -6.59 3.97
CBF Y01 LC . 55.64 -8.00 4.76
CBD Y01 LC . 54.01 -8.39 4.97
CAK Y01 LC . 54.11 -9.73 5.83
CAI Y01 LC . 55.27 -10.36 5.71
CAZ Y01 LC . 56.08 -10.19 5.07
CAV Y01 LC . 57.33 -11.12 5.19
CBH Y01 LC . 56.19 -9.19 4.14
CAD Y01 LC . 55.45 -9.65 2.85
CAT Y01 LC . 57.79 -8.88 3.72
CAR Y01 LC . 58.83 -9.14 4.85
CBC Y01 LC . 58.33 -10.19 5.88
OAW Y01 LC . 59.42 -10.84 6.46
CAY Y01 LC . 60.20 -9.98 7.35
OAG Y01 LC . 59.82 -8.86 7.57
CAM Y01 LC . 61.51 -10.44 8.07
CAL Y01 LC . 62.67 -10.81 7.10
CAX Y01 LC . 63.68 -11.68 7.83
OAH Y01 LC . 63.48 -12.93 7.92
OAF Y01 LC . 64.69 -11.17 8.35
HAA1 Y01 LC . 47.23 0.39 5.60
HAA2 Y01 LC . 48.72 -0.57 5.75
HAA3 Y01 LC . 48.38 0.33 4.25
HBA Y01 LC . 46.82 -2.14 5.26
HAB1 Y01 LC . 45.04 -1.33 4.15
HAB2 Y01 LC . 45.96 -1.15 2.65
HAB3 Y01 LC . 45.92 0.17 3.84
HAN1 Y01 LC . 48.07 -1.84 2.52
HAN2 Y01 LC . 47.62 -3.30 3.36
HAJ1 Y01 LC . 49.95 -1.56 4.33
HAJ2 Y01 LC . 50.11 -2.65 2.98
HAO1 Y01 LC . 50.00 -3.36 5.91
HAO2 Y01 LC . 49.29 -4.50 4.77
HBB Y01 LC . 51.36 -4.57 3.44
HAC1 Y01 LC . 52.22 -2.47 3.39
HAC2 Y01 LC . 53.36 -3.13 4.55
HAC3 Y01 LC . 51.97 -2.20 5.11
HBE Y01 LC . 52.72 -4.57 6.09
HAP1 Y01 LC . 51.19 -5.80 7.17
HAP2 Y01 LC . 50.27 -6.13 5.70
HAQ1 Y01 LC . 51.40 -8.24 5.32
HAQ2 Y01 LC . 51.93 -8.09 7.02
HBG Y01 LC . 54.03 -7.03 6.44
HBD Y01 LC . 53.49 -8.66 4.05
HAE1 Y01 LC . 51.89 -6.93 3.30
HAE2 Y01 LC . 53.56 -7.19 2.79
HAE3 Y01 LC . 52.86 -5.61 2.58
HAU1 Y01 LC . 54.87 -5.03 5.44
HAU2 Y01 LC . 54.50 -4.69 3.73
HAS1 Y01 LC . 56.73 -6.17 4.18
HAS2 Y01 LC . 55.64 -6.79 2.91
HBF Y01 LC . 56.08 -7.86 5.74
HAK1 Y01 LC . 53.36 -10.39 5.42
HAK2 Y01 LC . 54.08 -9.38 6.85
HAI Y01 LC . 55.37 -11.21 6.41
HAV1 Y01 LC . 57.12 -11.95 5.86
HAV2 Y01 LC . 57.71 -11.30 4.18
HBC Y01 LC . 57.79 -9.67 6.66
HAD1 Y01 LC . 56.15 -10.13 2.18
HAD2 Y01 LC . 55.00 -8.79 2.36
HAD3 Y01 LC . 54.68 -10.38 3.12
HAT1 Y01 LC . 57.88 -7.85 3.38
HAT2 Y01 LC . 58.05 -9.51 2.87
HAR1 Y01 LC . 59.02 -8.20 5.36
HAR2 Y01 LC . 59.76 -9.50 4.40
HAM1 Y01 LC . 61.30 -11.29 8.73
HAM2 Y01 LC . 61.85 -9.60 8.68
HAL1 Y01 LC . 62.30 -11.32 6.23
HAL2 Y01 LC . 63.18 -9.90 6.79
C31 MC3 MC . 36.20 -0.45 3.62
C32 MC3 MC . 37.08 -1.55 4.22
C33 MC3 MC . 38.19 -1.03 5.14
C34 MC3 MC . 39.49 -1.79 4.91
C35 MC3 MC . 40.25 -2.16 6.18
C36 MC3 MC . 41.47 -3.01 5.88
C37 MC3 MC . 41.18 -4.48 5.56
C38 MC3 MC . 42.37 -5.43 5.59
C39 MC3 MC . 43.57 -4.85 6.35
C40 MC3 MC . 44.70 -5.80 6.75
C41 MC3 MC . 45.70 -5.10 7.68
C42 MC3 MC . 47.12 -5.09 7.10
C43 MC3 MC . 47.94 -6.27 7.60
H321 MC3 MC . 37.51 -2.10 3.41
H322 MC3 MC . 36.45 -2.23 4.79
H331 MC3 MC . 37.88 -1.15 6.16
H332 MC3 MC . 38.37 0.02 4.95
H341 MC3 MC . 40.15 -1.18 4.30
H342 MC3 MC . 39.27 -2.71 4.41
H351 MC3 MC . 40.57 -1.25 6.68
H352 MC3 MC . 39.58 -2.70 6.84
H361 MC3 MC . 42.10 -2.91 6.76
H362 MC3 MC . 42.01 -2.57 5.05
H371 MC3 MC . 40.78 -4.54 4.55
H372 MC3 MC . 40.41 -4.85 6.23
H381 MC3 MC . 42.66 -5.66 4.58
H382 MC3 MC . 42.09 -6.37 6.07
H391 MC3 MC . 43.22 -4.43 7.27
H392 MC3 MC . 43.99 -4.05 5.74
H401 MC3 MC . 45.20 -6.15 5.87
H402 MC3 MC . 44.27 -6.65 7.27
H411 MC3 MC . 45.37 -4.08 7.84
H412 MC3 MC . 45.71 -5.61 8.62
H421 MC3 MC . 47.62 -4.17 7.38
H422 MC3 MC . 47.05 -5.13 6.03
H431 MC3 MC . 47.71 -6.45 8.64
H432 MC3 MC . 47.66 -7.16 7.03
C31 MC3 NC . 30.61 -27.37 10.58
C32 MC3 NC . 31.77 -28.22 11.05
C33 MC3 NC . 33.13 -27.53 10.91
C34 MC3 NC . 33.92 -27.58 12.21
C35 MC3 NC . 35.08 -26.59 12.29
C36 MC3 NC . 36.04 -26.64 11.11
C37 MC3 NC . 37.28 -25.76 11.25
C38 MC3 NC . 37.52 -25.16 12.62
C39 MC3 NC . 38.83 -24.39 12.60
C40 MC3 NC . 39.67 -24.57 13.86
H321 MC3 NC . 31.80 -29.13 10.49
H322 MC3 NC . 31.61 -28.46 12.09
H331 MC3 NC . 33.69 -28.03 10.14
H332 MC3 NC . 32.99 -26.48 10.63
H341 MC3 NC . 34.31 -28.59 12.32
H342 MC3 NC . 33.25 -27.36 13.02
H351 MC3 NC . 35.64 -26.83 13.19
H352 MC3 NC . 34.68 -25.59 12.35
H361 MC3 NC . 36.37 -27.66 10.97
H362 MC3 NC . 35.49 -26.31 10.25
H371 MC3 NC . 38.14 -26.37 11.02
H372 MC3 NC . 37.22 -24.96 10.53
H381 MC3 NC . 36.71 -24.50 12.87
H382 MC3 NC . 37.59 -25.95 13.36
H391 MC3 NC . 39.42 -24.74 11.77
H392 MC3 NC . 38.62 -23.33 12.49
H401 MC3 NC . 40.52 -23.90 13.80
H402 MC3 NC . 39.06 -24.29 14.71
C4 LHG OC . 28.98 -28.64 4.96
C5 LHG OC . 29.81 -27.37 4.73
C6 LHG OC . 28.96 -26.13 4.89
O7 LHG OC . 30.83 -27.35 5.72
C7 LHG OC . 32.08 -27.56 5.21
O9 LHG OC . 32.27 -28.15 4.16
C8 LHG OC . 33.14 -26.90 6.05
C9 LHG OC . 34.45 -27.61 5.84
C10 LHG OC . 35.56 -26.62 5.55
O8 LHG OC . 28.63 -26.09 6.24
C23 LHG OC . 27.32 -25.91 6.54
O10 LHG OC . 26.51 -26.74 6.18
C24 LHG OC . 26.86 -24.54 6.99
C11 LHG OC . 35.96 -26.17 6.91
C12 LHG OC . 36.53 -24.80 6.81
C13 LHG OC . 37.86 -24.77 7.45
C14 LHG OC . 38.57 -23.54 7.04
C15 LHG OC . 39.45 -23.07 8.16
C16 LHG OC . 40.85 -23.55 7.99
C17 LHG OC . 41.81 -22.45 8.32
C18 LHG OC . 42.99 -23.09 9.03
C19 LHG OC . 43.49 -24.35 8.39
C20 LHG OC . 44.86 -24.55 9.00
C21 LHG OC . 44.90 -25.76 9.88
C22 LHG OC . 46.32 -25.89 10.37
C25 LHG OC . 27.74 -23.88 8.02
C26 LHG OC . 28.48 -24.77 8.96
C27 LHG OC . 29.45 -23.84 9.56
C28 LHG OC . 30.69 -23.57 8.74
C29 LHG OC . 31.88 -23.54 9.66
C30 LHG OC . 32.78 -22.35 9.61
C31 LHG OC . 34.24 -22.63 9.48
C32 LHG OC . 35.17 -21.59 10.08
C33 LHG OC . 35.75 -20.77 9.00
C34 LHG OC . 36.87 -19.90 9.43
C35 LHG OC . 36.64 -18.48 9.08
C36 LHG OC . 35.83 -17.84 10.16
C37 LHG OC . 35.37 -16.54 9.59
C38 LHG OC . 35.12 -15.46 10.56
HC5 LHG OC . 30.10 -27.41 3.82
HC61 LHG OC . 28.19 -26.23 4.30
HC62 LHG OC . 29.44 -25.38 4.52
HC81 LHG OC . 32.94 -26.87 7.00
HC82 LHG OC . 33.28 -25.99 5.77
HC91 LHG OC . 34.37 -28.21 5.10
HC92 LHG OC . 34.66 -28.16 6.60
H101 LHG OC . 35.25 -25.90 5.02
H102 LHG OC . 36.28 -27.03 5.10
H241 LHG OC . 25.96 -24.55 7.33
H242 LHG OC . 26.78 -23.96 6.27
H111 LHG OC . 36.62 -26.76 7.24
H112 LHG OC . 35.20 -26.18 7.50
H121 LHG OC . 35.95 -24.20 7.21
H122 LHG OC . 36.62 -24.57 5.93
H131 LHG OC . 38.35 -25.52 7.16
H132 LHG OC . 37.78 -24.78 8.37
H141 LHG OC . 37.93 -22.87 6.86
H142 LHG OC . 39.06 -23.68 6.23
H151 LHG OC . 39.11 -23.37 8.98
H152 LHG OC . 39.44 -22.13 8.18
H161 LHG OC . 40.97 -23.86 7.13
H162 LHG OC . 40.97 -24.27 8.55
H171 LHG OC . 41.41 -21.80 8.88
H172 LHG OC . 42.08 -22.00 7.55
H181 LHG OC . 42.78 -23.25 9.95
H182 LHG OC . 43.71 -22.45 9.03
H191 LHG OC . 43.54 -24.28 7.45
H192 LHG OC . 42.92 -25.10 8.58
H201 LHG OC . 45.17 -23.81 9.50
H202 LHG OC . 45.51 -24.66 8.32
H211 LHG OC . 44.66 -26.56 9.43
H212 LHG OC . 44.35 -25.64 10.66
H221 LHG OC . 46.38 -26.72 10.86
H222 LHG OC . 46.56 -25.18 10.96
H223 LHG OC . 46.94 -25.94 9.64
H251 LHG OC . 27.20 -23.32 8.56
H252 LHG OC . 28.35 -23.31 7.56
H261 LHG OC . 28.91 -25.49 8.52
H262 LHG OC . 27.91 -25.15 9.61
H271 LHG OC . 29.70 -24.20 10.40
H272 LHG OC . 29.01 -23.02 9.71
H281 LHG OC . 30.59 -22.70 8.33
H282 LHG OC . 30.82 -24.19 8.03
H291 LHG OC . 32.42 -24.27 9.39
H292 LHG OC . 31.65 -23.71 10.56
H301 LHG OC . 32.65 -21.86 10.39
H302 LHG OC . 32.50 -21.80 8.90
H311 LHG OC . 34.45 -22.80 8.57
H312 LHG OC . 34.39 -23.45 9.94
H321 LHG OC . 35.84 -21.99 10.64
H322 LHG OC . 34.65 -21.02 10.64
H331 LHG OC . 35.08 -20.21 8.70
H332 LHG OC . 36.01 -21.31 8.28
H341 LHG OC . 37.71 -20.19 9.07
H342 LHG OC . 36.94 -19.95 10.36
H351 LHG OC . 36.19 -18.40 8.27
H352 LHG OC . 37.45 -18.04 8.97
H361 LHG OC . 36.36 -17.72 10.93
H362 LHG OC . 35.10 -18.39 10.39
H371 LHG OC . 34.60 -16.63 9.08
H372 LHG OC . 36.05 -16.24 9.03
H381 LHG OC . 35.66 -14.74 10.30
H382 LHG OC . 35.42 -15.70 11.45
H383 LHG OC . 34.21 -15.18 10.58
C31 MC3 PC . 27.81 5.01 -29.98
C32 MC3 PC . 28.81 5.80 -30.82
C33 MC3 PC . 29.68 4.99 -31.80
C34 MC3 PC . 30.65 5.95 -32.48
C35 MC3 PC . 31.95 5.35 -33.00
C36 MC3 PC . 33.03 6.43 -33.02
C37 MC3 PC . 33.57 6.65 -31.60
C38 MC3 PC . 33.45 8.08 -31.08
C39 MC3 PC . 34.27 8.30 -29.81
C40 MC3 PC . 35.76 8.55 -30.04
C41 MC3 PC . 36.58 8.31 -28.79
C42 MC3 PC . 37.97 8.90 -28.90
C43 MC3 PC . 39.01 7.80 -29.11
C44 MC3 PC . 40.42 8.33 -29.28
H321 MC3 PC . 29.46 6.35 -30.17
H322 MC3 PC . 28.24 6.52 -31.42
H331 MC3 PC . 29.05 4.53 -32.56
H332 MC3 PC . 30.22 4.24 -31.24
H341 MC3 PC . 30.13 6.41 -33.31
H342 MC3 PC . 30.91 6.70 -31.76
H351 MC3 PC . 32.26 4.53 -32.36
H352 MC3 PC . 31.81 5.00 -34.01
H361 MC3 PC . 33.85 6.12 -33.65
H362 MC3 PC . 32.60 7.35 -33.38
H371 MC3 PC . 33.02 6.01 -30.92
H372 MC3 PC . 34.61 6.35 -31.60
H381 MC3 PC . 33.79 8.79 -31.83
H382 MC3 PC . 32.42 8.31 -30.83
H391 MC3 PC . 33.85 9.14 -29.27
H392 MC3 PC . 34.17 7.44 -29.19
H401 MC3 PC . 35.91 9.58 -30.34
H402 MC3 PC . 36.11 7.90 -30.83
H411 MC3 PC . 36.07 8.78 -27.96
H412 MC3 PC . 36.66 7.25 -28.60
H421 MC3 PC . 38.00 9.59 -29.73
H422 MC3 PC . 38.21 9.44 -27.98
H431 MC3 PC . 38.99 7.16 -28.23
H432 MC3 PC . 38.74 7.21 -29.98
H441 MC3 PC . 41.11 7.66 -28.78
H442 MC3 PC . 40.50 9.32 -28.84
H443 MC3 PC . 40.68 8.37 -30.33
C33 MC3 QC . 26.81 12.43 -24.81
C34 MC3 QC . 28.02 12.62 -25.71
C35 MC3 QC . 29.35 12.33 -25.02
C36 MC3 QC . 30.54 12.25 -25.96
C37 MC3 QC . 31.29 13.58 -26.05
C38 MC3 QC . 31.88 14.01 -24.70
C39 MC3 QC . 33.40 14.05 -24.61
C40 MC3 QC . 33.84 14.52 -23.24
C41 MC3 QC . 35.34 14.45 -22.98
H331 MC3 QC . 27.12 12.04 -23.85
H332 MC3 QC . 26.12 11.75 -25.28
H341 MC3 QC . 27.91 11.99 -26.58
H342 MC3 QC . 28.04 13.65 -26.04
H351 MC3 QC . 29.54 13.13 -24.32
H352 MC3 QC . 29.28 11.39 -24.50
H361 MC3 QC . 31.22 11.50 -25.58
H362 MC3 QC . 30.20 11.95 -26.94
H371 MC3 QC . 30.58 14.33 -26.38
H372 MC3 QC . 32.07 13.51 -26.79
H381 MC3 QC . 31.53 13.34 -23.94
H382 MC3 QC . 31.52 14.99 -24.46
H391 MC3 QC . 33.79 13.06 -24.76
H392 MC3 QC . 33.78 14.70 -25.38
H401 MC3 QC . 33.35 13.90 -22.50
H402 MC3 QC . 33.50 15.53 -23.11
H411 MC3 QC . 35.53 13.66 -22.27
H412 MC3 QC . 35.68 15.37 -22.53
C35 MC3 RC . 34.21 13.27 -29.46
C36 MC3 RC . 34.93 14.32 -28.62
C37 MC3 RC . 36.26 13.81 -28.12
C38 MC3 RC . 36.74 14.58 -26.90
C39 MC3 RC . 37.73 13.78 -26.05
C40 MC3 RC . 39.07 13.68 -26.74
C41 MC3 RC . 39.95 14.91 -26.55
C42 MC3 RC . 41.14 14.91 -27.49
C43 MC3 RC . 42.34 14.18 -26.90
C44 MC3 RC . 43.13 15.07 -25.95
H351 MC3 RC . 33.73 12.57 -28.79
H352 MC3 RC . 34.94 12.73 -30.04
H361 MC3 RC . 35.12 15.21 -29.23
H362 MC3 RC . 34.32 14.62 -27.79
H371 MC3 RC . 37.00 13.92 -28.90
H372 MC3 RC . 36.18 12.76 -27.87
H381 MC3 RC . 37.23 15.48 -27.25
H382 MC3 RC . 35.89 14.87 -26.29
H391 MC3 RC . 37.35 12.79 -25.89
H392 MC3 RC . 37.84 14.27 -25.08
H401 MC3 RC . 39.60 12.83 -26.34
H402 MC3 RC . 38.91 13.51 -27.80
H411 MC3 RC . 40.30 14.92 -25.54
H412 MC3 RC . 39.36 15.80 -26.73
H421 MC3 RC . 41.44 15.93 -27.70
H422 MC3 RC . 40.87 14.43 -28.42
H431 MC3 RC . 41.98 13.32 -26.34
H432 MC3 RC . 42.98 13.83 -27.70
H441 MC3 RC . 42.66 16.04 -25.87
H442 MC3 RC . 44.15 15.19 -26.31
H443 MC3 RC . 43.14 14.62 -24.96
C35 MC3 SC . 39.73 14.50 -22.65
C36 MC3 SC . 40.36 14.50 -21.26
C37 MC3 SC . 41.44 15.55 -21.03
C38 MC3 SC . 42.88 15.05 -21.11
C39 MC3 SC . 43.78 15.67 -20.04
C40 MC3 SC . 45.16 15.02 -19.98
C41 MC3 SC . 45.84 15.13 -18.61
C42 MC3 SC . 46.58 16.46 -18.41
H351 MC3 SC . 40.46 14.84 -23.38
H352 MC3 SC . 38.88 15.17 -22.65
H361 MC3 SC . 40.76 13.52 -21.03
H362 MC3 SC . 39.56 14.72 -20.57
H371 MC3 SC . 41.29 15.95 -20.04
H372 MC3 SC . 41.31 16.36 -21.74
H381 MC3 SC . 43.27 15.30 -22.09
H382 MC3 SC . 42.89 13.97 -21.00
H391 MC3 SC . 43.92 16.72 -20.25
H392 MC3 SC . 43.30 15.56 -19.08
H401 MC3 SC . 45.80 15.48 -20.71
H402 MC3 SC . 45.04 13.97 -20.21
H411 MC3 SC . 46.54 14.33 -18.51
H412 MC3 SC . 45.09 15.02 -17.83
H421 MC3 SC . 46.94 16.82 -19.36
H422 MC3 SC . 47.44 16.30 -17.78
CAA Y01 TC . 45.62 14.10 0.39
CBA Y01 TC . 45.69 13.86 -1.19
CAB Y01 TC . 44.27 13.99 -1.76
CAN Y01 TC . 46.71 14.84 -1.86
CAJ Y01 TC . 46.70 14.68 -3.40
CAO Y01 TC . 48.09 15.13 -4.10
CBB Y01 TC . 49.34 14.15 -3.97
CAC Y01 TC . 48.96 12.68 -4.01
CBE Y01 TC . 50.30 14.45 -5.09
CAP Y01 TC . 50.71 15.95 -5.01
CAQ Y01 TC . 52.25 16.03 -5.62
CBG Y01 TC . 52.45 14.48 -6.10
CBI Y01 TC . 51.68 13.64 -5.13
CAE Y01 TC . 52.33 13.58 -3.74
CAU Y01 TC . 51.56 12.32 -5.58
CAS Y01 TC . 53.01 11.62 -6.16
CBF Y01 TC . 53.94 12.71 -6.96
CBD Y01 TC . 53.75 14.20 -6.18
CAK Y01 TC . 54.55 15.14 -7.18
CAI Y01 TC . 55.69 14.60 -7.52
CAZ Y01 TC . 56.02 13.63 -7.47
CAV Y01 TC . 57.49 13.53 -8.01
CBH Y01 TC . 55.37 12.49 -7.03
CAD Y01 TC . 55.90 12.05 -5.64
CAT Y01 TC . 55.59 11.23 -8.12
CAR Y01 TC . 56.96 11.19 -8.84
CBC Y01 TC . 58.03 12.12 -8.18
OAW Y01 TC . 58.45 11.58 -6.96
CAY Y01 TC . 59.33 10.44 -7.08
OAG Y01 TC . 59.88 10.19 -8.12
CAM Y01 TC . 59.55 9.49 -5.84
CAL Y01 TC . 60.75 8.54 -6.12
CAX Y01 TC . 62.08 9.29 -6.15
OAH Y01 TC . 62.72 9.50 -5.08
OAF Y01 TC . 62.53 9.72 -7.24
HAA1 Y01 TC . 44.89 13.42 0.82
HAA2 Y01 TC . 46.60 13.93 0.83
HAA3 Y01 TC . 45.31 15.12 0.59
HBA Y01 TC . 46.05 12.84 -1.38
HAB1 Y01 TC . 44.21 14.83 -2.46
HAB2 Y01 TC . 44.00 13.07 -2.28
HAB3 Y01 TC . 43.57 14.13 -0.94
HAN1 Y01 TC . 47.71 14.65 -1.49
HAN2 Y01 TC . 46.43 15.87 -1.62
HAJ1 Y01 TC . 46.44 13.65 -3.64
HAJ2 Y01 TC . 45.93 15.30 -3.78
HAO1 Y01 TC . 47.89 15.30 -5.15
HAO2 Y01 TC . 48.36 16.08 -3.66
HBB Y01 TC . 49.84 14.35 -3.03
HAC1 Y01 TC . 48.03 12.49 -3.52
HAC2 Y01 TC . 49.72 12.10 -3.50
HAC3 Y01 TC . 48.91 12.35 -5.06
HBE Y01 TC . 49.80 14.30 -6.03
HAP1 Y01 TC . 50.05 16.55 -5.62
HAP2 Y01 TC . 50.73 16.31 -3.99
HAQ1 Y01 TC . 52.96 16.28 -4.84
HAQ2 Y01 TC . 52.33 16.71 -6.45
HBG Y01 TC . 51.98 14.39 -7.09
HBD Y01 TC . 54.25 14.25 -5.20
HAE1 Y01 TC . 52.70 14.56 -3.46
HAE2 Y01 TC . 53.16 12.88 -3.75
HAE3 Y01 TC . 51.62 13.22 -3.01
HAU1 Y01 TC . 50.78 12.25 -6.34
HAU2 Y01 TC . 51.28 11.71 -4.72
HAS1 Y01 TC . 52.72 10.83 -6.86
HAS2 Y01 TC . 53.55 11.16 -5.34
HBF Y01 TC . 53.56 12.78 -7.96
HAK1 Y01 TC . 54.80 16.02 -6.60
HAK2 Y01 TC . 53.96 15.19 -8.08
HAI Y01 TC . 56.41 15.33 -7.91
HAV1 Y01 TC . 57.42 13.92 -9.03
HAV2 Y01 TC . 58.13 14.00 -7.26
HBC Y01 TC . 58.86 12.18 -8.85
HAD1 Y01 TC . 56.88 12.47 -5.46
HAD2 Y01 TC . 55.96 10.97 -5.61
HAD3 Y01 TC . 55.24 12.38 -4.84
HAT1 Y01 TC . 54.83 11.32 -8.90
HAT2 Y01 TC . 55.43 10.29 -7.60
HAR1 Y01 TC . 56.83 11.51 -9.87
HAR2 Y01 TC . 57.34 10.17 -8.82
HAM1 Y01 TC . 58.64 8.92 -5.67
HAM2 Y01 TC . 59.77 10.11 -4.96
HAL1 Y01 TC . 60.80 7.79 -5.35
HAL2 Y01 TC . 60.60 8.05 -7.06
CAA Y01 UC . 47.42 8.35 -2.28
CBA Y01 UC . 46.58 7.99 -3.58
CAB Y01 UC . 45.17 8.57 -3.36
CAN Y01 UC . 47.24 8.58 -4.88
CAJ Y01 UC . 48.81 8.56 -4.95
CAO Y01 UC . 49.54 7.23 -5.52
CBB Y01 UC . 50.86 7.73 -6.30
CAC Y01 UC . 51.58 8.67 -5.33
CBE Y01 UC . 51.88 6.67 -6.72
CAP Y01 UC . 51.23 5.29 -7.03
CAQ Y01 UC . 51.92 4.74 -8.43
CBG Y01 UC . 53.23 5.70 -8.55
CBI Y01 UC . 52.80 7.04 -7.99
CAE Y01 UC . 52.01 7.87 -9.01
CAU Y01 UC . 53.92 7.81 -7.67
CAS Y01 UC . 54.98 7.98 -9.00
CBF Y01 UC . 55.17 6.56 -9.79
CBD Y01 UC . 53.68 5.76 -9.84
CAK Y01 UC . 54.09 4.39 -10.55
CAI Y01 UC . 55.20 4.46 -11.27
CAZ Y01 UC . 55.80 5.28 -11.53
CAV Y01 UC . 57.09 5.03 -12.39
CBH Y01 UC . 55.60 6.59 -11.17
CAD Y01 UC . 54.55 7.20 -12.15
CAT Y01 UC . 57.00 7.52 -11.29
CAR Y01 UC . 58.32 6.73 -11.02
CBC Y01 UC . 58.18 5.21 -11.33
OAW Y01 UC . 59.43 4.69 -11.70
CAY Y01 UC . 60.37 4.62 -10.57
OAG Y01 UC . 60.00 4.93 -9.48
CAM Y01 UC . 61.85 4.14 -10.72
CAL Y01 UC . 62.72 5.04 -11.65
CAX Y01 UC . 63.93 4.26 -12.11
OAH Y01 UC . 63.84 3.48 -13.11
OAF Y01 UC . 65.02 4.37 -11.51
HAA1 Y01 UC . 46.84 8.06 -1.39
HAA2 Y01 UC . 48.37 7.83 -2.29
HAA3 Y01 UC . 47.59 9.43 -2.25
HBA Y01 UC . 46.51 6.90 -3.68
HAB1 Y01 UC . 44.44 7.76 -3.40
HAB2 Y01 UC . 44.91 9.31 -4.10
HAB3 Y01 UC . 45.12 9.03 -2.37
HAN1 Y01 UC . 46.94 9.61 -4.96
HAN2 Y01 UC . 46.82 8.05 -5.73
HAJ1 Y01 UC . 49.23 8.78 -3.97
HAJ2 Y01 UC . 49.07 9.36 -5.61
HAO1 Y01 UC . 49.81 6.58 -4.69
HAO2 Y01 UC . 48.88 6.71 -6.19
HBB Y01 UC . 50.51 8.30 -7.13
HAC1 Y01 UC . 51.20 9.66 -5.46
HAC2 Y01 UC . 52.64 8.68 -5.53
HAC3 Y01 UC . 51.41 8.35 -4.31
HBE Y01 UC . 52.54 6.50 -5.89
HAP1 Y01 UC . 51.43 4.60 -6.23
HAP2 Y01 UC . 50.16 5.36 -7.18
HAQ1 Y01 UC . 51.26 4.87 -9.28
HAQ2 Y01 UC . 52.23 3.71 -8.32
HBG Y01 UC . 54.03 5.28 -7.93
HBD Y01 UC . 52.94 6.22 -10.51
HAE1 Y01 UC . 51.10 7.33 -9.26
HAE2 Y01 UC . 52.59 8.04 -9.91
HAE3 Y01 UC . 51.76 8.84 -8.60
HAU1 Y01 UC . 54.44 7.37 -6.83
HAU2 Y01 UC . 53.61 8.83 -7.40
HAS1 Y01 UC . 55.95 8.28 -8.64
HAS2 Y01 UC . 54.59 8.70 -9.71
HBF Y01 UC . 55.85 5.95 -9.21
HAK1 Y01 UC . 53.29 4.18 -11.26
HAK2 Y01 UC . 54.32 3.74 -9.72
HAI Y01 UC . 55.54 3.48 -11.63
HAV1 Y01 UC . 57.11 3.99 -12.71
HAV2 Y01 UC . 57.19 5.85 -13.10
HBC Y01 UC . 57.85 4.71 -10.44
HAD1 Y01 UC . 55.07 7.67 -12.98
HAD2 Y01 UC . 53.94 7.92 -11.64
HAD3 Y01 UC . 53.93 6.40 -12.56
HAT1 Y01 UC . 56.93 8.35 -10.57
HAT2 Y01 UC . 57.05 7.94 -12.28
HAR1 Y01 UC . 58.59 6.87 -9.98
HAR2 Y01 UC . 59.11 7.15 -11.65
HAM1 Y01 UC . 61.88 3.10 -11.08
HAM2 Y01 UC . 62.30 4.17 -9.73
HAL1 Y01 UC . 62.15 5.38 -12.50
HAL2 Y01 UC . 63.07 5.90 -11.09
C31 MC3 VC . 35.75 6.32 -2.05
C32 MC3 VC . 36.84 5.49 -2.76
C33 MC3 VC . 38.13 5.31 -1.96
C34 MC3 VC . 39.36 5.44 -2.84
C35 MC3 VC . 40.45 4.43 -2.58
C36 MC3 VC . 41.60 4.54 -3.57
C37 MC3 VC . 41.30 3.96 -4.96
C38 MC3 VC . 42.52 3.74 -5.87
C39 MC3 VC . 43.84 3.75 -5.10
C40 MC3 VC . 45.08 3.23 -5.82
C41 MC3 VC . 46.26 3.10 -4.84
C42 MC3 VC . 47.47 3.94 -5.27
C43 MC3 VC . 48.46 3.14 -6.09
H321 MC3 VC . 37.06 5.98 -3.69
H322 MC3 VC . 36.43 4.51 -2.99
H331 MC3 VC . 38.12 4.34 -1.50
H332 MC3 VC . 38.19 6.06 -1.18
H341 MC3 VC . 39.79 6.43 -2.71
H342 MC3 VC . 39.06 5.31 -3.87
H351 MC3 VC . 40.85 4.58 -1.58
H352 MC3 VC . 40.02 3.44 -2.62
H361 MC3 VC . 42.43 4.06 -3.10
H362 MC3 VC . 41.86 5.58 -3.68
H371 MC3 VC . 40.65 4.65 -5.49
H372 MC3 VC . 40.77 3.03 -4.86
H381 MC3 VC . 42.52 4.53 -6.62
H382 MC3 VC . 42.42 2.79 -6.39
H391 MC3 VC . 43.73 3.13 -4.24
H392 MC3 VC . 44.03 4.76 -4.78
H401 MC3 VC . 45.35 3.89 -6.61
H402 MC3 VC . 44.87 2.25 -6.22
H411 MC3 VC . 45.94 3.42 -3.86
H412 MC3 VC . 46.57 2.06 -4.79
H421 MC3 VC . 47.97 4.33 -4.40
H422 MC3 VC . 47.11 4.78 -5.84
H431 MC3 VC . 48.53 2.14 -5.69
H432 MC3 VC . 48.08 3.07 -7.11
C31 MC3 WC . 33.83 -14.87 -20.80
C32 MC3 WC . 35.13 -15.38 -21.39
C33 MC3 WC . 36.34 -14.55 -21.01
C34 MC3 WC . 37.48 -15.42 -20.47
C35 MC3 WC . 38.55 -14.67 -19.70
C36 MC3 WC . 39.15 -13.49 -20.44
C37 MC3 WC . 40.33 -12.82 -19.74
C38 MC3 WC . 40.91 -13.55 -18.54
C39 MC3 WC . 42.12 -12.78 -18.02
C40 MC3 WC . 43.27 -13.68 -17.61
H321 MC3 WC . 35.04 -15.40 -22.47
H322 MC3 WC . 35.27 -16.40 -21.04
H331 MC3 WC . 36.70 -14.05 -21.89
H332 MC3 WC . 36.08 -13.82 -20.26
H341 MC3 WC . 37.94 -15.93 -21.30
H342 MC3 WC . 37.03 -16.15 -19.80
H351 MC3 WC . 39.34 -15.37 -19.49
H352 MC3 WC . 38.13 -14.31 -18.77
H361 MC3 WC . 39.49 -13.82 -21.41
H362 MC3 WC . 38.37 -12.76 -20.55
H371 MC3 WC . 41.12 -12.72 -20.46
H372 MC3 WC . 40.02 -11.82 -19.41
H381 MC3 WC . 40.15 -13.62 -17.77
H382 MC3 WC . 41.21 -14.54 -18.83
H391 MC3 WC . 42.47 -12.14 -18.82
H392 MC3 WC . 41.81 -12.19 -17.17
H401 MC3 WC . 44.03 -13.06 -17.16
H402 MC3 WC . 42.91 -14.38 -16.87
C4 LHG XC . 30.79 -11.40 -24.63
C5 LHG XC . 31.46 -10.33 -23.75
C6 LHG XC . 30.62 -10.03 -22.53
O7 LHG XC . 32.70 -10.86 -23.31
C7 LHG XC . 33.77 -10.21 -23.88
O9 LHG XC . 33.70 -9.64 -24.95
C8 LHG XC . 34.99 -10.29 -23.00
C9 LHG XC . 36.23 -10.13 -23.83
C10 LHG XC . 37.16 -9.10 -23.25
O8 LHG XC . 30.67 -11.20 -21.76
C23 LHG XC . 29.48 -11.68 -21.33
O10 LHG XC . 28.65 -12.04 -22.14
C24 LHG XC . 29.09 -11.46 -19.88
C11 LHG XC . 37.90 -9.85 -22.20
C12 LHG XC . 38.34 -8.91 -21.14
C13 LHG XC . 39.79 -9.06 -20.92
C14 LHG XC . 40.29 -7.89 -20.15
C15 LHG XC . 41.41 -8.33 -19.27
C16 LHG XC . 42.73 -8.08 -19.90
C17 LHG XC . 43.69 -7.52 -18.87
C18 LHG XC . 45.06 -8.10 -19.17
C19 LHG XC . 45.42 -8.13 -20.62
C20 LHG XC . 46.92 -8.36 -20.61
C21 LHG XC . 47.27 -9.70 -21.18
C22 LHG XC . 48.77 -9.79 -21.18
C25 LHG XC . 30.18 -11.71 -18.87
C26 LHG XC . 31.20 -12.75 -19.23
C27 LHG XC . 32.25 -12.50 -18.22
C28 LHG XC . 33.19 -11.36 -18.52
C29 LHG XC . 34.59 -11.78 -18.15
C30 LHG XC . 35.36 -10.88 -17.25
C31 LHG XC . 36.76 -10.53 -17.70
C32 LHG XC . 37.74 -10.24 -16.59
C33 LHG XC . 37.96 -8.78 -16.51
C34 LHG XC . 39.10 -8.38 -15.66
C35 LHG XC . 38.71 -7.41 -14.61
C36 LHG XC . 38.19 -8.17 -13.43
C37 LHG XC . 37.53 -7.15 -12.57
C38 LHG XC . 37.48 -7.45 -11.12
HC5 LHG XC . 31.49 -9.54 -24.28
HC61 LHG XC . 29.73 -9.81 -22.84
HC62 LHG XC . 30.93 -9.22 -22.13
HC81 LHG XC . 35.05 -11.09 -22.46
HC82 LHG XC . 34.99 -9.54 -22.38
HC91 LHG XC . 35.98 -9.86 -24.72
HC92 LHG XC . 36.68 -10.98 -23.93
H101 LHG XC . 36.67 -8.37 -22.89
H102 LHG XC . 37.74 -8.75 -23.90
H241 LHG XC . 28.32 -11.97 -19.63
H242 LHG XC . 28.78 -10.59 -19.75
H111 LHG XC . 38.65 -10.26 -22.59
H112 LHG XC . 37.33 -10.53 -21.84
H121 LHG XC . 37.85 -9.07 -20.36
H122 LHG XC . 38.17 -8.05 -21.41
H131 LHG XC . 40.22 -9.09 -21.76
H132 LHG XC . 39.96 -9.84 -20.44
H141 LHG XC . 39.58 -7.58 -19.62
H142 LHG XC . 40.54 -7.19 -20.74
H151 LHG XC . 41.33 -9.24 -19.07
H152 LHG XC . 41.35 -7.87 -18.45
H161 LHG XC . 42.63 -7.50 -20.61
H162 LHG XC . 43.04 -8.87 -20.23
H171 LHG XC . 43.41 -7.73 -18.00
H172 LHG XC . 43.71 -6.58 -18.92
H181 LHG XC . 45.11 -9.01 -18.82
H182 LHG XC . 45.72 -7.60 -18.70
H191 LHG XC . 45.21 -7.31 -21.05
H192 LHG XC . 44.96 -8.82 -21.11
H201 LHG XC . 47.31 -8.30 -19.75
H202 LHG XC . 47.36 -7.70 -21.13
H211 LHG XC . 46.96 -9.82 -22.09
H212 LHG XC . 46.95 -10.42 -20.64
H221 LHG XC . 49.01 -10.60 -21.65
H222 LHG XC . 49.12 -9.83 -20.30
H223 LHG XC . 49.16 -9.07 -21.68
H251 LHG XC . 29.77 -12.00 -18.06
H252 LHG XC . 30.60 -10.88 -18.69
H261 LHG XC . 31.53 -12.66 -20.10
H262 LHG XC . 30.84 -13.62 -19.15
H271 LHG XC . 32.73 -13.30 -18.11
H272 LHG XC . 31.81 -12.29 -17.40
H281 LHG XC . 32.93 -10.60 -17.99
H282 LHG XC . 33.15 -11.08 -19.43
H291 LHG XC . 35.06 -11.81 -18.96
H292 LHG XC . 34.63 -12.66 -17.80
H301 LHG XC . 35.42 -11.28 -16.42
H302 LHG XC . 34.87 -10.09 -17.12
H311 LHG XC . 36.72 -9.83 -18.33
H312 LHG XC . 37.07 -11.30 -18.18
H321 LHG XC . 38.56 -10.72 -16.71
H322 LHG XC . 37.36 -10.52 -15.77
H331 LHG XC . 37.21 -8.41 -16.12
H332 LHG XC . 38.04 -8.41 -17.37
H341 LHG XC . 39.82 -8.02 -16.18
H342 LHG XC . 39.43 -9.15 -15.22
H351 LHG XC . 38.05 -6.84 -14.91
H352 LHG XC . 39.44 -6.88 -14.37
H361 LHG XC . 38.90 -8.60 -12.97
H362 LHG XC . 37.59 -8.83 -13.69
H371 LHG XC . 36.64 -6.97 -12.84
H372 LHG XC . 38.00 -6.37 -12.67
H381 LHG XC . 37.89 -6.70 -10.70
H382 LHG XC . 38.03 -8.20 -10.90
H383 LHG XC . 36.60 -7.55 -10.80
C31 MC3 YC . 18.19 34.23 -13.95
C32 MC3 YC . 18.86 35.59 -13.81
C33 MC3 YC . 19.47 36.19 -15.08
C34 MC3 YC . 20.16 37.49 -14.73
C35 MC3 YC . 21.31 37.94 -15.62
C36 MC3 YC . 22.29 38.79 -14.82
C37 MC3 YC . 23.17 37.92 -13.95
C38 MC3 YC . 23.13 38.21 -12.45
C39 MC3 YC . 24.25 37.51 -11.69
C40 MC3 YC . 25.59 38.22 -11.75
C41 MC3 YC . 26.74 37.29 -11.38
C42 MC3 YC . 28.02 38.05 -11.08
C43 MC3 YC . 29.02 37.92 -12.22
C44 MC3 YC . 30.30 38.71 -11.99
H321 MC3 YC . 19.64 35.52 -13.06
H322 MC3 YC . 18.11 36.29 -13.45
H331 MC3 YC . 18.69 36.39 -15.81
H332 MC3 YC . 20.19 35.49 -15.49
H341 MC3 YC . 19.42 38.27 -14.70
H342 MC3 YC . 20.57 37.37 -13.73
H351 MC3 YC . 21.83 37.08 -16.02
H352 MC3 YC . 20.91 38.53 -16.44
H361 MC3 YC . 22.90 39.37 -15.49
H362 MC3 YC . 21.71 39.47 -14.19
H371 MC3 YC . 22.87 36.89 -14.10
H372 MC3 YC . 24.18 38.03 -14.31
H381 MC3 YC . 23.19 39.27 -12.28
H382 MC3 YC . 22.19 37.86 -12.04
H391 MC3 YC . 23.94 37.41 -10.66
H392 MC3 YC . 24.38 36.53 -12.10
H401 MC3 YC . 25.59 39.04 -11.04
H402 MC3 YC . 25.75 38.61 -12.75
H411 MC3 YC . 26.45 36.72 -10.50
H412 MC3 YC . 26.92 36.60 -12.20
H421 MC3 YC . 27.78 39.10 -10.92
H422 MC3 YC . 28.47 37.65 -10.17
H431 MC3 YC . 29.28 36.87 -12.32
H432 MC3 YC . 28.55 38.25 -13.15
H441 MC3 YC . 31.13 38.13 -12.38
H442 MC3 YC . 30.43 38.89 -10.94
H443 MC3 YC . 30.25 39.65 -12.53
C33 MC3 ZC . 18.23 33.66 -4.86
C34 MC3 ZC . 19.13 34.80 -5.29
C35 MC3 ZC . 20.61 34.43 -5.32
C36 MC3 ZC . 21.50 35.47 -5.98
C37 MC3 ZC . 22.11 36.43 -4.96
C38 MC3 ZC . 23.04 35.72 -3.96
C39 MC3 ZC . 24.51 36.06 -4.04
C40 MC3 ZC . 25.29 35.31 -2.97
C41 MC3 ZC . 26.80 35.46 -3.05
H331 MC3 ZC . 18.82 32.75 -4.73
H332 MC3 ZC . 17.48 33.50 -5.63
H341 MC3 ZC . 18.81 35.14 -6.27
H342 MC3 ZC . 19.00 35.61 -4.58
H351 MC3 ZC . 20.93 34.34 -4.29
H352 MC3 ZC . 20.75 33.50 -5.83
H361 MC3 ZC . 22.29 34.95 -6.50
H362 MC3 ZC . 20.92 36.01 -6.72
H371 MC3 ZC . 21.31 36.91 -4.43
H372 MC3 ZC . 22.67 37.20 -5.48
H381 MC3 ZC . 22.95 34.66 -4.10
H382 MC3 ZC . 22.70 35.95 -2.97
H391 MC3 ZC . 24.90 35.78 -4.99
H392 MC3 ZC . 24.64 37.13 -3.90
H401 MC3 ZC . 25.05 34.26 -3.07
H402 MC3 ZC . 24.94 35.66 -2.00
H411 MC3 ZC . 27.22 34.52 -3.36
H412 MC3 ZC . 27.19 35.66 -2.06
C35 MC3 AD . 24.00 39.81 -7.27
C36 MC3 AD . 24.87 39.87 -6.02
C37 MC3 AD . 26.32 39.54 -6.33
C38 MC3 AD . 27.07 39.08 -5.09
C39 MC3 AD . 28.29 38.23 -5.42
C40 MC3 AD . 29.40 39.09 -6.01
C41 MC3 AD . 30.21 39.82 -4.95
C42 MC3 AD . 31.11 40.89 -5.56
C43 MC3 AD . 32.46 40.34 -5.99
C44 MC3 AD . 33.43 40.23 -4.81
H351 MC3 AD . 23.76 38.76 -7.48
H352 MC3 AD . 24.57 40.18 -8.10
H361 MC3 AD . 24.83 40.87 -5.60
H362 MC3 AD . 24.49 39.18 -5.28
H371 MC3 AD . 26.81 40.42 -6.72
H372 MC3 AD . 26.36 38.76 -7.09
H381 MC3 AD . 27.39 39.97 -4.56
H382 MC3 AD . 26.40 38.52 -4.46
H391 MC3 AD . 28.03 37.48 -6.16
H392 MC3 AD . 28.64 37.73 -4.53
H401 MC3 AD . 30.06 38.46 -6.58
H402 MC3 AD . 28.96 39.82 -6.68
H411 MC3 AD . 30.84 39.09 -4.45
H412 MC3 AD . 29.55 40.26 -4.22
H421 MC3 AD . 31.28 41.68 -4.83
H422 MC3 AD . 30.62 41.32 -6.42
H431 MC3 AD . 32.32 39.34 -6.39
H432 MC3 AD . 32.88 40.98 -6.76
H441 MC3 AD . 32.94 40.57 -3.90
H442 MC3 AD . 34.30 40.86 -4.99
H443 MC3 AD . 33.74 39.21 -4.69
C35 MC3 BD . 31.11 36.38 -3.25
C36 MC3 BD . 32.09 35.42 -2.61
C37 MC3 BD . 33.13 36.06 -1.69
C38 MC3 BD . 34.52 36.24 -2.30
C39 MC3 BD . 35.65 35.94 -1.31
C40 MC3 BD . 37.03 35.90 -1.97
C41 MC3 BD . 38.05 35.04 -1.23
C42 MC3 BD . 38.74 35.76 -0.08
H351 MC3 BD . 31.59 37.34 -3.41
H352 MC3 BD . 30.26 36.50 -2.61
H361 MC3 BD . 32.59 34.83 -3.36
H362 MC3 BD . 31.51 34.76 -1.98
H371 MC3 BD . 33.24 35.43 -0.83
H372 MC3 BD . 32.77 37.02 -1.36
H381 MC3 BD . 34.62 37.26 -2.64
H382 MC3 BD . 34.62 35.59 -3.16
H391 MC3 BD . 35.66 36.70 -0.53
H392 MC3 BD . 35.46 34.97 -0.86
H401 MC3 BD . 37.41 36.91 -2.01
H402 MC3 BD . 36.90 35.51 -2.98
H411 MC3 BD . 38.80 34.72 -1.94
H412 MC3 BD . 37.55 34.15 -0.86
H421 MC3 BD . 38.80 36.82 -0.29
H422 MC3 BD . 39.75 35.38 0.03
CAA Y01 CD . 43.10 19.03 7.73
CBA Y01 CD . 42.76 20.21 6.69
CAB Y01 CD . 41.23 20.36 6.65
CAN Y01 CD . 43.50 21.53 7.09
CAJ Y01 CD . 43.08 22.69 6.16
CAO Y01 CD . 44.19 23.86 6.05
CBB Y01 CD . 45.48 23.57 5.15
CAC Y01 CD . 45.19 22.73 3.91
CBE Y01 CD . 46.08 24.89 4.73
CAP Y01 CD . 46.41 25.71 6.01
CAQ Y01 CD . 47.71 26.65 5.61
CBG Y01 CD . 47.86 26.29 4.03
CBI Y01 CD . 47.43 24.86 3.89
CAE Y01 CD . 48.45 23.87 4.49
CAU Y01 CD . 47.27 24.50 2.55
CAS Y01 CD . 48.54 24.99 1.50
CBF Y01 CD . 49.15 26.45 1.93
CBD Y01 CD . 49.11 26.55 3.63
CAK Y01 CD . 49.54 28.06 3.82
CAI Y01 CD . 50.57 28.34 3.08
CAZ Y01 CD . 50.96 27.88 2.24
CAV Y01 CD . 52.23 28.66 1.74
CBH Y01 CD . 50.52 26.77 1.57
CAD Y01 CD . 51.43 25.55 1.86
CAT Y01 CD . 50.50 27.05 -0.08
CAR Y01 CD . 51.63 27.97 -0.62
CBC Y01 CD . 52.77 28.20 0.39
OAW Y01 CD . 53.54 27.05 0.52
CAY Y01 CD . 54.43 26.77 -0.60
OAG Y01 CD . 54.68 27.64 -1.39
CAM Y01 CD . 55.03 25.34 -0.77
CAL Y01 CD . 56.16 25.37 -1.84
CAX Y01 CD . 57.38 26.14 -1.35
OAH Y01 CD . 58.28 25.55 -0.69
OAF Y01 CD . 57.50 27.37 -1.60
HAA1 Y01 CD . 42.56 18.13 7.44
HAA2 Y01 CD . 44.18 18.84 7.71
HAA3 Y01 CD . 42.81 19.32 8.73
HBA Y01 CD . 43.11 19.92 5.69
HAB1 Y01 CD . 40.93 21.35 7.01
HAB2 Y01 CD . 40.89 20.23 5.64
HAB3 Y01 CD . 40.77 19.59 7.27
HAN1 Y01 CD . 44.57 21.39 7.02
HAN2 Y01 CD . 43.23 21.80 8.11
HAJ1 Y01 CD . 42.81 22.28 5.18
HAJ2 Y01 CD . 42.19 23.13 6.57
HAO1 Y01 CD . 43.70 24.75 5.66
HAO2 Y01 CD . 44.52 24.07 7.05
HBB Y01 CD . 46.20 23.04 5.76
HAC1 Y01 CD . 44.44 21.99 4.10
HAC2 Y01 CD . 46.09 22.22 3.62
HAC3 Y01 CD . 44.87 23.39 3.10
HBE Y01 CD . 45.34 25.43 4.17
HAP1 Y01 CD . 45.57 26.35 6.27
HAP2 Y01 CD . 46.69 25.07 6.84
HAQ1 Y01 CD . 48.60 26.34 6.16
HAQ2 Y01 CD . 47.52 27.70 5.76
HBG Y01 CD . 47.15 26.92 3.48
HBD Y01 CD . 49.85 25.90 4.12
HAE1 Y01 CD . 48.83 24.26 5.44
HAE2 Y01 CD . 49.28 23.73 3.80
HAE3 Y01 CD . 47.98 22.90 4.64
HAU1 Y01 CD . 46.32 24.87 2.17
HAU2 Y01 CD . 47.28 23.41 2.49
HAS1 Y01 CD . 48.12 25.06 0.51
HAS2 Y01 CD . 49.31 24.21 1.49
HBF Y01 CD . 48.51 27.20 1.51
HAK1 Y01 CD . 49.90 28.12 4.86
HAK2 Y01 CD . 48.73 28.66 3.47
HAI Y01 CD . 51.12 29.23 3.42
HAV1 Y01 CD . 51.86 29.68 1.54
HAV2 Y01 CD . 53.02 28.47 2.45
HBC Y01 CD . 53.39 28.99 0.03
HAD1 Y01 CD . 52.41 25.87 2.21
HAD2 Y01 CD . 51.56 24.97 0.94
HAD3 Y01 CD . 51.01 24.90 2.62
HAT1 Y01 CD . 49.55 27.53 -0.33
HAT2 Y01 CD . 50.54 26.09 -0.61
HAR1 Y01 CD . 51.20 28.94 -0.88
HAR2 Y01 CD . 52.05 27.51 -1.53
HAM1 Y01 CD . 54.23 24.66 -1.08
HAM2 Y01 CD . 55.44 25.00 0.19
HAL1 Y01 CD . 56.46 24.37 -2.09
HAL2 Y01 CD . 55.79 25.84 -2.74
CAA Y01 DD . 44.42 18.66 1.29
CBA Y01 DD . 43.28 19.31 0.39
CAB Y01 DD . 41.96 19.05 1.13
CAN Y01 DD . 43.53 20.84 0.15
CAJ Y01 DD . 45.02 21.29 -0.06
CAO Y01 DD . 45.64 21.26 -1.55
CBB Y01 DD . 46.66 22.49 -1.67
CAC Y01 DD . 47.57 22.40 -0.44
CBE Y01 DD . 47.58 22.55 -2.87
CAP Y01 DD . 46.95 21.91 -4.16
CAQ Y01 DD . 47.26 22.95 -5.41
CBG Y01 DD . 48.43 23.90 -4.78
CBI Y01 DD . 48.10 24.03 -3.31
CAE Y01 DD . 47.01 25.08 -3.06
CAU Y01 DD . 49.22 24.46 -2.59
CAS Y01 DD . 49.87 25.90 -3.26
CBF Y01 DD . 49.91 25.85 -4.88
CBD Y01 DD . 48.51 25.08 -5.45
CAK Y01 DD . 48.79 25.05 -7.02
CAI Y01 DD . 49.65 25.96 -7.43
CAZ Y01 DD . 50.11 26.76 -6.93
CAV Y01 DD . 51.12 27.66 -7.71
CBH Y01 DD . 49.93 27.10 -5.62
CAD Y01 DD . 48.63 27.94 -5.50
CAT Y01 DD . 51.19 28.04 -5.02
CAR Y01 DD . 52.58 27.77 -5.68
CBC Y01 DD . 52.44 27.19 -7.12
OAW Y01 DD . 53.57 27.54 -7.87
CAY Y01 DD . 54.79 26.84 -7.45
OAG Y01 DD . 54.72 26.02 -6.58
CAM Y01 DD . 56.19 27.09 -8.07
CAL Y01 DD . 56.73 28.55 -7.87
CAX Y01 DD . 57.81 28.83 -8.90
OAH Y01 DD . 57.49 29.21 -10.06
OAF Y01 DD . 59.01 28.69 -8.60
HAA1 Y01 DD . 44.14 17.64 1.54
HAA2 Y01 DD . 45.37 18.64 0.74
HAA3 Y01 DD . 44.54 19.24 2.19
HBA Y01 DD . 43.25 18.80 -0.59
HAB1 Y01 DD . 41.30 18.48 0.49
HAB2 Y01 DD . 41.47 19.98 1.40
HAB3 Y01 DD . 42.16 18.48 2.03
HAN1 Y01 DD . 43.16 21.37 1.02
HAN2 Y01 DD . 42.92 21.14 -0.70
HAJ1 Y01 DD . 45.68 20.73 0.59
HAJ2 Y01 DD . 45.04 22.32 0.24
HAO1 Y01 DD . 46.16 20.32 -1.71
HAO2 Y01 DD . 44.85 21.36 -2.28
HBB Y01 DD . 46.06 23.37 -1.58
HAC1 Y01 DD . 47.11 22.91 0.38
HAC2 Y01 DD . 48.53 22.85 -0.63
HAC3 Y01 DD . 47.70 21.36 -0.16
HBE Y01 DD . 48.45 21.97 -2.66
HAP1 Y01 DD . 47.41 20.97 -4.35
HAP2 Y01 DD . 45.88 21.80 -4.05
HAQ1 Y01 DD . 46.39 23.53 -5.67
HAQ2 Y01 DD . 47.65 22.41 -6.27
HBG Y01 DD . 49.39 23.38 -4.90
HBD Y01 DD . 47.59 25.68 -5.31
HAE1 Y01 DD . 46.11 24.75 -3.56
HAE2 Y01 DD . 47.31 26.05 -3.43
HAE3 Y01 DD . 46.83 25.19 -1.99
HAU1 Y01 DD . 49.98 23.68 -2.60
HAU2 Y01 DD . 48.94 24.69 -1.56
HAS1 Y01 DD . 50.88 26.01 -2.90
HAS2 Y01 DD . 49.25 26.76 -2.97
HBF Y01 DD . 50.75 25.25 -5.16
HAK1 Y01 DD . 47.84 25.30 -7.48
HAK2 Y01 DD . 49.27 24.09 -7.17
HAI Y01 DD . 49.93 25.83 -8.50
HAV1 Y01 DD . 51.11 27.39 -8.77
HAV2 Y01 DD . 50.97 28.69 -7.40
HBC Y01 DD . 52.40 26.11 -7.06
HAD1 Y01 DD . 48.87 28.99 -5.58
HAD2 Y01 DD . 48.14 27.74 -4.55
HAD3 Y01 DD . 47.97 27.69 -6.33
HAT1 Y01 DD . 51.28 27.89 -3.94
HAT2 Y01 DD . 50.95 29.09 -5.18
HAR1 Y01 DD . 53.12 27.06 -5.06
HAR2 Y01 DD . 53.13 28.70 -5.73
HAM1 Y01 DD . 56.18 26.85 -9.15
HAM2 Y01 DD . 56.90 26.42 -7.59
HAL1 Y01 DD . 55.93 29.27 -7.97
HAL2 Y01 DD . 57.16 28.63 -6.90
C31 MC3 ED . 33.42 14.35 0.81
C32 MC3 ED . 34.30 14.78 -0.36
C33 MC3 ED . 35.77 14.37 -0.23
C34 MC3 ED . 36.69 15.49 -0.70
C35 MC3 ED . 37.88 15.02 -1.53
C36 MC3 ED . 38.70 16.19 -2.06
C37 MC3 ED . 38.07 16.94 -3.25
C38 MC3 ED . 39.00 17.87 -4.02
C39 MC3 ED . 40.47 17.61 -3.75
C40 MC3 ED . 41.50 18.23 -4.68
C41 MC3 ED . 42.91 17.68 -4.40
C42 MC3 ED . 43.90 18.79 -4.02
C43 MC3 ED . 44.67 19.31 -5.23
H321 MC3 ED . 34.23 15.85 -0.45
H322 MC3 ED . 33.90 14.34 -1.27
H331 MC3 ED . 35.94 13.48 -0.82
H332 MC3 ED . 36.00 14.15 0.81
H341 MC3 ED . 37.09 16.00 0.18
H342 MC3 ED . 36.14 16.17 -1.31
H351 MC3 ED . 38.52 14.40 -0.92
H352 MC3 ED . 37.51 14.43 -2.36
H361 MC3 ED . 39.65 15.77 -2.31
H362 MC3 ED . 38.86 16.90 -1.25
H371 MC3 ED . 37.25 17.55 -2.87
H372 MC3 ED . 37.64 16.21 -3.93
H381 MC3 ED . 38.76 18.89 -3.74
H382 MC3 ED . 38.82 17.77 -5.08
H391 MC3 ED . 40.64 16.55 -3.81
H392 MC3 ED . 40.69 17.92 -2.73
H401 MC3 ED . 41.50 19.30 -4.55
H402 MC3 ED . 41.24 18.00 -5.70
H411 MC3 ED . 42.85 16.97 -3.58
H412 MC3 ED . 43.27 17.19 -5.28
H421 MC3 ED . 44.60 18.42 -3.29
H422 MC3 ED . 43.35 19.60 -3.57
H431 MC3 ED . 44.91 18.47 -5.87
H432 MC3 ED . 44.03 20.00 -5.78
C31 MC3 FD . 27.60 17.97 -26.70
C32 MC3 FD . 28.71 18.52 -27.58
C33 MC3 FD . 29.94 18.96 -26.79
C34 MC3 FD . 31.22 18.37 -27.36
C35 MC3 FD . 32.42 18.42 -26.43
C36 MC3 FD . 32.73 19.79 -25.87
C37 MC3 FD . 34.02 19.89 -25.05
C38 MC3 FD . 34.94 18.69 -25.11
C39 MC3 FD . 36.20 18.99 -24.31
C40 MC3 FD . 37.48 18.49 -24.97
H321 MC3 FD . 28.34 19.37 -28.14
H322 MC3 FD . 29.00 17.75 -28.28
H331 MC3 FD . 30.01 20.04 -26.85
H332 MC3 FD . 29.85 18.67 -25.75
H341 MC3 FD . 31.46 18.90 -28.27
H342 MC3 FD . 31.03 17.33 -27.60
H351 MC3 FD . 33.29 18.09 -27.01
H352 MC3 FD . 32.25 17.75 -25.60
H361 MC3 FD . 32.80 20.50 -26.69
H362 MC3 FD . 31.91 20.07 -25.22
H371 MC3 FD . 34.58 20.74 -25.41
H372 MC3 FD . 33.76 20.07 -24.01
H381 MC3 FD . 34.44 17.83 -24.70
H382 MC3 FD . 35.21 18.50 -26.14
H391 MC3 FD . 36.28 20.06 -24.21
H392 MC3 FD . 36.11 18.53 -23.34
H401 MC3 FD . 38.29 18.65 -24.29
H402 MC3 FD . 37.37 17.42 -25.15
C4 LHG GD . 23.44 22.11 -25.43
C5 LHG GD . 24.26 22.12 -24.13
C6 LHG GD . 23.77 21.06 -23.16
O7 LHG GD . 25.61 21.82 -24.49
C7 LHG GD . 26.44 22.89 -24.34
O9 LHG GD . 26.05 24.04 -24.38
C8 LHG GD . 27.85 22.46 -24.05
C9 LHG GD . 28.80 23.54 -24.48
C10 LHG GD . 29.80 23.85 -23.38
O8 LHG GD . 24.10 19.85 -23.77
C23 LHG GD . 23.10 18.93 -23.85
O10 LHG GD . 22.10 19.17 -24.48
C24 LHG GD . 23.11 17.77 -22.87
C11 LHG GD . 30.83 22.81 -23.56
C12 LHG GD . 31.50 22.56 -22.25
C13 LHG GD . 32.96 22.67 -22.41
C14 LHG GD . 33.59 22.79 -21.06
C15 LHG GD . 34.94 22.14 -21.10
C16 LHG GD . 36.01 23.13 -21.34
C17 LHG GD . 37.17 22.85 -20.43
C18 LHG GD . 38.44 23.14 -21.22
C19 LHG GD . 38.40 24.41 -22.02
C20 LHG GD . 39.85 24.66 -22.36
C21 LHG GD . 40.10 24.51 -23.82
C22 LHG GD . 41.56 24.86 -24.06
C25 LHG GD . 24.45 17.10 -22.67
C26 LHG GD . 25.39 17.12 -23.83
C27 LHG GD . 26.65 16.71 -23.20
C28 LHG GD . 27.41 17.80 -22.49
C29 LHG GD . 28.89 17.64 -22.78
C30 LHG GD . 29.83 17.58 -21.63
C31 LHG GD . 31.01 18.49 -21.70
C32 LHG GD . 32.26 18.00 -20.98
C33 LHG GD . 32.40 18.77 -19.72
C34 LHG GD . 33.71 18.59 -19.04
C35 LHG GD . 33.57 18.13 -17.64
C36 LHG GD . 33.44 16.65 -17.63
C37 LHG GD . 32.97 16.31 -16.25
C38 LHG GD . 33.35 14.96 -15.75
HC5 LHG GD . 24.10 22.97 -23.75
HC61 LHG GD . 22.81 21.19 -23.05
HC62 LHG GD . 24.14 21.25 -22.30
HC81 LHG GD . 28.11 21.61 -24.46
HC82 LHG GD . 27.99 22.34 -23.10
HC91 LHG GD . 28.30 24.33 -24.69
HC92 LHG GD . 29.25 23.29 -25.29
H101 LHG GD . 29.40 23.81 -22.54
H102 LHG GD . 30.17 24.72 -23.48
H241 LHG GD . 22.47 17.09 -23.09
H242 LHG GD . 22.81 18.03 -22.03
H111 LHG GD . 31.48 23.11 -24.19
H112 LHG GD . 30.43 22.00 -23.90
H121 LHG GD . 31.26 21.70 -21.94
H122 LHG GD . 31.22 23.17 -21.65
H131 LHG GD . 33.15 23.45 -22.92
H132 LHG GD . 33.31 21.92 -22.84
H141 LHG GD . 33.04 22.34 -20.45
H142 LHG GD . 33.63 23.70 -20.80
H151 LHG GD . 34.96 21.47 -21.76
H152 LHG GD . 35.07 21.71 -20.27
H161 LHG GD . 35.69 23.98 -21.21
H162 LHG GD . 36.27 23.06 -22.22
H171 LHG GD . 37.17 21.94 -20.14
H172 LHG GD . 37.13 23.38 -19.65
H181 LHG GD . 38.64 22.40 -21.80
H182 LHG GD . 39.17 23.19 -20.59
H191 LHG GD . 38.03 25.11 -21.52
H192 LHG GD . 37.87 24.31 -22.81
H201 LHG GD . 40.46 24.10 -21.91
H202 LHG GD . 40.10 25.55 -22.10
H211 LHG GD . 39.57 25.11 -24.36
H212 LHG GD . 39.98 23.61 -24.12
H221 LHG GD . 41.70 24.88 -25.00
H222 LHG GD . 42.14 24.21 -23.66
H223 LHG GD . 41.75 25.74 -23.72
H251 LHG GD . 24.30 16.19 -22.46
H252 LHG GD . 24.86 17.50 -21.91
H261 LHG GD . 25.46 17.96 -24.24
H262 LHG GD . 25.12 16.50 -24.50
H271 LHG GD . 27.19 16.32 -23.87
H272 LHG GD . 26.45 16.03 -22.57
H281 LHG GD . 27.27 17.69 -21.54
H282 LHG GD . 27.11 18.67 -22.71
H291 LHG GD . 29.12 18.40 -23.28
H292 LHG GD . 29.06 16.90 -23.36
H301 LHG GD . 30.13 16.71 -21.55
H302 LHG GD . 29.34 17.75 -20.85
H311 LHG GD . 30.76 19.36 -21.43
H312 LHG GD . 31.23 18.55 -22.63
H321 LHG GD . 33.03 18.07 -21.54
H322 LHG GD . 32.14 17.09 -20.76
H331 LHG GD . 31.76 18.44 -19.13
H332 LHG GD . 32.23 19.67 -19.86
H341 LHG GD . 34.24 19.38 -19.08
H342 LHG GD . 34.19 17.91 -19.50
H351 LHG GD . 32.81 18.50 -17.24
H352 LHG GD . 34.30 18.40 -17.13
H361 LHG GD . 34.27 16.24 -17.82
H362 LHG GD . 32.81 16.36 -18.26
H371 LHG GD . 32.05 16.38 -16.16
H372 LHG GD . 33.36 16.92 -15.68
H381 LHG GD . 33.82 15.11 -14.94
H382 LHG GD . 33.98 14.54 -16.34
H383 LHG GD . 32.60 14.41 -15.59
C31 MC3 HD . 11.71 34.00 20.11
C32 MC3 HD . 12.32 34.78 21.29
C33 MC3 HD . 12.52 36.28 21.06
C34 MC3 HD . 13.21 36.86 22.29
C35 MC3 HD . 14.04 38.12 22.10
C36 MC3 HD . 15.14 38.17 23.15
C37 MC3 HD . 16.28 37.24 22.75
C38 MC3 HD . 16.63 36.17 23.79
C39 MC3 HD . 17.96 35.47 23.47
C40 MC3 HD . 19.20 36.25 23.92
C41 MC3 HD . 20.45 35.77 23.20
C42 MC3 HD . 21.72 36.25 23.89
C43 MC3 HD . 22.37 37.37 23.08
C44 MC3 HD . 23.62 37.94 23.74
H321 MC3 HD . 13.27 34.33 21.52
H322 MC3 HD . 11.66 34.65 22.14
H331 MC3 HD . 11.56 36.77 20.93
H332 MC3 HD . 13.14 36.43 20.19
H341 MC3 HD . 12.45 37.05 23.04
H342 MC3 HD . 13.88 36.09 22.66
H351 MC3 HD . 14.48 38.13 21.11
H352 MC3 HD . 13.41 38.98 22.22
H361 MC3 HD . 15.52 39.19 23.23
H362 MC3 HD . 14.74 37.86 24.10
H371 MC3 HD . 16.02 36.74 21.83
H372 MC3 HD . 17.16 37.86 22.57
H381 MC3 HD . 16.69 36.61 24.78
H382 MC3 HD . 15.87 35.40 23.80
H391 MC3 HD . 17.96 34.50 23.95
H392 MC3 HD . 18.02 35.33 22.42
H401 MC3 HD . 19.35 36.11 24.98
H402 MC3 HD . 19.05 37.30 23.71
H411 MC3 HD . 20.45 34.68 23.21
H412 MC3 HD . 20.45 36.12 22.18
H421 MC3 HD . 21.47 36.61 24.88
H422 MC3 HD . 22.42 35.42 23.97
H431 MC3 HD . 22.65 36.98 22.12
H432 MC3 HD . 21.65 38.17 22.93
H441 MC3 HD . 24.35 38.18 22.98
H442 MC3 HD . 24.03 37.22 24.44
H443 MC3 HD . 23.37 38.85 24.27
C33 MC3 ID . 14.27 26.34 24.33
C34 MC3 ID . 14.95 27.53 24.99
C35 MC3 ID . 16.39 27.75 24.53
C36 MC3 ID . 17.00 29.05 24.97
C37 MC3 ID . 17.82 28.90 26.25
C38 MC3 ID . 19.02 27.96 26.07
C39 MC3 ID . 20.40 28.59 26.18
C40 MC3 ID . 21.48 27.53 26.02
C41 MC3 ID . 22.90 28.07 25.96
H331 MC3 ID . 14.92 25.92 23.56
H332 MC3 ID . 13.35 26.69 23.87
H341 MC3 ID . 14.37 28.42 24.81
H342 MC3 ID . 14.99 27.35 26.05
H351 MC3 ID . 16.99 26.96 24.93
H352 MC3 ID . 16.43 27.71 23.44
H361 MC3 ID . 17.66 29.40 24.18
H362 MC3 ID . 16.22 29.78 25.11
H371 MC3 ID . 17.16 28.51 27.02
H372 MC3 ID . 18.17 29.88 26.58
H381 MC3 ID . 18.95 27.48 25.11
H382 MC3 ID . 18.95 27.18 26.81
H391 MC3 ID . 20.53 29.32 25.41
H392 MC3 ID . 20.49 29.07 27.14
H401 MC3 ID . 21.28 27.00 25.10
H402 MC3 ID . 21.38 26.83 26.84
H411 MC3 ID . 23.27 27.94 24.95
H412 MC3 ID . 23.54 27.48 26.60
C35 MC3 JD . 18.81 33.03 27.74
C36 MC3 JD . 19.98 32.29 28.35
C37 MC3 JD . 21.31 32.74 27.77
C38 MC3 JD . 22.39 31.69 27.95
C39 MC3 JD . 23.52 31.84 26.93
C40 MC3 JD . 24.37 33.05 27.25
C41 MC3 JD . 25.41 32.79 28.34
C42 MC3 JD . 26.05 34.07 28.85
C43 MC3 JD . 27.25 34.49 28.03
C44 MC3 JD . 28.51 33.74 28.45
H351 MC3 JD . 18.58 32.60 26.77
H352 MC3 JD . 19.11 34.05 27.57
H361 MC3 JD . 20.00 32.46 29.42
H362 MC3 JD . 19.86 31.22 28.19
H371 MC3 JD . 21.62 33.64 28.28
H372 MC3 JD . 21.18 32.95 26.72
H381 MC3 JD . 22.80 31.81 28.95
H382 MC3 JD . 21.96 30.70 27.87
H391 MC3 JD . 23.11 31.96 25.94
H392 MC3 JD . 24.12 30.94 26.94
H401 MC3 JD . 24.89 33.35 26.36
H402 MC3 JD . 23.72 33.86 27.57
H411 MC3 JD . 26.19 32.16 27.92
H412 MC3 JD . 24.95 32.25 29.17
H421 MC3 JD . 26.36 33.93 29.88
H422 MC3 JD . 25.31 34.87 28.83
H431 MC3 JD . 27.05 34.25 26.99
H432 MC3 JD . 27.40 35.56 28.13
H441 MC3 JD . 28.28 33.04 29.25
H442 MC3 JD . 29.26 34.44 28.81
H443 MC3 JD . 28.89 33.18 27.61
C35 MC3 KD . 26.93 29.84 26.21
C36 MC3 KD . 28.10 29.07 25.63
C37 MC3 KD . 29.32 28.95 26.55
C38 MC3 KD . 30.47 29.90 26.26
C39 MC3 KD . 31.84 29.23 26.40
C40 MC3 KD . 32.98 30.11 25.89
C41 MC3 KD . 34.21 29.32 25.44
C42 MC3 KD . 35.15 28.94 26.58
H351 MC3 KD . 27.29 30.60 26.89
H352 MC3 KD . 26.27 29.16 26.73
H361 MC3 KD . 28.40 29.50 24.69
H362 MC3 KD . 27.75 28.06 25.44
H371 MC3 KD . 29.69 27.94 26.45
H372 MC3 KD . 29.00 29.08 27.57
H381 MC3 KD . 30.41 30.73 26.94
H382 MC3 KD . 30.36 30.28 25.24
H391 MC3 KD . 32.03 29.00 27.44
H392 MC3 KD . 31.83 28.30 25.82
H401 MC3 KD . 33.28 30.78 26.69
H402 MC3 KD . 32.61 30.68 25.05
H411 MC3 KD . 34.76 29.93 24.72
H412 MC3 KD . 33.89 28.42 24.92
H421 MC3 KD . 35.09 29.69 27.36
H422 MC3 KD . 36.17 28.92 26.22
CAA Y01 LD . 42.42 15.02 15.98
CBA Y01 LD . 41.74 16.37 16.47
CAB Y01 LD . 40.27 16.09 16.72
CAN Y01 LD . 42.49 16.93 17.72
CAJ Y01 LD . 41.76 18.19 18.26
CAO Y01 LD . 42.74 19.18 19.09
CBB Y01 LD . 43.76 20.09 18.26
CAC Y01 LD . 43.18 20.58 16.94
CBE Y01 LD . 44.13 21.28 19.10
CAP Y01 LD . 44.76 20.76 20.44
CAQ Y01 LD . 45.85 21.92 20.90
CBG Y01 LD . 45.57 23.04 19.76
CBI Y01 LD . 45.20 22.31 18.51
CAE Y01 LD . 46.40 21.56 17.88
CAU Y01 LD . 44.71 23.17 17.53
CAS Y01 LD . 45.60 24.59 17.28
CBF Y01 LD . 46.23 25.18 18.68
CBD Y01 LD . 46.64 23.84 19.65
CAK Y01 LD . 47.03 24.58 21.00
CAI Y01 LD . 47.80 25.61 20.75
CAZ Y01 LD . 47.98 26.15 19.89
CAV Y01 LD . 49.00 27.29 20.16
CBH Y01 LD . 47.42 25.99 18.63
CAD Y01 LD . 48.45 25.36 17.65
CAT Y01 LD . 46.93 27.47 18.01
CAR Y01 LD . 47.81 28.69 18.41
CBC Y01 LD . 49.19 28.28 19.02
OAW Y01 LD . 50.02 27.78 18.03
CAY Y01 LD . 50.58 28.77 17.12
OAG Y01 LD . 50.55 29.94 17.42
CAM Y01 LD . 51.20 28.33 15.76
CAL Y01 LD . 51.97 29.51 15.12
CAX Y01 LD . 53.24 29.83 15.92
OAH Y01 LD . 54.32 29.22 15.67
OAF Y01 LD . 53.22 30.70 16.81
HAA1 Y01 LD . 41.87 14.63 15.11
HAA2 Y01 LD . 43.47 15.20 15.70
HAA3 Y01 LD . 42.40 14.26 16.76
HBA Y01 LD . 41.82 17.12 15.67
HAB1 Y01 LD . 40.02 16.23 17.78
HAB2 Y01 LD . 39.66 16.75 16.12
HAB3 Y01 LD . 40.03 15.06 16.43
HAN1 Y01 LD . 43.50 17.20 17.46
HAN2 Y01 LD . 42.51 16.18 18.51
HAJ1 Y01 LD . 41.27 18.70 17.44
HAJ2 Y01 LD . 41.00 17.84 18.94
HAO1 Y01 LD . 42.12 19.83 19.70
HAO2 Y01 LD . 43.32 18.56 19.76
HBB Y01 LD . 44.63 19.52 18.06
HAC1 Y01 LD . 42.55 19.84 16.48
HAC2 Y01 LD . 43.98 20.79 16.26
HAC3 Y01 LD . 42.61 21.50 17.12
HBE Y01 LD . 43.24 21.82 19.36
HAP1 Y01 LD . 43.98 20.66 21.19
HAP2 Y01 LD . 45.28 19.83 20.29
HAQ1 Y01 LD . 46.86 21.54 20.83
HAQ2 Y01 LD . 45.64 22.30 21.88
HBG Y01 LD . 44.71 23.63 20.08
HBD Y01 LD . 47.52 23.29 19.27
HAE1 Y01 LD . 47.00 21.09 18.66
HAE2 Y01 LD . 47.01 22.26 17.33
HAE3 Y01 LD . 46.04 20.82 17.18
HAU1 Y01 LD . 43.66 23.41 17.74
HAU2 Y01 LD . 44.75 22.63 16.57
HAS1 Y01 LD . 44.93 25.33 16.87
HAS2 Y01 LD . 46.39 24.41 16.54
HBF Y01 LD . 45.45 25.74 19.17
HAK1 Y01 LD . 47.65 23.87 21.53
HAK2 Y01 LD . 46.11 24.98 21.40
HAI Y01 LD . 48.37 25.94 21.63
HAV1 Y01 LD . 48.54 27.88 20.96
HAV2 Y01 LD . 49.97 26.81 20.29
HBC Y01 LD . 49.63 29.16 19.43
HAD1 Y01 LD . 49.46 25.50 18.03
HAD2 Y01 LD . 48.35 25.83 16.68
HAD3 Y01 LD . 48.28 24.29 17.54
HAT1 Y01 LD . 45.93 27.69 18.39
HAT2 Y01 LD . 46.89 27.41 16.92
HAR1 Y01 LD . 47.28 29.29 19.14
HAR2 Y01 LD . 48.00 29.29 17.51
HAM1 Y01 LD . 50.39 28.01 15.10
HAM2 Y01 LD . 51.87 27.48 15.93
HAL1 Y01 LD . 52.26 29.26 14.11
HAL2 Y01 LD . 51.35 30.37 15.10
CAA Y01 MD . 41.95 20.38 12.19
CBA Y01 MD . 40.57 21.15 12.38
CAB Y01 MD . 39.51 20.07 12.68
CAN Y01 MD . 40.65 22.21 13.53
CAJ Y01 MD . 42.00 23.01 13.68
CAO Y01 MD . 42.20 24.36 12.81
CBB Y01 MD . 43.08 25.37 13.71
CAC Y01 MD . 44.28 24.55 14.17
CBE Y01 MD . 43.62 26.62 13.04
CAP Y01 MD . 42.69 27.15 11.90
CAQ Y01 MD . 42.59 28.80 12.09
CBG Y01 MD . 43.83 29.09 13.10
CBI Y01 MD . 43.91 27.88 14.01
CAE Y01 MD . 42.88 27.94 15.15
CAU Y01 MD . 45.16 27.82 14.64
CAS Y01 MD . 45.52 29.27 15.46
CBF Y01 MD . 45.12 30.58 14.57
CBD Y01 MD . 43.66 30.26 13.77
CAK Y01 MD . 43.50 31.60 12.89
CAI Y01 MD . 44.16 32.64 13.37
CAZ Y01 MD . 44.69 32.77 14.27
CAV Y01 MD . 45.40 34.14 14.52
CBH Y01 MD . 44.87 31.84 15.25
CAD Y01 MD . 43.60 31.84 16.15
CAT Y01 MD . 46.19 32.18 16.23
CAR Y01 MD . 47.36 32.93 15.52
CBC Y01 MD . 46.86 33.76 14.30
OAW Y01 MD . 47.72 34.85 14.09
CAY Y01 MD . 49.04 34.45 13.61
OAG Y01 MD . 49.26 33.31 13.36
CAM Y01 MD . 50.22 35.47 13.36
CAL Y01 MD . 50.69 36.21 14.65
CAX Y01 MD . 51.43 37.47 14.25
OAH Y01 MD . 50.78 38.53 14.00
OAF Y01 MD . 52.68 37.46 14.17
HAA1 Y01 MD . 41.81 19.56 11.48
HAA2 Y01 MD . 42.71 21.06 11.80
HAA3 Y01 MD . 42.27 19.97 13.15
HBA Y01 MD . 40.30 21.66 11.45
HAB1 Y01 MD . 38.74 20.10 11.93
HAB2 Y01 MD . 39.07 20.21 13.66
HAB3 Y01 MD . 39.99 19.08 12.66
HAN1 Y01 MD . 40.50 21.69 14.48
HAN2 Y01 MD . 39.82 22.90 13.41
HAJ1 Y01 MD . 42.84 22.35 13.47
HAJ2 Y01 MD . 42.05 23.30 14.70
HAO1 Y01 MD . 42.70 24.12 11.89
HAO2 Y01 MD . 41.22 24.79 12.60
HBB Y01 MD . 42.47 25.59 14.56
HAC1 Y01 MD . 44.03 24.04 15.08
HAC2 Y01 MD . 45.13 25.19 14.36
HAC3 Y01 MD . 44.55 23.82 13.41
HBE Y01 MD . 44.56 26.36 12.57
HAP1 Y01 MD . 43.14 26.93 10.93
HAP2 Y01 MD . 41.70 26.74 11.95
HAQ1 Y01 MD . 41.65 29.08 12.54
HAQ2 Y01 MD . 42.76 29.30 11.15
HBG Y01 MD . 44.75 29.16 12.52
HBD Y01 MD . 42.78 30.23 14.43
HAE1 Y01 MD . 41.89 27.94 14.69
HAE2 Y01 MD . 43.01 28.83 15.75
HAE3 Y01 MD . 42.99 27.09 15.81
HAU1 Y01 MD . 45.93 27.61 13.91
HAU2 Y01 MD . 45.16 27.02 15.40
HAS1 Y01 MD . 46.58 29.32 15.64
HAS2 Y01 MD . 44.96 29.33 16.40
HBF Y01 MD . 45.88 30.71 13.83
HAK1 Y01 MD . 42.44 31.86 12.97
HAK2 Y01 MD . 43.98 31.34 11.96
HAI Y01 MD . 44.14 33.51 12.69
HAV1 Y01 MD . 45.12 34.86 13.75
HAV2 Y01 MD . 45.29 34.38 15.58
HBC Y01 MD . 46.90 33.13 13.43
HAD1 Y01 MD . 43.75 32.51 16.98
HAD2 Y01 MD . 43.40 30.84 16.52
HAD3 Y01 MD . 42.76 32.20 15.58
HAT1 Y01 MD . 46.58 31.25 16.66
HAT2 Y01 MD . 45.85 32.79 17.08
HAR1 Y01 MD . 48.08 32.20 15.20
HAR2 Y01 MD . 47.83 33.61 16.24
HAM1 Y01 MD . 49.91 36.21 12.60
HAM2 Y01 MD . 51.05 34.90 12.98
HAL1 Y01 MD . 49.86 36.45 15.29
HAL2 Y01 MD . 51.38 35.57 15.19
C31 MC3 ND . 31.49 15.62 9.37
C32 MC3 ND . 31.99 17.02 9.03
C33 MC3 ND . 33.46 17.09 8.62
C34 MC3 ND . 34.16 18.29 9.22
C35 MC3 ND . 35.10 19.03 8.28
C36 MC3 ND . 35.67 20.30 8.92
C37 MC3 ND . 34.70 21.48 9.00
C38 MC3 ND . 35.34 22.84 9.31
C39 MC3 ND . 36.84 22.87 9.08
C40 MC3 ND . 37.53 24.23 9.02
C41 MC3 ND . 38.99 24.08 8.58
C42 MC3 ND . 39.98 24.60 9.61
C43 MC3 ND . 40.36 26.06 9.35
H321 MC3 ND . 31.84 17.64 9.90
H322 MC3 ND . 31.39 17.43 8.23
H331 MC3 ND . 33.51 17.15 7.53
H332 MC3 ND . 33.98 16.19 8.93
H341 MC3 ND . 34.75 17.96 10.07
H342 MC3 ND . 33.42 19.01 9.55
H351 MC3 ND . 35.92 18.38 8.00
H352 MC3 ND . 34.55 19.30 7.39
H361 MC3 ND . 36.54 20.53 8.33
H362 MC3 ND . 36.01 20.05 9.92
H371 MC3 ND . 33.99 21.29 9.80
H372 MC3 ND . 34.14 21.55 8.07
H381 MC3 ND . 35.12 23.09 10.34
H382 MC3 ND . 34.87 23.61 8.70
H391 MC3 ND . 37.04 22.41 8.13
H392 MC3 ND . 37.30 22.27 9.85
H401 MC3 ND . 37.50 24.68 10.00
H402 MC3 ND . 37.01 24.86 8.32
H411 MC3 ND . 39.19 23.03 8.39
H412 MC3 ND . 39.13 24.62 7.65
H421 MC3 ND . 40.89 24.01 9.60
H422 MC3 ND . 39.53 24.53 10.58
H431 MC3 ND . 40.46 26.21 8.27
H432 MC3 ND . 39.56 26.70 9.70
C31 MC3 OD . 18.16 38.29 -1.23
C32 MC3 OD . 18.96 39.58 -1.32
C33 MC3 OD . 20.33 39.49 -0.65
C34 MC3 OD . 21.43 39.98 -1.59
C35 MC3 OD . 22.84 39.57 -1.18
C36 MC3 OD . 23.21 39.92 0.25
C37 MC3 OD . 24.67 39.64 0.63
C38 MC3 OD . 25.60 39.30 -0.51
C39 MC3 OD . 27.01 39.14 0.03
C40 MC3 OD . 28.09 39.75 -0.86
H321 MC3 OD . 18.40 40.38 -0.86
H322 MC3 OD . 19.08 39.82 -2.37
H331 MC3 OD . 20.32 40.13 0.22
H332 MC3 OD . 20.54 38.47 -0.36
H341 MC3 OD . 21.38 41.07 -1.63
H342 MC3 OD . 21.24 39.57 -2.57
H351 MC3 OD . 23.53 40.09 -1.84
H352 MC3 OD . 22.94 38.50 -1.30
H361 MC3 OD . 23.01 40.97 0.42
H362 MC3 OD . 22.58 39.32 0.90
H371 MC3 OD . 25.06 40.52 1.11
H372 MC3 OD . 24.69 38.82 1.35
H381 MC3 OD . 25.28 38.39 -0.98
H382 MC3 OD . 25.59 40.10 -1.24
H391 MC3 OD . 27.06 39.63 0.98
H392 MC3 OD . 27.23 38.08 0.15
H401 MC3 OD . 29.05 39.49 -0.46
H402 MC3 OD . 27.99 39.31 -1.85
C4 LHG PD . 14.28 38.34 3.34
C5 LHG PD . 15.43 37.51 3.95
C6 LHG PD . 15.28 36.04 3.60
O7 LHG PD . 16.64 37.98 3.38
C7 LHG PD . 17.42 38.65 4.29
O9 LHG PD . 16.97 39.18 5.28
C8 LHG PD . 18.88 38.56 3.93
C9 LHG PD . 19.62 39.72 4.54
C10 LHG PD . 20.85 39.26 5.27
O8 LHG PD . 15.50 35.98 2.22
C23 LHG PD . 14.57 35.30 1.50
O10 LHG PD . 13.42 35.68 1.48
C24 LHG PD . 14.91 33.90 1.03
C11 LHG PD . 21.85 39.12 4.18
C12 LHG PD . 22.87 38.11 4.58
C13 LHG PD . 24.22 38.68 4.46
C14 LHG PD . 25.18 37.81 5.20
C15 LHG PD . 26.51 37.85 4.49
C16 LHG PD . 27.42 38.85 5.11
C17 LHG PD . 28.80 38.27 5.22
C18 LHG PD . 29.78 39.40 4.94
C19 LHG PD . 29.45 40.70 5.60
C20 LHG PD . 30.73 41.48 5.50
C21 LHG PD . 30.58 42.66 4.60
C22 LHG PD . 31.90 43.42 4.63
C25 LHG PD . 16.29 33.74 0.43
C26 LHG PD . 16.87 34.94 -0.26
C27 LHG PD . 18.28 34.54 -0.40
C28 LHG PD . 19.14 34.73 0.82
C29 LHG PD . 20.49 35.28 0.39
C30 LHG PD . 21.71 34.56 0.85
C31 LHG PD . 22.78 35.40 1.46
C32 LHG PD . 24.20 34.89 1.30
C33 LHG PD . 24.64 34.31 2.59
C34 LHG PD . 26.09 34.01 2.65
C35 LHG PD . 26.36 32.59 3.01
C36 LHG PD . 26.33 31.77 1.77
C37 LHG PD . 26.27 30.35 2.24
C38 LHG PD . 26.85 29.34 1.33
HC5 LHG PD . 15.33 37.59 4.90
HC61 LHG PD . 14.39 35.77 3.87
HC62 LHG PD . 15.86 35.53 4.17
HC81 LHG PD . 19.06 38.52 2.98
HC82 LHG PD . 19.27 37.77 4.31
HC91 LHG PD . 19.04 40.17 5.16
HC92 LHG PD . 19.83 40.37 3.86
H101 LHG PD . 20.70 38.44 5.71
H102 LHG PD . 21.13 39.89 5.91
H241 LHG PD . 14.27 33.56 0.39
H242 LHG PD . 14.83 33.28 1.71
H111 LHG PD . 22.28 39.96 4.06
H112 LHG PD . 21.43 38.87 3.37
H121 LHG PD . 22.76 37.35 4.05
H122 LHG PD . 22.72 37.87 5.46
H131 LHG PD . 24.21 39.54 4.85
H132 LHG PD . 24.47 38.73 3.57
H141 LHG PD . 24.85 36.94 5.18
H142 LHG PD . 25.25 38.09 6.11
H151 LHG PD . 26.39 38.05 3.58
H152 LHG PD . 26.89 37.00 4.54
H161 LHG PD . 27.10 39.11 5.93
H162 LHG PD . 27.43 39.60 4.57
H171 LHG PD . 28.93 37.56 4.61
H172 LHG PD . 28.94 37.91 6.08
H181 LHG PD . 29.86 39.53 3.99
H182 LHG PD . 30.65 39.11 5.23
H191 LHG PD . 29.19 40.57 6.50
H192 LHG PD . 28.72 41.15 5.17
H201 LHG PD . 31.48 40.98 5.20
H202 LHG PD . 31.00 41.80 6.36
H211 LHG PD . 29.89 43.27 4.87
H212 LHG PD . 30.44 42.40 3.69
H221 LHG PD . 31.78 44.23 4.14
H222 LHG PD . 32.60 42.90 4.23
H223 LHG PD . 32.13 43.66 5.53
H251 LHG PD . 16.26 33.06 -0.22
H252 LHG PD . 16.87 33.44 1.12
H261 LHG PD . 16.78 35.73 0.24
H262 LHG PD . 16.47 35.08 -1.09
H271 LHG PD . 18.64 35.03 -1.13
H272 LHG PD . 18.30 33.62 -0.63
H281 LHG PD . 19.28 33.88 1.23
H282 LHG PD . 18.74 35.30 1.48
H291 LHG PD . 20.54 36.14 0.76
H292 LHG PD . 20.54 35.40 -0.55
H301 LHG PD . 22.07 34.11 0.12
H302 LHG PD . 21.45 33.89 1.45
H311 LHG PD . 22.57 35.57 2.37
H312 LHG PD . 22.73 36.25 1.02
H321 LHG PD . 24.79 35.58 0.99
H322 LHG PD . 24.19 34.20 0.65
H331 LHG PD . 24.20 33.49 2.68
H332 LHG PD . 24.39 34.84 3.30
H341 LHG PD . 26.55 34.59 3.26
H342 LHG PD . 26.47 34.15 1.80
H351 LHG PD . 25.73 32.27 3.61
H352 LHG PD . 27.19 32.52 3.43
H361 LHG PD . 27.09 31.93 1.24
H362 LHG PD . 25.57 31.98 1.25
H371 LHG PD . 25.41 30.08 2.44
H372 LHG PD . 26.77 30.32 3.02
H381 LHG PD . 27.52 28.89 1.82
H382 LHG PD . 27.32 29.76 0.58
H383 LHG PD . 26.21 28.72 1.01
#